data_7PMV
#
_entry.id   7PMV
#
_cell.length_a   1.00
_cell.length_b   1.00
_cell.length_c   1.00
_cell.angle_alpha   90.00
_cell.angle_beta   90.00
_cell.angle_gamma   90.00
#
_symmetry.space_group_name_H-M   'P 1'
#
loop_
_entity.id
_entity.type
_entity.pdbx_description
1 polymer 'von Willebrand factor'
2 branched beta-D-mannopyranose-(1-4)-2-acetamido-2-deoxy-beta-D-glucopyranose-(1-4)-2-acetamido-2-deoxy-beta-D-glucopyranose
3 branched 2-acetamido-2-deoxy-beta-D-glucopyranose-(1-4)-2-acetamido-2-deoxy-beta-D-glucopyranose
4 non-polymer 2-acetamido-2-deoxy-beta-D-glucopyranose
5 non-polymer 'CALCIUM ION'
6 water water
#
_entity_poly.entity_id   1
_entity_poly.type   'polypeptide(L)'
_entity_poly.pdbx_seq_one_letter_code
;MIPARFAGVLLALALILPGTLCAEGTRGRSSTARCSLFGSDFVNTFDGSMYSFAGYCSYLLAGGCQKRSFSIIGDFQNGK
RVSLSVYLGEFFDIHLFVNGTVTQGDQRVSMPYASKGLYLETEAGYYKLSGEAYGFVARIDGSGNFQVLLSDRYFNKTCG
LCGNFNIFAEDDFMTQEGTLTSDPYDFANSWALSSGEQWCERASPPSSSCNISSGEMQKGLWEQCQLLKSTSVFARCHPL
VDPEPFVALCEKTLCECAGGLECACPALLEYARTCAQEGMVLYGWTDHSACSPVCPAGMEYRQCVSPCARTCQSLHINEM
CQERCVDGCSCPEGQLLDEGLCVESTECPCVHSGKRYPPGTSLSRDCNTCICRNSQWICSNEECPGECLVTGQSHFKSFD
NRYFTFSGICQYLLARDCQDHSFSIVIETVQCADDRDAVCTRSVTVRLPGLHNSLVKLKHGAGVAMDGQDVQLPLLKGDL
RIQHTVTASVRLSYGEDLQMDWDGRGRLLVKLSPVYAGKTCGLCGNYNGNQGDDFLTPSGLAEPRVEDFGNAWKLHGDCQ
DLQKQHSDPCALNPRMTRFSEEACAVLTSPTFEACHRAVSPLPYLRNCRYDVCSCSDGRECLCGALASYAAACAGRGVRV
AWREPGRCELNCPKGQVYLQCGTPCNLTCRSLSYPDEECNEACLEGCFCPPGLYMDERGDCVPKAQCPCYYDGEIFQPED
IFSDHHTMCYCEDGFMHCTMSGVPGSLLPDAVLSSPLSHRSKRSLSCRPPMVKLVCPADNLRAEGLECTKTCQNYDLECM
SMGCVSGCLCPPGMVRHENRCVALERCPCFHQGKEYAPGETVKIGCNTCVCRDRKWNCTDHVCDATCSTIGMAHYLTFDG
LKYLFPGECQYVLVQDYCGSNPGTFRILVGNKGCSHPSVKCKKRVTILVEGGEIELFDGEVNVKRPMKDETHFEVVESGR
YIILLLGKALSVVWDRHLSISVVLKQTYQEKVCGLCGNFDGIQNNDLTSSNLQVEEDPVDFGNSWKVSSQCADTRKVPLD
SSPATCHNNIMKQTMVDSSCRILTSDVFQDCNKLVDPEPYLDVCIYDTCSCESIGDCACFCDTIAAYAHVCAQHGKVVTW
RTATLCPQSCEERNLRENGYECEWRYNSCAPACQVTCQHPEPLACPVQCVEGCHAHCPPGKILDELLQTCVDPEDCPVCE
VAGRRFASGKKVTLNPSDPEHCQICHCDVVNLTCEACQEPG
;
_entity_poly.pdbx_strand_id   A,B,D,E
#
# COMPACT_ATOMS: atom_id res chain seq x y z
N SER A 31 33.22 -46.87 36.91
CA SER A 31 32.53 -46.57 35.66
C SER A 31 31.89 -45.19 35.72
N THR A 32 32.27 -44.32 34.79
CA THR A 32 31.74 -42.96 34.76
C THR A 32 32.09 -42.33 33.42
N ALA A 33 31.11 -41.73 32.75
CA ALA A 33 31.33 -41.10 31.47
C ALA A 33 31.82 -39.67 31.67
N ARG A 34 32.14 -38.99 30.57
CA ARG A 34 32.64 -37.62 30.63
C ARG A 34 32.51 -36.97 29.27
N CYS A 35 31.68 -35.93 29.19
CA CYS A 35 31.56 -35.11 27.99
C CYS A 35 31.77 -33.66 28.37
N SER A 36 32.42 -32.91 27.49
CA SER A 36 32.86 -31.56 27.84
C SER A 36 32.78 -30.63 26.65
N LEU A 37 32.40 -29.40 26.92
CA LEU A 37 32.39 -28.32 25.93
C LEU A 37 33.67 -27.52 26.12
N PHE A 38 34.61 -27.68 25.20
CA PHE A 38 35.94 -27.13 25.32
C PHE A 38 36.26 -26.22 24.15
N GLY A 39 37.47 -25.64 24.20
CA GLY A 39 37.95 -24.74 23.18
C GLY A 39 36.95 -23.62 22.94
N SER A 40 37.10 -22.97 21.80
CA SER A 40 36.16 -21.97 21.33
C SER A 40 35.15 -22.70 20.45
N ASP A 41 34.03 -23.11 21.04
CA ASP A 41 32.96 -23.77 20.31
C ASP A 41 33.39 -25.15 19.82
N PHE A 42 33.87 -25.98 20.74
CA PHE A 42 34.14 -27.39 20.45
C PHE A 42 33.44 -28.26 21.48
N VAL A 43 33.01 -29.43 21.06
CA VAL A 43 32.23 -30.34 21.90
C VAL A 43 32.84 -31.73 21.83
N ASN A 44 32.89 -32.41 22.97
CA ASN A 44 33.32 -33.79 23.06
C ASN A 44 32.26 -34.59 23.80
N THR A 45 31.79 -35.66 23.16
CA THR A 45 30.67 -36.45 23.63
C THR A 45 31.16 -37.55 24.56
N PHE A 46 30.18 -38.31 25.09
CA PHE A 46 30.49 -39.37 26.02
C PHE A 46 31.27 -40.50 25.36
N ASP A 47 31.17 -40.65 24.04
CA ASP A 47 31.74 -41.80 23.34
C ASP A 47 32.92 -41.44 22.45
N GLY A 48 33.44 -40.21 22.54
CA GLY A 48 34.68 -39.84 21.89
C GLY A 48 34.53 -39.08 20.59
N SER A 49 33.31 -38.96 20.06
CA SER A 49 33.11 -38.23 18.83
C SER A 49 33.08 -36.72 19.10
N MET A 50 33.94 -35.97 18.42
CA MET A 50 34.01 -34.54 18.57
C MET A 50 33.50 -33.85 17.30
N TYR A 51 33.13 -32.58 17.45
CA TYR A 51 32.77 -31.73 16.34
C TYR A 51 32.82 -30.29 16.81
N SER A 52 32.31 -29.38 15.99
CA SER A 52 32.26 -27.96 16.32
C SER A 52 30.84 -27.46 16.17
N PHE A 53 30.50 -26.46 16.98
CA PHE A 53 29.14 -25.92 16.97
C PHE A 53 29.05 -24.64 17.80
N ALA A 54 28.27 -23.67 17.32
CA ALA A 54 28.10 -22.41 18.01
C ALA A 54 26.66 -21.94 17.81
N GLY A 55 25.90 -21.85 18.90
CA GLY A 55 24.51 -21.45 18.81
C GLY A 55 24.12 -20.43 19.86
N TYR A 56 22.80 -20.19 20.02
CA TYR A 56 22.30 -19.08 20.81
C TYR A 56 21.19 -19.42 21.79
N CYS A 57 20.73 -20.67 21.84
CA CYS A 57 19.43 -20.98 22.44
C CYS A 57 19.51 -22.12 23.46
N SER A 58 20.46 -22.05 24.38
CA SER A 58 20.41 -22.84 25.61
C SER A 58 20.05 -24.30 25.33
N TYR A 59 20.95 -24.96 24.62
CA TYR A 59 20.70 -26.31 24.13
C TYR A 59 20.86 -27.32 25.27
N LEU A 60 19.92 -28.26 25.35
CA LEU A 60 19.98 -29.30 26.36
C LEU A 60 21.28 -30.09 26.21
N LEU A 61 21.88 -30.45 27.35
CA LEU A 61 23.14 -31.18 27.36
C LEU A 61 23.01 -32.61 27.87
N ALA A 62 22.23 -32.83 28.93
CA ALA A 62 22.05 -34.17 29.47
C ALA A 62 20.73 -34.26 30.21
N GLY A 63 20.22 -35.48 30.28
CA GLY A 63 18.92 -35.78 30.88
C GLY A 63 18.09 -36.67 29.99
N GLY A 64 17.64 -37.80 30.52
CA GLY A 64 16.86 -38.73 29.71
C GLY A 64 15.59 -38.08 29.21
N CYS A 65 15.13 -38.53 28.04
CA CYS A 65 13.94 -37.97 27.39
C CYS A 65 12.75 -38.91 27.44
N GLN A 66 12.72 -39.80 28.43
CA GLN A 66 11.53 -40.59 28.73
C GLN A 66 11.04 -40.34 30.16
N LYS A 67 11.92 -40.43 31.15
CA LYS A 67 11.67 -40.04 32.53
C LYS A 67 12.75 -39.02 32.87
N ARG A 68 12.47 -37.74 32.60
CA ARG A 68 13.50 -36.73 32.68
C ARG A 68 14.06 -36.62 34.10
N SER A 69 13.25 -36.14 35.03
CA SER A 69 13.59 -36.07 36.45
C SER A 69 14.70 -35.07 36.75
N PHE A 70 15.36 -34.54 35.72
CA PHE A 70 16.31 -33.43 35.84
C PHE A 70 16.84 -33.14 34.45
N SER A 71 17.49 -31.98 34.31
CA SER A 71 18.03 -31.58 33.01
C SER A 71 19.24 -30.70 33.22
N ILE A 72 20.20 -30.77 32.31
CA ILE A 72 21.37 -29.90 32.33
C ILE A 72 21.38 -29.07 31.05
N ILE A 73 21.53 -27.75 31.20
CA ILE A 73 21.39 -26.82 30.09
C ILE A 73 22.61 -25.91 30.04
N GLY A 74 23.20 -25.79 28.86
CA GLY A 74 24.28 -24.86 28.64
C GLY A 74 23.82 -23.70 27.77
N ASP A 75 23.94 -22.47 28.28
CA ASP A 75 23.42 -21.31 27.59
C ASP A 75 24.46 -20.73 26.64
N PHE A 76 24.01 -19.79 25.81
CA PHE A 76 24.87 -19.11 24.85
C PHE A 76 24.35 -17.71 24.62
N GLN A 77 25.24 -16.85 24.11
CA GLN A 77 24.84 -15.54 23.63
C GLN A 77 25.96 -15.01 22.75
N ASN A 78 25.60 -14.55 21.56
CA ASN A 78 26.54 -14.07 20.55
C ASN A 78 27.47 -15.17 20.05
N GLY A 79 27.26 -16.42 20.48
CA GLY A 79 27.93 -17.56 19.92
C GLY A 79 29.00 -18.19 20.80
N LYS A 80 29.57 -17.45 21.74
CA LYS A 80 30.74 -18.00 22.42
C LYS A 80 30.38 -18.95 23.56
N ARG A 81 29.90 -18.41 24.68
CA ARG A 81 29.45 -19.24 25.80
C ARG A 81 29.01 -18.37 26.97
N VAL A 82 28.03 -18.81 27.74
CA VAL A 82 27.70 -18.19 29.02
C VAL A 82 26.95 -19.20 29.89
N SER A 83 27.41 -19.34 31.12
CA SER A 83 26.64 -19.98 32.20
C SER A 83 26.34 -21.44 31.95
N LEU A 84 26.11 -22.17 33.04
CA LEU A 84 25.63 -23.55 33.02
C LEU A 84 24.54 -23.64 34.08
N SER A 85 23.46 -24.36 33.77
CA SER A 85 22.33 -24.43 34.68
C SER A 85 21.79 -25.85 34.72
N VAL A 86 21.06 -26.14 35.80
CA VAL A 86 20.36 -27.41 35.97
C VAL A 86 18.91 -27.11 36.27
N TYR A 87 18.07 -28.12 36.08
CA TYR A 87 16.64 -28.01 36.39
C TYR A 87 16.18 -29.31 37.01
N LEU A 88 15.79 -29.25 38.28
CA LEU A 88 15.27 -30.40 38.99
C LEU A 88 13.75 -30.33 38.98
N GLY A 89 13.12 -31.35 38.41
CA GLY A 89 11.67 -31.29 38.28
C GLY A 89 11.28 -30.04 37.51
N GLU A 90 10.40 -29.24 38.10
CA GLU A 90 10.00 -27.98 37.48
C GLU A 90 9.92 -26.85 38.51
N PHE A 91 10.79 -26.87 39.52
CA PHE A 91 10.68 -25.91 40.60
C PHE A 91 12.00 -25.25 40.98
N PHE A 92 13.13 -25.91 40.75
CA PHE A 92 14.41 -25.49 41.30
C PHE A 92 15.44 -25.40 40.19
N ASP A 93 16.13 -24.27 40.09
CA ASP A 93 16.90 -23.94 38.90
C ASP A 93 18.40 -23.89 39.13
N ILE A 94 18.89 -23.02 40.01
CA ILE A 94 20.31 -22.71 40.09
C ILE A 94 20.86 -22.27 38.73
N HIS A 95 21.60 -21.17 38.72
CA HIS A 95 22.40 -20.78 37.57
C HIS A 95 23.81 -20.49 38.04
N LEU A 96 24.79 -21.11 37.38
CA LEU A 96 26.16 -21.11 37.88
C LEU A 96 26.99 -19.97 37.29
N PHE A 97 26.73 -19.58 36.04
CA PHE A 97 27.41 -18.45 35.42
C PHE A 97 28.91 -18.67 35.33
N VAL A 98 29.61 -17.88 34.52
CA VAL A 98 31.00 -18.14 34.22
C VAL A 98 31.92 -17.50 35.25
N ASN A 99 31.75 -16.20 35.50
CA ASN A 99 32.80 -15.46 36.22
C ASN A 99 32.79 -15.77 37.71
N GLY A 100 31.76 -15.30 38.42
CA GLY A 100 31.64 -15.63 39.83
C GLY A 100 30.23 -15.72 40.35
N THR A 101 29.24 -15.48 39.50
CA THR A 101 27.88 -15.26 39.95
C THR A 101 27.14 -16.57 40.12
N VAL A 102 26.14 -16.57 41.01
CA VAL A 102 25.26 -17.70 41.23
C VAL A 102 23.89 -17.16 41.59
N THR A 103 22.83 -17.80 41.09
CA THR A 103 21.48 -17.31 41.32
C THR A 103 20.53 -18.44 41.68
N GLN A 104 19.26 -18.10 41.89
CA GLN A 104 18.21 -19.05 42.17
C GLN A 104 17.06 -18.94 41.17
N GLY A 105 17.14 -18.02 40.22
CA GLY A 105 16.07 -17.76 39.28
C GLY A 105 15.71 -16.30 39.32
N ASP A 106 15.67 -15.73 40.52
CA ASP A 106 15.58 -14.29 40.69
C ASP A 106 16.42 -13.75 41.83
N GLN A 107 17.14 -14.60 42.56
CA GLN A 107 17.95 -14.17 43.70
C GLN A 107 19.42 -14.15 43.31
N ARG A 108 20.25 -13.82 44.29
CA ARG A 108 21.70 -13.93 44.18
C ARG A 108 22.22 -14.39 45.53
N VAL A 109 22.98 -15.48 45.55
CA VAL A 109 23.31 -16.16 46.79
C VAL A 109 24.83 -16.25 46.92
N SER A 110 25.27 -16.56 48.14
CA SER A 110 26.69 -16.73 48.42
C SER A 110 27.22 -17.94 47.66
N MET A 111 28.53 -18.18 47.73
CA MET A 111 29.11 -19.22 46.89
C MET A 111 28.74 -20.61 47.37
N PRO A 112 28.98 -20.97 48.64
CA PRO A 112 28.76 -22.36 49.05
C PRO A 112 27.33 -22.84 48.85
N TYR A 113 26.38 -22.20 49.51
CA TYR A 113 24.94 -22.40 49.27
C TYR A 113 24.60 -23.89 49.15
N ALA A 114 24.70 -24.59 50.27
CA ALA A 114 24.13 -25.93 50.36
C ALA A 114 22.61 -25.85 50.27
N SER A 115 22.02 -26.85 49.62
CA SER A 115 20.59 -26.82 49.33
C SER A 115 20.01 -28.24 49.29
N LYS A 116 18.87 -28.40 48.62
CA LYS A 116 18.22 -29.71 48.55
C LYS A 116 19.08 -30.62 47.69
N GLY A 117 20.20 -31.08 48.24
CA GLY A 117 21.26 -31.63 47.43
C GLY A 117 21.94 -30.51 46.67
N LEU A 118 22.70 -30.89 45.65
CA LEU A 118 23.33 -29.93 44.75
C LEU A 118 24.22 -28.95 45.54
N TYR A 119 25.23 -29.53 46.17
CA TYR A 119 26.14 -28.77 47.02
C TYR A 119 27.10 -27.97 46.14
N LEU A 120 26.81 -26.69 45.96
CA LEU A 120 27.79 -25.80 45.35
C LEU A 120 28.99 -25.64 46.27
N GLU A 121 30.19 -25.66 45.70
CA GLU A 121 31.40 -25.62 46.50
C GLU A 121 32.51 -24.99 45.65
N THR A 122 33.70 -24.91 46.24
CA THR A 122 34.90 -24.52 45.52
C THR A 122 35.90 -25.65 45.64
N GLU A 123 36.85 -25.67 44.71
CA GLU A 123 37.73 -26.81 44.52
C GLU A 123 39.13 -26.25 44.27
N ALA A 124 39.99 -27.06 43.66
CA ALA A 124 41.38 -26.70 43.45
C ALA A 124 41.55 -25.45 42.59
N GLY A 125 40.44 -24.80 42.23
CA GLY A 125 40.49 -23.56 41.47
C GLY A 125 39.30 -23.40 40.54
N TYR A 126 38.48 -24.43 40.44
CA TYR A 126 37.30 -24.42 39.60
C TYR A 126 36.05 -24.29 40.46
N TYR A 127 34.90 -24.19 39.80
CA TYR A 127 33.60 -24.19 40.46
C TYR A 127 32.98 -25.57 40.25
N LYS A 128 32.57 -26.21 41.33
CA LYS A 128 32.02 -27.56 41.29
C LYS A 128 30.58 -27.54 41.78
N LEU A 129 29.70 -28.18 41.01
CA LEU A 129 28.30 -28.38 41.38
C LEU A 129 28.05 -29.88 41.37
N SER A 130 27.88 -30.48 42.54
CA SER A 130 27.79 -31.92 42.69
C SER A 130 26.42 -32.31 43.23
N GLY A 131 25.80 -33.30 42.60
CA GLY A 131 24.60 -33.88 43.15
C GLY A 131 24.72 -35.40 43.18
N GLU A 132 24.76 -35.98 44.38
CA GLU A 132 25.01 -37.40 44.52
C GLU A 132 23.75 -38.23 44.68
N ALA A 133 22.67 -37.63 45.18
CA ALA A 133 21.41 -38.37 45.24
C ALA A 133 20.96 -38.78 43.86
N TYR A 134 21.11 -37.88 42.88
CA TYR A 134 20.80 -38.18 41.49
C TYR A 134 22.03 -38.72 40.76
N GLY A 135 23.19 -38.12 41.02
CA GLY A 135 24.44 -38.60 40.50
C GLY A 135 24.92 -37.81 39.31
N PHE A 136 25.79 -36.83 39.57
CA PHE A 136 26.49 -36.10 38.53
C PHE A 136 27.37 -35.05 39.21
N VAL A 137 28.38 -34.61 38.48
CA VAL A 137 29.28 -33.57 38.96
C VAL A 137 29.66 -32.69 37.77
N ALA A 138 29.37 -31.40 37.88
CA ALA A 138 29.64 -30.44 36.81
C ALA A 138 30.68 -29.45 37.29
N ARG A 139 31.79 -29.35 36.56
CA ARG A 139 32.84 -28.40 36.86
C ARG A 139 32.96 -27.35 35.77
N ILE A 140 33.22 -26.13 36.20
CA ILE A 140 33.59 -25.03 35.32
C ILE A 140 34.95 -24.51 35.76
N ASP A 141 35.93 -24.56 34.87
CA ASP A 141 37.27 -24.10 35.21
C ASP A 141 37.38 -22.61 34.93
N GLY A 142 38.55 -22.05 35.27
CA GLY A 142 38.74 -20.62 35.09
C GLY A 142 38.65 -20.19 33.63
N SER A 143 39.25 -20.99 32.74
CA SER A 143 39.24 -20.63 31.32
C SER A 143 37.83 -20.54 30.77
N GLY A 144 36.90 -21.34 31.30
CA GLY A 144 35.54 -21.35 30.81
C GLY A 144 35.18 -22.63 30.08
N ASN A 145 35.75 -23.74 30.53
CA ASN A 145 35.51 -25.05 29.93
C ASN A 145 34.60 -25.85 30.85
N PHE A 146 33.46 -26.28 30.31
CA PHE A 146 32.52 -27.09 31.06
C PHE A 146 32.98 -28.54 31.08
N GLN A 147 32.54 -29.27 32.11
CA GLN A 147 32.65 -30.72 32.04
C GLN A 147 31.65 -31.33 33.01
N VAL A 148 31.09 -32.47 32.62
CA VAL A 148 30.08 -33.15 33.41
C VAL A 148 30.42 -34.63 33.50
N LEU A 149 30.35 -35.17 34.71
CA LEU A 149 30.56 -36.59 34.97
C LEU A 149 29.23 -37.18 35.43
N LEU A 150 28.76 -38.21 34.74
CA LEU A 150 27.52 -38.89 35.08
C LEU A 150 27.83 -40.17 35.85
N SER A 151 26.79 -40.96 36.11
CA SER A 151 26.91 -42.23 36.80
C SER A 151 26.78 -43.37 35.80
N ASP A 152 26.91 -44.60 36.28
CA ASP A 152 26.81 -45.78 35.43
C ASP A 152 25.40 -46.30 35.29
N ARG A 153 24.44 -45.79 36.05
CA ARG A 153 23.06 -46.25 36.00
C ARG A 153 22.23 -45.50 34.97
N TYR A 154 22.84 -44.61 34.20
CA TYR A 154 22.19 -43.93 33.09
C TYR A 154 22.60 -44.51 31.75
N PHE A 155 23.20 -45.70 31.75
CA PHE A 155 23.71 -46.30 30.53
C PHE A 155 22.59 -46.47 29.52
N ASN A 156 22.84 -46.06 28.28
CA ASN A 156 21.87 -46.22 27.19
C ASN A 156 20.56 -45.52 27.49
N LYS A 157 20.62 -44.44 28.26
CA LYS A 157 19.43 -43.66 28.59
C LYS A 157 19.60 -42.15 28.45
N THR A 158 20.83 -41.63 28.49
CA THR A 158 21.02 -40.20 28.28
C THR A 158 20.59 -39.83 26.88
N CYS A 159 20.13 -38.58 26.73
CA CYS A 159 19.42 -38.17 25.53
C CYS A 159 19.77 -36.77 25.04
N GLY A 160 20.74 -36.09 25.63
CA GLY A 160 21.00 -34.69 25.30
C GLY A 160 22.02 -34.47 24.21
N LEU A 161 22.64 -33.28 24.22
CA LEU A 161 23.59 -32.90 23.18
C LEU A 161 24.85 -33.75 23.22
N CYS A 162 25.25 -34.20 24.39
CA CYS A 162 26.41 -35.09 24.48
C CYS A 162 26.14 -36.46 23.89
N GLY A 163 24.94 -36.70 23.35
CA GLY A 163 24.64 -37.95 22.69
C GLY A 163 24.33 -39.06 23.67
N ASN A 164 23.74 -40.13 23.15
CA ASN A 164 23.43 -41.29 23.97
C ASN A 164 24.72 -41.83 24.58
N PHE A 165 24.56 -42.70 25.58
CA PHE A 165 25.71 -43.28 26.28
C PHE A 165 25.66 -44.80 26.08
N ASN A 166 26.22 -45.24 24.97
CA ASN A 166 26.50 -46.64 24.71
C ASN A 166 27.84 -46.71 23.99
N ILE A 167 28.50 -47.86 24.11
CA ILE A 167 29.89 -47.95 23.68
C ILE A 167 30.04 -47.55 22.21
N PHE A 168 28.99 -47.72 21.42
CA PHE A 168 29.06 -47.34 20.00
C PHE A 168 29.18 -45.83 19.88
N ALA A 169 30.23 -45.38 19.21
CA ALA A 169 30.53 -43.96 19.08
C ALA A 169 30.13 -43.38 17.73
N GLU A 170 29.42 -44.14 16.90
CA GLU A 170 29.03 -43.68 15.57
C GLU A 170 27.55 -43.39 15.43
N ASP A 171 26.70 -44.04 16.22
CA ASP A 171 25.26 -43.81 16.16
C ASP A 171 24.84 -42.76 17.18
N ASP A 172 25.74 -41.83 17.49
CA ASP A 172 25.53 -40.86 18.55
C ASP A 172 25.09 -39.50 18.01
N PHE A 173 24.31 -39.49 16.93
CA PHE A 173 23.78 -38.27 16.35
C PHE A 173 22.26 -38.31 16.23
N MET A 174 21.61 -39.04 17.14
CA MET A 174 20.16 -39.14 17.12
C MET A 174 19.54 -37.81 17.44
N THR A 175 18.71 -37.30 16.53
CA THR A 175 18.02 -36.03 16.76
C THR A 175 16.83 -36.27 17.69
N GLN A 176 16.11 -35.20 18.03
CA GLN A 176 15.03 -35.32 19.01
C GLN A 176 13.90 -36.21 18.52
N GLU A 177 13.63 -36.24 17.22
CA GLU A 177 12.56 -37.08 16.69
C GLU A 177 12.88 -38.56 16.72
N GLY A 178 14.14 -38.92 16.97
CA GLY A 178 14.56 -40.31 16.98
C GLY A 178 15.22 -40.78 15.71
N THR A 179 15.43 -39.90 14.74
CA THR A 179 16.11 -40.27 13.52
C THR A 179 17.61 -39.98 13.65
N LEU A 180 18.38 -40.61 12.77
CA LEU A 180 19.83 -40.44 12.75
C LEU A 180 20.22 -39.61 11.53
N THR A 181 21.01 -38.57 11.77
CA THR A 181 21.45 -37.65 10.73
C THR A 181 22.97 -37.71 10.61
N SER A 182 23.51 -36.84 9.76
CA SER A 182 24.95 -36.76 9.55
C SER A 182 25.51 -35.36 9.75
N ASP A 183 24.78 -34.33 9.39
CA ASP A 183 25.24 -32.97 9.61
C ASP A 183 25.25 -32.67 11.10
N PRO A 184 26.35 -32.17 11.66
CA PRO A 184 26.33 -31.81 13.08
C PRO A 184 25.35 -30.69 13.42
N TYR A 185 25.21 -29.68 12.55
CA TYR A 185 24.44 -28.51 12.94
C TYR A 185 22.95 -28.77 13.02
N ASP A 186 22.36 -29.45 12.05
CA ASP A 186 20.94 -29.75 12.16
C ASP A 186 20.67 -30.67 13.34
N PHE A 187 21.56 -31.63 13.59
CA PHE A 187 21.47 -32.45 14.80
C PHE A 187 21.39 -31.57 16.05
N ALA A 188 22.42 -30.77 16.27
CA ALA A 188 22.47 -29.94 17.48
C ALA A 188 21.37 -28.90 17.53
N ASN A 189 20.77 -28.55 16.40
CA ASN A 189 19.76 -27.52 16.35
C ASN A 189 18.38 -28.02 16.75
N SER A 190 18.19 -29.33 16.88
CA SER A 190 16.90 -29.88 17.25
C SER A 190 16.70 -29.92 18.76
N TRP A 191 17.66 -29.44 19.54
CA TRP A 191 17.57 -29.44 21.00
C TRP A 191 17.39 -28.05 21.57
N ALA A 192 17.03 -27.07 20.76
CA ALA A 192 16.85 -25.71 21.25
C ALA A 192 15.65 -25.64 22.20
N LEU A 193 15.78 -24.81 23.23
CA LEU A 193 14.74 -24.60 24.22
C LEU A 193 14.50 -23.10 24.38
N SER A 194 13.24 -22.69 24.31
CA SER A 194 12.86 -21.30 24.51
C SER A 194 12.47 -21.06 25.96
N SER A 195 12.45 -19.78 26.35
CA SER A 195 12.13 -19.42 27.73
C SER A 195 11.57 -18.00 27.74
N GLY A 196 10.25 -17.89 27.85
CA GLY A 196 9.60 -16.60 27.99
C GLY A 196 10.05 -15.58 26.97
N GLU A 197 10.75 -14.55 27.44
CA GLU A 197 11.24 -13.51 26.54
C GLU A 197 12.16 -14.08 25.47
N GLN A 198 12.84 -15.18 25.76
CA GLN A 198 13.83 -15.75 24.86
C GLN A 198 13.10 -16.49 23.74
N TRP A 199 13.41 -16.13 22.49
CA TRP A 199 12.91 -16.82 21.32
C TRP A 199 14.09 -17.08 20.38
N CYS A 200 14.04 -18.21 19.69
CA CYS A 200 15.23 -18.83 19.13
C CYS A 200 15.11 -18.95 17.61
N GLU A 201 16.17 -18.57 16.91
CA GLU A 201 16.31 -18.82 15.49
C GLU A 201 17.51 -19.73 15.27
N ARG A 202 17.35 -20.71 14.39
CA ARG A 202 18.39 -21.71 14.20
C ARG A 202 19.67 -21.07 13.69
N ALA A 203 20.80 -21.63 14.10
CA ALA A 203 22.12 -21.09 13.81
C ALA A 203 22.69 -21.75 12.57
N SER A 204 23.41 -20.96 11.77
CA SER A 204 24.02 -21.42 10.53
C SER A 204 25.54 -21.38 10.65
N PRO A 205 26.26 -22.09 9.80
CA PRO A 205 27.72 -22.10 9.90
C PRO A 205 28.27 -20.70 9.75
N PRO A 206 29.31 -20.36 10.50
CA PRO A 206 30.00 -19.08 10.26
C PRO A 206 30.69 -19.10 8.91
N SER A 207 30.32 -18.15 8.05
CA SER A 207 30.87 -18.10 6.69
C SER A 207 32.16 -17.30 6.67
N SER A 208 33.17 -17.85 7.33
CA SER A 208 34.49 -17.25 7.41
C SER A 208 35.55 -18.33 7.20
N SER A 209 36.50 -18.07 6.31
CA SER A 209 37.59 -18.99 6.04
C SER A 209 38.86 -18.47 6.73
N CYS A 210 39.98 -19.13 6.47
CA CYS A 210 41.25 -18.73 7.06
C CYS A 210 41.62 -17.31 6.64
N LEU A 221 53.47 -18.80 11.49
CA LEU A 221 52.93 -20.01 10.89
C LEU A 221 53.70 -21.24 11.37
N TRP A 222 53.18 -21.90 12.41
CA TRP A 222 53.82 -23.08 12.96
C TRP A 222 52.74 -24.10 13.30
N GLU A 223 53.13 -25.37 13.26
CA GLU A 223 52.24 -26.49 13.55
C GLU A 223 52.79 -27.21 14.77
N GLN A 224 52.08 -27.09 15.90
CA GLN A 224 52.58 -27.60 17.17
C GLN A 224 51.96 -28.92 17.59
N CYS A 225 50.72 -29.21 17.20
CA CYS A 225 50.11 -30.47 17.60
C CYS A 225 50.82 -31.69 17.03
N GLN A 226 51.88 -31.52 16.24
CA GLN A 226 52.79 -32.64 16.02
C GLN A 226 53.39 -33.12 17.33
N LEU A 227 53.41 -32.26 18.35
CA LEU A 227 53.78 -32.70 19.69
C LEU A 227 52.91 -33.87 20.14
N LEU A 228 51.63 -33.88 19.74
CA LEU A 228 50.76 -35.00 20.03
C LEU A 228 51.22 -36.29 19.36
N LYS A 229 52.10 -36.19 18.36
CA LYS A 229 52.58 -37.35 17.63
C LYS A 229 54.07 -37.62 17.82
N SER A 230 54.85 -36.60 18.17
CA SER A 230 56.31 -36.73 18.24
C SER A 230 56.82 -36.93 19.66
N THR A 231 56.51 -36.01 20.56
CA THR A 231 57.11 -36.05 21.90
C THR A 231 56.71 -37.32 22.62
N SER A 232 57.67 -37.93 23.31
CA SER A 232 57.44 -39.17 24.04
C SER A 232 56.49 -39.01 25.21
N VAL A 233 56.27 -37.78 25.68
CA VAL A 233 55.34 -37.58 26.79
C VAL A 233 53.94 -38.03 26.40
N PHE A 234 53.50 -37.69 25.19
CA PHE A 234 52.18 -38.05 24.71
C PHE A 234 52.15 -39.39 24.00
N ALA A 235 53.29 -40.08 23.91
CA ALA A 235 53.33 -41.37 23.23
C ALA A 235 52.52 -42.43 23.97
N ARG A 236 52.47 -42.37 25.30
CA ARG A 236 51.79 -43.39 26.09
C ARG A 236 50.28 -43.36 25.92
N CYS A 237 49.71 -42.26 25.43
CA CYS A 237 48.27 -42.19 25.20
C CYS A 237 47.85 -42.93 23.94
N HIS A 238 48.74 -43.09 22.96
CA HIS A 238 48.36 -43.70 21.69
C HIS A 238 47.69 -45.06 21.86
N PRO A 239 48.20 -45.98 22.69
CA PRO A 239 47.50 -47.27 22.84
C PRO A 239 46.07 -47.16 23.31
N LEU A 240 45.73 -46.11 24.06
CA LEU A 240 44.39 -45.97 24.63
C LEU A 240 43.49 -45.00 23.88
N VAL A 241 44.05 -44.00 23.20
CA VAL A 241 43.26 -43.04 22.44
C VAL A 241 43.93 -42.81 21.09
N ASP A 242 43.15 -42.23 20.17
CA ASP A 242 43.59 -42.00 18.80
C ASP A 242 43.78 -40.51 18.58
N PRO A 243 45.01 -40.02 18.32
CA PRO A 243 45.21 -38.57 18.24
C PRO A 243 44.94 -37.96 16.87
N GLU A 244 44.30 -38.69 15.97
CA GLU A 244 44.02 -38.19 14.63
C GLU A 244 42.99 -37.05 14.65
N PRO A 245 41.78 -37.28 15.15
CA PRO A 245 40.82 -36.16 15.21
C PRO A 245 41.34 -34.99 16.03
N PHE A 246 42.17 -35.27 17.04
CA PHE A 246 42.74 -34.20 17.83
C PHE A 246 43.61 -33.29 16.98
N VAL A 247 44.51 -33.84 16.17
CA VAL A 247 45.29 -33.01 15.27
C VAL A 247 44.38 -32.37 14.21
N ALA A 248 43.30 -33.06 13.84
CA ALA A 248 42.39 -32.49 12.85
C ALA A 248 41.82 -31.15 13.34
N LEU A 249 41.24 -31.15 14.55
CA LEU A 249 40.73 -29.87 15.03
C LEU A 249 41.85 -28.95 15.49
N CYS A 250 43.05 -29.49 15.74
CA CYS A 250 44.21 -28.61 15.87
C CYS A 250 44.38 -27.74 14.62
N GLU A 251 44.40 -28.37 13.45
CA GLU A 251 44.51 -27.58 12.22
C GLU A 251 43.28 -26.69 12.03
N LYS A 252 42.10 -27.19 12.40
CA LYS A 252 40.90 -26.36 12.32
C LYS A 252 41.09 -25.05 13.09
N THR A 253 41.55 -25.16 14.34
CA THR A 253 41.82 -23.96 15.13
C THR A 253 42.95 -23.15 14.52
N LEU A 254 44.01 -23.82 14.07
CA LEU A 254 45.17 -23.13 13.51
C LEU A 254 44.76 -22.26 12.33
N CYS A 255 43.69 -22.64 11.64
CA CYS A 255 43.17 -21.80 10.56
C CYS A 255 42.98 -20.36 11.04
N GLU A 256 42.50 -20.19 12.27
CA GLU A 256 42.29 -18.85 12.82
C GLU A 256 43.57 -18.24 13.38
N CYS A 257 44.13 -18.83 14.44
CA CYS A 257 45.29 -18.27 15.12
C CYS A 257 45.24 -16.76 15.27
N ALA A 258 44.26 -16.26 16.04
CA ALA A 258 44.23 -14.86 16.43
C ALA A 258 45.15 -14.70 17.64
N GLY A 259 46.41 -15.02 17.43
CA GLY A 259 47.41 -14.99 18.49
C GLY A 259 48.57 -15.92 18.15
N GLY A 260 49.67 -15.72 18.86
CA GLY A 260 50.89 -16.46 18.59
C GLY A 260 50.88 -17.90 19.04
N LEU A 261 50.84 -18.12 20.35
CA LEU A 261 50.93 -19.45 20.94
C LEU A 261 49.57 -20.00 21.35
N GLU A 262 48.49 -19.25 21.12
CA GLU A 262 47.15 -19.71 21.48
C GLU A 262 46.56 -20.68 20.46
N CYS A 263 47.28 -20.97 19.38
CA CYS A 263 46.72 -21.80 18.31
C CYS A 263 46.33 -23.18 18.84
N ALA A 264 47.24 -23.82 19.57
CA ALA A 264 47.11 -25.24 19.89
C ALA A 264 47.00 -25.55 21.37
N CYS A 265 47.45 -24.66 22.26
CA CYS A 265 47.43 -24.98 23.68
C CYS A 265 46.06 -25.43 24.18
N PRO A 266 44.95 -24.79 23.82
CA PRO A 266 43.66 -25.27 24.33
C PRO A 266 43.38 -26.73 24.01
N ALA A 267 43.76 -27.18 22.81
CA ALA A 267 43.44 -28.54 22.38
C ALA A 267 44.19 -29.60 23.17
N LEU A 268 45.37 -29.31 23.67
CA LEU A 268 46.17 -30.30 24.41
C LEU A 268 45.58 -30.62 25.77
N LEU A 269 44.94 -29.65 26.42
CA LEU A 269 44.44 -29.85 27.77
C LEU A 269 43.40 -30.96 27.81
N GLU A 270 42.49 -30.98 26.84
CA GLU A 270 41.45 -32.01 26.83
C GLU A 270 41.99 -33.37 26.45
N TYR A 271 43.00 -33.44 25.58
CA TYR A 271 43.67 -34.72 25.36
C TYR A 271 44.28 -35.23 26.65
N ALA A 272 44.95 -34.34 27.40
CA ALA A 272 45.53 -34.75 28.67
C ALA A 272 44.46 -35.23 29.64
N ARG A 273 43.35 -34.50 29.74
CA ARG A 273 42.29 -34.88 30.66
C ARG A 273 41.66 -36.21 30.27
N THR A 274 41.45 -36.43 28.97
CA THR A 274 40.90 -37.70 28.52
C THR A 274 41.85 -38.84 28.85
N CYS A 275 43.15 -38.65 28.62
CA CYS A 275 44.12 -39.67 29.00
C CYS A 275 44.05 -39.96 30.49
N ALA A 276 43.97 -38.90 31.31
CA ALA A 276 43.91 -39.10 32.75
C ALA A 276 42.68 -39.89 33.15
N GLN A 277 41.51 -39.52 32.61
CA GLN A 277 40.28 -40.20 32.99
C GLN A 277 40.26 -41.64 32.48
N GLU A 278 40.95 -41.91 31.37
CA GLU A 278 40.92 -43.25 30.80
C GLU A 278 41.55 -44.29 31.72
N GLY A 279 42.31 -43.87 32.73
CA GLY A 279 42.89 -44.81 33.67
C GLY A 279 44.40 -44.66 33.80
N MET A 280 45.01 -43.92 32.87
CA MET A 280 46.46 -43.70 32.86
C MET A 280 46.69 -42.20 32.84
N VAL A 281 47.18 -41.66 33.96
CA VAL A 281 47.39 -40.23 34.09
C VAL A 281 48.82 -39.89 33.71
N LEU A 282 48.97 -38.92 32.81
CA LEU A 282 50.29 -38.46 32.42
C LEU A 282 50.93 -37.68 33.55
N TYR A 283 52.23 -37.89 33.74
CA TYR A 283 52.99 -37.22 34.80
C TYR A 283 53.83 -36.10 34.19
N GLY A 284 53.69 -34.90 34.73
CA GLY A 284 54.61 -33.82 34.47
C GLY A 284 54.77 -33.42 33.02
N TRP A 285 53.66 -33.30 32.29
CA TRP A 285 53.72 -32.61 31.01
C TRP A 285 53.67 -31.12 31.31
N THR A 286 53.42 -30.29 30.29
CA THR A 286 53.38 -28.84 30.47
C THR A 286 54.80 -28.30 30.63
N ASP A 287 55.79 -29.19 30.64
CA ASP A 287 57.18 -28.77 30.78
C ASP A 287 57.80 -28.38 29.46
N HIS A 288 57.11 -28.56 28.34
CA HIS A 288 57.69 -28.35 27.02
C HIS A 288 57.08 -27.17 26.28
N SER A 289 55.76 -27.16 26.06
CA SER A 289 55.15 -26.13 25.22
C SER A 289 53.77 -25.68 25.67
N ALA A 290 53.30 -26.07 26.85
CA ALA A 290 51.95 -25.71 27.25
C ALA A 290 51.87 -24.21 27.51
N CYS A 291 50.65 -23.73 27.72
CA CYS A 291 50.38 -22.30 27.89
C CYS A 291 49.98 -21.96 29.33
N SER A 292 50.33 -22.80 30.29
CA SER A 292 50.14 -22.47 31.70
C SER A 292 48.70 -22.08 31.99
N PRO A 293 47.77 -23.02 32.05
CA PRO A 293 46.36 -22.67 32.31
C PRO A 293 46.22 -21.86 33.58
N VAL A 294 45.24 -20.94 33.56
CA VAL A 294 45.16 -19.90 34.58
C VAL A 294 44.60 -20.46 35.88
N CYS A 295 44.89 -19.75 36.96
CA CYS A 295 44.34 -20.01 38.28
C CYS A 295 44.09 -18.67 38.98
N PRO A 296 43.32 -18.66 40.06
CA PRO A 296 43.13 -17.41 40.80
C PRO A 296 44.43 -16.89 41.39
N ALA A 297 45.11 -17.72 42.16
CA ALA A 297 46.37 -17.35 42.77
C ALA A 297 47.14 -18.62 43.13
N GLY A 298 48.41 -18.46 43.42
CA GLY A 298 49.26 -19.61 43.71
C GLY A 298 49.85 -20.23 42.46
N MET A 299 49.08 -20.30 41.38
CA MET A 299 49.57 -20.74 40.08
C MET A 299 50.04 -22.18 40.10
N GLU A 300 49.82 -22.90 41.20
CA GLU A 300 50.39 -24.22 41.37
C GLU A 300 49.51 -25.26 40.65
N TYR A 301 49.45 -25.11 39.34
CA TYR A 301 48.74 -26.10 38.52
C TYR A 301 49.54 -27.39 38.49
N ARG A 302 48.86 -28.51 38.72
CA ARG A 302 49.52 -29.81 38.77
C ARG A 302 48.46 -30.89 38.62
N GLN A 303 48.92 -32.13 38.58
CA GLN A 303 48.05 -33.29 38.44
C GLN A 303 47.94 -34.04 39.76
N CYS A 304 46.78 -34.66 39.97
CA CYS A 304 46.49 -35.42 41.18
C CYS A 304 46.62 -34.55 42.42
N VAL A 305 45.75 -33.55 42.49
CA VAL A 305 45.63 -32.71 43.67
C VAL A 305 44.55 -33.30 44.56
N SER A 306 44.93 -33.71 45.77
CA SER A 306 43.94 -34.29 46.67
C SER A 306 42.88 -33.23 47.02
N PRO A 307 41.60 -33.60 47.09
CA PRO A 307 40.57 -32.61 47.37
C PRO A 307 40.38 -32.30 48.85
N CYS A 308 41.18 -32.89 49.74
CA CYS A 308 41.00 -32.66 51.16
C CYS A 308 41.44 -31.26 51.57
N ALA A 309 42.43 -30.71 50.88
CA ALA A 309 42.80 -29.29 51.01
C ALA A 309 43.00 -28.90 52.46
N ARG A 310 44.06 -29.46 53.04
CA ARG A 310 44.39 -29.20 54.44
C ARG A 310 44.42 -27.71 54.74
N THR A 311 43.81 -27.33 55.86
CA THR A 311 43.84 -25.96 56.35
C THR A 311 43.80 -26.01 57.88
N CYS A 312 44.28 -24.93 58.51
CA CYS A 312 44.32 -24.89 59.96
C CYS A 312 42.94 -24.80 60.59
N GLN A 313 41.92 -24.47 59.81
CA GLN A 313 40.54 -24.45 60.32
C GLN A 313 39.88 -25.81 60.07
N SER A 314 40.58 -26.85 60.53
CA SER A 314 40.13 -28.22 60.30
C SER A 314 40.52 -29.08 61.49
N LEU A 315 39.83 -30.21 61.61
CA LEU A 315 40.10 -31.18 62.66
C LEU A 315 41.17 -32.19 62.27
N HIS A 316 41.77 -32.05 61.09
CA HIS A 316 42.82 -32.95 60.64
C HIS A 316 42.30 -34.38 60.61
N ILE A 317 41.13 -34.57 60.03
CA ILE A 317 40.52 -35.90 59.90
C ILE A 317 41.27 -36.67 58.82
N ASN A 318 41.95 -37.74 59.23
CA ASN A 318 42.69 -38.58 58.29
C ASN A 318 41.85 -39.81 57.96
N GLU A 319 42.33 -40.61 57.00
CA GLU A 319 41.70 -41.87 56.64
C GLU A 319 40.39 -41.66 55.90
N MET A 320 39.95 -40.41 55.77
CA MET A 320 38.70 -40.07 55.12
C MET A 320 38.97 -39.51 53.73
N CYS A 321 40.25 -39.46 53.36
CA CYS A 321 40.70 -38.92 52.07
C CYS A 321 40.83 -40.10 51.12
N GLN A 322 39.72 -40.44 50.46
CA GLN A 322 39.66 -41.57 49.55
C GLN A 322 39.13 -41.14 48.18
N GLU A 323 39.47 -39.94 47.75
CA GLU A 323 39.01 -39.41 46.48
C GLU A 323 40.09 -39.56 45.41
N ARG A 324 39.65 -39.75 44.17
CA ARG A 324 40.57 -39.99 43.07
C ARG A 324 41.41 -38.75 42.80
N CYS A 325 42.57 -38.99 42.19
CA CYS A 325 43.43 -37.90 41.76
C CYS A 325 42.65 -36.98 40.82
N VAL A 326 42.84 -35.67 41.01
CA VAL A 326 42.17 -34.68 40.18
C VAL A 326 43.14 -33.52 39.97
N ASP A 327 43.15 -33.00 38.75
CA ASP A 327 43.99 -31.84 38.43
C ASP A 327 43.32 -30.55 38.88
N GLY A 328 44.12 -29.51 39.02
CA GLY A 328 43.63 -28.22 39.45
C GLY A 328 44.74 -27.26 39.80
N CYS A 329 44.49 -26.36 40.75
CA CYS A 329 45.48 -25.38 41.21
C CYS A 329 45.59 -25.50 42.72
N SER A 330 46.65 -24.91 43.27
CA SER A 330 46.97 -25.03 44.69
C SER A 330 47.99 -23.97 45.04
N CYS A 331 48.56 -24.08 46.25
CA CYS A 331 49.65 -23.22 46.69
C CYS A 331 50.83 -24.09 47.10
N PRO A 332 52.08 -23.60 46.93
CA PRO A 332 53.30 -24.36 47.24
C PRO A 332 53.16 -25.60 48.13
N GLU A 333 53.92 -25.67 49.22
CA GLU A 333 53.81 -26.78 50.17
C GLU A 333 53.65 -26.31 51.61
N GLY A 334 54.31 -25.23 51.99
CA GLY A 334 54.33 -24.77 53.37
C GLY A 334 53.25 -23.77 53.74
N GLN A 335 52.26 -23.56 52.88
CA GLN A 335 51.22 -22.58 53.12
C GLN A 335 49.86 -23.27 53.20
N LEU A 336 49.05 -22.83 54.16
CA LEU A 336 47.70 -23.34 54.33
C LEU A 336 46.70 -22.38 53.70
N LEU A 337 45.64 -22.94 53.14
CA LEU A 337 44.68 -22.20 52.34
C LEU A 337 43.66 -21.52 53.24
N ASP A 338 43.46 -20.23 53.02
CA ASP A 338 42.36 -19.48 53.61
C ASP A 338 41.32 -19.19 52.55
N GLU A 339 40.14 -18.74 53.00
CA GLU A 339 39.03 -18.54 52.06
C GLU A 339 39.42 -17.55 50.96
N GLY A 340 40.13 -16.48 51.31
CA GLY A 340 40.56 -15.51 50.32
C GLY A 340 41.75 -16.01 49.53
N LEU A 341 42.85 -16.27 50.22
CA LEU A 341 44.07 -16.77 49.60
C LEU A 341 44.73 -17.74 50.57
N CYS A 342 45.98 -18.08 50.30
CA CYS A 342 46.74 -19.01 51.11
C CYS A 342 47.90 -18.30 51.80
N VAL A 343 48.07 -18.57 53.10
CA VAL A 343 49.02 -17.87 53.94
C VAL A 343 49.84 -18.90 54.70
N GLU A 344 51.00 -18.46 55.19
CA GLU A 344 51.87 -19.34 55.96
C GLU A 344 51.19 -19.74 57.25
N SER A 345 51.56 -20.92 57.75
CA SER A 345 50.93 -21.50 58.93
C SER A 345 51.11 -20.66 60.18
N THR A 346 52.07 -19.73 60.19
CA THR A 346 52.36 -18.99 61.41
C THR A 346 51.18 -18.14 61.85
N GLU A 347 50.48 -17.50 60.91
CA GLU A 347 49.54 -16.45 61.26
C GLU A 347 48.13 -16.67 60.73
N CYS A 348 47.61 -17.90 60.82
CA CYS A 348 46.21 -17.99 60.47
C CYS A 348 45.34 -17.73 61.69
N PRO A 349 44.38 -16.81 61.60
CA PRO A 349 43.79 -16.22 62.81
C PRO A 349 42.85 -17.16 63.55
N CYS A 350 42.50 -16.75 64.76
CA CYS A 350 41.50 -17.42 65.58
C CYS A 350 40.10 -16.99 65.14
N VAL A 351 39.12 -17.79 65.56
CA VAL A 351 37.71 -17.54 65.25
C VAL A 351 36.93 -17.50 66.56
N HIS A 352 35.95 -16.61 66.63
CA HIS A 352 35.08 -16.52 67.79
C HIS A 352 33.79 -15.80 67.40
N SER A 353 32.67 -16.49 67.56
CA SER A 353 31.35 -15.91 67.31
C SER A 353 31.25 -15.36 65.89
N GLY A 354 31.87 -16.05 64.94
CA GLY A 354 31.86 -15.65 63.56
C GLY A 354 32.86 -14.57 63.20
N LYS A 355 33.63 -14.09 64.16
CA LYS A 355 34.63 -13.06 63.92
C LYS A 355 36.01 -13.69 63.83
N ARG A 356 36.88 -13.06 63.03
CA ARG A 356 38.26 -13.49 62.86
C ARG A 356 39.17 -12.52 63.61
N TYR A 357 40.17 -13.07 64.29
CA TYR A 357 41.07 -12.26 65.10
C TYR A 357 42.51 -12.70 64.86
N PRO A 358 43.41 -11.78 64.51
CA PRO A 358 44.81 -12.16 64.28
C PRO A 358 45.45 -12.68 65.56
N PRO A 359 46.57 -13.37 65.45
CA PRO A 359 47.23 -13.88 66.66
C PRO A 359 47.60 -12.76 67.62
N GLY A 360 47.64 -13.10 68.90
CA GLY A 360 47.93 -12.10 69.92
C GLY A 360 46.87 -11.03 70.00
N THR A 361 45.61 -11.45 70.02
CA THR A 361 44.48 -10.54 70.03
C THR A 361 43.59 -10.85 71.23
N SER A 362 44.22 -10.98 72.39
CA SER A 362 43.55 -11.47 73.60
C SER A 362 42.19 -10.79 73.80
N LEU A 363 41.18 -11.61 74.06
CA LEU A 363 39.85 -11.14 74.43
C LEU A 363 39.68 -11.22 75.94
N SER A 364 38.73 -10.45 76.45
CA SER A 364 38.51 -10.34 77.89
C SER A 364 37.05 -10.64 78.21
N ARG A 365 36.84 -11.29 79.35
CA ARG A 365 35.51 -11.57 79.89
C ARG A 365 35.35 -10.84 81.22
N ASP A 366 34.10 -10.81 81.70
CA ASP A 366 33.85 -10.25 83.02
C ASP A 366 34.63 -11.00 84.10
N CYS A 367 34.90 -12.29 83.86
CA CYS A 367 35.58 -13.14 84.83
C CYS A 367 37.03 -13.41 84.47
N ASN A 368 37.33 -13.67 83.20
CA ASN A 368 38.65 -14.13 82.80
C ASN A 368 39.04 -13.44 81.49
N THR A 369 40.19 -13.83 80.95
CA THR A 369 40.68 -13.31 79.69
C THR A 369 41.23 -14.47 78.87
N CYS A 370 41.23 -14.30 77.54
CA CYS A 370 41.64 -15.35 76.62
C CYS A 370 42.64 -14.78 75.62
N ILE A 371 43.50 -15.64 75.11
CA ILE A 371 44.57 -15.25 74.19
C ILE A 371 44.55 -16.17 72.98
N CYS A 372 44.80 -15.59 71.80
CA CYS A 372 44.85 -16.33 70.54
C CYS A 372 46.25 -16.90 70.33
N ARG A 373 46.39 -18.21 70.52
CA ARG A 373 47.55 -18.95 70.06
C ARG A 373 47.23 -19.49 68.67
N ASN A 374 48.01 -20.46 68.19
CA ASN A 374 47.86 -20.96 66.82
C ASN A 374 46.54 -21.71 66.71
N SER A 375 45.47 -20.95 66.46
CA SER A 375 44.14 -21.50 66.29
C SER A 375 43.64 -22.19 67.55
N GLN A 376 44.11 -21.75 68.71
CA GLN A 376 43.72 -22.35 69.98
C GLN A 376 43.69 -21.27 71.05
N TRP A 377 42.49 -20.91 71.49
CA TRP A 377 42.34 -19.93 72.56
C TRP A 377 42.83 -20.53 73.88
N ILE A 378 43.66 -19.77 74.59
CA ILE A 378 44.15 -20.14 75.91
C ILE A 378 43.47 -19.23 76.92
N CYS A 379 42.81 -19.83 77.91
CA CYS A 379 42.06 -19.09 78.90
C CYS A 379 42.34 -19.67 80.28
N SER A 380 42.18 -18.84 81.29
CA SER A 380 42.36 -19.24 82.69
C SER A 380 41.02 -19.14 83.40
N ASN A 381 40.55 -20.25 83.96
CA ASN A 381 39.28 -20.24 84.67
C ASN A 381 39.43 -19.54 86.02
N GLU A 382 38.33 -18.95 86.48
CA GLU A 382 38.30 -18.30 87.78
C GLU A 382 36.85 -17.98 88.12
N GLU A 383 36.47 -18.26 89.36
CA GLU A 383 35.11 -17.98 89.80
C GLU A 383 34.90 -16.48 89.91
N CYS A 384 33.73 -16.02 89.49
CA CYS A 384 33.42 -14.61 89.43
C CYS A 384 32.05 -14.37 90.06
N PRO A 385 31.75 -13.12 90.44
CA PRO A 385 30.58 -12.88 91.30
C PRO A 385 29.28 -13.37 90.67
N GLY A 386 28.39 -13.83 91.53
CA GLY A 386 27.09 -14.33 91.12
C GLY A 386 25.99 -13.34 91.44
N GLU A 387 24.87 -13.48 90.74
CA GLU A 387 23.74 -12.59 90.89
C GLU A 387 22.43 -13.38 90.88
N CYS A 388 21.59 -13.13 91.86
CA CYS A 388 20.23 -13.69 91.90
C CYS A 388 19.25 -12.57 91.57
N LEU A 389 18.34 -12.84 90.65
CA LEU A 389 17.43 -11.83 90.13
C LEU A 389 15.98 -12.26 90.33
N VAL A 390 15.14 -11.32 90.78
CA VAL A 390 13.70 -11.54 90.89
C VAL A 390 13.03 -10.38 90.18
N THR A 391 12.14 -10.67 89.24
CA THR A 391 11.50 -9.61 88.48
C THR A 391 10.23 -10.13 87.83
N GLY A 392 9.54 -9.22 87.15
CA GLY A 392 8.31 -9.55 86.45
C GLY A 392 7.20 -9.90 87.42
N GLN A 393 6.18 -10.56 86.87
CA GLN A 393 5.10 -11.07 87.70
C GLN A 393 5.68 -12.06 88.70
N SER A 394 6.22 -13.17 88.20
CA SER A 394 7.00 -14.10 89.01
C SER A 394 8.03 -14.72 88.06
N HIS A 395 9.23 -14.15 88.04
CA HIS A 395 10.29 -14.63 87.19
C HIS A 395 11.60 -14.57 87.95
N PHE A 396 12.29 -15.71 88.03
CA PHE A 396 13.49 -15.85 88.80
C PHE A 396 14.67 -16.18 87.89
N LYS A 397 15.83 -15.68 88.27
CA LYS A 397 17.10 -16.19 87.75
C LYS A 397 17.96 -16.56 88.94
N SER A 398 18.23 -17.86 89.05
CA SER A 398 19.02 -18.40 90.15
C SER A 398 20.45 -17.88 90.07
N PHE A 399 21.28 -18.24 91.05
CA PHE A 399 22.65 -17.76 91.04
C PHE A 399 23.41 -18.25 89.82
N ASP A 400 23.14 -19.48 89.36
CA ASP A 400 23.99 -20.01 88.31
C ASP A 400 23.57 -19.51 86.93
N ASN A 401 22.51 -20.07 86.35
CA ASN A 401 21.86 -19.44 85.20
C ASN A 401 20.38 -19.78 85.07
N ARG A 402 19.83 -20.58 85.97
CA ARG A 402 18.53 -21.20 85.71
C ARG A 402 17.42 -20.17 85.84
N TYR A 403 16.52 -20.16 84.86
CA TYR A 403 15.35 -19.31 84.86
C TYR A 403 14.11 -20.15 85.14
N PHE A 404 13.09 -19.53 85.73
CA PHE A 404 11.82 -20.22 85.91
C PHE A 404 10.79 -19.25 86.48
N THR A 405 9.57 -19.75 86.60
CA THR A 405 8.43 -19.03 87.14
C THR A 405 7.76 -19.88 88.19
N PHE A 406 7.44 -19.28 89.34
CA PHE A 406 6.87 -20.03 90.46
C PHE A 406 5.44 -19.59 90.77
N SER A 407 5.21 -18.31 91.02
CA SER A 407 3.85 -17.81 91.26
C SER A 407 3.20 -18.48 92.46
N GLY A 408 3.76 -18.31 93.66
CA GLY A 408 3.14 -18.78 94.87
C GLY A 408 2.95 -17.64 95.85
N ILE A 409 1.90 -17.76 96.66
CA ILE A 409 1.44 -16.66 97.52
C ILE A 409 1.73 -17.05 98.97
N CYS A 410 2.91 -16.69 99.46
CA CYS A 410 3.26 -16.81 100.87
C CYS A 410 4.61 -16.12 101.05
N GLN A 411 5.14 -16.18 102.27
CA GLN A 411 6.50 -15.73 102.52
C GLN A 411 7.48 -16.84 102.17
N TYR A 412 8.62 -16.47 101.60
CA TYR A 412 9.61 -17.44 101.18
C TYR A 412 11.00 -16.96 101.55
N LEU A 413 11.91 -17.92 101.70
CA LEU A 413 13.31 -17.67 102.00
C LEU A 413 14.09 -17.63 100.69
N LEU A 414 14.60 -16.45 100.34
CA LEU A 414 15.28 -16.32 99.05
C LEU A 414 16.70 -16.86 99.09
N ALA A 415 17.44 -16.60 100.17
CA ALA A 415 18.81 -17.07 100.26
C ALA A 415 19.30 -16.89 101.69
N ARG A 416 20.19 -17.79 102.10
CA ARG A 416 20.77 -17.75 103.43
C ARG A 416 22.20 -18.25 103.35
N ASP A 417 23.03 -17.82 104.31
CA ASP A 417 24.41 -18.27 104.35
C ASP A 417 24.48 -19.79 104.38
N CYS A 418 23.70 -20.40 105.27
CA CYS A 418 23.41 -21.83 105.29
C CYS A 418 24.57 -22.68 105.81
N GLN A 419 25.74 -22.08 106.04
CA GLN A 419 26.87 -22.84 106.59
C GLN A 419 27.47 -22.10 107.77
N ASP A 420 27.34 -20.77 107.78
CA ASP A 420 27.79 -19.95 108.89
C ASP A 420 26.70 -19.05 109.46
N HIS A 421 25.56 -18.93 108.78
CA HIS A 421 24.43 -18.16 109.30
C HIS A 421 24.81 -16.70 109.52
N SER A 422 25.21 -16.02 108.45
CA SER A 422 25.60 -14.61 108.51
C SER A 422 24.51 -13.66 108.08
N PHE A 423 23.56 -14.09 107.26
CA PHE A 423 22.51 -13.22 106.77
C PHE A 423 21.34 -14.06 106.30
N SER A 424 20.20 -13.40 106.10
CA SER A 424 19.02 -14.08 105.60
C SER A 424 18.13 -13.08 104.88
N ILE A 425 17.51 -13.53 103.79
CA ILE A 425 16.63 -12.70 102.97
C ILE A 425 15.28 -13.39 102.85
N VAL A 426 14.21 -12.67 103.16
CA VAL A 426 12.86 -13.21 103.09
C VAL A 426 12.01 -12.29 102.23
N ILE A 427 11.22 -12.89 101.33
CA ILE A 427 10.37 -12.14 100.41
C ILE A 427 8.91 -12.42 100.76
N GLU A 428 8.09 -11.38 100.74
CA GLU A 428 6.65 -11.51 100.93
C GLU A 428 5.98 -11.34 99.58
N THR A 429 4.92 -12.12 99.33
CA THR A 429 4.32 -12.21 98.01
C THR A 429 2.81 -12.04 98.14
N VAL A 430 2.19 -11.43 97.12
CA VAL A 430 0.76 -11.21 97.06
C VAL A 430 0.32 -11.33 95.60
N GLN A 431 -0.98 -11.16 95.38
CA GLN A 431 -1.57 -11.22 94.05
C GLN A 431 -1.95 -9.82 93.58
N CYS A 432 -1.77 -9.56 92.29
CA CYS A 432 -2.13 -8.29 91.66
C CYS A 432 -3.01 -8.56 90.45
N ALA A 433 -3.51 -7.47 89.87
CA ALA A 433 -4.21 -7.51 88.58
C ALA A 433 -5.37 -8.48 88.59
N ASP A 434 -5.96 -8.70 89.77
CA ASP A 434 -7.21 -9.43 89.95
C ASP A 434 -7.34 -10.58 88.93
N ASP A 435 -6.27 -11.36 88.82
CA ASP A 435 -6.21 -12.43 87.84
C ASP A 435 -5.57 -13.66 88.48
N ARG A 436 -5.86 -14.82 87.89
CA ARG A 436 -5.37 -16.08 88.44
C ARG A 436 -3.85 -16.15 88.41
N ASP A 437 -3.24 -15.71 87.32
CA ASP A 437 -1.82 -15.95 87.06
C ASP A 437 -0.95 -14.73 87.29
N ALA A 438 -1.49 -13.68 87.91
CA ALA A 438 -0.73 -12.46 88.17
C ALA A 438 -0.26 -12.48 89.61
N VAL A 439 1.05 -12.31 89.83
CA VAL A 439 1.64 -12.33 91.16
C VAL A 439 2.65 -11.19 91.26
N CYS A 440 2.93 -10.78 92.49
CA CYS A 440 3.84 -9.68 92.75
C CYS A 440 4.66 -10.02 94.00
N THR A 441 5.64 -9.17 94.29
CA THR A 441 6.36 -9.22 95.55
C THR A 441 6.23 -7.87 96.23
N ARG A 442 5.74 -7.87 97.47
CA ARG A 442 5.49 -6.61 98.17
C ARG A 442 6.74 -6.07 98.83
N SER A 443 7.42 -6.89 99.63
CA SER A 443 8.51 -6.39 100.45
C SER A 443 9.54 -7.49 100.66
N VAL A 444 10.74 -7.04 101.04
CA VAL A 444 11.87 -7.92 101.31
C VAL A 444 12.45 -7.52 102.66
N THR A 445 12.73 -8.51 103.50
CA THR A 445 13.27 -8.29 104.83
C THR A 445 14.61 -8.98 104.93
N VAL A 446 15.62 -8.25 105.40
CA VAL A 446 16.97 -8.77 105.57
C VAL A 446 17.26 -8.88 107.05
N ARG A 447 17.98 -9.94 107.41
CA ARG A 447 18.38 -10.17 108.79
C ARG A 447 19.88 -10.42 108.83
N LEU A 448 20.58 -9.69 109.71
CA LEU A 448 22.02 -9.74 109.82
C LEU A 448 22.39 -10.03 111.27
N PRO A 449 22.56 -11.31 111.64
CA PRO A 449 22.94 -11.64 113.02
C PRO A 449 24.11 -10.82 113.55
N GLY A 450 24.91 -10.24 112.66
CA GLY A 450 26.03 -9.45 113.10
C GLY A 450 25.62 -8.31 114.02
N LEU A 451 24.52 -7.64 113.70
CA LEU A 451 23.99 -6.55 114.52
C LEU A 451 22.91 -7.01 115.47
N HIS A 452 22.60 -8.31 115.51
CA HIS A 452 21.76 -8.97 116.51
C HIS A 452 20.27 -8.70 116.32
N ASN A 453 19.86 -7.95 115.31
CA ASN A 453 18.48 -7.50 115.20
C ASN A 453 17.94 -7.74 113.80
N SER A 454 16.62 -7.86 113.71
CA SER A 454 15.94 -7.99 112.42
C SER A 454 15.95 -6.64 111.72
N LEU A 455 16.97 -6.39 110.92
CA LEU A 455 17.27 -5.08 110.38
C LEU A 455 16.37 -4.73 109.19
N VAL A 456 16.78 -3.73 108.42
CA VAL A 456 15.92 -2.98 107.52
C VAL A 456 14.93 -3.86 106.78
N LYS A 457 13.69 -3.40 106.70
CA LYS A 457 12.66 -3.99 105.85
C LYS A 457 12.41 -3.04 104.68
N LEU A 458 12.44 -3.58 103.47
CA LEU A 458 12.25 -2.80 102.25
C LEU A 458 10.77 -2.83 101.89
N LYS A 459 10.08 -1.74 102.17
CA LYS A 459 8.64 -1.68 101.95
C LYS A 459 8.32 -1.42 100.48
N HIS A 460 7.04 -1.56 100.13
CA HIS A 460 6.64 -1.45 98.74
C HIS A 460 6.99 -0.09 98.15
N GLY A 461 7.01 0.95 98.98
CA GLY A 461 7.49 2.24 98.54
C GLY A 461 9.01 2.27 98.56
N ALA A 462 9.60 3.42 98.32
CA ALA A 462 11.05 3.53 98.36
C ALA A 462 11.60 3.60 99.77
N GLY A 463 10.74 3.78 100.77
CA GLY A 463 11.22 3.94 102.13
C GLY A 463 11.72 2.65 102.74
N VAL A 464 12.44 2.79 103.85
CA VAL A 464 12.98 1.67 104.59
C VAL A 464 12.70 1.89 106.07
N ALA A 465 12.56 0.79 106.80
CA ALA A 465 12.26 0.85 108.23
C ALA A 465 13.30 0.01 108.97
N MET A 466 13.98 0.64 109.92
CA MET A 466 15.01 -0.02 110.71
C MET A 466 14.38 -0.42 112.05
N ASP A 467 14.10 -1.71 112.21
CA ASP A 467 13.52 -2.26 113.43
C ASP A 467 12.20 -1.57 113.78
N GLY A 468 11.35 -1.31 112.78
CA GLY A 468 10.04 -0.77 113.02
C GLY A 468 9.94 0.75 112.97
N GLN A 469 11.05 1.45 112.81
CA GLN A 469 11.07 2.91 112.75
C GLN A 469 11.54 3.35 111.37
N ASP A 470 10.80 4.27 110.76
CA ASP A 470 11.21 4.83 109.49
C ASP A 470 12.45 5.70 109.66
N VAL A 471 13.34 5.65 108.67
CA VAL A 471 14.57 6.43 108.68
C VAL A 471 14.71 7.13 107.34
N GLN A 472 15.54 8.16 107.32
CA GLN A 472 15.79 8.97 106.14
C GLN A 472 17.17 8.66 105.58
N LEU A 473 17.24 8.46 104.27
CA LEU A 473 18.48 8.12 103.61
C LEU A 473 19.34 9.37 103.41
N PRO A 474 20.68 9.21 103.35
CA PRO A 474 21.43 7.96 103.50
C PRO A 474 21.64 7.58 104.96
N LEU A 475 21.96 6.31 105.21
CA LEU A 475 22.21 5.81 106.55
C LEU A 475 23.59 5.19 106.59
N LEU A 476 24.37 5.53 107.62
CA LEU A 476 25.70 4.99 107.84
C LEU A 476 25.78 4.33 109.21
N LYS A 477 26.47 3.20 109.27
CA LYS A 477 26.69 2.50 110.53
C LYS A 477 28.04 1.80 110.43
N GLY A 478 28.29 0.84 111.33
CA GLY A 478 29.59 0.20 111.37
C GLY A 478 29.99 -0.42 110.04
N ASP A 479 29.06 -1.16 109.41
CA ASP A 479 29.37 -1.80 108.14
C ASP A 479 28.21 -1.75 107.15
N LEU A 480 27.13 -1.04 107.47
CA LEU A 480 25.94 -0.99 106.61
C LEU A 480 25.84 0.37 105.95
N ARG A 481 25.51 0.38 104.66
CA ARG A 481 25.25 1.62 103.94
C ARG A 481 24.00 1.44 103.10
N ILE A 482 22.98 2.26 103.38
CA ILE A 482 21.76 2.29 102.59
C ILE A 482 21.66 3.67 101.96
N GLN A 483 21.50 3.70 100.65
CA GLN A 483 21.57 4.97 99.94
C GLN A 483 20.57 5.00 98.79
N HIS A 484 19.98 6.16 98.57
CA HIS A 484 19.11 6.36 97.42
C HIS A 484 19.97 6.62 96.19
N THR A 485 19.68 5.90 95.10
CA THR A 485 20.48 6.01 93.90
C THR A 485 19.88 7.04 92.94
N VAL A 486 20.54 7.20 91.79
CA VAL A 486 20.15 8.24 90.85
C VAL A 486 18.82 7.90 90.19
N THR A 487 18.60 6.63 89.85
CA THR A 487 17.46 6.23 89.05
C THR A 487 16.25 5.87 89.90
N ALA A 488 16.09 6.50 91.07
CA ALA A 488 14.95 6.30 91.94
C ALA A 488 14.84 4.83 92.36
N SER A 489 15.85 4.40 93.09
CA SER A 489 15.91 3.05 93.63
C SER A 489 16.57 3.13 95.00
N VAL A 490 16.91 1.97 95.57
CA VAL A 490 17.64 1.91 96.82
C VAL A 490 18.80 0.93 96.65
N ARG A 491 19.89 1.22 97.36
CA ARG A 491 21.10 0.41 97.33
C ARG A 491 21.47 0.07 98.75
N LEU A 492 21.53 -1.22 99.07
CA LEU A 492 21.94 -1.70 100.38
C LEU A 492 23.26 -2.44 100.23
N SER A 493 24.27 -2.03 101.00
CA SER A 493 25.58 -2.63 100.90
C SER A 493 26.11 -2.95 102.29
N TYR A 494 26.75 -4.11 102.39
CA TYR A 494 27.44 -4.57 103.59
C TYR A 494 28.92 -4.67 103.25
N GLY A 495 29.70 -5.23 104.19
CA GLY A 495 31.14 -5.27 104.00
C GLY A 495 31.55 -6.02 102.74
N GLU A 496 31.99 -5.27 101.73
CA GLU A 496 32.66 -5.79 100.54
C GLU A 496 31.86 -6.84 99.78
N ASP A 497 30.60 -7.05 100.12
CA ASP A 497 29.79 -8.03 99.40
C ASP A 497 28.33 -7.84 99.76
N LEU A 498 27.47 -8.74 99.30
CA LEU A 498 26.04 -8.72 99.61
C LEU A 498 25.44 -7.36 99.25
N GLN A 499 25.47 -7.07 97.95
CA GLN A 499 24.94 -5.82 97.43
C GLN A 499 23.52 -6.07 96.93
N MET A 500 22.59 -5.20 97.31
CA MET A 500 21.19 -5.37 96.98
C MET A 500 20.63 -4.12 96.33
N ASP A 501 19.92 -4.32 95.23
CA ASP A 501 19.22 -3.24 94.53
C ASP A 501 17.73 -3.57 94.52
N TRP A 502 16.92 -2.61 94.96
CA TRP A 502 15.48 -2.78 95.11
C TRP A 502 14.82 -1.43 94.85
N ASP A 503 13.84 -1.40 93.95
CA ASP A 503 13.12 -0.16 93.63
C ASP A 503 11.62 -0.39 93.64
N GLY A 504 11.02 -0.39 94.82
CA GLY A 504 9.61 -0.11 94.94
C GLY A 504 8.69 -1.18 94.36
N ARG A 505 8.70 -1.29 93.04
CA ARG A 505 7.70 -2.07 92.30
C ARG A 505 8.18 -3.48 91.98
N GLY A 506 8.62 -4.22 93.00
CA GLY A 506 8.91 -5.62 92.84
C GLY A 506 9.97 -5.95 91.80
N ARG A 507 11.22 -5.57 92.07
CA ARG A 507 12.34 -6.01 91.25
C ARG A 507 13.59 -5.96 92.11
N LEU A 508 14.23 -7.12 92.31
CA LEU A 508 15.33 -7.24 93.24
C LEU A 508 16.54 -7.86 92.56
N LEU A 509 17.70 -7.23 92.72
CA LEU A 509 18.97 -7.76 92.27
C LEU A 509 19.86 -7.98 93.48
N VAL A 510 20.47 -9.16 93.57
CA VAL A 510 21.35 -9.48 94.68
C VAL A 510 22.69 -9.94 94.09
N LYS A 511 23.72 -9.12 94.27
CA LYS A 511 25.08 -9.48 93.92
C LYS A 511 25.79 -10.05 95.14
N LEU A 512 26.46 -11.18 94.93
CA LEU A 512 27.13 -11.89 96.02
C LEU A 512 28.58 -12.13 95.64
N SER A 513 29.49 -11.89 96.58
CA SER A 513 30.90 -12.04 96.31
C SER A 513 31.28 -13.51 96.17
N PRO A 514 32.38 -13.81 95.47
CA PRO A 514 32.79 -15.22 95.31
C PRO A 514 33.12 -15.93 96.61
N VAL A 515 33.26 -15.23 97.72
CA VAL A 515 33.60 -15.88 98.98
C VAL A 515 32.54 -16.93 99.32
N TYR A 516 31.27 -16.62 99.07
CA TYR A 516 30.17 -17.55 99.33
C TYR A 516 29.99 -18.52 98.16
N ALA A 517 31.07 -19.17 97.76
CA ALA A 517 31.09 -19.97 96.54
C ALA A 517 30.35 -21.29 96.65
N GLY A 518 30.19 -21.84 97.85
CA GLY A 518 29.56 -23.13 97.98
C GLY A 518 28.69 -23.29 99.21
N LYS A 519 28.47 -22.20 99.93
CA LYS A 519 27.71 -22.22 101.18
C LYS A 519 26.49 -21.32 101.00
N THR A 520 25.42 -21.89 100.47
CA THR A 520 24.17 -21.15 100.29
C THR A 520 23.06 -22.13 99.96
N CYS A 521 21.96 -22.04 100.69
CA CYS A 521 20.77 -22.83 100.39
C CYS A 521 19.57 -21.91 100.47
N GLY A 522 18.65 -22.05 99.51
CA GLY A 522 17.49 -21.20 99.46
C GLY A 522 16.80 -21.31 98.12
N LEU A 523 16.06 -20.28 97.76
CA LEU A 523 15.36 -20.28 96.49
C LEU A 523 16.29 -20.01 95.33
N CYS A 524 17.39 -19.30 95.55
CA CYS A 524 18.38 -19.06 94.50
C CYS A 524 19.29 -20.26 94.28
N GLY A 525 19.28 -21.25 95.16
CA GLY A 525 20.08 -22.44 94.99
C GLY A 525 21.53 -22.21 95.40
N ASN A 526 22.25 -23.32 95.52
CA ASN A 526 23.66 -23.26 95.88
C ASN A 526 24.45 -22.55 94.78
N TYR A 527 25.40 -21.73 95.19
CA TYR A 527 26.16 -20.90 94.26
C TYR A 527 27.37 -21.65 93.71
N ASN A 528 27.12 -22.85 93.20
CA ASN A 528 28.16 -23.69 92.63
C ASN A 528 28.24 -23.44 91.12
N GLY A 529 29.07 -24.19 90.42
CA GLY A 529 29.22 -24.01 88.99
C GLY A 529 28.21 -24.74 88.14
N ASN A 530 27.40 -25.60 88.73
CA ASN A 530 26.45 -26.43 87.99
C ASN A 530 25.05 -25.87 88.15
N GLN A 531 24.36 -25.67 87.02
CA GLN A 531 22.97 -25.24 87.02
C GLN A 531 21.98 -26.40 87.07
N GLY A 532 22.48 -27.63 87.04
CA GLY A 532 21.62 -28.79 87.01
C GLY A 532 21.13 -29.28 88.35
N ASP A 533 21.46 -28.58 89.44
CA ASP A 533 21.08 -28.98 90.78
C ASP A 533 20.55 -27.80 91.57
N ASP A 534 19.79 -26.92 90.91
CA ASP A 534 19.21 -25.75 91.55
C ASP A 534 17.81 -26.02 92.08
N PHE A 535 17.27 -27.22 91.90
CA PHE A 535 15.98 -27.60 92.45
C PHE A 535 16.16 -28.48 93.67
N LEU A 536 17.19 -28.19 94.46
CA LEU A 536 17.56 -29.01 95.60
C LEU A 536 16.76 -28.57 96.83
N THR A 537 15.86 -29.43 97.29
CA THR A 537 15.08 -29.16 98.47
C THR A 537 15.94 -29.32 99.73
N PRO A 538 15.51 -28.72 100.84
CA PRO A 538 16.32 -28.82 102.07
C PRO A 538 16.53 -30.25 102.54
N SER A 539 15.65 -31.17 102.19
CA SER A 539 15.82 -32.55 102.62
C SER A 539 17.14 -33.12 102.10
N GLY A 540 17.45 -32.88 100.83
CA GLY A 540 18.68 -33.36 100.26
C GLY A 540 18.53 -33.87 98.84
N LEU A 541 17.29 -34.05 98.40
CA LEU A 541 17.00 -34.54 97.05
C LEU A 541 16.45 -33.41 96.19
N ALA A 542 16.59 -33.57 94.88
CA ALA A 542 16.15 -32.58 93.91
C ALA A 542 14.94 -33.11 93.16
N GLU A 543 13.85 -32.34 93.19
CA GLU A 543 12.63 -32.72 92.52
C GLU A 543 12.68 -32.37 91.03
N PRO A 544 11.89 -33.06 90.21
CA PRO A 544 11.87 -32.74 88.78
C PRO A 544 10.87 -31.64 88.44
N ARG A 545 9.92 -31.39 89.34
CA ARG A 545 8.87 -30.40 89.12
C ARG A 545 9.18 -29.13 89.90
N VAL A 546 8.69 -28.01 89.38
CA VAL A 546 8.97 -26.72 90.01
C VAL A 546 8.04 -26.47 91.19
N GLU A 547 6.79 -26.92 91.12
CA GLU A 547 5.84 -26.65 92.20
C GLU A 547 6.30 -27.28 93.51
N ASP A 548 6.74 -28.54 93.44
CA ASP A 548 7.20 -29.21 94.65
C ASP A 548 8.45 -28.55 95.21
N PHE A 549 9.37 -28.16 94.33
CA PHE A 549 10.58 -27.47 94.79
C PHE A 549 10.22 -26.17 95.50
N GLY A 550 9.31 -25.39 94.90
CA GLY A 550 8.92 -24.13 95.50
C GLY A 550 8.21 -24.28 96.82
N ASN A 551 7.27 -25.23 96.92
CA ASN A 551 6.50 -25.38 98.14
C ASN A 551 7.39 -25.74 99.34
N ALA A 552 8.58 -26.28 99.07
CA ALA A 552 9.44 -26.72 100.16
C ALA A 552 10.04 -25.56 100.96
N TRP A 553 9.92 -24.33 100.47
CA TRP A 553 10.56 -23.18 101.10
C TRP A 553 9.56 -22.22 101.72
N LYS A 554 8.45 -22.72 102.25
CA LYS A 554 7.49 -21.87 102.93
C LYS A 554 7.98 -21.52 104.33
N LEU A 555 7.31 -20.53 104.93
CA LEU A 555 7.54 -20.17 106.33
C LEU A 555 6.29 -20.23 107.18
N HIS A 556 5.12 -20.41 106.56
CA HIS A 556 3.86 -20.52 107.29
C HIS A 556 3.14 -21.78 106.86
N GLY A 557 2.57 -22.49 107.84
CA GLY A 557 1.84 -23.70 107.53
C GLY A 557 0.45 -23.46 106.98
N ASP A 558 -0.08 -22.24 107.08
CA ASP A 558 -1.41 -21.94 106.58
C ASP A 558 -1.45 -21.76 105.08
N CYS A 559 -0.39 -21.20 104.49
CA CYS A 559 -0.37 -20.97 103.05
C CYS A 559 -0.56 -22.28 102.31
N GLN A 560 -1.45 -22.27 101.31
CA GLN A 560 -1.73 -23.47 100.54
C GLN A 560 -0.61 -23.75 99.56
N ASP A 561 -0.51 -25.02 99.15
CA ASP A 561 0.45 -25.44 98.15
C ASP A 561 -0.21 -25.43 96.78
N LEU A 562 0.30 -24.59 95.88
CA LEU A 562 -0.32 -24.44 94.57
C LEU A 562 -0.18 -25.71 93.76
N GLN A 563 -1.14 -25.93 92.88
CA GLN A 563 -1.17 -27.05 91.96
C GLN A 563 -0.50 -26.63 90.65
N LYS A 564 -0.70 -27.43 89.59
CA LYS A 564 -0.06 -27.22 88.30
C LYS A 564 0.09 -25.74 87.97
N GLN A 565 1.32 -25.36 87.57
CA GLN A 565 1.57 -24.01 87.13
C GLN A 565 0.97 -23.79 85.75
N HIS A 566 0.20 -22.72 85.59
CA HIS A 566 -0.44 -22.40 84.32
C HIS A 566 0.58 -21.75 83.39
N SER A 567 0.60 -22.20 82.14
CA SER A 567 1.62 -21.72 81.21
C SER A 567 1.18 -20.48 80.46
N ASP A 568 0.06 -20.56 79.72
CA ASP A 568 -0.39 -19.45 78.90
C ASP A 568 -1.47 -18.67 79.65
N PRO A 569 -1.20 -17.42 80.06
CA PRO A 569 -2.23 -16.68 80.80
C PRO A 569 -3.30 -16.05 79.93
N CYS A 570 -2.98 -15.65 78.69
CA CYS A 570 -3.96 -15.09 77.77
C CYS A 570 -4.56 -16.14 76.85
N ALA A 571 -4.66 -17.37 77.32
CA ALA A 571 -5.69 -18.27 76.86
C ALA A 571 -7.03 -17.98 77.53
N LEU A 572 -7.03 -17.09 78.53
CA LEU A 572 -8.24 -16.64 79.19
C LEU A 572 -8.68 -15.25 78.77
N ASN A 573 -7.82 -14.50 78.09
CA ASN A 573 -8.13 -13.15 77.61
C ASN A 573 -7.79 -13.10 76.13
N PRO A 574 -8.60 -13.74 75.28
CA PRO A 574 -8.25 -13.81 73.85
C PRO A 574 -8.13 -12.46 73.20
N ARG A 575 -8.81 -11.44 73.73
CA ARG A 575 -8.73 -10.12 73.11
C ARG A 575 -7.29 -9.62 73.05
N MET A 576 -6.51 -9.90 74.09
CA MET A 576 -5.12 -9.43 74.16
C MET A 576 -4.19 -10.53 73.68
N THR A 577 -4.33 -10.86 72.40
CA THR A 577 -3.47 -11.85 71.75
C THR A 577 -2.64 -11.27 70.62
N ARG A 578 -3.26 -10.58 69.67
CA ARG A 578 -2.51 -9.96 68.58
C ARG A 578 -1.52 -8.95 69.13
N PHE A 579 -1.98 -8.10 70.04
CA PHE A 579 -1.11 -7.04 70.56
C PHE A 579 0.11 -7.63 71.25
N SER A 580 -0.07 -8.66 72.06
CA SER A 580 1.05 -9.23 72.78
C SER A 580 2.11 -9.76 71.83
N GLU A 581 1.70 -10.55 70.84
CA GLU A 581 2.65 -11.13 69.91
C GLU A 581 3.34 -10.08 69.06
N GLU A 582 2.60 -9.06 68.60
CA GLU A 582 3.23 -8.04 67.77
C GLU A 582 4.11 -7.11 68.58
N ALA A 583 3.84 -6.97 69.88
CA ALA A 583 4.63 -6.06 70.70
C ALA A 583 5.90 -6.73 71.20
N CYS A 584 5.79 -7.93 71.77
CA CYS A 584 6.98 -8.65 72.25
C CYS A 584 7.69 -9.35 71.10
N ALA A 585 8.02 -8.58 70.06
CA ALA A 585 8.81 -9.07 68.94
C ALA A 585 10.00 -8.17 68.63
N VAL A 586 10.11 -7.03 69.30
CA VAL A 586 11.25 -6.13 69.08
C VAL A 586 12.54 -6.80 69.54
N LEU A 587 12.45 -7.76 70.46
CA LEU A 587 13.65 -8.44 70.92
C LEU A 587 14.36 -9.14 69.77
N THR A 588 13.60 -9.82 68.91
CA THR A 588 14.15 -10.50 67.74
C THR A 588 14.04 -9.59 66.51
N SER A 589 14.61 -8.41 66.63
CA SER A 589 14.59 -7.41 65.58
C SER A 589 15.98 -6.78 65.47
N PRO A 590 16.27 -6.10 64.36
CA PRO A 590 17.61 -5.50 64.21
C PRO A 590 17.98 -4.55 65.33
N THR A 591 17.00 -3.89 65.95
CA THR A 591 17.32 -2.92 66.99
C THR A 591 18.16 -3.52 68.10
N PHE A 592 18.02 -4.82 68.36
CA PHE A 592 18.79 -5.51 69.39
C PHE A 592 19.80 -6.49 68.81
N GLU A 593 19.98 -6.50 67.48
CA GLU A 593 20.83 -7.50 66.86
C GLU A 593 22.26 -7.45 67.39
N ALA A 594 22.71 -6.29 67.87
CA ALA A 594 24.05 -6.22 68.43
C ALA A 594 24.21 -7.14 69.62
N CYS A 595 23.20 -7.21 70.49
CA CYS A 595 23.26 -8.00 71.70
C CYS A 595 22.79 -9.43 71.52
N HIS A 596 22.43 -9.83 70.30
CA HIS A 596 21.92 -11.18 70.07
C HIS A 596 22.99 -12.24 70.30
N ARG A 597 24.25 -11.81 70.41
CA ARG A 597 25.36 -12.73 70.68
C ARG A 597 26.08 -12.36 71.96
N ALA A 598 25.37 -11.76 72.91
CA ALA A 598 25.87 -11.55 74.26
C ALA A 598 25.04 -12.28 75.29
N VAL A 599 23.72 -12.33 75.10
CA VAL A 599 22.82 -13.15 75.91
C VAL A 599 21.68 -13.59 75.00
N SER A 600 21.38 -14.88 75.02
CA SER A 600 20.38 -15.42 74.10
C SER A 600 19.00 -14.89 74.47
N PRO A 601 18.32 -14.17 73.58
CA PRO A 601 17.01 -13.61 73.95
C PRO A 601 15.86 -14.57 73.72
N LEU A 602 16.04 -15.84 74.06
CA LEU A 602 14.92 -16.77 74.03
C LEU A 602 14.11 -16.67 75.33
N PRO A 603 14.75 -16.72 76.51
CA PRO A 603 13.97 -16.66 77.75
C PRO A 603 13.34 -15.32 78.03
N TYR A 604 13.87 -14.23 77.46
CA TYR A 604 13.34 -12.91 77.69
C TYR A 604 12.14 -12.60 76.79
N LEU A 605 11.79 -13.51 75.90
CA LEU A 605 10.65 -13.33 75.01
C LEU A 605 9.38 -13.92 75.62
N ARG A 606 9.47 -15.15 76.14
CA ARG A 606 8.31 -15.73 76.80
C ARG A 606 7.94 -14.93 78.05
N ASN A 607 8.92 -14.38 78.75
CA ASN A 607 8.60 -13.51 79.88
C ASN A 607 7.82 -12.28 79.42
N CYS A 608 8.24 -11.67 78.31
CA CYS A 608 7.51 -10.53 77.77
C CYS A 608 6.08 -10.91 77.44
N ARG A 609 5.90 -12.04 76.75
CA ARG A 609 4.55 -12.46 76.38
C ARG A 609 3.70 -12.71 77.62
N TYR A 610 4.27 -13.42 78.60
CA TYR A 610 3.53 -13.70 79.83
C TYR A 610 3.12 -12.42 80.54
N ASP A 611 4.06 -11.47 80.66
CA ASP A 611 3.75 -10.23 81.37
C ASP A 611 2.67 -9.44 80.65
N VAL A 612 2.79 -9.30 79.34
CA VAL A 612 1.79 -8.54 78.60
C VAL A 612 0.43 -9.20 78.68
N CYS A 613 0.39 -10.53 78.51
CA CYS A 613 -0.88 -11.24 78.58
C CYS A 613 -1.53 -11.17 79.95
N SER A 614 -0.73 -11.25 81.02
CA SER A 614 -1.28 -11.46 82.35
C SER A 614 -1.64 -10.16 83.07
N CYS A 615 -0.67 -9.27 83.25
CA CYS A 615 -0.86 -8.14 84.15
C CYS A 615 -2.00 -7.24 83.66
N SER A 616 -2.57 -6.48 84.60
CA SER A 616 -3.72 -5.66 84.29
C SER A 616 -3.37 -4.55 83.30
N ASP A 617 -2.24 -3.89 83.49
CA ASP A 617 -1.85 -2.74 82.68
C ASP A 617 -0.72 -3.13 81.75
N GLY A 618 -1.02 -3.24 80.45
CA GLY A 618 -0.02 -3.55 79.46
C GLY A 618 0.83 -2.39 79.02
N ARG A 619 0.45 -1.15 79.38
CA ARG A 619 1.23 0.00 78.95
C ARG A 619 2.64 -0.04 79.54
N GLU A 620 2.73 -0.26 80.85
CA GLU A 620 3.99 -0.22 81.56
C GLU A 620 4.59 -1.61 81.76
N CYS A 621 3.79 -2.68 81.70
CA CYS A 621 4.35 -4.01 81.75
C CYS A 621 5.26 -4.30 80.57
N LEU A 622 4.87 -3.85 79.37
CA LEU A 622 5.71 -4.08 78.20
C LEU A 622 7.09 -3.48 78.39
N CYS A 623 7.14 -2.22 78.84
CA CYS A 623 8.40 -1.52 79.02
C CYS A 623 9.05 -1.81 80.36
N GLY A 624 8.40 -2.58 81.22
CA GLY A 624 9.05 -3.06 82.43
C GLY A 624 9.88 -4.29 82.14
N ALA A 625 9.59 -4.95 81.01
CA ALA A 625 10.34 -6.12 80.58
C ALA A 625 11.48 -5.79 79.63
N LEU A 626 11.26 -4.90 78.67
CA LEU A 626 12.34 -4.52 77.75
C LEU A 626 13.51 -3.94 78.52
N ALA A 627 13.24 -3.10 79.51
CA ALA A 627 14.31 -2.55 80.33
C ALA A 627 15.12 -3.64 80.99
N SER A 628 14.49 -4.75 81.36
CA SER A 628 15.24 -5.86 81.96
C SER A 628 16.26 -6.42 80.97
N TYR A 629 15.84 -6.63 79.72
CA TYR A 629 16.77 -7.12 78.71
C TYR A 629 17.88 -6.11 78.45
N ALA A 630 17.53 -4.83 78.41
CA ALA A 630 18.55 -3.80 78.18
C ALA A 630 19.58 -3.81 79.30
N ALA A 631 19.12 -3.92 80.55
CA ALA A 631 20.03 -4.01 81.68
C ALA A 631 20.89 -5.26 81.63
N ALA A 632 20.30 -6.39 81.22
CA ALA A 632 21.10 -7.61 81.08
C ALA A 632 22.20 -7.42 80.04
N CYS A 633 21.87 -6.80 78.91
CA CYS A 633 22.89 -6.51 77.90
C CYS A 633 23.97 -5.59 78.45
N ALA A 634 23.56 -4.55 79.18
CA ALA A 634 24.52 -3.60 79.71
C ALA A 634 25.52 -4.26 80.64
N GLY A 635 25.15 -5.36 81.29
CA GLY A 635 26.09 -6.05 82.16
C GLY A 635 27.23 -6.72 81.42
N ARG A 636 27.04 -7.03 80.14
CA ARG A 636 28.07 -7.62 79.31
C ARG A 636 28.82 -6.58 78.49
N GLY A 637 28.54 -5.29 78.68
CA GLY A 637 29.24 -4.21 78.04
C GLY A 637 28.53 -3.64 76.82
N VAL A 638 27.61 -4.40 76.23
CA VAL A 638 26.90 -3.91 75.05
C VAL A 638 25.91 -2.84 75.45
N ARG A 639 25.80 -1.81 74.62
CA ARG A 639 24.87 -0.70 74.84
C ARG A 639 23.88 -0.62 73.70
N VAL A 640 22.70 -0.05 73.99
CA VAL A 640 21.64 0.09 73.01
C VAL A 640 20.69 1.17 73.50
N ALA A 641 20.01 1.83 72.57
CA ALA A 641 19.11 2.93 72.91
C ALA A 641 17.70 2.43 73.20
N TRP A 642 17.09 1.75 72.24
CA TRP A 642 15.80 1.06 72.43
C TRP A 642 14.70 1.99 72.92
N ARG A 643 14.95 3.30 72.95
CA ARG A 643 13.94 4.29 73.35
C ARG A 643 13.74 5.27 72.22
N GLU A 644 12.55 5.24 71.63
CA GLU A 644 12.17 6.10 70.52
C GLU A 644 10.74 6.54 70.73
N PRO A 645 10.32 7.63 70.09
CA PRO A 645 8.91 8.07 70.24
C PRO A 645 7.96 6.95 69.86
N GLY A 646 6.89 6.82 70.63
CA GLY A 646 6.03 5.66 70.55
C GLY A 646 6.42 4.55 71.51
N ARG A 647 7.40 4.78 72.37
CA ARG A 647 7.88 3.81 73.34
C ARG A 647 7.97 4.52 74.69
N CYS A 648 8.02 3.73 75.76
CA CYS A 648 8.00 4.31 77.11
C CYS A 648 9.33 5.02 77.35
N GLU A 649 9.39 6.27 76.90
CA GLU A 649 10.54 7.10 77.19
C GLU A 649 10.55 7.50 78.66
N LEU A 650 11.75 7.73 79.20
CA LEU A 650 11.87 8.00 80.63
C LEU A 650 11.00 9.17 81.05
N ASN A 651 10.89 10.20 80.22
CA ASN A 651 10.05 11.36 80.51
C ASN A 651 10.50 12.02 81.81
N CYS A 652 11.77 12.38 81.88
CA CYS A 652 12.31 12.97 83.08
C CYS A 652 11.68 14.35 83.32
N PRO A 653 11.45 14.72 84.58
CA PRO A 653 10.91 16.05 84.86
C PRO A 653 11.78 17.15 84.28
N LYS A 654 11.21 18.35 84.21
CA LYS A 654 11.92 19.49 83.66
C LYS A 654 13.11 19.85 84.54
N GLY A 655 14.12 20.47 83.92
CA GLY A 655 15.33 20.84 84.61
C GLY A 655 16.35 19.72 84.76
N GLN A 656 16.08 18.54 84.21
CA GLN A 656 17.00 17.41 84.27
C GLN A 656 17.13 16.83 82.86
N VAL A 657 18.08 15.90 82.72
CA VAL A 657 18.50 15.42 81.41
C VAL A 657 18.44 13.90 81.40
N TYR A 658 17.82 13.33 80.36
CA TYR A 658 17.69 11.89 80.17
C TYR A 658 18.99 11.24 79.72
N LEU A 659 20.10 11.96 79.73
CA LEU A 659 21.34 11.53 79.09
C LEU A 659 21.73 10.11 79.45
N GLN A 660 22.50 9.48 78.56
CA GLN A 660 23.10 8.18 78.81
C GLN A 660 24.27 8.35 79.76
N CYS A 661 25.20 7.39 79.79
CA CYS A 661 26.24 7.32 80.81
C CYS A 661 26.71 8.68 81.30
N GLY A 662 26.74 8.86 82.62
CA GLY A 662 27.17 10.10 83.24
C GLY A 662 28.08 9.88 84.43
N THR A 663 28.30 8.63 84.80
CA THR A 663 29.20 8.28 85.90
C THR A 663 28.82 9.02 87.18
N PRO A 664 27.67 8.73 87.77
CA PRO A 664 27.28 9.44 88.99
C PRO A 664 28.12 9.07 90.20
N CYS A 665 29.05 9.95 90.58
CA CYS A 665 29.58 10.00 91.93
C CYS A 665 29.52 11.42 92.48
N ASN A 666 29.74 12.42 91.63
CA ASN A 666 29.37 13.80 91.91
C ASN A 666 27.94 14.00 91.40
N LEU A 667 27.51 15.26 91.26
CA LEU A 667 26.18 15.64 90.78
C LEU A 667 25.17 15.65 91.93
N THR A 668 25.60 15.32 93.15
CA THR A 668 24.79 15.50 94.35
C THR A 668 25.68 16.18 95.38
N CYS A 669 25.43 17.45 95.64
CA CYS A 669 26.44 18.20 96.38
C CYS A 669 26.55 17.75 97.83
N ARG A 670 25.88 16.68 98.25
CA ARG A 670 26.38 15.93 99.40
C ARG A 670 27.78 15.42 99.12
N SER A 671 28.02 14.94 97.89
CA SER A 671 29.37 14.60 97.47
C SER A 671 30.30 15.80 97.52
N LEU A 672 29.79 17.00 97.26
CA LEU A 672 30.60 18.19 97.40
C LEU A 672 31.08 18.37 98.84
N SER A 673 30.19 18.15 99.80
CA SER A 673 30.57 18.26 101.20
C SER A 673 31.64 17.23 101.55
N TYR A 674 31.51 16.01 101.04
CA TYR A 674 32.47 14.95 101.27
C TYR A 674 33.12 14.59 99.94
N PRO A 675 34.28 15.15 99.62
CA PRO A 675 34.87 14.90 98.29
C PRO A 675 35.87 13.76 98.27
N ASP A 676 36.19 13.20 99.42
CA ASP A 676 37.26 12.20 99.56
C ASP A 676 36.73 10.94 100.24
N GLU A 677 35.59 10.45 99.78
CA GLU A 677 35.03 9.19 100.29
C GLU A 677 35.18 8.06 99.29
N GLU A 678 34.67 8.26 98.06
CA GLU A 678 34.88 7.30 96.98
C GLU A 678 34.24 7.81 95.70
N CYS A 679 34.86 7.50 94.55
CA CYS A 679 34.23 7.72 93.25
C CYS A 679 34.65 6.55 92.36
N ASN A 680 33.85 5.49 92.37
CA ASN A 680 34.11 4.30 91.57
C ASN A 680 32.75 3.70 91.23
N GLU A 681 32.24 4.04 90.05
CA GLU A 681 30.93 3.58 89.64
C GLU A 681 30.85 3.59 88.12
N ALA A 682 30.08 2.66 87.59
CA ALA A 682 29.87 2.55 86.16
C ALA A 682 28.72 3.49 85.76
N CYS A 683 28.23 3.34 84.54
CA CYS A 683 27.20 4.22 84.00
C CYS A 683 25.80 3.76 84.44
N LEU A 684 24.87 4.70 84.43
CA LEU A 684 23.49 4.42 84.82
C LEU A 684 22.44 5.05 83.92
N GLU A 685 22.84 5.84 82.91
CA GLU A 685 21.92 6.43 81.94
C GLU A 685 20.61 6.90 82.58
N GLY A 686 20.72 7.49 83.77
CA GLY A 686 19.58 8.03 84.47
C GLY A 686 19.35 9.49 84.18
N CYS A 687 18.48 10.09 84.99
CA CYS A 687 18.26 11.53 84.92
C CYS A 687 19.50 12.27 85.42
N PHE A 688 19.89 13.33 84.72
CA PHE A 688 21.08 14.07 85.06
C PHE A 688 20.82 15.55 84.81
N CYS A 689 21.87 16.36 84.89
CA CYS A 689 21.82 17.80 84.75
C CYS A 689 22.94 18.24 83.82
N PRO A 690 22.82 19.43 83.23
CA PRO A 690 23.90 19.94 82.42
C PRO A 690 25.16 20.10 83.25
N PRO A 691 26.34 19.95 82.63
CA PRO A 691 27.58 19.88 83.43
C PRO A 691 27.97 21.22 84.04
N GLY A 692 27.03 21.88 84.71
CA GLY A 692 27.31 23.10 85.44
C GLY A 692 26.46 23.21 86.67
N LEU A 693 25.89 22.10 87.11
CA LEU A 693 24.88 22.09 88.16
C LEU A 693 25.10 20.95 89.12
N TYR A 694 24.60 21.11 90.34
CA TYR A 694 24.56 20.06 91.35
C TYR A 694 23.13 19.90 91.84
N MET A 695 22.84 18.72 92.38
CA MET A 695 21.49 18.44 92.85
C MET A 695 21.15 19.32 94.03
N ASP A 696 19.95 19.87 94.02
CA ASP A 696 19.44 20.65 95.14
C ASP A 696 18.77 19.72 96.15
N GLU A 697 18.83 20.12 97.41
CA GLU A 697 18.30 19.26 98.47
C GLU A 697 16.81 19.01 98.28
N ARG A 698 16.04 20.05 97.97
CA ARG A 698 14.59 19.89 97.86
C ARG A 698 14.20 19.10 96.62
N GLY A 699 15.10 18.96 95.65
CA GLY A 699 14.82 18.20 94.45
C GLY A 699 15.15 18.93 93.17
N ASP A 700 15.60 20.18 93.28
CA ASP A 700 15.95 20.98 92.11
C ASP A 700 17.39 20.71 91.71
N CYS A 701 17.80 21.35 90.61
CA CYS A 701 19.18 21.24 90.14
C CYS A 701 19.76 22.56 89.67
N VAL A 702 19.09 23.68 89.90
CA VAL A 702 19.57 24.98 89.46
C VAL A 702 20.84 25.40 90.20
N PRO A 703 21.10 24.97 91.46
CA PRO A 703 22.28 25.48 92.16
C PRO A 703 23.58 25.29 91.40
N LYS A 704 24.20 26.41 91.01
CA LYS A 704 25.57 26.36 90.52
C LYS A 704 26.55 26.30 91.69
N ALA A 705 26.46 27.26 92.59
CA ALA A 705 27.23 27.27 93.83
C ALA A 705 26.33 27.71 94.97
N GLN A 706 25.12 27.16 95.02
CA GLN A 706 24.05 27.71 95.84
C GLN A 706 23.51 26.74 96.88
N CYS A 707 23.86 25.46 96.82
CA CYS A 707 23.32 24.50 97.77
C CYS A 707 24.09 24.56 99.08
N PRO A 708 23.48 24.12 100.19
CA PRO A 708 24.10 24.32 101.50
C PRO A 708 25.37 23.51 101.72
N CYS A 709 25.93 23.63 102.92
CA CYS A 709 27.09 22.85 103.34
C CYS A 709 26.63 21.81 104.35
N TYR A 710 27.03 20.56 104.14
CA TYR A 710 26.59 19.44 104.98
C TYR A 710 27.82 18.81 105.62
N TYR A 711 28.17 19.28 106.82
CA TYR A 711 29.29 18.72 107.57
C TYR A 711 28.80 17.85 108.72
N ASP A 712 27.96 18.41 109.58
CA ASP A 712 27.35 17.67 110.68
C ASP A 712 25.85 17.85 110.74
N GLY A 713 25.31 18.90 110.11
CA GLY A 713 23.88 19.13 110.05
C GLY A 713 23.47 19.65 108.69
N GLU A 714 22.25 20.14 108.58
CA GLU A 714 21.70 20.65 107.32
C GLU A 714 21.77 22.16 107.23
N ILE A 715 22.82 22.76 107.78
CA ILE A 715 22.91 24.21 107.82
C ILE A 715 22.91 24.77 106.39
N PHE A 716 22.65 26.08 106.30
CA PHE A 716 22.28 26.73 105.05
C PHE A 716 23.56 27.24 104.37
N GLN A 717 23.43 28.08 103.34
CA GLN A 717 24.50 28.67 102.55
C GLN A 717 25.52 29.36 103.44
N PRO A 718 26.69 29.77 102.89
CA PRO A 718 27.84 30.05 103.77
C PRO A 718 27.65 31.21 104.74
N GLU A 719 26.92 30.96 105.81
CA GLU A 719 26.95 31.82 106.99
C GLU A 719 28.17 31.41 107.82
N ASP A 720 28.28 31.92 109.04
CA ASP A 720 29.39 31.61 109.92
C ASP A 720 28.87 31.22 111.30
N ILE A 721 29.64 30.37 111.97
CA ILE A 721 29.29 29.88 113.31
C ILE A 721 30.51 30.02 114.21
N PHE A 722 30.27 29.98 115.51
CA PHE A 722 31.31 30.14 116.51
C PHE A 722 31.04 29.20 117.67
N SER A 723 32.10 28.56 118.18
CA SER A 723 31.96 27.61 119.28
C SER A 723 32.92 27.95 120.41
N ASP A 724 33.02 27.06 121.40
CA ASP A 724 33.89 27.30 122.55
C ASP A 724 35.35 27.12 122.15
N HIS A 725 35.73 25.92 121.73
CA HIS A 725 37.11 25.61 121.35
C HIS A 725 37.30 25.55 119.84
N HIS A 726 36.32 25.05 119.10
CA HIS A 726 36.42 25.00 117.65
C HIS A 726 36.24 26.39 117.05
N THR A 727 36.77 26.54 115.84
CA THR A 727 36.74 27.80 115.10
C THR A 727 36.12 27.59 113.72
N MET A 728 34.97 26.95 113.69
CA MET A 728 34.30 26.59 112.44
C MET A 728 34.05 27.86 111.64
N CYS A 729 34.78 28.00 110.53
CA CYS A 729 34.69 29.19 109.69
C CYS A 729 33.77 28.93 108.50
N TYR A 730 33.30 30.01 107.87
CA TYR A 730 32.18 29.96 106.94
C TYR A 730 32.30 28.83 105.92
N CYS A 731 31.16 28.24 105.57
CA CYS A 731 31.12 27.03 104.73
C CYS A 731 30.60 27.37 103.33
N GLU A 732 31.49 27.87 102.50
CA GLU A 732 31.23 27.98 101.07
C GLU A 732 31.47 26.62 100.40
N ASP A 733 31.23 26.56 99.09
CA ASP A 733 31.31 25.32 98.35
C ASP A 733 32.71 24.70 98.43
N GLY A 734 32.80 23.47 97.92
CA GLY A 734 34.04 22.72 97.92
C GLY A 734 34.23 21.88 99.17
N PHE A 735 34.59 22.53 100.26
CA PHE A 735 34.67 21.91 101.58
C PHE A 735 34.09 22.92 102.56
N MET A 736 34.08 22.61 103.85
CA MET A 736 33.49 23.57 104.77
C MET A 736 34.38 24.80 104.88
N HIS A 737 35.47 24.71 105.65
CA HIS A 737 36.67 25.56 105.64
C HIS A 737 37.60 25.22 106.80
N CYS A 738 38.58 26.11 107.01
CA CYS A 738 39.57 25.99 108.07
C CYS A 738 39.01 25.33 109.32
N THR A 739 39.74 24.34 109.81
CA THR A 739 39.41 23.63 111.05
C THR A 739 38.02 23.03 110.96
N ARG A 768 -7.20 -28.28 125.11
CA ARG A 768 -7.12 -29.73 125.23
C ARG A 768 -5.72 -30.15 125.71
N PRO A 769 -5.62 -30.60 126.97
CA PRO A 769 -4.33 -31.06 127.48
C PRO A 769 -3.69 -32.06 126.54
N PRO A 770 -2.35 -32.21 126.57
CA PRO A 770 -1.41 -31.51 127.46
C PRO A 770 -0.92 -30.20 126.84
N MET A 771 -1.81 -29.53 126.13
CA MET A 771 -1.44 -28.33 125.40
C MET A 771 -0.98 -27.25 126.37
N VAL A 772 0.03 -26.48 125.96
CA VAL A 772 0.65 -25.47 126.80
C VAL A 772 0.48 -24.11 126.15
N LYS A 773 0.22 -23.10 126.98
CA LYS A 773 0.06 -21.73 126.51
C LYS A 773 1.19 -20.85 127.02
N LEU A 774 1.32 -19.67 126.42
CA LEU A 774 2.35 -18.71 126.82
C LEU A 774 1.85 -17.31 126.54
N VAL A 775 2.35 -16.36 127.33
CA VAL A 775 2.02 -14.95 127.19
C VAL A 775 3.23 -14.21 126.62
N CYS A 776 3.00 -12.95 126.24
CA CYS A 776 4.05 -12.13 125.67
C CYS A 776 4.48 -11.06 126.67
N PRO A 777 5.74 -11.06 127.13
CA PRO A 777 6.16 -9.98 128.04
C PRO A 777 6.06 -8.61 127.41
N ALA A 778 6.22 -8.50 126.10
CA ALA A 778 6.05 -7.25 125.35
C ALA A 778 7.09 -6.22 125.79
N ASP A 779 8.35 -6.63 125.78
CA ASP A 779 9.46 -5.72 126.02
C ASP A 779 10.01 -5.19 124.69
N ASN A 780 10.43 -6.09 123.80
CA ASN A 780 10.77 -5.71 122.44
C ASN A 780 10.14 -6.67 121.43
N LEU A 781 9.23 -7.54 121.86
CA LEU A 781 8.51 -8.45 120.97
C LEU A 781 9.47 -9.37 120.20
N ARG A 782 10.24 -10.13 120.97
CA ARG A 782 11.12 -11.14 120.42
C ARG A 782 10.67 -12.57 120.73
N ALA A 783 9.74 -12.74 121.67
CA ALA A 783 9.26 -14.07 122.00
C ALA A 783 8.49 -14.67 120.83
N GLU A 784 8.60 -15.99 120.66
CA GLU A 784 7.94 -16.69 119.58
C GLU A 784 6.53 -17.05 120.02
N GLY A 785 5.55 -16.33 119.49
CA GLY A 785 4.15 -16.56 119.82
C GLY A 785 3.52 -17.58 118.89
N LEU A 786 2.18 -17.53 118.83
CA LEU A 786 1.45 -18.45 117.97
C LEU A 786 1.80 -18.25 116.50
N GLU A 787 2.35 -17.10 116.13
CA GLU A 787 2.74 -16.85 114.74
C GLU A 787 3.86 -17.76 114.27
N CYS A 788 4.56 -18.44 115.19
CA CYS A 788 5.69 -19.30 114.86
C CYS A 788 5.40 -20.69 115.40
N THR A 789 4.72 -21.51 114.59
CA THR A 789 4.44 -22.90 114.92
C THR A 789 5.49 -23.76 114.21
N LYS A 790 6.43 -24.31 114.98
CA LYS A 790 7.59 -24.99 114.41
C LYS A 790 7.17 -26.39 113.98
N THR A 791 6.59 -26.47 112.78
CA THR A 791 6.27 -27.76 112.21
C THR A 791 7.55 -28.51 111.83
N CYS A 792 7.43 -29.84 111.75
CA CYS A 792 8.59 -30.65 111.38
C CYS A 792 9.20 -30.19 110.07
N GLN A 793 8.37 -29.85 109.09
CA GLN A 793 8.84 -29.37 107.81
C GLN A 793 9.45 -27.98 107.87
N ASN A 794 9.28 -27.26 108.99
CA ASN A 794 9.78 -25.91 109.13
C ASN A 794 10.85 -25.79 110.21
N TYR A 795 11.25 -26.90 110.83
CA TYR A 795 12.18 -26.83 111.95
C TYR A 795 13.51 -26.22 111.53
N ASP A 796 14.09 -26.72 110.44
CA ASP A 796 15.38 -26.21 109.99
C ASP A 796 15.26 -24.79 109.46
N LEU A 797 14.16 -24.46 108.79
CA LEU A 797 13.99 -23.14 108.23
C LEU A 797 13.89 -22.10 109.34
N GLU A 798 14.52 -20.95 109.12
CA GLU A 798 14.42 -19.86 110.08
C GLU A 798 12.98 -19.36 110.15
N CYS A 799 12.57 -18.95 111.35
CA CYS A 799 11.22 -18.47 111.61
C CYS A 799 11.28 -16.98 111.93
N MET A 800 10.51 -16.18 111.18
CA MET A 800 10.45 -14.75 111.40
C MET A 800 9.31 -14.43 112.37
N SER A 801 9.53 -13.43 113.20
CA SER A 801 8.58 -13.03 114.24
C SER A 801 8.22 -11.57 114.05
N MET A 802 7.06 -11.31 113.44
CA MET A 802 6.57 -9.94 113.34
C MET A 802 6.26 -9.35 114.71
N GLY A 803 6.05 -10.19 115.72
CA GLY A 803 5.73 -9.73 117.05
C GLY A 803 5.01 -10.80 117.84
N CYS A 804 5.37 -10.96 119.11
CA CYS A 804 4.77 -12.02 119.92
C CYS A 804 3.27 -11.79 120.05
N VAL A 805 2.52 -12.89 119.93
CA VAL A 805 1.08 -12.88 120.10
C VAL A 805 0.74 -13.94 121.14
N SER A 806 0.02 -13.53 122.19
CA SER A 806 -0.37 -14.47 123.24
C SER A 806 -1.11 -15.65 122.63
N GLY A 807 -0.52 -16.83 122.74
CA GLY A 807 -1.09 -18.02 122.16
C GLY A 807 -0.63 -19.27 122.86
N CYS A 808 -0.57 -20.36 122.11
CA CYS A 808 -0.22 -21.66 122.67
C CYS A 808 0.73 -22.38 121.74
N LEU A 809 1.57 -23.24 122.30
CA LEU A 809 2.50 -24.05 121.54
C LEU A 809 2.86 -25.28 122.35
N CYS A 810 3.21 -26.36 121.65
CA CYS A 810 3.66 -27.58 122.31
C CYS A 810 5.04 -27.37 122.91
N PRO A 811 5.45 -28.23 123.83
CA PRO A 811 6.73 -28.03 124.53
C PRO A 811 7.88 -27.87 123.55
N PRO A 812 8.98 -27.23 123.97
CA PRO A 812 10.09 -27.01 123.03
C PRO A 812 10.64 -28.29 122.42
N GLY A 813 10.66 -29.38 123.18
CA GLY A 813 11.10 -30.65 122.65
C GLY A 813 10.07 -31.38 121.83
N MET A 814 8.94 -30.74 121.55
CA MET A 814 7.84 -31.34 120.80
C MET A 814 7.51 -30.44 119.63
N VAL A 815 7.25 -31.04 118.47
CA VAL A 815 7.00 -30.30 117.24
C VAL A 815 5.64 -30.69 116.67
N ARG A 816 5.00 -29.73 116.01
CA ARG A 816 3.66 -29.93 115.48
C ARG A 816 3.68 -30.87 114.28
N HIS A 817 2.57 -31.57 114.08
CA HIS A 817 2.34 -32.41 112.92
C HIS A 817 1.00 -32.03 112.31
N GLU A 818 0.55 -32.81 111.32
CA GLU A 818 -0.69 -32.48 110.63
C GLU A 818 -1.87 -32.45 111.60
N ASN A 819 -1.98 -33.47 112.47
CA ASN A 819 -3.06 -33.51 113.43
C ASN A 819 -2.68 -32.80 114.73
N ARG A 820 -1.63 -33.28 115.39
CA ARG A 820 -1.14 -32.70 116.63
C ARG A 820 0.37 -32.91 116.69
N CYS A 821 1.00 -32.34 117.72
CA CYS A 821 2.46 -32.38 117.78
C CYS A 821 2.95 -33.74 118.21
N VAL A 822 3.99 -34.22 117.53
CA VAL A 822 4.48 -35.58 117.65
C VAL A 822 6.01 -35.53 117.79
N ALA A 823 6.58 -36.66 118.20
CA ALA A 823 8.03 -36.74 118.37
C ALA A 823 8.76 -36.27 117.12
N LEU A 824 9.89 -35.59 117.35
CA LEU A 824 10.64 -35.00 116.24
C LEU A 824 11.13 -36.07 115.28
N GLU A 825 11.61 -37.18 115.81
CA GLU A 825 12.24 -38.21 114.98
C GLU A 825 11.25 -39.03 114.18
N ARG A 826 9.97 -38.64 114.10
CA ARG A 826 8.97 -39.43 113.40
C ARG A 826 8.24 -38.66 112.31
N CYS A 827 8.58 -37.38 112.10
CA CYS A 827 7.82 -36.76 111.00
C CYS A 827 8.30 -37.34 109.67
N PRO A 828 7.39 -37.80 108.80
CA PRO A 828 7.82 -38.45 107.57
C PRO A 828 8.69 -37.55 106.72
N CYS A 829 9.70 -38.15 106.09
CA CYS A 829 10.46 -37.46 105.07
C CYS A 829 9.58 -37.24 103.84
N PHE A 830 9.82 -36.15 103.13
CA PHE A 830 8.98 -35.76 102.00
C PHE A 830 9.80 -35.80 100.71
N HIS A 831 9.46 -36.74 99.84
CA HIS A 831 9.85 -36.67 98.44
C HIS A 831 8.75 -35.95 97.68
N GLN A 832 8.74 -36.06 96.34
CA GLN A 832 7.79 -35.30 95.55
C GLN A 832 6.36 -35.56 96.00
N GLY A 833 5.75 -34.55 96.62
CA GLY A 833 4.33 -34.57 96.97
C GLY A 833 3.78 -35.89 97.46
N LYS A 834 4.45 -36.54 98.42
CA LYS A 834 3.89 -37.74 99.01
C LYS A 834 4.59 -38.04 100.33
N GLU A 835 3.94 -38.88 101.13
CA GLU A 835 4.45 -39.22 102.46
C GLU A 835 5.50 -40.32 102.35
N TYR A 836 6.36 -40.39 103.38
CA TYR A 836 7.35 -41.45 103.48
C TYR A 836 7.75 -41.59 104.93
N ALA A 837 7.39 -42.72 105.55
CA ALA A 837 7.70 -42.93 106.95
C ALA A 837 9.20 -43.13 107.14
N PRO A 838 9.71 -42.86 108.34
CA PRO A 838 11.15 -43.03 108.58
C PRO A 838 11.59 -44.47 108.34
N GLY A 839 12.81 -44.62 107.81
CA GLY A 839 13.37 -45.91 107.52
C GLY A 839 13.03 -46.46 106.15
N GLU A 840 12.04 -45.88 105.47
CA GLU A 840 11.66 -46.34 104.15
C GLU A 840 12.69 -45.92 103.12
N THR A 841 12.89 -46.76 102.12
CA THR A 841 13.87 -46.53 101.07
C THR A 841 13.16 -46.36 99.73
N VAL A 842 13.74 -45.51 98.87
CA VAL A 842 13.23 -45.25 97.54
C VAL A 842 14.39 -45.27 96.56
N LYS A 843 14.17 -45.93 95.42
CA LYS A 843 15.18 -46.03 94.37
C LYS A 843 14.88 -45.00 93.29
N ILE A 844 15.86 -44.17 92.98
CA ILE A 844 15.71 -43.09 92.00
C ILE A 844 16.66 -43.39 90.86
N GLY A 845 16.20 -44.20 89.90
CA GLY A 845 16.94 -44.41 88.67
C GLY A 845 18.17 -45.28 88.82
N CYS A 846 19.10 -44.86 89.68
CA CYS A 846 20.39 -45.53 89.79
C CYS A 846 20.80 -45.88 91.22
N ASN A 847 20.28 -45.20 92.25
CA ASN A 847 20.65 -45.47 93.63
C ASN A 847 19.42 -45.51 94.51
N THR A 848 19.52 -46.25 95.61
CA THR A 848 18.49 -46.33 96.63
C THR A 848 18.87 -45.44 97.80
N CYS A 849 17.91 -44.67 98.30
CA CYS A 849 18.16 -43.71 99.37
C CYS A 849 17.11 -43.83 100.46
N VAL A 850 17.54 -43.64 101.70
CA VAL A 850 16.69 -43.84 102.87
C VAL A 850 16.76 -42.57 103.73
N CYS A 851 15.62 -42.18 104.29
CA CYS A 851 15.53 -40.94 105.05
C CYS A 851 15.63 -41.25 106.54
N ARG A 852 16.63 -40.66 107.19
CA ARG A 852 16.79 -40.71 108.63
C ARG A 852 16.87 -39.28 109.15
N ASP A 853 16.25 -39.03 110.30
CA ASP A 853 16.16 -37.69 110.85
C ASP A 853 15.51 -36.73 109.85
N ARG A 854 14.57 -37.25 109.07
CA ARG A 854 13.84 -36.48 108.07
C ARG A 854 14.73 -36.09 106.89
N LYS A 855 16.01 -36.46 106.93
CA LYS A 855 16.95 -36.10 105.87
C LYS A 855 17.33 -37.34 105.09
N TRP A 856 17.35 -37.22 103.76
CA TRP A 856 17.70 -38.34 102.91
C TRP A 856 19.21 -38.58 102.95
N ASN A 857 19.59 -39.84 103.19
CA ASN A 857 20.98 -40.28 103.16
C ASN A 857 21.07 -41.46 102.19
N CYS A 858 22.14 -41.46 101.39
CA CYS A 858 22.38 -42.57 100.48
C CYS A 858 23.67 -42.33 99.72
N THR A 859 24.21 -43.41 99.16
CA THR A 859 25.48 -43.39 98.46
C THR A 859 25.31 -42.82 97.06
N ASP A 860 26.45 -42.66 96.37
CA ASP A 860 26.49 -42.16 95.01
C ASP A 860 27.18 -43.18 94.11
N HIS A 861 26.71 -43.29 92.87
CA HIS A 861 27.31 -44.18 91.89
C HIS A 861 27.07 -43.55 90.51
N VAL A 862 28.06 -42.84 90.01
CA VAL A 862 27.95 -42.27 88.67
C VAL A 862 27.84 -43.43 87.69
N CYS A 863 26.68 -43.57 87.08
CA CYS A 863 26.40 -44.67 86.16
C CYS A 863 26.22 -44.12 84.75
N ASP A 864 25.92 -45.03 83.83
CA ASP A 864 26.01 -44.71 82.41
C ASP A 864 25.23 -43.45 82.06
N ALA A 865 25.62 -42.84 80.95
CA ALA A 865 25.00 -41.62 80.44
C ALA A 865 24.71 -41.78 78.96
N THR A 866 23.74 -41.02 78.47
CA THR A 866 23.22 -41.18 77.13
C THR A 866 23.20 -39.85 76.39
N CYS A 867 23.60 -39.88 75.12
CA CYS A 867 23.45 -38.76 74.20
C CYS A 867 22.52 -39.20 73.07
N SER A 868 21.50 -38.40 72.81
CA SER A 868 20.48 -38.75 71.83
C SER A 868 20.21 -37.57 70.91
N THR A 869 19.51 -37.85 69.82
CA THR A 869 19.12 -36.84 68.84
C THR A 869 17.59 -36.78 68.83
N ILE A 870 17.05 -35.95 69.71
CA ILE A 870 15.59 -35.79 69.78
C ILE A 870 15.10 -35.19 68.46
N GLY A 871 13.97 -35.70 67.98
CA GLY A 871 13.47 -35.22 66.71
C GLY A 871 14.48 -35.45 65.61
N MET A 872 14.62 -34.43 64.75
CA MET A 872 15.60 -34.51 63.67
C MET A 872 16.41 -33.22 63.54
N ALA A 873 16.23 -32.27 64.45
CA ALA A 873 17.00 -31.03 64.42
C ALA A 873 17.49 -30.61 65.79
N HIS A 874 17.18 -31.35 66.85
CA HIS A 874 17.57 -30.99 68.21
C HIS A 874 18.54 -32.03 68.75
N TYR A 875 19.36 -31.62 69.69
CA TYR A 875 20.34 -32.48 70.32
C TYR A 875 20.26 -32.33 71.83
N LEU A 876 20.60 -33.43 72.51
CA LEU A 876 20.58 -33.51 73.97
C LEU A 876 21.94 -34.02 74.43
N THR A 877 22.67 -33.19 75.16
CA THR A 877 24.03 -33.55 75.57
C THR A 877 24.00 -34.61 76.65
N PHE A 878 25.20 -35.06 77.04
CA PHE A 878 25.30 -36.09 78.06
C PHE A 878 24.84 -35.59 79.42
N ASP A 879 25.04 -34.30 79.70
CA ASP A 879 24.70 -33.73 81.00
C ASP A 879 23.30 -33.11 81.02
N GLY A 880 22.50 -33.36 79.99
CA GLY A 880 21.13 -32.91 79.99
C GLY A 880 20.97 -31.46 79.57
N LEU A 881 21.39 -31.14 78.36
CA LEU A 881 21.16 -29.82 77.77
C LEU A 881 20.60 -30.01 76.37
N LYS A 882 19.47 -29.37 76.10
CA LYS A 882 18.81 -29.46 74.81
C LYS A 882 19.10 -28.21 74.00
N TYR A 883 19.39 -28.38 72.72
CA TYR A 883 19.58 -27.22 71.85
C TYR A 883 19.23 -27.59 70.42
N LEU A 884 19.11 -26.55 69.59
CA LEU A 884 18.69 -26.66 68.20
C LEU A 884 19.86 -26.32 67.29
N PHE A 885 20.08 -27.14 66.26
CA PHE A 885 21.17 -26.91 65.32
C PHE A 885 20.86 -27.63 64.01
N PRO A 886 20.26 -26.94 63.03
CA PRO A 886 20.02 -27.56 61.72
C PRO A 886 21.30 -27.56 60.89
N GLY A 887 21.86 -28.76 60.70
CA GLY A 887 23.06 -28.94 59.90
C GLY A 887 22.75 -29.48 58.52
N GLU A 888 23.78 -29.51 57.68
CA GLU A 888 23.61 -29.97 56.30
C GLU A 888 24.77 -30.81 55.80
N CYS A 889 25.78 -31.12 56.61
CA CYS A 889 26.87 -31.96 56.16
C CYS A 889 27.41 -32.74 57.35
N GLN A 890 28.61 -33.29 57.20
CA GLN A 890 29.19 -34.20 58.19
C GLN A 890 29.66 -33.43 59.40
N TYR A 891 29.39 -33.98 60.58
CA TYR A 891 29.80 -33.39 61.84
C TYR A 891 30.42 -34.48 62.70
N VAL A 892 30.70 -34.16 63.96
CA VAL A 892 31.32 -35.08 64.91
C VAL A 892 30.37 -35.26 66.08
N LEU A 893 29.61 -36.35 66.08
CA LEU A 893 28.67 -36.60 67.18
C LEU A 893 29.40 -36.70 68.51
N VAL A 894 30.41 -37.56 68.58
CA VAL A 894 31.18 -37.73 69.81
C VAL A 894 32.46 -38.49 69.49
N GLN A 895 33.55 -38.15 70.18
CA GLN A 895 34.83 -38.79 69.96
C GLN A 895 35.66 -38.65 71.23
N ASP A 896 36.94 -39.05 71.14
CA ASP A 896 37.86 -38.79 72.23
C ASP A 896 39.24 -38.38 71.73
N TYR A 897 39.38 -37.91 70.49
CA TYR A 897 40.68 -37.47 69.98
C TYR A 897 40.88 -35.98 70.23
N CYS A 898 40.62 -35.54 71.46
CA CYS A 898 40.82 -34.14 71.79
C CYS A 898 41.55 -33.95 73.12
N GLY A 899 41.39 -34.88 74.05
CA GLY A 899 42.08 -34.82 75.31
C GLY A 899 43.56 -35.15 75.17
N SER A 900 44.31 -34.84 76.24
CA SER A 900 45.73 -35.17 76.29
C SER A 900 45.91 -36.64 76.67
N ASN A 901 45.38 -37.50 75.80
CA ASN A 901 45.34 -38.93 76.04
C ASN A 901 45.32 -39.65 74.70
N PRO A 902 45.72 -40.91 74.65
CA PRO A 902 45.60 -41.69 73.41
C PRO A 902 44.15 -42.10 73.18
N GLY A 903 43.50 -41.44 72.23
CA GLY A 903 42.11 -41.72 71.96
C GLY A 903 41.91 -43.07 71.31
N THR A 904 40.66 -43.54 71.35
CA THR A 904 40.32 -44.85 70.81
C THR A 904 39.37 -44.77 69.62
N PHE A 905 38.20 -44.17 69.76
CA PHE A 905 37.12 -44.28 68.79
C PHE A 905 36.70 -42.91 68.28
N ARG A 906 35.67 -42.91 67.42
CA ARG A 906 35.16 -41.69 66.82
C ARG A 906 33.82 -41.98 66.14
N ILE A 907 32.94 -40.98 66.05
CA ILE A 907 31.65 -41.14 65.40
C ILE A 907 31.34 -39.90 64.58
N LEU A 908 30.74 -40.10 63.41
CA LEU A 908 30.29 -39.02 62.54
C LEU A 908 28.84 -39.27 62.14
N VAL A 909 28.04 -38.20 62.14
CA VAL A 909 26.59 -38.33 61.96
C VAL A 909 26.13 -37.51 60.76
N GLY A 910 26.97 -37.38 59.75
CA GLY A 910 26.61 -36.59 58.58
C GLY A 910 25.23 -36.87 58.04
N ASN A 911 24.41 -35.83 57.98
CA ASN A 911 23.04 -35.94 57.50
C ASN A 911 22.89 -35.26 56.14
N LYS A 912 21.88 -35.68 55.40
CA LYS A 912 21.65 -35.21 54.04
C LYS A 912 20.33 -34.46 53.96
N GLY A 913 20.37 -33.26 53.37
CA GLY A 913 19.16 -32.54 53.05
C GLY A 913 18.27 -32.20 54.22
N CYS A 914 18.84 -31.64 55.28
CA CYS A 914 18.05 -31.24 56.45
C CYS A 914 18.29 -29.79 56.83
N SER A 915 18.63 -28.94 55.85
CA SER A 915 18.56 -27.50 56.10
C SER A 915 17.15 -27.09 56.49
N HIS A 916 16.15 -27.89 56.13
CA HIS A 916 14.78 -27.79 56.55
C HIS A 916 14.34 -29.14 57.07
N PRO A 917 13.38 -29.20 58.00
CA PRO A 917 12.98 -30.50 58.56
C PRO A 917 12.09 -31.33 57.65
N SER A 918 12.06 -31.00 56.36
CA SER A 918 11.17 -31.68 55.42
C SER A 918 11.34 -33.20 55.49
N VAL A 919 10.35 -33.93 54.96
CA VAL A 919 10.33 -35.38 55.10
C VAL A 919 11.46 -36.06 54.36
N LYS A 920 12.12 -35.38 53.42
CA LYS A 920 13.06 -36.03 52.53
C LYS A 920 14.39 -36.40 53.20
N CYS A 921 14.64 -35.98 54.43
CA CYS A 921 15.90 -36.33 55.07
C CYS A 921 16.14 -37.84 55.14
N LYS A 922 17.40 -38.20 54.98
CA LYS A 922 17.94 -39.49 55.35
C LYS A 922 19.28 -39.24 56.02
N LYS A 923 19.52 -39.92 57.15
CA LYS A 923 20.71 -39.69 57.96
C LYS A 923 21.66 -40.86 57.83
N ARG A 924 22.95 -40.55 57.77
N ARG A 924 22.95 -40.55 57.80
CA ARG A 924 24.00 -41.54 57.62
CA ARG A 924 24.00 -41.54 57.62
C ARG A 924 24.95 -41.44 58.81
C ARG A 924 24.98 -41.44 58.77
N VAL A 925 25.32 -42.58 59.37
CA VAL A 925 26.20 -42.64 60.53
C VAL A 925 27.38 -43.55 60.20
N THR A 926 28.58 -43.08 60.53
CA THR A 926 29.81 -43.85 60.34
C THR A 926 30.51 -43.96 61.68
N ILE A 927 30.91 -45.17 62.05
CA ILE A 927 31.60 -45.42 63.31
C ILE A 927 33.02 -45.86 62.99
N LEU A 928 33.99 -45.36 63.76
CA LEU A 928 35.40 -45.69 63.60
C LEU A 928 35.95 -46.04 64.98
N VAL A 929 35.88 -47.32 65.34
CA VAL A 929 36.36 -47.75 66.65
C VAL A 929 37.87 -47.86 66.66
N GLU A 930 38.41 -48.85 65.95
CA GLU A 930 39.85 -48.98 65.77
C GLU A 930 40.24 -48.83 64.31
N GLY A 931 39.63 -49.59 63.40
CA GLY A 931 39.94 -49.46 61.99
C GLY A 931 38.78 -49.83 61.08
N GLY A 932 37.56 -49.87 61.62
CA GLY A 932 36.42 -50.36 60.86
C GLY A 932 35.34 -49.31 60.71
N GLU A 933 34.61 -49.43 59.61
CA GLU A 933 33.45 -48.59 59.31
C GLU A 933 32.18 -49.43 59.41
N ILE A 934 31.09 -48.79 59.83
CA ILE A 934 29.83 -49.50 60.01
C ILE A 934 28.79 -48.96 59.03
N GLU A 935 28.90 -47.68 58.70
CA GLU A 935 28.07 -47.06 57.65
C GLU A 935 26.60 -47.45 57.82
N LEU A 936 26.04 -47.01 58.95
CA LEU A 936 24.61 -47.21 59.20
C LEU A 936 23.79 -46.35 58.26
N PHE A 937 23.30 -46.93 57.17
CA PHE A 937 22.50 -46.19 56.20
C PHE A 937 21.30 -47.02 55.78
N ASP A 938 20.12 -46.41 55.83
CA ASP A 938 18.90 -47.02 55.33
C ASP A 938 18.56 -48.29 56.09
N GLY A 939 18.83 -49.46 55.49
CA GLY A 939 18.35 -50.71 56.04
C GLY A 939 19.14 -51.25 57.20
N GLU A 940 20.39 -51.63 56.96
CA GLU A 940 21.16 -52.39 57.95
C GLU A 940 22.61 -51.91 57.91
N VAL A 941 23.50 -52.69 58.52
CA VAL A 941 24.86 -52.27 58.78
C VAL A 941 25.77 -52.77 57.66
N ASN A 942 26.98 -52.21 57.62
CA ASN A 942 28.05 -52.69 56.76
C ASN A 942 29.29 -52.92 57.62
N VAL A 943 30.20 -53.74 57.10
CA VAL A 943 31.44 -54.06 57.80
C VAL A 943 32.60 -53.69 56.88
N LYS A 944 32.43 -52.60 56.12
CA LYS A 944 33.30 -52.27 54.99
C LYS A 944 34.77 -52.52 55.28
N ARG A 945 35.18 -52.39 56.55
CA ARG A 945 36.53 -52.77 56.93
C ARG A 945 36.45 -53.71 58.14
N PRO A 946 36.73 -55.00 57.96
CA PRO A 946 36.55 -55.95 59.06
C PRO A 946 37.31 -55.53 60.30
N MET A 947 36.72 -55.83 61.46
CA MET A 947 37.33 -55.49 62.73
C MET A 947 38.31 -56.59 63.15
N LYS A 948 39.50 -56.18 63.58
CA LYS A 948 40.50 -57.13 64.02
C LYS A 948 40.26 -57.65 65.43
N ASP A 949 39.29 -57.09 66.15
CA ASP A 949 38.93 -57.51 67.50
C ASP A 949 37.43 -57.80 67.58
N GLU A 950 36.94 -58.60 66.63
CA GLU A 950 35.52 -58.89 66.54
C GLU A 950 34.97 -59.63 67.75
N THR A 951 35.80 -59.94 68.76
CA THR A 951 35.30 -60.59 69.96
C THR A 951 34.22 -59.76 70.65
N HIS A 952 34.17 -58.45 70.39
CA HIS A 952 33.19 -57.56 70.97
C HIS A 952 32.44 -56.82 69.88
N PHE A 953 32.01 -57.56 68.85
CA PHE A 953 31.26 -57.02 67.73
C PHE A 953 29.91 -57.72 67.69
N GLU A 954 28.94 -57.17 68.42
CA GLU A 954 27.63 -57.77 68.57
C GLU A 954 26.56 -56.84 68.00
N VAL A 955 25.73 -57.40 67.12
CA VAL A 955 24.63 -56.68 66.50
C VAL A 955 23.34 -57.44 66.80
N VAL A 956 22.33 -56.74 67.30
CA VAL A 956 21.07 -57.34 67.68
C VAL A 956 19.95 -56.57 67.02
N GLU A 957 18.96 -57.29 66.49
CA GLU A 957 17.77 -56.69 65.88
C GLU A 957 16.58 -57.07 66.75
N SER A 958 16.04 -56.11 67.50
CA SER A 958 14.96 -56.37 68.44
C SER A 958 13.86 -55.34 68.25
N GLY A 959 12.63 -55.81 68.10
CA GLY A 959 11.54 -54.90 67.83
C GLY A 959 11.81 -54.11 66.58
N ARG A 960 11.64 -52.79 66.67
CA ARG A 960 11.97 -51.87 65.60
C ARG A 960 13.29 -51.16 65.83
N TYR A 961 14.24 -51.82 66.51
CA TYR A 961 15.49 -51.20 66.89
C TYR A 961 16.66 -52.13 66.59
N ILE A 962 17.82 -51.51 66.40
CA ILE A 962 19.08 -52.21 66.18
C ILE A 962 20.05 -51.75 67.25
N ILE A 963 20.66 -52.70 67.95
CA ILE A 963 21.56 -52.42 69.06
C ILE A 963 22.94 -52.95 68.71
N LEU A 964 23.95 -52.10 68.85
CA LEU A 964 25.34 -52.44 68.56
C LEU A 964 26.14 -52.33 69.86
N LEU A 965 26.80 -53.42 70.24
CA LEU A 965 27.72 -53.42 71.36
C LEU A 965 29.13 -53.42 70.82
N LEU A 966 29.88 -52.36 71.12
CA LEU A 966 31.19 -52.12 70.50
C LEU A 966 32.31 -52.15 71.52
N GLY A 967 32.10 -52.79 72.66
CA GLY A 967 33.14 -52.92 73.66
C GLY A 967 32.54 -53.01 75.05
N LYS A 968 33.42 -52.78 76.04
CA LYS A 968 33.01 -52.92 77.43
C LYS A 968 31.92 -51.92 77.79
N ALA A 969 32.07 -50.67 77.36
CA ALA A 969 31.18 -49.59 77.77
C ALA A 969 30.38 -48.99 76.61
N LEU A 970 31.04 -48.62 75.52
CA LEU A 970 30.35 -47.97 74.41
C LEU A 970 29.22 -48.84 73.90
N SER A 971 28.05 -48.23 73.70
CA SER A 971 26.90 -48.92 73.12
C SER A 971 26.12 -47.96 72.27
N VAL A 972 25.48 -48.49 71.22
CA VAL A 972 24.74 -47.66 70.27
C VAL A 972 23.37 -48.27 70.03
N VAL A 973 22.35 -47.42 69.93
CA VAL A 973 20.98 -47.84 69.67
C VAL A 973 20.45 -47.01 68.51
N TRP A 974 19.79 -47.67 67.56
CA TRP A 974 19.29 -47.01 66.36
C TRP A 974 17.86 -47.44 66.10
N ASP A 975 17.02 -46.48 65.72
CA ASP A 975 15.63 -46.73 65.39
C ASP A 975 15.44 -47.04 63.91
N ARG A 976 16.51 -47.08 63.13
CA ARG A 976 16.54 -47.38 61.71
C ARG A 976 16.02 -46.25 60.84
N HIS A 977 15.43 -45.19 61.41
CA HIS A 977 14.90 -44.10 60.60
C HIS A 977 15.59 -42.77 60.89
N LEU A 978 15.47 -42.24 62.11
CA LEU A 978 15.98 -40.89 62.35
C LEU A 978 16.55 -40.65 63.74
N SER A 979 16.61 -41.64 64.63
CA SER A 979 17.02 -41.41 66.00
C SER A 979 18.19 -42.30 66.36
N ILE A 980 19.20 -41.71 66.97
CA ILE A 980 20.43 -42.40 67.36
C ILE A 980 20.71 -42.09 68.83
N SER A 981 21.11 -43.12 69.58
CA SER A 981 21.46 -42.96 70.97
C SER A 981 22.80 -43.63 71.23
N VAL A 982 23.63 -42.95 72.02
CA VAL A 982 24.94 -43.47 72.40
C VAL A 982 24.99 -43.53 73.91
N VAL A 983 25.36 -44.69 74.45
CA VAL A 983 25.40 -44.93 75.89
C VAL A 983 26.82 -45.26 76.29
N LEU A 984 27.33 -44.56 77.31
CA LEU A 984 28.68 -44.76 77.82
C LEU A 984 28.62 -45.06 79.31
N LYS A 985 29.56 -45.88 79.78
CA LYS A 985 29.66 -46.17 81.19
C LYS A 985 30.56 -45.13 81.88
N GLN A 986 30.76 -45.31 83.18
CA GLN A 986 31.45 -44.30 83.97
C GLN A 986 32.93 -44.16 83.63
N THR A 987 33.49 -45.09 82.86
CA THR A 987 34.91 -45.03 82.57
C THR A 987 35.27 -43.75 81.81
N TYR A 988 34.46 -43.36 80.83
CA TYR A 988 34.74 -42.19 80.01
C TYR A 988 34.25 -40.91 80.69
N GLN A 989 34.95 -40.53 81.75
CA GLN A 989 34.66 -39.28 82.46
C GLN A 989 35.60 -38.20 81.96
N GLU A 990 35.04 -37.08 81.51
CA GLU A 990 35.76 -35.96 80.93
C GLU A 990 36.80 -36.38 79.90
N LYS A 991 36.62 -37.53 79.26
CA LYS A 991 37.52 -37.99 78.20
C LYS A 991 36.87 -37.99 76.84
N VAL A 992 35.82 -37.19 76.65
CA VAL A 992 35.08 -37.13 75.40
C VAL A 992 34.86 -35.67 75.04
N CYS A 993 34.41 -35.45 73.81
CA CYS A 993 34.08 -34.11 73.33
C CYS A 993 33.31 -34.26 72.03
N GLY A 994 32.91 -33.14 71.46
CA GLY A 994 32.05 -33.12 70.28
C GLY A 994 30.68 -32.56 70.62
N LEU A 995 29.71 -32.97 69.82
CA LEU A 995 28.34 -32.45 69.96
C LEU A 995 27.61 -33.03 71.15
N CYS A 996 28.22 -33.83 72.03
CA CYS A 996 27.53 -34.36 73.20
C CYS A 996 28.16 -33.91 74.51
N GLY A 997 28.97 -32.87 74.50
CA GLY A 997 29.56 -32.36 75.71
C GLY A 997 30.71 -33.21 76.20
N ASN A 998 31.29 -32.81 77.33
CA ASN A 998 32.45 -33.46 77.89
C ASN A 998 32.11 -34.48 78.97
N PHE A 999 30.82 -34.60 79.33
CA PHE A 999 30.37 -35.61 80.28
C PHE A 999 31.16 -35.53 81.59
N ASP A 1000 30.98 -34.39 82.27
CA ASP A 1000 31.59 -34.24 83.59
C ASP A 1000 30.60 -33.74 84.64
N GLY A 1001 29.30 -33.78 84.36
CA GLY A 1001 28.29 -33.43 85.34
C GLY A 1001 27.97 -31.97 85.45
N ILE A 1002 28.62 -31.11 84.66
CA ILE A 1002 28.38 -29.67 84.69
C ILE A 1002 27.71 -29.28 83.37
N GLN A 1003 26.48 -28.76 83.47
CA GLN A 1003 25.77 -28.35 82.27
C GLN A 1003 26.29 -27.04 81.70
N ASN A 1004 26.83 -26.17 82.56
CA ASN A 1004 27.18 -24.83 82.12
C ASN A 1004 28.28 -24.86 81.06
N ASN A 1005 29.31 -25.67 81.27
CA ASN A 1005 30.50 -25.65 80.40
C ASN A 1005 30.42 -26.67 79.28
N ASP A 1006 29.32 -27.39 79.15
CA ASP A 1006 29.20 -28.40 78.09
C ASP A 1006 28.67 -27.77 76.80
N LEU A 1007 29.30 -26.68 76.37
CA LEU A 1007 29.01 -26.08 75.08
C LEU A 1007 30.27 -25.51 74.45
N THR A 1008 31.44 -26.02 74.85
CA THR A 1008 32.71 -25.49 74.38
C THR A 1008 32.92 -25.83 72.91
N SER A 1009 33.45 -24.86 72.16
CA SER A 1009 33.75 -25.09 70.76
C SER A 1009 34.98 -25.98 70.62
N SER A 1010 35.37 -26.22 69.37
CA SER A 1010 36.52 -27.06 69.09
C SER A 1010 37.85 -26.38 69.43
N ASN A 1011 37.84 -25.06 69.65
CA ASN A 1011 39.04 -24.32 69.99
C ASN A 1011 39.05 -23.86 71.45
N LEU A 1012 38.48 -24.68 72.34
CA LEU A 1012 38.57 -24.47 73.78
C LEU A 1012 37.93 -23.16 74.22
N GLN A 1013 36.91 -22.69 73.51
CA GLN A 1013 36.21 -21.46 73.84
C GLN A 1013 34.74 -21.78 74.07
N VAL A 1014 34.19 -21.24 75.16
CA VAL A 1014 32.78 -21.42 75.47
C VAL A 1014 31.95 -20.47 74.63
N GLU A 1015 30.95 -21.00 73.95
CA GLU A 1015 30.09 -20.21 73.07
C GLU A 1015 28.85 -19.76 73.84
N GLU A 1016 28.00 -19.00 73.15
CA GLU A 1016 26.76 -18.50 73.72
C GLU A 1016 25.52 -18.92 72.96
N ASP A 1017 25.61 -19.09 71.65
CA ASP A 1017 24.50 -19.57 70.84
C ASP A 1017 24.87 -20.90 70.19
N PRO A 1018 23.91 -21.80 70.03
CA PRO A 1018 24.25 -23.16 69.57
C PRO A 1018 24.83 -23.20 68.17
N VAL A 1019 24.40 -22.32 67.26
CA VAL A 1019 24.82 -22.45 65.87
C VAL A 1019 26.32 -22.27 65.71
N ASP A 1020 26.88 -21.24 66.34
CA ASP A 1020 28.32 -21.01 66.23
C ASP A 1020 29.11 -22.12 66.91
N PHE A 1021 28.61 -22.63 68.04
CA PHE A 1021 29.25 -23.77 68.67
C PHE A 1021 29.29 -24.98 67.74
N GLY A 1022 28.16 -25.25 67.08
CA GLY A 1022 28.10 -26.39 66.17
C GLY A 1022 28.96 -26.25 64.94
N ASN A 1023 29.05 -25.04 64.37
CA ASN A 1023 29.85 -24.87 63.17
C ASN A 1023 31.31 -25.19 63.39
N SER A 1024 31.78 -25.20 64.64
CA SER A 1024 33.19 -25.46 64.92
C SER A 1024 33.55 -26.94 64.84
N TRP A 1025 32.58 -27.84 64.94
CA TRP A 1025 32.82 -29.27 64.86
C TRP A 1025 32.65 -29.82 63.45
N LYS A 1026 32.44 -28.97 62.47
CA LYS A 1026 32.28 -29.41 61.10
C LYS A 1026 33.54 -30.11 60.61
N VAL A 1027 33.36 -31.11 59.74
CA VAL A 1027 34.50 -31.89 59.26
C VAL A 1027 35.14 -31.22 58.06
N SER A 1028 34.41 -31.09 56.96
CA SER A 1028 34.91 -30.44 55.76
C SER A 1028 34.64 -28.94 55.82
N SER A 1029 35.56 -28.16 55.28
CA SER A 1029 35.49 -26.70 55.39
C SER A 1029 34.78 -26.06 54.20
N GLN A 1030 33.85 -26.77 53.56
CA GLN A 1030 33.17 -26.29 52.38
C GLN A 1030 31.68 -26.63 52.44
N CYS A 1031 31.05 -26.40 53.59
CA CYS A 1031 29.69 -26.88 53.83
C CYS A 1031 28.63 -25.80 53.74
N ALA A 1032 28.99 -24.54 53.53
CA ALA A 1032 27.98 -23.48 53.58
C ALA A 1032 27.36 -23.42 54.97
N ASP A 1033 28.16 -23.04 55.98
CA ASP A 1033 27.70 -22.97 57.36
C ASP A 1033 26.29 -22.42 57.48
N THR A 1034 25.42 -23.12 58.21
CA THR A 1034 24.08 -22.62 58.46
C THR A 1034 24.15 -21.27 59.15
N ARG A 1035 23.38 -20.31 58.66
CA ARG A 1035 23.59 -18.94 59.10
C ARG A 1035 22.92 -18.65 60.44
N LYS A 1036 21.58 -18.55 60.45
CA LYS A 1036 20.78 -18.26 61.64
C LYS A 1036 19.30 -18.33 61.29
N VAL A 1037 18.46 -18.42 62.32
CA VAL A 1037 17.02 -18.24 62.16
C VAL A 1037 16.60 -17.04 63.01
N PRO A 1038 16.38 -15.87 62.42
CA PRO A 1038 16.14 -14.68 63.26
C PRO A 1038 14.83 -14.72 64.02
N LEU A 1039 13.77 -15.25 63.41
CA LEU A 1039 12.44 -15.15 64.01
C LEU A 1039 12.34 -16.03 65.25
N ASP A 1040 11.23 -15.87 65.95
CA ASP A 1040 10.98 -16.54 67.22
C ASP A 1040 10.27 -17.88 66.96
N SER A 1041 9.70 -18.47 68.01
CA SER A 1041 8.97 -19.71 67.86
C SER A 1041 7.85 -19.54 66.83
N SER A 1042 7.22 -20.66 66.47
CA SER A 1042 6.29 -20.66 65.36
C SER A 1042 7.05 -20.26 64.10
N PRO A 1043 7.93 -21.13 63.59
CA PRO A 1043 8.74 -20.78 62.42
C PRO A 1043 7.91 -20.22 61.27
N ALA A 1044 8.59 -19.64 60.28
CA ALA A 1044 7.90 -19.03 59.15
C ALA A 1044 6.75 -19.89 58.65
N THR A 1045 6.92 -21.21 58.68
CA THR A 1045 5.83 -22.10 58.28
C THR A 1045 4.63 -21.96 59.20
N CYS A 1046 4.85 -21.83 60.51
CA CYS A 1046 3.76 -21.50 61.41
C CYS A 1046 3.41 -20.01 61.27
N HIS A 1047 2.26 -19.65 61.83
CA HIS A 1047 1.89 -18.25 62.07
C HIS A 1047 1.61 -17.46 60.80
N ASN A 1048 1.82 -18.07 59.63
CA ASN A 1048 1.46 -17.40 58.39
C ASN A 1048 -0.01 -17.52 58.06
N ASN A 1049 -0.72 -18.43 58.72
CA ASN A 1049 -2.16 -18.59 58.60
C ASN A 1049 -2.87 -18.56 59.94
N ILE A 1050 -2.24 -19.08 60.99
CA ILE A 1050 -2.83 -19.19 62.33
C ILE A 1050 -4.19 -19.88 62.24
N MET A 1051 -4.41 -20.65 61.19
CA MET A 1051 -5.40 -21.72 61.18
C MET A 1051 -4.75 -23.06 61.44
N LYS A 1052 -3.65 -23.33 60.74
CA LYS A 1052 -2.58 -24.17 61.26
C LYS A 1052 -1.88 -23.40 62.37
N GLN A 1053 -1.13 -24.14 63.19
CA GLN A 1053 -0.58 -23.64 64.45
C GLN A 1053 -1.68 -23.57 65.50
N THR A 1054 -2.92 -23.85 65.10
CA THR A 1054 -4.03 -23.97 66.04
C THR A 1054 -4.47 -25.42 66.22
N MET A 1055 -4.20 -26.28 65.23
CA MET A 1055 -4.37 -27.71 65.42
C MET A 1055 -3.11 -28.36 65.98
N VAL A 1056 -1.92 -27.94 65.54
CA VAL A 1056 -0.70 -28.61 65.97
C VAL A 1056 -0.55 -28.55 67.48
N ASP A 1057 -0.79 -27.38 68.08
CA ASP A 1057 -0.69 -27.25 69.53
C ASP A 1057 -1.68 -28.18 70.22
N SER A 1058 -2.93 -28.20 69.75
CA SER A 1058 -3.91 -29.13 70.28
C SER A 1058 -3.71 -30.54 69.77
N SER A 1059 -3.15 -30.71 68.57
CA SER A 1059 -2.99 -32.04 68.00
C SER A 1059 -2.04 -32.88 68.85
N CYS A 1060 -0.93 -32.30 69.29
CA CYS A 1060 0.06 -33.01 70.07
C CYS A 1060 0.22 -32.39 71.46
N ARG A 1061 -0.89 -31.95 72.02
CA ARG A 1061 -0.99 -31.77 73.46
C ARG A 1061 -1.28 -33.10 74.15
N ILE A 1062 -1.44 -34.18 73.37
CA ILE A 1062 -1.71 -35.50 73.93
C ILE A 1062 -0.62 -35.99 74.86
N LEU A 1063 0.52 -35.30 74.92
CA LEU A 1063 1.56 -35.66 75.87
C LEU A 1063 1.13 -35.45 77.31
N THR A 1064 -0.06 -34.88 77.55
CA THR A 1064 -0.59 -34.73 78.90
C THR A 1064 -2.09 -35.00 78.95
N SER A 1065 -2.63 -35.72 77.98
CA SER A 1065 -4.09 -35.86 77.86
C SER A 1065 -4.66 -36.89 78.82
N ASP A 1066 -4.34 -38.17 78.61
CA ASP A 1066 -4.94 -39.23 79.42
C ASP A 1066 -3.98 -40.31 79.91
N VAL A 1067 -2.85 -40.53 79.25
CA VAL A 1067 -1.94 -41.60 79.66
C VAL A 1067 -0.67 -41.07 80.30
N PHE A 1068 -0.31 -39.82 80.06
CA PHE A 1068 1.00 -39.30 80.46
C PHE A 1068 0.95 -38.50 81.76
N GLN A 1069 -0.17 -38.51 82.47
CA GLN A 1069 -0.17 -37.91 83.80
C GLN A 1069 0.81 -38.59 84.74
N ASP A 1070 1.13 -39.85 84.50
CA ASP A 1070 2.06 -40.57 85.36
C ASP A 1070 3.51 -40.29 84.99
N CYS A 1071 3.80 -40.13 83.70
CA CYS A 1071 5.14 -39.70 83.29
C CYS A 1071 5.44 -38.32 83.83
N ASN A 1072 4.46 -37.42 83.81
CA ASN A 1072 4.71 -36.02 84.15
C ASN A 1072 5.29 -35.87 85.55
N LYS A 1073 5.00 -36.79 86.45
CA LYS A 1073 5.56 -36.72 87.80
C LYS A 1073 7.04 -37.09 87.82
N LEU A 1074 7.58 -37.63 86.75
CA LEU A 1074 8.98 -38.03 86.68
C LEU A 1074 9.80 -37.20 85.72
N VAL A 1075 9.26 -36.88 84.55
CA VAL A 1075 9.95 -36.06 83.55
C VAL A 1075 9.00 -34.99 83.06
N ASP A 1076 9.49 -33.75 83.01
CA ASP A 1076 8.64 -32.63 82.64
C ASP A 1076 8.63 -32.45 81.12
N PRO A 1077 7.48 -32.57 80.46
CA PRO A 1077 7.48 -32.56 78.99
C PRO A 1077 7.39 -31.19 78.35
N GLU A 1078 8.22 -30.24 78.76
CA GLU A 1078 8.26 -28.96 78.05
C GLU A 1078 9.12 -29.08 76.80
N PRO A 1079 10.36 -29.57 76.90
CA PRO A 1079 11.20 -29.66 75.70
C PRO A 1079 10.58 -30.51 74.61
N TYR A 1080 9.87 -31.57 74.97
CA TYR A 1080 9.28 -32.43 73.97
C TYR A 1080 8.11 -31.74 73.26
N LEU A 1081 7.32 -30.97 74.00
CA LEU A 1081 6.31 -30.14 73.35
C LEU A 1081 6.96 -29.14 72.40
N ASP A 1082 8.06 -28.51 72.84
CA ASP A 1082 8.75 -27.57 71.96
C ASP A 1082 9.21 -28.25 70.69
N VAL A 1083 9.75 -29.45 70.82
CA VAL A 1083 10.16 -30.20 69.63
C VAL A 1083 8.97 -30.49 68.74
N CYS A 1084 7.85 -30.90 69.34
CA CYS A 1084 6.67 -31.22 68.53
C CYS A 1084 6.20 -30.02 67.73
N ILE A 1085 6.11 -28.85 68.37
CA ILE A 1085 5.69 -27.66 67.65
C ILE A 1085 6.64 -27.39 66.50
N TYR A 1086 7.95 -27.46 66.76
CA TYR A 1086 8.91 -27.44 65.68
C TYR A 1086 8.78 -28.71 64.85
N ASP A 1087 9.40 -28.70 63.67
CA ASP A 1087 9.43 -29.84 62.76
C ASP A 1087 8.04 -30.44 62.54
N THR A 1088 7.00 -29.65 62.75
CA THR A 1088 5.63 -30.03 62.42
C THR A 1088 4.97 -29.06 61.46
N CYS A 1089 5.16 -27.76 61.66
CA CYS A 1089 4.86 -26.81 60.59
C CYS A 1089 5.84 -26.99 59.43
N SER A 1090 7.12 -27.05 59.74
CA SER A 1090 8.18 -27.06 58.74
C SER A 1090 8.40 -28.43 58.14
N CYS A 1091 7.71 -29.46 58.62
CA CYS A 1091 7.78 -30.81 58.06
C CYS A 1091 6.43 -31.11 57.41
N GLU A 1092 6.27 -30.69 56.17
CA GLU A 1092 5.01 -30.87 55.47
C GLU A 1092 4.73 -32.35 55.29
N SER A 1093 3.49 -32.75 55.49
CA SER A 1093 3.10 -34.16 55.47
C SER A 1093 2.03 -34.39 54.42
N ILE A 1094 2.24 -35.41 53.58
CA ILE A 1094 1.24 -35.84 52.61
C ILE A 1094 1.22 -37.35 52.54
N GLY A 1095 0.23 -37.97 53.19
CA GLY A 1095 0.11 -39.40 53.18
C GLY A 1095 1.14 -40.13 54.00
N ASP A 1096 2.04 -39.42 54.67
CA ASP A 1096 3.07 -40.02 55.52
C ASP A 1096 3.08 -39.24 56.83
N CYS A 1097 2.42 -39.80 57.84
CA CYS A 1097 2.32 -39.16 59.15
C CYS A 1097 3.51 -39.49 60.04
N ALA A 1098 4.52 -40.17 59.50
CA ALA A 1098 5.66 -40.61 60.30
C ALA A 1098 6.46 -39.45 60.90
N CYS A 1099 6.42 -38.27 60.30
CA CYS A 1099 7.19 -37.14 60.82
C CYS A 1099 6.69 -36.66 62.17
N PHE A 1100 5.53 -37.13 62.62
CA PHE A 1100 4.95 -36.72 63.88
C PHE A 1100 4.95 -37.80 64.94
N CYS A 1101 4.70 -39.07 64.57
CA CYS A 1101 4.65 -40.13 65.56
C CYS A 1101 6.00 -40.35 66.23
N ASP A 1102 7.09 -39.93 65.58
CA ASP A 1102 8.42 -40.23 66.10
C ASP A 1102 8.69 -39.50 67.42
N THR A 1103 8.25 -38.25 67.54
CA THR A 1103 8.46 -37.53 68.78
C THR A 1103 7.74 -38.20 69.94
N ILE A 1104 6.48 -38.59 69.71
CA ILE A 1104 5.74 -39.29 70.76
C ILE A 1104 6.42 -40.60 71.10
N ALA A 1105 6.94 -41.31 70.09
CA ALA A 1105 7.65 -42.54 70.36
C ALA A 1105 8.87 -42.30 71.22
N ALA A 1106 9.61 -41.23 70.95
CA ALA A 1106 10.79 -40.91 71.75
C ALA A 1106 10.41 -40.62 73.19
N TYR A 1107 9.35 -39.83 73.39
CA TYR A 1107 8.93 -39.52 74.76
C TYR A 1107 8.48 -40.78 75.48
N ALA A 1108 7.75 -41.66 74.79
CA ALA A 1108 7.34 -42.92 75.40
C ALA A 1108 8.54 -43.77 75.76
N HIS A 1109 9.56 -43.78 74.90
CA HIS A 1109 10.78 -44.51 75.21
C HIS A 1109 11.44 -43.97 76.48
N VAL A 1110 11.52 -42.65 76.59
CA VAL A 1110 12.12 -42.05 77.78
C VAL A 1110 11.33 -42.44 79.02
N CYS A 1111 10.00 -42.39 78.95
CA CYS A 1111 9.19 -42.88 80.06
C CYS A 1111 9.53 -44.33 80.39
N ALA A 1112 9.55 -45.20 79.38
CA ALA A 1112 9.80 -46.61 79.60
C ALA A 1112 11.15 -46.83 80.30
N GLN A 1113 12.14 -46.01 80.00
CA GLN A 1113 13.42 -46.14 80.70
C GLN A 1113 13.21 -46.10 82.21
N HIS A 1114 12.31 -45.23 82.68
CA HIS A 1114 11.99 -45.14 84.10
C HIS A 1114 10.90 -46.12 84.53
N GLY A 1115 11.04 -47.40 84.17
CA GLY A 1115 10.12 -48.44 84.57
C GLY A 1115 8.66 -47.99 84.64
N LYS A 1116 8.21 -47.26 83.62
CA LYS A 1116 6.88 -46.67 83.63
C LYS A 1116 6.21 -46.88 82.28
N VAL A 1117 6.20 -48.13 81.81
CA VAL A 1117 5.66 -48.45 80.50
C VAL A 1117 4.29 -47.80 80.32
N VAL A 1118 4.03 -47.32 79.11
CA VAL A 1118 2.74 -46.73 78.75
C VAL A 1118 2.34 -47.24 77.38
N THR A 1119 1.04 -47.15 77.09
CA THR A 1119 0.48 -47.51 75.79
C THR A 1119 -0.32 -46.33 75.26
N TRP A 1120 -0.05 -45.93 74.02
CA TRP A 1120 -0.66 -44.73 73.46
C TRP A 1120 -1.17 -44.92 72.03
N ARG A 1121 -0.81 -46.00 71.36
CA ARG A 1121 -1.18 -46.18 69.96
C ARG A 1121 -2.59 -46.75 69.85
N THR A 1122 -3.34 -46.22 68.90
CA THR A 1122 -4.71 -46.66 68.63
C THR A 1122 -4.83 -47.07 67.17
N ALA A 1123 -6.05 -47.42 66.77
CA ALA A 1123 -6.35 -47.71 65.37
C ALA A 1123 -6.62 -46.44 64.56
N THR A 1124 -6.66 -45.27 65.21
CA THR A 1124 -6.87 -44.01 64.54
C THR A 1124 -5.79 -42.98 64.87
N LEU A 1125 -4.66 -43.42 65.43
CA LEU A 1125 -3.61 -42.48 65.81
C LEU A 1125 -2.28 -43.22 65.70
N CYS A 1126 -1.54 -42.98 64.62
CA CYS A 1126 -0.25 -43.60 64.40
C CYS A 1126 -0.34 -45.10 64.57
N PRO A 1127 -1.14 -45.79 63.74
CA PRO A 1127 -1.27 -47.24 63.89
C PRO A 1127 -0.09 -47.98 63.30
N GLN A 1128 0.30 -49.07 63.96
CA GLN A 1128 1.42 -49.89 63.54
C GLN A 1128 0.98 -51.35 63.50
N SER A 1129 1.34 -52.05 62.42
CA SER A 1129 1.00 -53.45 62.23
C SER A 1129 2.24 -54.22 61.82
N CYS A 1130 2.48 -55.37 62.46
CA CYS A 1130 3.62 -56.21 62.17
C CYS A 1130 3.19 -57.63 61.79
N GLU A 1131 1.94 -57.78 61.36
CA GLU A 1131 1.40 -59.08 60.99
C GLU A 1131 1.64 -59.42 59.52
N GLU A 1132 2.23 -58.52 58.74
CA GLU A 1132 2.49 -58.81 57.35
C GLU A 1132 3.45 -59.99 57.20
N ARG A 1133 4.46 -60.06 58.06
CA ARG A 1133 5.43 -61.16 58.03
C ARG A 1133 4.97 -62.23 59.00
N ASN A 1134 3.98 -63.00 58.56
CA ASN A 1134 3.35 -64.01 59.41
C ASN A 1134 3.18 -65.31 58.63
N LEU A 1135 4.20 -65.71 57.88
CA LEU A 1135 4.22 -66.98 57.17
C LEU A 1135 3.02 -67.10 56.21
N ARG A 1136 3.05 -66.23 55.21
CA ARG A 1136 2.01 -66.24 54.18
C ARG A 1136 1.72 -67.64 53.65
N GLU A 1137 2.69 -68.55 53.72
CA GLU A 1137 2.46 -69.92 53.24
C GLU A 1137 1.23 -70.52 53.91
N ASN A 1138 1.10 -70.36 55.22
CA ASN A 1138 -0.07 -70.81 55.95
C ASN A 1138 -0.86 -69.65 56.55
N GLY A 1139 -0.18 -68.71 57.21
CA GLY A 1139 -0.84 -67.53 57.75
C GLY A 1139 -1.54 -67.77 59.06
N TYR A 1140 -2.16 -68.96 59.20
CA TYR A 1140 -2.87 -69.28 60.44
C TYR A 1140 -1.95 -69.29 61.64
N GLU A 1141 -0.70 -69.73 61.48
CA GLU A 1141 0.25 -69.78 62.58
C GLU A 1141 0.70 -68.36 62.88
N CYS A 1142 -0.19 -67.61 63.52
CA CYS A 1142 0.07 -66.22 63.87
C CYS A 1142 1.06 -66.19 65.04
N GLU A 1143 2.33 -65.95 64.72
CA GLU A 1143 3.42 -66.03 65.69
C GLU A 1143 3.87 -64.67 66.21
N TRP A 1144 3.40 -63.58 65.63
CA TRP A 1144 3.90 -62.25 65.94
C TRP A 1144 2.81 -61.39 66.55
N ARG A 1145 3.23 -60.47 67.43
CA ARG A 1145 2.33 -59.54 68.08
C ARG A 1145 3.03 -58.19 68.15
N TYR A 1146 2.32 -57.19 68.69
CA TYR A 1146 2.88 -55.87 68.95
C TYR A 1146 2.85 -55.63 70.45
N ASN A 1147 4.00 -55.36 71.04
CA ASN A 1147 4.11 -55.24 72.49
C ASN A 1147 4.92 -54.00 72.84
N SER A 1148 4.56 -53.38 73.98
CA SER A 1148 5.11 -52.07 74.32
C SER A 1148 6.49 -52.19 74.97
N CYS A 1149 6.57 -52.82 76.14
CA CYS A 1149 7.86 -52.98 76.80
C CYS A 1149 8.62 -54.12 76.13
N ALA A 1150 8.09 -55.34 76.21
CA ALA A 1150 8.65 -56.41 75.40
C ALA A 1150 10.15 -56.57 75.64
N PRO A 1151 10.57 -57.21 76.75
CA PRO A 1151 12.01 -57.27 77.07
C PRO A 1151 12.90 -57.43 75.86
N ALA A 1152 14.06 -56.74 75.89
CA ALA A 1152 14.78 -56.43 74.66
C ALA A 1152 15.53 -57.63 74.10
N CYS A 1153 16.52 -58.12 74.83
CA CYS A 1153 17.47 -59.09 74.29
C CYS A 1153 17.10 -60.49 74.75
N GLN A 1154 16.94 -61.39 73.79
CA GLN A 1154 16.57 -62.78 74.01
C GLN A 1154 17.72 -63.67 73.55
N VAL A 1155 17.49 -64.98 73.60
CA VAL A 1155 18.48 -65.97 73.20
C VAL A 1155 17.92 -66.84 72.09
N THR A 1156 18.77 -67.18 71.14
CA THR A 1156 18.44 -68.02 70.00
C THR A 1156 19.71 -68.74 69.57
N CYS A 1157 19.69 -69.34 68.38
CA CYS A 1157 20.92 -69.93 67.86
C CYS A 1157 21.79 -68.84 67.22
N GLN A 1158 21.94 -67.72 67.90
CA GLN A 1158 22.86 -66.66 67.49
C GLN A 1158 23.84 -66.29 68.59
N HIS A 1159 23.33 -66.07 69.80
CA HIS A 1159 24.17 -65.77 70.96
C HIS A 1159 23.46 -66.28 72.20
N PRO A 1160 23.38 -67.60 72.36
CA PRO A 1160 22.61 -68.16 73.48
C PRO A 1160 23.26 -67.91 74.83
N GLU A 1161 23.53 -66.65 75.14
CA GLU A 1161 24.11 -66.24 76.41
C GLU A 1161 23.56 -64.88 76.79
N PRO A 1162 23.48 -64.57 78.08
CA PRO A 1162 23.05 -63.22 78.49
C PRO A 1162 24.02 -62.17 77.97
N LEU A 1163 23.47 -61.00 77.67
CA LEU A 1163 24.25 -59.85 77.19
C LEU A 1163 23.92 -58.63 78.05
N ALA A 1164 24.48 -57.49 77.66
CA ALA A 1164 24.31 -56.23 78.38
C ALA A 1164 23.62 -55.24 77.44
N CYS A 1165 22.29 -55.26 77.44
CA CYS A 1165 21.51 -54.37 76.59
C CYS A 1165 20.84 -53.32 77.47
N PRO A 1166 21.33 -52.05 77.47
CA PRO A 1166 20.83 -51.06 78.43
C PRO A 1166 19.56 -50.34 78.00
N VAL A 1167 18.63 -51.10 77.41
CA VAL A 1167 17.27 -50.63 77.16
C VAL A 1167 16.32 -51.63 77.78
N GLN A 1168 16.58 -52.91 77.53
CA GLN A 1168 16.05 -54.07 78.23
C GLN A 1168 14.55 -54.30 78.06
N CYS A 1169 13.80 -53.38 77.48
CA CYS A 1169 12.51 -53.77 76.89
C CYS A 1169 12.21 -52.87 75.69
N VAL A 1170 13.13 -52.80 74.74
CA VAL A 1170 12.90 -52.08 73.49
C VAL A 1170 11.49 -52.38 72.99
N GLU A 1171 10.79 -51.33 72.55
CA GLU A 1171 9.42 -51.48 72.05
C GLU A 1171 9.41 -51.92 70.59
N GLY A 1172 8.33 -52.59 70.20
CA GLY A 1172 8.18 -53.00 68.82
C GLY A 1172 7.21 -54.15 68.70
N CYS A 1173 7.36 -54.87 67.58
CA CYS A 1173 6.60 -56.10 67.37
C CYS A 1173 7.49 -57.28 67.73
N HIS A 1174 6.91 -58.22 68.49
CA HIS A 1174 7.65 -59.26 69.20
C HIS A 1174 7.03 -60.62 68.93
N ALA A 1175 7.86 -61.64 68.91
CA ALA A 1175 7.42 -63.03 68.78
C ALA A 1175 7.52 -63.70 70.14
N HIS A 1176 6.42 -64.31 70.59
CA HIS A 1176 6.30 -64.83 71.96
C HIS A 1176 5.76 -66.25 71.94
N CYS A 1177 6.34 -67.11 71.10
CA CYS A 1177 5.94 -68.50 71.07
C CYS A 1177 6.46 -69.23 72.30
N PRO A 1178 5.90 -70.38 72.62
CA PRO A 1178 6.16 -71.02 73.94
C PRO A 1178 7.64 -71.19 74.20
N PRO A 1179 8.01 -71.43 75.48
CA PRO A 1179 9.44 -71.56 75.83
C PRO A 1179 10.19 -72.50 74.91
N GLY A 1180 9.73 -73.73 74.80
CA GLY A 1180 10.34 -74.67 73.90
C GLY A 1180 10.18 -74.25 72.46
N LYS A 1181 11.04 -74.79 71.60
CA LYS A 1181 11.05 -74.45 70.18
C LYS A 1181 11.29 -72.94 69.99
N ILE A 1182 12.49 -72.53 70.41
CA ILE A 1182 12.87 -71.12 70.39
C ILE A 1182 12.93 -70.61 68.95
N LEU A 1183 12.99 -69.30 68.80
CA LEU A 1183 12.97 -68.69 67.47
C LEU A 1183 14.28 -68.97 66.74
N ASP A 1184 14.20 -68.90 65.41
CA ASP A 1184 15.34 -69.11 64.54
C ASP A 1184 16.01 -67.76 64.23
N GLU A 1185 17.01 -67.80 63.35
CA GLU A 1185 17.78 -66.62 62.99
C GLU A 1185 17.34 -66.01 61.66
N LEU A 1186 17.36 -66.78 60.58
CA LEU A 1186 17.18 -66.24 59.24
C LEU A 1186 15.73 -66.29 58.75
N LEU A 1187 15.04 -67.42 58.90
CA LEU A 1187 13.67 -67.54 58.43
C LEU A 1187 12.66 -66.99 59.42
N GLN A 1188 13.09 -66.61 60.62
CA GLN A 1188 12.22 -65.99 61.61
C GLN A 1188 11.04 -66.91 61.94
N THR A 1189 11.37 -68.08 62.49
CA THR A 1189 10.36 -69.05 62.87
C THR A 1189 10.82 -69.79 64.12
N CYS A 1190 9.85 -70.22 64.93
CA CYS A 1190 10.16 -70.99 66.13
C CYS A 1190 10.50 -72.42 65.75
N VAL A 1191 11.75 -72.82 66.03
CA VAL A 1191 12.26 -74.13 65.68
C VAL A 1191 12.91 -74.76 66.90
N ASP A 1192 13.01 -76.09 66.87
CA ASP A 1192 13.54 -76.83 67.99
C ASP A 1192 15.08 -76.69 67.99
N PRO A 1193 15.72 -76.72 69.18
CA PRO A 1193 17.09 -76.18 69.27
C PRO A 1193 18.16 -76.85 68.40
N GLU A 1194 17.81 -77.85 67.58
CA GLU A 1194 18.84 -78.52 66.79
C GLU A 1194 19.55 -77.54 65.87
N ASP A 1195 18.84 -76.55 65.34
CA ASP A 1195 19.40 -75.69 64.31
C ASP A 1195 20.26 -74.59 64.88
N CYS A 1196 21.25 -74.96 65.70
CA CYS A 1196 22.28 -74.05 66.18
C CYS A 1196 23.62 -74.42 65.55
N PRO A 1197 24.60 -73.50 65.59
CA PRO A 1197 25.89 -73.80 64.96
C PRO A 1197 26.53 -75.05 65.52
N VAL A 1198 27.15 -75.82 64.63
CA VAL A 1198 27.85 -77.03 65.05
C VAL A 1198 29.02 -76.69 65.97
N CYS A 1199 29.79 -75.67 65.60
CA CYS A 1199 30.93 -75.25 66.41
C CYS A 1199 31.15 -73.76 66.19
N GLU A 1200 31.88 -73.15 67.13
CA GLU A 1200 32.13 -71.72 67.12
C GLU A 1200 33.49 -71.37 66.53
N VAL A 1201 34.17 -72.33 65.90
CA VAL A 1201 35.49 -72.07 65.33
C VAL A 1201 35.37 -71.04 64.21
N ALA A 1202 36.26 -70.05 64.22
CA ALA A 1202 36.32 -68.98 63.24
C ALA A 1202 35.11 -68.04 63.33
N GLY A 1203 34.25 -68.21 64.33
CA GLY A 1203 33.11 -67.32 64.49
C GLY A 1203 32.20 -67.28 63.28
N ARG A 1204 31.91 -68.45 62.70
CA ARG A 1204 31.06 -68.55 61.53
C ARG A 1204 29.76 -69.28 61.87
N ARG A 1205 28.72 -68.96 61.11
CA ARG A 1205 27.39 -69.48 61.41
C ARG A 1205 27.37 -71.00 61.33
N PHE A 1206 27.94 -71.56 60.27
CA PHE A 1206 28.00 -73.02 60.09
C PHE A 1206 26.60 -73.62 60.19
N ALA A 1207 25.62 -72.91 59.64
CA ALA A 1207 24.23 -73.37 59.66
C ALA A 1207 23.73 -73.58 61.08
N SER B 31 -33.25 -29.25 78.90
CA SER B 31 -32.45 -28.45 79.81
C SER B 31 -31.70 -27.35 79.06
N THR B 32 -32.11 -26.10 79.28
CA THR B 32 -31.49 -24.97 78.61
C THR B 32 -31.81 -23.67 79.34
N ALA B 33 -30.79 -22.94 79.74
CA ALA B 33 -30.94 -21.69 80.46
C ALA B 33 -30.96 -20.52 79.48
N ARG B 34 -31.08 -19.31 80.02
CA ARG B 34 -31.21 -18.12 79.19
C ARG B 34 -30.84 -16.92 80.03
N CYS B 35 -29.82 -16.18 79.64
CA CYS B 35 -29.52 -14.90 80.29
C CYS B 35 -29.52 -13.80 79.25
N SER B 36 -30.07 -12.66 79.64
CA SER B 36 -30.37 -11.59 78.69
C SER B 36 -29.96 -10.25 79.26
N LEU B 37 -29.55 -9.36 78.36
CA LEU B 37 -29.29 -7.96 78.67
C LEU B 37 -30.37 -7.15 77.97
N PHE B 38 -31.15 -6.39 78.73
CA PHE B 38 -32.35 -5.78 78.21
C PHE B 38 -32.49 -4.37 78.78
N GLY B 39 -33.58 -3.70 78.43
CA GLY B 39 -33.84 -2.37 78.95
C GLY B 39 -32.67 -1.45 78.66
N SER B 40 -32.34 -0.62 79.65
CA SER B 40 -31.17 0.25 79.59
C SER B 40 -30.38 0.04 80.86
N ASP B 41 -29.21 -0.59 80.74
CA ASP B 41 -28.34 -0.85 81.89
C ASP B 41 -29.01 -1.82 82.86
N PHE B 42 -29.44 -2.96 82.34
CA PHE B 42 -30.03 -4.02 83.15
C PHE B 42 -29.41 -5.35 82.75
N VAL B 43 -29.53 -6.32 83.64
CA VAL B 43 -28.92 -7.64 83.43
C VAL B 43 -29.75 -8.68 84.17
N ASN B 44 -29.86 -9.87 83.59
CA ASN B 44 -30.49 -11.01 84.22
C ASN B 44 -29.57 -12.21 84.10
N THR B 45 -29.50 -13.00 85.17
CA THR B 45 -28.58 -14.13 85.26
C THR B 45 -29.31 -15.41 84.87
N PHE B 46 -28.57 -16.52 84.91
CA PHE B 46 -29.14 -17.82 84.59
C PHE B 46 -30.06 -18.34 85.68
N ASP B 47 -30.09 -17.71 86.84
CA ASP B 47 -30.85 -18.24 87.97
C ASP B 47 -32.02 -17.33 88.34
N GLY B 48 -31.85 -16.03 88.13
CA GLY B 48 -32.92 -15.09 88.42
C GLY B 48 -32.43 -13.85 89.13
N SER B 49 -31.41 -13.99 89.97
CA SER B 49 -30.80 -12.84 90.60
C SER B 49 -30.36 -11.83 89.54
N MET B 50 -30.95 -10.64 89.59
CA MET B 50 -30.76 -9.65 88.54
C MET B 50 -30.60 -8.27 89.14
N TYR B 51 -29.94 -7.40 88.41
CA TYR B 51 -29.47 -6.11 88.93
C TYR B 51 -29.31 -5.14 87.77
N SER B 52 -28.63 -4.03 88.02
CA SER B 52 -28.34 -3.03 87.00
C SER B 52 -26.84 -2.81 86.91
N PHE B 53 -26.39 -2.31 85.76
CA PHE B 53 -24.98 -2.06 85.55
C PHE B 53 -24.74 -1.26 84.28
N ALA B 54 -23.68 -0.45 84.27
CA ALA B 54 -23.28 0.32 83.10
C ALA B 54 -21.76 0.38 83.06
N GLY B 55 -21.15 -0.22 82.05
CA GLY B 55 -19.71 -0.27 81.96
C GLY B 55 -19.17 0.20 80.62
N TYR B 56 -17.87 -0.01 80.40
CA TYR B 56 -17.22 0.48 79.19
C TYR B 56 -16.19 -0.46 78.60
N CYS B 57 -16.02 -1.68 79.14
CA CYS B 57 -14.80 -2.43 78.88
C CYS B 57 -15.06 -3.83 78.36
N SER B 58 -16.14 -4.03 77.59
CA SER B 58 -16.36 -5.29 76.90
C SER B 58 -16.23 -6.47 77.85
N TYR B 59 -17.15 -6.50 78.81
CA TYR B 59 -17.09 -7.49 79.88
C TYR B 59 -17.38 -8.89 79.34
N LEU B 60 -16.94 -9.89 80.10
CA LEU B 60 -17.12 -11.29 79.73
C LEU B 60 -18.51 -11.74 80.16
N LEU B 61 -19.26 -12.32 79.22
CA LEU B 61 -20.63 -12.72 79.51
C LEU B 61 -20.76 -14.21 79.79
N ALA B 62 -20.03 -15.05 79.07
CA ALA B 62 -20.13 -16.49 79.30
C ALA B 62 -18.88 -17.18 78.77
N GLY B 63 -18.57 -18.32 79.41
CA GLY B 63 -17.39 -19.10 79.10
C GLY B 63 -16.74 -19.60 80.37
N GLY B 64 -16.52 -20.91 80.46
CA GLY B 64 -15.93 -21.47 81.67
C GLY B 64 -14.52 -20.97 81.88
N CYS B 65 -14.12 -20.88 83.16
CA CYS B 65 -12.79 -20.40 83.52
C CYS B 65 -11.89 -21.54 84.02
N GLN B 66 -12.10 -22.74 83.52
CA GLN B 66 -11.17 -23.84 83.71
C GLN B 66 -10.58 -24.34 82.40
N LYS B 67 -11.41 -24.70 81.44
CA LYS B 67 -10.99 -24.98 80.06
C LYS B 67 -11.90 -24.14 79.17
N ARG B 68 -11.43 -22.94 78.81
CA ARG B 68 -12.32 -21.94 78.22
C ARG B 68 -12.93 -22.44 76.93
N SER B 69 -12.11 -22.61 75.89
CA SER B 69 -12.53 -23.21 74.64
C SER B 69 -13.45 -22.31 73.82
N PHE B 70 -13.93 -21.21 74.41
CA PHE B 70 -14.67 -20.17 73.70
C PHE B 70 -15.06 -19.12 74.74
N SER B 71 -15.53 -17.98 74.24
CA SER B 71 -15.93 -16.88 75.13
C SER B 71 -16.96 -16.03 74.42
N ILE B 72 -17.89 -15.45 75.17
CA ILE B 72 -18.84 -14.48 74.66
C ILE B 72 -18.60 -13.15 75.35
N ILE B 73 -18.33 -12.11 74.56
CA ILE B 73 -17.97 -10.80 75.08
C ILE B 73 -18.98 -9.79 74.56
N GLY B 74 -19.58 -9.03 75.48
CA GLY B 74 -20.53 -8.00 75.12
C GLY B 74 -19.97 -6.60 75.29
N ASP B 75 -19.77 -5.90 74.18
CA ASP B 75 -19.14 -4.59 74.22
C ASP B 75 -20.14 -3.53 74.64
N PHE B 76 -19.65 -2.54 75.39
CA PHE B 76 -20.42 -1.37 75.79
C PHE B 76 -19.76 -0.12 75.21
N GLN B 77 -20.46 1.01 75.36
CA GLN B 77 -19.91 2.30 74.95
C GLN B 77 -20.70 3.40 75.65
N ASN B 78 -20.02 4.17 76.49
CA ASN B 78 -20.63 5.31 77.17
C ASN B 78 -21.86 4.89 77.98
N GLY B 79 -21.81 3.70 78.57
CA GLY B 79 -22.92 3.19 79.34
C GLY B 79 -24.03 2.56 78.52
N LYS B 80 -23.88 2.49 77.21
CA LYS B 80 -24.88 1.89 76.34
C LYS B 80 -24.48 0.46 76.00
N ARG B 81 -25.27 -0.18 75.13
CA ARG B 81 -25.03 -1.55 74.69
C ARG B 81 -24.78 -1.52 73.19
N VAL B 82 -23.53 -1.66 72.79
CA VAL B 82 -23.14 -1.65 71.38
C VAL B 82 -22.37 -2.93 71.10
N SER B 83 -22.84 -3.69 70.10
CA SER B 83 -22.09 -4.81 69.55
C SER B 83 -22.00 -6.00 70.50
N LEU B 84 -21.86 -7.18 69.91
CA LEU B 84 -21.63 -8.43 70.62
C LEU B 84 -20.61 -9.23 69.83
N SER B 85 -19.85 -10.07 70.52
CA SER B 85 -18.79 -10.82 69.85
C SER B 85 -18.57 -12.15 70.53
N VAL B 86 -18.00 -13.09 69.79
CA VAL B 86 -17.59 -14.38 70.32
C VAL B 86 -16.10 -14.55 70.06
N TYR B 87 -15.53 -15.59 70.66
CA TYR B 87 -14.12 -15.89 70.46
C TYR B 87 -13.92 -17.38 70.60
N LEU B 88 -13.48 -18.02 69.52
CA LEU B 88 -13.17 -19.44 69.50
C LEU B 88 -11.65 -19.60 69.61
N GLY B 89 -11.19 -20.24 70.67
CA GLY B 89 -9.76 -20.38 70.86
C GLY B 89 -9.12 -19.00 70.88
N GLU B 90 -8.15 -18.79 69.99
CA GLU B 90 -7.48 -17.50 69.87
C GLU B 90 -7.24 -17.12 68.42
N PHE B 91 -8.15 -17.52 67.51
CA PHE B 91 -7.92 -17.30 66.09
C PHE B 91 -9.13 -16.70 65.38
N PHE B 92 -10.33 -16.93 65.91
CA PHE B 92 -11.57 -16.57 65.22
C PHE B 92 -12.36 -15.61 66.09
N ASP B 93 -12.81 -14.50 65.49
CA ASP B 93 -13.36 -13.39 66.27
C ASP B 93 -14.85 -13.17 66.01
N ILE B 94 -15.26 -12.86 64.78
CA ILE B 94 -16.64 -12.44 64.49
C ILE B 94 -17.09 -11.29 65.40
N HIS B 95 -17.66 -10.25 64.80
CA HIS B 95 -18.36 -9.20 65.52
C HIS B 95 -19.71 -8.97 64.85
N LEU B 96 -20.74 -8.71 65.66
CA LEU B 96 -22.10 -8.68 65.17
C LEU B 96 -22.74 -7.30 65.14
N PHE B 97 -22.36 -6.40 66.05
CA PHE B 97 -22.89 -5.05 66.07
C PHE B 97 -24.40 -5.05 66.28
N VAL B 98 -24.96 -3.87 66.58
CA VAL B 98 -26.40 -3.79 66.85
C VAL B 98 -27.22 -3.40 65.62
N ASN B 99 -26.63 -2.74 64.64
CA ASN B 99 -27.34 -2.31 63.45
C ASN B 99 -27.20 -3.28 62.29
N GLY B 100 -26.92 -4.55 62.57
CA GLY B 100 -26.92 -5.56 61.53
C GLY B 100 -25.69 -5.58 60.65
N THR B 101 -24.57 -5.03 61.11
CA THR B 101 -23.32 -5.06 60.36
C THR B 101 -22.39 -6.09 60.99
N VAL B 102 -21.81 -6.96 60.16
CA VAL B 102 -21.00 -8.07 60.63
C VAL B 102 -19.59 -7.91 60.07
N THR B 103 -18.60 -8.30 60.87
CA THR B 103 -17.20 -8.24 60.43
C THR B 103 -16.49 -9.55 60.74
N GLN B 104 -15.20 -9.62 60.40
CA GLN B 104 -14.36 -10.77 60.67
C GLN B 104 -13.22 -10.43 61.59
N GLY B 105 -13.13 -9.20 62.07
CA GLY B 105 -12.04 -8.74 62.89
C GLY B 105 -11.28 -7.63 62.19
N ASP B 106 -11.04 -7.82 60.89
CA ASP B 106 -10.46 -6.76 60.08
C ASP B 106 -11.22 -6.58 58.76
N GLN B 107 -12.24 -7.38 58.47
CA GLN B 107 -12.94 -7.35 57.20
C GLN B 107 -14.41 -6.97 57.42
N ARG B 108 -15.19 -7.04 56.35
CA ARG B 108 -16.60 -6.69 56.38
C ARG B 108 -17.35 -7.74 55.57
N VAL B 109 -17.80 -8.80 56.25
CA VAL B 109 -18.46 -9.91 55.58
C VAL B 109 -19.93 -9.59 55.40
N SER B 110 -20.57 -10.34 54.48
CA SER B 110 -21.98 -10.16 54.20
C SER B 110 -22.79 -11.12 55.08
N MET B 111 -24.07 -11.28 54.76
CA MET B 111 -24.97 -12.16 55.47
C MET B 111 -25.61 -13.13 54.49
N PRO B 112 -26.04 -14.31 54.95
CA PRO B 112 -25.89 -14.88 56.30
C PRO B 112 -24.45 -15.26 56.67
N TYR B 113 -23.62 -15.59 55.69
CA TYR B 113 -22.22 -15.93 55.95
C TYR B 113 -22.07 -17.12 56.90
N ALA B 114 -22.44 -18.31 56.45
CA ALA B 114 -22.06 -19.52 57.17
C ALA B 114 -20.55 -19.69 57.16
N SER B 115 -20.03 -20.31 58.22
CA SER B 115 -18.59 -20.44 58.38
C SER B 115 -18.24 -21.73 59.13
N LYS B 116 -17.02 -21.80 59.67
CA LYS B 116 -16.58 -23.01 60.38
C LYS B 116 -17.38 -23.10 61.67
N GLY B 117 -18.57 -23.66 61.55
CA GLY B 117 -19.54 -23.55 62.61
C GLY B 117 -20.03 -22.11 62.68
N LEU B 118 -20.81 -21.84 63.71
CA LEU B 118 -21.26 -20.48 63.97
C LEU B 118 -22.00 -19.91 62.75
N TYR B 119 -23.13 -20.52 62.39
CA TYR B 119 -23.91 -20.06 61.27
C TYR B 119 -24.63 -18.76 61.64
N LEU B 120 -24.19 -17.65 61.06
CA LEU B 120 -24.96 -16.41 61.17
C LEU B 120 -26.15 -16.49 60.22
N GLU B 121 -27.32 -16.12 60.73
CA GLU B 121 -28.57 -16.37 60.01
C GLU B 121 -29.48 -15.17 60.22
N THR B 122 -30.73 -15.32 59.80
CA THR B 122 -31.79 -14.37 60.11
C THR B 122 -33.02 -15.18 60.51
N GLU B 123 -33.91 -14.52 61.25
CA GLU B 123 -35.01 -15.21 61.90
C GLU B 123 -36.24 -14.33 61.76
N ALA B 124 -37.23 -14.49 62.64
CA ALA B 124 -38.52 -13.82 62.50
C ALA B 124 -38.39 -12.30 62.51
N GLY B 125 -37.16 -11.79 62.56
CA GLY B 125 -36.91 -10.36 62.51
C GLY B 125 -35.68 -9.97 63.30
N TYR B 126 -35.09 -10.91 64.01
CA TYR B 126 -33.90 -10.69 64.82
C TYR B 126 -32.70 -11.37 64.18
N TYR B 127 -31.51 -10.95 64.59
CA TYR B 127 -30.26 -11.54 64.12
C TYR B 127 -29.88 -12.66 65.07
N LYS B 128 -29.53 -13.81 64.51
CA LYS B 128 -29.20 -14.99 65.32
C LYS B 128 -27.79 -15.48 64.98
N LEU B 129 -27.06 -15.91 66.01
CA LEU B 129 -25.77 -16.56 65.89
C LEU B 129 -25.85 -17.87 66.66
N SER B 130 -25.72 -19.00 65.95
CA SER B 130 -25.93 -20.31 66.55
C SER B 130 -24.66 -21.13 66.40
N GLY B 131 -24.18 -21.70 67.51
CA GLY B 131 -23.11 -22.68 67.44
C GLY B 131 -23.53 -23.98 68.08
N GLU B 132 -23.71 -25.02 67.26
CA GLU B 132 -24.20 -26.29 67.76
C GLU B 132 -23.10 -27.28 68.11
N ALA B 133 -21.97 -27.24 67.40
CA ALA B 133 -20.85 -28.09 67.77
C ALA B 133 -20.41 -27.79 69.19
N TYR B 134 -20.39 -26.51 69.57
CA TYR B 134 -20.03 -26.11 70.92
C TYR B 134 -21.27 -25.99 71.80
N GLY B 135 -22.34 -25.41 71.27
CA GLY B 135 -23.61 -25.35 71.94
C GLY B 135 -23.90 -24.01 72.57
N PHE B 136 -24.64 -23.17 71.85
CA PHE B 136 -25.15 -21.91 72.37
C PHE B 136 -25.90 -21.22 71.23
N VAL B 137 -26.80 -20.32 71.62
CA VAL B 137 -27.54 -19.54 70.64
C VAL B 137 -27.67 -18.12 71.17
N ALA B 138 -27.35 -17.13 70.34
CA ALA B 138 -27.37 -15.73 70.73
C ALA B 138 -28.27 -14.97 69.78
N ARG B 139 -29.06 -14.04 70.32
CA ARG B 139 -29.94 -13.21 69.52
C ARG B 139 -29.67 -11.73 69.76
N ILE B 140 -30.01 -10.94 68.74
CA ILE B 140 -30.08 -9.49 68.86
C ILE B 140 -31.34 -9.02 68.14
N ASP B 141 -32.28 -8.46 68.88
CA ASP B 141 -33.53 -8.00 68.29
C ASP B 141 -33.41 -6.53 67.93
N GLY B 142 -34.52 -5.93 67.48
CA GLY B 142 -34.48 -4.53 67.07
C GLY B 142 -34.12 -3.60 68.22
N SER B 143 -34.58 -3.91 69.43
CA SER B 143 -34.27 -3.08 70.58
C SER B 143 -32.84 -3.23 71.08
N GLY B 144 -32.08 -4.16 70.52
CA GLY B 144 -30.72 -4.38 70.97
C GLY B 144 -30.61 -5.20 72.23
N ASN B 145 -31.66 -5.93 72.59
CA ASN B 145 -31.66 -6.76 73.79
C ASN B 145 -30.98 -8.09 73.48
N PHE B 146 -29.84 -8.33 74.13
CA PHE B 146 -29.09 -9.55 73.91
C PHE B 146 -29.71 -10.70 74.68
N GLN B 147 -29.72 -11.87 74.05
CA GLN B 147 -30.19 -13.10 74.70
C GLN B 147 -29.18 -14.19 74.37
N VAL B 148 -28.83 -15.01 75.36
CA VAL B 148 -27.97 -16.17 75.13
C VAL B 148 -28.57 -17.37 75.83
N LEU B 149 -28.61 -18.49 75.10
CA LEU B 149 -29.08 -19.78 75.59
C LEU B 149 -27.91 -20.75 75.53
N LEU B 150 -27.62 -21.41 76.66
CA LEU B 150 -26.55 -22.39 76.74
C LEU B 150 -27.13 -23.80 76.74
N SER B 151 -26.27 -24.80 76.96
CA SER B 151 -26.68 -26.20 77.00
C SER B 151 -26.52 -26.71 78.42
N ASP B 152 -26.89 -27.98 78.63
CA ASP B 152 -26.86 -28.57 79.96
C ASP B 152 -25.44 -28.97 80.40
N ARG B 153 -24.58 -29.36 79.47
CA ARG B 153 -23.26 -29.88 79.85
C ARG B 153 -22.38 -28.82 80.49
N TYR B 154 -22.82 -27.56 80.56
CA TYR B 154 -22.08 -26.52 81.24
C TYR B 154 -22.62 -26.26 82.64
N PHE B 155 -23.31 -27.23 83.22
CA PHE B 155 -23.84 -27.07 84.57
C PHE B 155 -22.72 -26.91 85.57
N ASN B 156 -22.85 -25.94 86.47
CA ASN B 156 -21.87 -25.71 87.52
C ASN B 156 -20.49 -25.41 86.94
N LYS B 157 -20.44 -24.90 85.71
CA LYS B 157 -19.16 -24.60 85.07
C LYS B 157 -19.09 -23.26 84.39
N THR B 158 -20.20 -22.63 84.01
CA THR B 158 -20.12 -21.31 83.42
C THR B 158 -19.57 -20.32 84.45
N CYS B 159 -18.86 -19.31 83.95
CA CYS B 159 -18.03 -18.48 84.81
C CYS B 159 -18.15 -16.98 84.54
N GLY B 160 -18.87 -16.54 83.51
CA GLY B 160 -18.86 -15.16 83.10
C GLY B 160 -19.74 -14.24 83.92
N LEU B 161 -20.19 -13.16 83.29
CA LEU B 161 -20.97 -12.14 83.99
C LEU B 161 -22.38 -12.62 84.30
N CYS B 162 -22.95 -13.48 83.47
CA CYS B 162 -24.29 -14.00 83.74
C CYS B 162 -24.33 -14.86 85.00
N GLY B 163 -23.20 -15.12 85.64
CA GLY B 163 -23.18 -15.86 86.89
C GLY B 163 -23.09 -17.36 86.67
N ASN B 164 -22.69 -18.06 87.73
CA ASN B 164 -22.58 -19.50 87.65
C ASN B 164 -23.96 -20.12 87.44
N PHE B 165 -23.96 -21.24 86.72
CA PHE B 165 -25.19 -21.91 86.30
C PHE B 165 -25.41 -23.13 87.20
N ASN B 166 -26.02 -22.88 88.35
CA ASN B 166 -26.50 -23.93 89.23
C ASN B 166 -27.85 -23.49 89.78
N ILE B 167 -28.68 -24.48 90.15
CA ILE B 167 -30.04 -24.17 90.54
C ILE B 167 -30.06 -23.17 91.68
N PHE B 168 -29.17 -23.32 92.66
CA PHE B 168 -29.09 -22.37 93.75
C PHE B 168 -28.82 -20.98 93.20
N ALA B 169 -29.61 -20.00 93.65
CA ALA B 169 -29.69 -18.71 92.99
C ALA B 169 -29.20 -17.55 93.84
N GLU B 170 -28.57 -17.82 94.98
CA GLU B 170 -28.13 -16.75 95.88
C GLU B 170 -26.63 -16.52 95.86
N ASP B 171 -25.84 -17.46 95.35
CA ASP B 171 -24.39 -17.36 95.35
C ASP B 171 -23.86 -17.03 93.96
N ASP B 172 -24.50 -16.10 93.25
CA ASP B 172 -24.18 -15.80 91.86
C ASP B 172 -23.41 -14.49 91.73
N PHE B 173 -22.54 -14.19 92.68
CA PHE B 173 -21.68 -13.01 92.61
C PHE B 173 -20.23 -13.41 92.82
N MET B 174 -19.81 -14.49 92.16
CA MET B 174 -18.43 -14.96 92.24
C MET B 174 -17.52 -13.98 91.50
N THR B 175 -16.64 -13.30 92.23
CA THR B 175 -15.63 -12.48 91.60
C THR B 175 -14.59 -13.36 90.93
N GLN B 176 -13.78 -12.77 90.06
CA GLN B 176 -12.76 -13.56 89.37
C GLN B 176 -11.75 -14.16 90.34
N GLU B 177 -11.58 -13.57 91.52
CA GLU B 177 -10.69 -14.13 92.52
C GLU B 177 -11.26 -15.38 93.17
N GLY B 178 -12.54 -15.65 92.97
CA GLY B 178 -13.21 -16.76 93.62
C GLY B 178 -13.94 -16.41 94.89
N THR B 179 -13.76 -15.19 95.40
CA THR B 179 -14.47 -14.76 96.60
C THR B 179 -15.88 -14.31 96.25
N LEU B 180 -16.68 -14.08 97.29
CA LEU B 180 -18.06 -13.65 97.16
C LEU B 180 -18.22 -12.24 97.69
N THR B 181 -19.02 -11.43 96.99
CA THR B 181 -19.28 -10.07 97.41
C THR B 181 -20.78 -9.78 97.36
N SER B 182 -21.15 -8.52 97.59
CA SER B 182 -22.56 -8.13 97.59
C SER B 182 -22.81 -6.92 96.70
N ASP B 183 -21.80 -6.09 96.52
CA ASP B 183 -21.96 -4.91 95.67
C ASP B 183 -21.95 -5.34 94.21
N PRO B 184 -23.01 -5.06 93.44
CA PRO B 184 -22.99 -5.44 92.02
C PRO B 184 -21.82 -4.86 91.25
N TYR B 185 -21.46 -3.62 91.53
CA TYR B 185 -20.39 -2.98 90.77
C TYR B 185 -19.04 -3.63 91.04
N ASP B 186 -18.75 -3.94 92.31
CA ASP B 186 -17.50 -4.61 92.62
C ASP B 186 -17.42 -5.97 91.96
N PHE B 187 -18.52 -6.73 91.98
CA PHE B 187 -18.54 -8.04 91.34
C PHE B 187 -18.32 -7.91 89.84
N ALA B 188 -18.99 -6.94 89.21
CA ALA B 188 -18.96 -6.80 87.76
C ALA B 188 -17.66 -6.21 87.25
N ASN B 189 -16.96 -5.40 88.05
CA ASN B 189 -15.74 -4.76 87.57
C ASN B 189 -14.56 -5.72 87.49
N SER B 190 -14.67 -6.91 88.07
CA SER B 190 -13.57 -7.87 88.04
C SER B 190 -13.56 -8.73 86.79
N TRP B 191 -14.51 -8.53 85.88
CA TRP B 191 -14.57 -9.28 84.63
C TRP B 191 -14.25 -8.42 83.41
N ALA B 192 -13.77 -7.21 83.60
CA ALA B 192 -13.44 -6.35 82.47
C ALA B 192 -12.26 -6.92 81.69
N LEU B 193 -12.29 -6.71 80.37
CA LEU B 193 -11.23 -7.17 79.48
C LEU B 193 -10.75 -6.00 78.63
N SER B 194 -9.44 -5.83 78.55
CA SER B 194 -8.82 -4.76 77.77
C SER B 194 -7.99 -5.37 76.65
N SER B 195 -7.87 -4.63 75.56
CA SER B 195 -7.19 -5.13 74.36
C SER B 195 -6.40 -4.00 73.72
N GLY B 196 -5.11 -3.92 74.05
CA GLY B 196 -4.21 -3.01 73.37
C GLY B 196 -4.70 -1.58 73.35
N GLU B 197 -5.11 -1.11 72.17
CA GLU B 197 -5.53 0.27 72.01
C GLU B 197 -6.64 0.65 72.98
N GLN B 198 -7.49 -0.32 73.35
CA GLN B 198 -8.65 -0.06 74.20
C GLN B 198 -8.30 -0.43 75.62
N TRP B 199 -8.02 0.58 76.44
CA TRP B 199 -7.84 0.42 77.88
C TRP B 199 -9.03 1.03 78.60
N CYS B 200 -9.36 0.47 79.77
CA CYS B 200 -10.57 0.84 80.48
C CYS B 200 -10.28 1.11 81.94
N GLU B 201 -11.19 1.85 82.57
CA GLU B 201 -11.04 2.29 83.94
C GLU B 201 -12.07 1.60 84.83
N ARG B 202 -12.08 1.98 86.10
CA ARG B 202 -13.08 1.47 87.04
C ARG B 202 -14.44 2.08 86.74
N ALA B 203 -15.48 1.29 86.94
CA ALA B 203 -16.85 1.72 86.71
C ALA B 203 -17.48 2.16 88.01
N SER B 204 -18.18 3.31 87.98
CA SER B 204 -18.81 3.87 89.16
C SER B 204 -20.29 4.08 88.90
N PRO B 205 -21.16 3.83 89.89
CA PRO B 205 -22.60 4.00 89.66
C PRO B 205 -22.92 5.45 89.31
N PRO B 206 -23.86 5.68 88.38
CA PRO B 206 -24.27 7.06 88.10
C PRO B 206 -24.93 7.68 89.32
N SER B 207 -24.50 8.90 89.66
CA SER B 207 -25.05 9.63 90.79
C SER B 207 -26.12 10.62 90.31
N SER B 208 -27.25 10.06 89.90
CA SER B 208 -28.37 10.85 89.40
C SER B 208 -29.66 10.20 89.86
N SER B 209 -30.45 10.94 90.63
CA SER B 209 -31.75 10.47 91.10
C SER B 209 -32.85 11.11 90.24
N CYS B 210 -34.11 10.87 90.62
CA CYS B 210 -35.23 11.44 89.90
C CYS B 210 -35.18 12.97 89.90
N LEU B 221 -47.21 11.14 85.52
CA LEU B 221 -46.85 10.30 86.66
C LEU B 221 -47.92 9.26 86.93
N TRP B 222 -47.75 8.07 86.34
CA TRP B 222 -48.68 6.97 86.50
C TRP B 222 -47.90 5.70 86.83
N GLU B 223 -48.54 4.82 87.58
CA GLU B 223 -47.96 3.56 88.01
C GLU B 223 -48.70 2.43 87.30
N GLN B 224 -48.24 2.09 86.10
CA GLN B 224 -48.80 0.99 85.33
C GLN B 224 -48.05 -0.31 85.56
N CYS B 225 -47.03 -0.30 86.42
CA CYS B 225 -46.29 -1.52 86.71
C CYS B 225 -47.19 -2.57 87.37
N GLN B 226 -48.11 -2.13 88.22
CA GLN B 226 -49.04 -3.05 88.89
C GLN B 226 -49.93 -3.76 87.88
N LEU B 227 -49.79 -3.42 86.60
CA LEU B 227 -50.42 -4.22 85.55
C LEU B 227 -49.98 -5.67 85.64
N LEU B 228 -48.77 -5.94 86.12
CA LEU B 228 -48.30 -7.30 86.32
C LEU B 228 -48.94 -7.98 87.53
N LYS B 229 -49.61 -7.22 88.39
CA LYS B 229 -50.22 -7.75 89.60
C LYS B 229 -51.74 -7.73 89.58
N SER B 230 -52.35 -7.05 88.61
CA SER B 230 -53.80 -6.88 88.58
C SER B 230 -54.46 -7.75 87.52
N THR B 231 -54.06 -7.62 86.26
CA THR B 231 -54.73 -8.32 85.18
C THR B 231 -54.47 -9.83 85.25
N SER B 232 -55.45 -10.60 84.78
CA SER B 232 -55.32 -12.04 84.72
C SER B 232 -54.44 -12.50 83.56
N VAL B 233 -54.00 -11.58 82.71
CA VAL B 233 -53.13 -11.96 81.59
C VAL B 233 -51.86 -12.59 82.12
N PHE B 234 -51.26 -11.97 83.14
CA PHE B 234 -50.03 -12.48 83.75
C PHE B 234 -50.30 -13.35 84.96
N ALA B 235 -51.56 -13.58 85.32
CA ALA B 235 -51.86 -14.33 86.53
C ALA B 235 -51.32 -15.75 86.47
N ARG B 236 -51.23 -16.35 85.28
CA ARG B 236 -50.78 -17.73 85.15
C ARG B 236 -49.27 -17.87 85.27
N CYS B 237 -48.50 -16.80 85.07
CA CYS B 237 -47.06 -16.84 85.29
C CYS B 237 -46.70 -16.58 86.76
N HIS B 238 -47.68 -16.23 87.58
CA HIS B 238 -47.41 -15.98 89.00
C HIS B 238 -46.85 -17.19 89.74
N PRO B 239 -47.40 -18.40 89.59
CA PRO B 239 -46.94 -19.52 90.41
C PRO B 239 -45.59 -20.10 90.01
N LEU B 240 -45.00 -19.60 88.93
CA LEU B 240 -43.67 -20.04 88.50
C LEU B 240 -42.58 -19.01 88.80
N VAL B 241 -42.90 -17.71 88.74
CA VAL B 241 -41.94 -16.66 89.00
C VAL B 241 -42.57 -15.61 89.89
N ASP B 242 -41.72 -14.81 90.54
CA ASP B 242 -42.16 -13.77 91.45
C ASP B 242 -42.07 -12.43 90.77
N PRO B 243 -43.18 -11.72 90.51
CA PRO B 243 -43.11 -10.45 89.78
C PRO B 243 -42.45 -9.31 90.54
N GLU B 244 -42.12 -9.48 91.83
CA GLU B 244 -41.69 -8.34 92.63
C GLU B 244 -40.45 -7.66 92.08
N PRO B 245 -39.36 -8.37 91.75
CA PRO B 245 -38.19 -7.67 91.18
C PRO B 245 -38.51 -6.92 89.91
N PHE B 246 -39.41 -7.45 89.10
CA PHE B 246 -39.81 -6.74 87.88
C PHE B 246 -40.52 -5.44 88.22
N VAL B 247 -41.36 -5.44 89.26
CA VAL B 247 -42.00 -4.20 89.70
C VAL B 247 -40.95 -3.23 90.22
N ALA B 248 -39.95 -3.74 90.94
CA ALA B 248 -38.90 -2.88 91.47
C ALA B 248 -38.14 -2.19 90.34
N LEU B 249 -37.72 -2.96 89.33
CA LEU B 249 -37.02 -2.34 88.21
C LEU B 249 -37.96 -1.44 87.42
N CYS B 250 -39.25 -1.76 87.41
CA CYS B 250 -40.21 -0.90 86.72
C CYS B 250 -40.29 0.47 87.38
N GLU B 251 -40.33 0.51 88.71
CA GLU B 251 -40.33 1.81 89.40
C GLU B 251 -38.97 2.49 89.26
N LYS B 252 -37.88 1.73 89.25
CA LYS B 252 -36.57 2.33 89.01
C LYS B 252 -36.55 3.06 87.68
N THR B 253 -37.05 2.41 86.62
CA THR B 253 -37.16 3.07 85.33
C THR B 253 -38.15 4.24 85.39
N LEU B 254 -39.27 4.04 86.07
CA LEU B 254 -40.27 5.10 86.19
C LEU B 254 -39.66 6.37 86.76
N CYS B 255 -38.67 6.23 87.63
CA CYS B 255 -37.97 7.40 88.13
C CYS B 255 -37.53 8.29 86.99
N GLU B 256 -36.94 7.71 85.94
CA GLU B 256 -36.48 8.48 84.80
C GLU B 256 -37.63 8.97 83.93
N CYS B 257 -38.35 8.05 83.30
CA CYS B 257 -39.42 8.42 82.36
C CYS B 257 -39.07 9.60 81.48
N ALA B 258 -38.03 9.46 80.65
CA ALA B 258 -37.76 10.44 79.58
C ALA B 258 -38.65 10.15 78.38
N GLY B 259 -39.94 10.05 78.64
CA GLY B 259 -40.91 9.70 77.62
C GLY B 259 -42.25 9.41 78.24
N GLY B 260 -43.24 9.19 77.36
CA GLY B 260 -44.60 8.98 77.79
C GLY B 260 -44.90 7.58 78.29
N LEU B 261 -44.78 6.59 77.41
CA LEU B 261 -45.12 5.21 77.73
C LEU B 261 -43.91 4.30 77.75
N GLU B 262 -42.70 4.84 77.54
CA GLU B 262 -41.50 4.04 77.59
C GLU B 262 -41.11 3.64 79.01
N CYS B 263 -41.83 4.12 80.02
CA CYS B 263 -41.45 3.85 81.40
C CYS B 263 -41.48 2.35 81.69
N ALA B 264 -42.50 1.65 81.18
CA ALA B 264 -42.79 0.29 81.62
C ALA B 264 -42.63 -0.77 80.54
N CYS B 265 -42.98 -0.49 79.29
CA CYS B 265 -43.03 -1.55 78.29
C CYS B 265 -41.74 -2.34 78.19
N PRO B 266 -40.55 -1.74 78.16
CA PRO B 266 -39.32 -2.55 78.14
C PRO B 266 -39.23 -3.50 79.32
N ALA B 267 -39.73 -3.11 80.48
CA ALA B 267 -39.74 -3.99 81.64
C ALA B 267 -40.78 -5.11 81.55
N LEU B 268 -41.69 -5.04 80.58
CA LEU B 268 -42.73 -6.04 80.42
C LEU B 268 -42.34 -7.18 79.51
N LEU B 269 -41.69 -6.90 78.38
CA LEU B 269 -41.27 -7.95 77.47
C LEU B 269 -40.46 -9.01 78.21
N GLU B 270 -39.56 -8.57 79.10
CA GLU B 270 -38.68 -9.52 79.77
C GLU B 270 -39.44 -10.51 80.62
N TYR B 271 -40.43 -10.03 81.38
CA TYR B 271 -41.20 -10.95 82.21
C TYR B 271 -41.97 -11.95 81.36
N ALA B 272 -42.58 -11.48 80.27
CA ALA B 272 -43.31 -12.38 79.39
C ALA B 272 -42.38 -13.45 78.85
N ARG B 273 -41.23 -13.05 78.33
CA ARG B 273 -40.29 -14.03 77.79
C ARG B 273 -39.82 -15.00 78.87
N THR B 274 -39.54 -14.47 80.06
CA THR B 274 -39.02 -15.31 81.14
C THR B 274 -40.02 -16.40 81.51
N CYS B 275 -41.27 -16.01 81.80
CA CYS B 275 -42.24 -17.02 82.16
C CYS B 275 -42.70 -17.84 80.96
N ALA B 276 -42.42 -17.38 79.74
CA ALA B 276 -42.67 -18.22 78.56
C ALA B 276 -41.67 -19.36 78.49
N GLN B 277 -40.38 -19.04 78.66
CA GLN B 277 -39.35 -20.08 78.61
C GLN B 277 -39.47 -21.05 79.78
N GLU B 278 -40.17 -20.68 80.85
CA GLU B 278 -40.26 -21.54 82.02
C GLU B 278 -41.02 -22.83 81.75
N GLY B 279 -41.83 -22.89 80.70
CA GLY B 279 -42.56 -24.10 80.38
C GLY B 279 -43.94 -23.84 79.83
N MET B 280 -44.49 -22.66 80.10
CA MET B 280 -45.81 -22.28 79.59
C MET B 280 -45.69 -20.89 79.00
N VAL B 281 -46.32 -20.68 77.85
CA VAL B 281 -46.20 -19.42 77.12
C VAL B 281 -47.48 -18.63 77.25
N LEU B 282 -47.35 -17.35 77.54
CA LEU B 282 -48.51 -16.46 77.58
C LEU B 282 -49.08 -16.26 76.19
N TYR B 283 -50.40 -16.27 76.09
CA TYR B 283 -51.10 -16.19 74.81
C TYR B 283 -51.88 -14.88 74.72
N GLY B 284 -51.72 -14.19 73.61
CA GLY B 284 -52.57 -13.05 73.31
C GLY B 284 -52.43 -11.88 74.25
N TRP B 285 -51.27 -11.73 74.89
CA TRP B 285 -50.98 -10.50 75.60
C TRP B 285 -50.62 -9.45 74.56
N THR B 286 -50.18 -8.27 75.00
CA THR B 286 -49.82 -7.15 74.14
C THR B 286 -51.05 -6.45 73.59
N ASP B 287 -52.25 -6.96 73.87
CA ASP B 287 -53.48 -6.40 73.33
C ASP B 287 -54.08 -5.32 74.20
N HIS B 288 -53.43 -4.96 75.32
CA HIS B 288 -54.02 -4.02 76.27
C HIS B 288 -53.24 -2.72 76.34
N SER B 289 -51.93 -2.76 76.66
CA SER B 289 -51.17 -1.52 76.80
C SER B 289 -49.73 -1.61 76.30
N ALA B 290 -49.31 -2.73 75.72
CA ALA B 290 -47.93 -2.87 75.31
C ALA B 290 -47.55 -1.80 74.28
N CYS B 291 -46.25 -1.71 74.02
CA CYS B 291 -45.70 -0.69 73.14
C CYS B 291 -45.19 -1.27 71.82
N SER B 292 -45.79 -2.37 71.37
CA SER B 292 -45.55 -2.87 70.02
C SER B 292 -44.07 -3.04 69.71
N PRO B 293 -43.41 -4.08 70.22
CA PRO B 293 -42.01 -4.31 69.86
C PRO B 293 -41.83 -4.28 68.36
N VAL B 294 -40.77 -3.60 67.92
CA VAL B 294 -40.65 -3.13 66.53
C VAL B 294 -39.79 -4.08 65.72
N CYS B 295 -40.20 -4.32 64.48
CA CYS B 295 -39.38 -4.95 63.46
C CYS B 295 -39.68 -4.29 62.13
N PRO B 296 -38.78 -4.41 61.14
CA PRO B 296 -38.81 -3.51 59.99
C PRO B 296 -40.16 -3.41 59.27
N ALA B 297 -40.68 -4.54 58.79
CA ALA B 297 -41.88 -4.53 57.98
C ALA B 297 -42.75 -5.73 58.34
N GLY B 298 -44.02 -5.65 57.98
CA GLY B 298 -44.99 -6.67 58.36
C GLY B 298 -45.52 -6.46 59.76
N MET B 299 -44.63 -6.21 60.72
CA MET B 299 -45.01 -5.84 62.08
C MET B 299 -45.94 -6.87 62.71
N GLU B 300 -46.01 -8.08 62.14
CA GLU B 300 -46.93 -9.11 62.63
C GLU B 300 -46.29 -9.80 63.83
N TYR B 301 -45.96 -8.99 64.84
CA TYR B 301 -45.40 -9.53 66.07
C TYR B 301 -46.37 -10.51 66.69
N ARG B 302 -45.87 -11.68 67.06
CA ARG B 302 -46.73 -12.70 67.66
C ARG B 302 -45.85 -13.81 68.22
N GLN B 303 -46.45 -14.60 69.10
CA GLN B 303 -45.76 -15.75 69.67
C GLN B 303 -46.07 -17.00 68.84
N CYS B 304 -45.21 -18.01 68.99
CA CYS B 304 -45.37 -19.30 68.33
C CYS B 304 -45.44 -19.12 66.81
N VAL B 305 -44.31 -18.67 66.26
CA VAL B 305 -44.10 -18.62 64.82
C VAL B 305 -43.00 -19.62 64.47
N SER B 306 -43.28 -20.48 63.50
CA SER B 306 -42.34 -21.54 63.15
C SER B 306 -41.06 -20.92 62.60
N PRO B 307 -39.88 -21.31 63.11
CA PRO B 307 -38.64 -20.76 62.54
C PRO B 307 -38.45 -21.10 61.07
N CYS B 308 -39.11 -22.13 60.55
CA CYS B 308 -38.93 -22.50 59.16
C CYS B 308 -39.32 -21.37 58.22
N ALA B 309 -40.43 -20.69 58.51
CA ALA B 309 -40.84 -19.50 57.78
C ALA B 309 -40.92 -19.77 56.27
N ARG B 310 -41.87 -20.63 55.93
CA ARG B 310 -42.06 -21.06 54.54
C ARG B 310 -42.05 -19.88 53.59
N THR B 311 -41.23 -19.98 52.56
CA THR B 311 -41.22 -19.06 51.43
C THR B 311 -41.50 -19.85 50.15
N CYS B 312 -41.49 -19.15 49.01
CA CYS B 312 -41.74 -19.80 47.74
C CYS B 312 -40.48 -20.37 47.10
N GLN B 313 -39.30 -19.90 47.49
CA GLN B 313 -38.04 -20.44 47.00
C GLN B 313 -37.63 -21.58 47.90
N SER B 314 -38.50 -22.59 47.98
CA SER B 314 -38.30 -23.71 48.89
C SER B 314 -38.82 -24.98 48.23
N LEU B 315 -38.36 -26.11 48.76
CA LEU B 315 -38.76 -27.42 48.27
C LEU B 315 -40.02 -27.94 48.94
N HIS B 316 -40.59 -27.18 49.88
CA HIS B 316 -41.84 -27.54 50.54
C HIS B 316 -41.74 -28.91 51.21
N ILE B 317 -40.60 -29.13 51.85
CA ILE B 317 -40.40 -30.33 52.64
C ILE B 317 -41.04 -30.15 54.00
N ASN B 318 -41.86 -31.11 54.39
CA ASN B 318 -42.60 -31.03 55.65
C ASN B 318 -42.01 -31.99 56.67
N GLU B 319 -42.55 -31.96 57.89
CA GLU B 319 -42.23 -32.91 58.94
C GLU B 319 -40.83 -32.69 59.52
N MET B 320 -40.08 -31.75 58.96
CA MET B 320 -38.71 -31.47 59.39
C MET B 320 -38.64 -30.16 60.16
N CYS B 321 -39.80 -29.64 60.56
CA CYS B 321 -39.88 -28.41 61.37
C CYS B 321 -40.27 -28.84 62.78
N GLN B 322 -39.26 -29.16 63.59
CA GLN B 322 -39.45 -29.62 64.96
C GLN B 322 -38.83 -28.65 65.97
N GLU B 323 -39.03 -27.36 65.75
CA GLU B 323 -38.47 -26.32 66.60
C GLU B 323 -39.57 -25.73 67.48
N ARG B 324 -39.20 -25.41 68.72
CA ARG B 324 -40.15 -24.87 69.67
C ARG B 324 -40.66 -23.50 69.20
N CYS B 325 -41.65 -22.98 69.92
CA CYS B 325 -42.16 -21.66 69.64
C CYS B 325 -41.10 -20.60 69.95
N VAL B 326 -40.97 -19.63 69.05
CA VAL B 326 -40.05 -18.52 69.22
C VAL B 326 -40.80 -17.23 68.90
N ASP B 327 -40.72 -16.26 69.81
CA ASP B 327 -41.36 -14.98 69.55
C ASP B 327 -40.59 -14.21 68.48
N GLY B 328 -41.31 -13.32 67.80
CA GLY B 328 -40.73 -12.53 66.73
C GLY B 328 -41.81 -11.79 65.97
N CYS B 329 -41.66 -11.67 64.66
CA CYS B 329 -42.69 -11.04 63.84
C CYS B 329 -42.67 -11.66 62.45
N SER B 330 -43.56 -11.18 61.60
CA SER B 330 -43.75 -11.69 60.25
C SER B 330 -44.61 -10.67 59.50
N CYS B 331 -45.11 -11.07 58.33
CA CYS B 331 -46.06 -10.27 57.60
C CYS B 331 -47.25 -11.18 57.30
N PRO B 332 -48.46 -10.60 57.12
CA PRO B 332 -49.71 -11.34 57.40
C PRO B 332 -49.71 -12.82 57.03
N GLU B 333 -50.60 -13.26 56.13
CA GLU B 333 -50.70 -14.67 55.78
C GLU B 333 -50.75 -14.92 54.29
N GLY B 334 -51.28 -13.97 53.51
CA GLY B 334 -51.37 -14.13 52.08
C GLY B 334 -50.09 -13.81 51.32
N GLN B 335 -49.04 -13.43 52.03
CA GLN B 335 -47.78 -13.05 51.42
C GLN B 335 -46.69 -14.05 51.78
N LEU B 336 -45.78 -14.27 50.85
CA LEU B 336 -44.62 -15.12 51.05
C LEU B 336 -43.37 -14.26 51.06
N LEU B 337 -42.44 -14.58 51.96
CA LEU B 337 -41.29 -13.75 52.20
C LEU B 337 -40.27 -13.86 51.07
N ASP B 338 -39.67 -12.72 50.71
CA ASP B 338 -38.55 -12.65 49.81
C ASP B 338 -37.33 -12.20 50.60
N GLU B 339 -36.18 -12.08 49.92
CA GLU B 339 -34.95 -11.78 50.64
C GLU B 339 -35.04 -10.44 51.36
N GLY B 340 -35.60 -9.42 50.71
CA GLY B 340 -35.74 -8.11 51.32
C GLY B 340 -37.04 -7.98 52.09
N LEU B 341 -38.16 -8.19 51.39
CA LEU B 341 -39.48 -8.10 52.00
C LEU B 341 -40.34 -9.26 51.54
N CYS B 342 -41.62 -9.24 51.86
CA CYS B 342 -42.54 -10.29 51.47
C CYS B 342 -43.56 -9.76 50.47
N VAL B 343 -43.87 -10.58 49.47
CA VAL B 343 -44.71 -10.18 48.35
C VAL B 343 -45.82 -11.22 48.20
N GLU B 344 -46.88 -10.82 47.49
CA GLU B 344 -47.99 -11.72 47.25
C GLU B 344 -47.48 -12.98 46.53
N SER B 345 -48.24 -14.07 46.71
CA SER B 345 -47.80 -15.36 46.19
C SER B 345 -47.65 -15.37 44.67
N THR B 346 -48.27 -14.41 43.98
CA THR B 346 -48.30 -14.44 42.53
C THR B 346 -47.15 -13.68 41.88
N GLU B 347 -46.17 -13.22 42.65
CA GLU B 347 -45.04 -12.45 42.12
C GLU B 347 -43.72 -12.97 42.69
N CYS B 348 -43.55 -14.29 42.71
CA CYS B 348 -42.25 -14.84 43.05
C CYS B 348 -41.41 -14.93 41.79
N PRO B 349 -40.34 -14.15 41.66
CA PRO B 349 -39.59 -14.13 40.40
C PRO B 349 -38.82 -15.41 40.16
N CYS B 350 -38.54 -15.67 38.89
CA CYS B 350 -37.69 -16.79 38.52
C CYS B 350 -36.23 -16.45 38.80
N VAL B 351 -35.41 -17.48 38.92
CA VAL B 351 -33.97 -17.33 39.14
C VAL B 351 -33.23 -18.12 38.08
N HIS B 352 -32.21 -17.49 37.49
CA HIS B 352 -31.36 -18.15 36.51
C HIS B 352 -29.94 -17.62 36.65
N SER B 353 -28.99 -18.50 36.95
CA SER B 353 -27.59 -18.14 37.12
C SER B 353 -27.42 -17.03 38.15
N GLY B 354 -28.26 -17.05 39.18
CA GLY B 354 -28.22 -16.06 40.23
C GLY B 354 -28.97 -14.78 39.92
N LYS B 355 -29.40 -14.58 38.68
CA LYS B 355 -30.17 -13.41 38.32
C LYS B 355 -31.66 -13.63 38.58
N ARG B 356 -32.33 -12.56 38.99
CA ARG B 356 -33.76 -12.59 39.29
C ARG B 356 -34.51 -12.00 38.12
N TYR B 357 -35.67 -12.59 37.79
CA TYR B 357 -36.46 -12.13 36.68
C TYR B 357 -37.94 -12.10 37.06
N PRO B 358 -38.68 -11.06 36.67
CA PRO B 358 -40.11 -11.02 37.00
C PRO B 358 -40.88 -12.05 36.19
N PRO B 359 -42.11 -12.37 36.60
CA PRO B 359 -42.91 -13.33 35.83
C PRO B 359 -43.13 -12.83 34.42
N GLY B 360 -43.23 -13.79 33.48
CA GLY B 360 -43.41 -13.44 32.08
C GLY B 360 -42.22 -12.69 31.53
N THR B 361 -41.02 -13.18 31.81
CA THR B 361 -39.78 -12.53 31.38
C THR B 361 -38.93 -13.55 30.60
N SER B 362 -39.58 -14.20 29.65
CA SER B 362 -38.99 -15.31 28.90
C SER B 362 -37.57 -15.00 28.45
N LEU B 363 -36.66 -15.90 28.82
CA LEU B 363 -35.28 -15.84 28.35
C LEU B 363 -35.13 -16.63 27.06
N SER B 364 -34.08 -16.32 26.31
CA SER B 364 -33.83 -16.92 25.01
C SER B 364 -32.52 -17.69 25.06
N ARG B 365 -32.59 -18.99 24.76
CA ARG B 365 -31.41 -19.81 24.54
C ARG B 365 -31.09 -19.84 23.04
N ASP B 366 -29.88 -20.30 22.72
CA ASP B 366 -29.51 -20.42 21.31
C ASP B 366 -30.43 -21.36 20.57
N CYS B 367 -30.80 -22.48 21.19
CA CYS B 367 -31.63 -23.49 20.56
C CYS B 367 -33.12 -23.27 20.84
N ASN B 368 -33.46 -22.75 22.02
CA ASN B 368 -34.86 -22.65 22.44
C ASN B 368 -35.04 -21.40 23.27
N THR B 369 -36.22 -21.28 23.87
CA THR B 369 -36.58 -20.16 24.74
C THR B 369 -37.92 -20.50 25.40
N CYS B 370 -38.14 -19.95 26.59
CA CYS B 370 -39.41 -20.16 27.27
C CYS B 370 -39.58 -19.10 28.35
N ILE B 371 -40.67 -19.23 29.11
CA ILE B 371 -41.26 -18.13 29.87
C ILE B 371 -41.10 -18.40 31.36
N CYS B 372 -41.12 -17.32 32.14
CA CYS B 372 -41.16 -17.39 33.60
C CYS B 372 -42.61 -17.57 34.07
N ARG B 373 -42.91 -18.75 34.59
CA ARG B 373 -44.12 -18.98 35.35
C ARG B 373 -43.81 -18.71 36.82
N ASN B 374 -44.68 -19.14 37.74
CA ASN B 374 -44.49 -18.84 39.15
C ASN B 374 -43.29 -19.63 39.64
N SER B 375 -42.10 -19.11 39.30
CA SER B 375 -40.83 -19.74 39.68
C SER B 375 -40.71 -21.14 39.10
N GLN B 376 -41.17 -21.30 37.86
CA GLN B 376 -41.10 -22.60 37.18
C GLN B 376 -40.91 -22.33 35.68
N TRP B 377 -39.67 -22.34 35.23
CA TRP B 377 -39.42 -22.27 33.80
C TRP B 377 -39.99 -23.51 33.12
N ILE B 378 -40.60 -23.32 31.96
CA ILE B 378 -41.20 -24.41 31.19
C ILE B 378 -40.72 -24.25 29.75
N CYS B 379 -39.62 -24.91 29.41
CA CYS B 379 -39.06 -24.86 28.08
C CYS B 379 -39.42 -26.11 27.29
N SER B 380 -39.38 -25.96 25.96
CA SER B 380 -39.74 -27.03 25.04
C SER B 380 -38.47 -27.52 24.35
N ASN B 381 -38.24 -28.83 24.39
CA ASN B 381 -37.07 -29.41 23.76
C ASN B 381 -37.16 -29.28 22.25
N GLU B 382 -36.00 -29.11 21.62
CA GLU B 382 -35.92 -28.98 20.17
C GLU B 382 -34.48 -29.12 19.70
N GLU B 383 -34.24 -29.99 18.72
CA GLU B 383 -32.89 -30.21 18.22
C GLU B 383 -32.37 -28.95 17.54
N CYS B 384 -31.09 -28.67 17.75
CA CYS B 384 -30.42 -27.52 17.16
C CYS B 384 -29.06 -27.96 16.62
N PRO B 385 -28.49 -27.18 15.70
CA PRO B 385 -27.29 -27.65 14.98
C PRO B 385 -26.13 -27.95 15.91
N GLY B 386 -25.37 -28.97 15.52
CA GLY B 386 -24.17 -29.34 16.25
C GLY B 386 -22.91 -29.00 15.48
N GLU B 387 -21.77 -28.97 16.16
CA GLU B 387 -20.50 -28.58 15.56
C GLU B 387 -19.39 -29.48 16.06
N CYS B 388 -18.46 -29.82 15.18
CA CYS B 388 -17.27 -30.61 15.52
C CYS B 388 -16.05 -29.74 15.24
N LEU B 389 -15.49 -29.15 16.29
CA LEU B 389 -14.33 -28.27 16.15
C LEU B 389 -13.05 -29.08 16.17
N VAL B 390 -12.06 -28.60 15.44
CA VAL B 390 -10.72 -29.19 15.43
C VAL B 390 -9.70 -28.06 15.37
N THR B 391 -9.02 -27.80 16.49
CA THR B 391 -8.09 -26.68 16.57
C THR B 391 -6.91 -27.09 17.44
N GLY B 392 -6.00 -26.15 17.65
CA GLY B 392 -4.83 -26.40 18.47
C GLY B 392 -3.96 -27.47 17.86
N GLN B 393 -3.02 -27.97 18.68
CA GLN B 393 -2.18 -29.07 18.25
C GLN B 393 -3.05 -30.29 17.95
N SER B 394 -3.69 -30.83 18.99
CA SER B 394 -4.63 -31.94 18.84
C SER B 394 -5.68 -31.78 19.93
N HIS B 395 -6.78 -31.14 19.59
CA HIS B 395 -7.86 -30.89 20.53
C HIS B 395 -9.17 -30.94 19.78
N PHE B 396 -9.95 -31.99 20.04
CA PHE B 396 -11.20 -32.20 19.33
C PHE B 396 -12.38 -31.82 20.22
N LYS B 397 -13.55 -31.78 19.60
CA LYS B 397 -14.80 -31.61 20.34
C LYS B 397 -15.88 -32.40 19.61
N SER B 398 -16.31 -33.51 20.20
CA SER B 398 -17.28 -34.36 19.55
C SER B 398 -18.53 -33.56 19.24
N PHE B 399 -19.42 -34.13 18.41
CA PHE B 399 -20.60 -33.38 18.02
C PHE B 399 -21.47 -33.03 19.21
N ASP B 400 -21.46 -33.84 20.27
CA ASP B 400 -22.36 -33.54 21.38
C ASP B 400 -21.76 -32.49 22.31
N ASN B 401 -20.77 -32.85 23.14
CA ASN B 401 -19.91 -31.87 23.77
C ASN B 401 -18.52 -32.36 24.14
N ARG B 402 -18.17 -33.61 23.87
CA ARG B 402 -17.01 -34.20 24.53
C ARG B 402 -15.72 -33.64 23.96
N TYR B 403 -14.82 -33.23 24.86
CA TYR B 403 -13.49 -32.76 24.50
C TYR B 403 -12.47 -33.87 24.71
N PHE B 404 -11.38 -33.83 23.95
CA PHE B 404 -10.30 -34.78 24.14
C PHE B 404 -9.14 -34.41 23.23
N THR B 405 -8.05 -35.17 23.36
CA THR B 405 -6.85 -34.99 22.56
C THR B 405 -6.35 -36.37 22.12
N PHE B 406 -6.02 -36.51 20.84
CA PHE B 406 -5.60 -37.80 20.30
C PHE B 406 -4.15 -37.80 19.86
N SER B 407 -3.73 -36.88 18.99
CA SER B 407 -2.34 -36.74 18.58
C SER B 407 -1.81 -38.03 17.93
N GLY B 408 -2.42 -38.34 16.78
CA GLY B 408 -1.97 -39.45 15.96
C GLY B 408 -1.49 -38.94 14.61
N ILE B 409 -0.55 -39.68 14.02
CA ILE B 409 0.05 -39.27 12.75
C ILE B 409 -0.35 -40.24 11.64
N CYS B 410 -1.49 -40.00 11.02
CA CYS B 410 -1.95 -40.76 9.86
C CYS B 410 -3.17 -40.03 9.31
N GLN B 411 -3.83 -40.64 8.33
CA GLN B 411 -5.08 -40.13 7.80
C GLN B 411 -6.24 -40.83 8.50
N TYR B 412 -7.18 -40.05 9.02
CA TYR B 412 -8.30 -40.57 9.77
C TYR B 412 -9.61 -40.05 9.20
N LEU B 413 -10.65 -40.85 9.34
CA LEU B 413 -11.99 -40.49 8.85
C LEU B 413 -12.65 -39.60 9.88
N LEU B 414 -12.83 -38.32 9.53
CA LEU B 414 -13.40 -37.38 10.47
C LEU B 414 -14.93 -37.43 10.51
N ALA B 415 -15.58 -37.53 9.36
CA ALA B 415 -17.05 -37.56 9.38
C ALA B 415 -17.56 -38.24 8.12
N ARG B 416 -18.77 -38.75 8.20
CA ARG B 416 -19.38 -39.49 7.11
C ARG B 416 -20.87 -39.57 7.32
N ASP B 417 -21.62 -39.55 6.21
CA ASP B 417 -23.06 -39.73 6.29
C ASP B 417 -23.40 -41.03 7.01
N CYS B 418 -22.78 -42.13 6.59
CA CYS B 418 -22.80 -43.41 7.27
C CYS B 418 -24.15 -44.10 7.19
N GLN B 419 -25.17 -43.46 6.64
CA GLN B 419 -26.49 -44.05 6.47
C GLN B 419 -26.96 -44.02 5.02
N ASP B 420 -26.68 -42.95 4.30
CA ASP B 420 -27.08 -42.83 2.90
C ASP B 420 -25.92 -42.48 1.98
N HIS B 421 -24.71 -42.30 2.51
CA HIS B 421 -23.52 -42.07 1.71
C HIS B 421 -23.67 -40.79 0.88
N SER B 422 -23.90 -39.69 1.58
CA SER B 422 -24.13 -38.40 0.95
C SER B 422 -22.92 -37.47 1.01
N PHE B 423 -21.88 -37.83 1.75
CA PHE B 423 -20.67 -37.01 1.84
C PHE B 423 -19.66 -37.76 2.70
N SER B 424 -18.45 -37.21 2.76
CA SER B 424 -17.45 -37.75 3.68
C SER B 424 -16.30 -36.74 3.80
N ILE B 425 -15.81 -36.56 5.02
CA ILE B 425 -14.74 -35.62 5.32
C ILE B 425 -13.61 -36.38 5.98
N VAL B 426 -12.40 -36.24 5.42
CA VAL B 426 -11.21 -36.91 5.92
C VAL B 426 -10.13 -35.85 6.13
N ILE B 427 -9.23 -36.09 7.08
CA ILE B 427 -8.18 -35.14 7.42
C ILE B 427 -6.84 -35.84 7.35
N GLU B 428 -5.78 -35.05 7.19
CA GLU B 428 -4.41 -35.56 7.24
C GLU B 428 -3.65 -34.81 8.32
N THR B 429 -2.83 -35.53 9.08
CA THR B 429 -2.11 -34.96 10.21
C THR B 429 -0.62 -35.28 10.10
N VAL B 430 0.21 -34.35 10.55
CA VAL B 430 1.65 -34.52 10.57
C VAL B 430 2.21 -33.82 11.80
N GLN B 431 3.42 -34.20 12.18
CA GLN B 431 4.05 -33.65 13.38
C GLN B 431 4.73 -32.33 13.05
N CYS B 432 4.59 -31.36 13.96
CA CYS B 432 5.19 -30.05 13.79
C CYS B 432 6.24 -29.81 14.87
N ALA B 433 6.82 -28.62 14.86
CA ALA B 433 7.61 -28.09 15.97
C ALA B 433 8.61 -29.10 16.52
N ASP B 434 9.16 -29.94 15.65
CA ASP B 434 10.27 -30.83 15.97
C ASP B 434 10.22 -31.33 17.41
N ASP B 435 9.04 -31.79 17.84
CA ASP B 435 8.82 -32.17 19.22
C ASP B 435 8.01 -33.47 19.26
N ARG B 436 8.05 -34.12 20.42
CA ARG B 436 7.40 -35.42 20.56
C ARG B 436 5.89 -35.32 20.48
N ASP B 437 5.31 -34.26 21.05
CA ASP B 437 3.87 -34.18 21.27
C ASP B 437 3.15 -33.18 20.37
N ALA B 438 3.86 -32.46 19.51
CA ALA B 438 3.24 -31.45 18.65
C ALA B 438 2.82 -32.11 17.35
N VAL B 439 1.52 -32.15 17.09
CA VAL B 439 0.96 -32.72 15.87
C VAL B 439 -0.06 -31.74 15.31
N CYS B 440 0.00 -31.51 14.01
CA CYS B 440 -0.89 -30.58 13.32
C CYS B 440 -1.79 -31.33 12.35
N THR B 441 -2.56 -30.59 11.57
CA THR B 441 -3.33 -31.12 10.45
C THR B 441 -2.97 -30.34 9.20
N ARG B 442 -2.61 -31.05 8.15
CA ARG B 442 -2.19 -30.41 6.91
C ARG B 442 -3.37 -30.06 6.00
N SER B 443 -4.12 -31.08 5.57
CA SER B 443 -5.09 -30.92 4.50
C SER B 443 -6.36 -31.67 4.85
N VAL B 444 -7.44 -31.25 4.18
CA VAL B 444 -8.76 -31.83 4.38
C VAL B 444 -9.34 -32.22 3.03
N THR B 445 -9.80 -33.46 2.91
CA THR B 445 -10.39 -33.96 1.68
C THR B 445 -11.88 -34.17 1.88
N VAL B 446 -12.68 -33.61 0.99
CA VAL B 446 -14.13 -33.73 1.03
C VAL B 446 -14.58 -34.48 -0.22
N ARG B 447 -15.44 -35.48 -0.02
CA ARG B 447 -16.03 -36.25 -1.11
C ARG B 447 -17.54 -36.09 -1.07
N LEU B 448 -18.12 -35.69 -2.19
CA LEU B 448 -19.56 -35.51 -2.33
C LEU B 448 -20.06 -36.36 -3.49
N PRO B 449 -20.65 -37.52 -3.22
CA PRO B 449 -21.16 -38.34 -4.33
C PRO B 449 -22.20 -37.65 -5.17
N GLY B 450 -22.92 -36.67 -4.63
CA GLY B 450 -23.94 -35.98 -5.41
C GLY B 450 -23.37 -35.33 -6.65
N LEU B 451 -22.23 -34.65 -6.52
CA LEU B 451 -21.57 -34.01 -7.66
C LEU B 451 -20.72 -35.07 -8.37
N HIS B 452 -21.41 -36.01 -9.00
CA HIS B 452 -20.74 -37.11 -9.69
C HIS B 452 -19.84 -37.85 -8.70
N ASN B 453 -18.53 -37.58 -8.77
CA ASN B 453 -17.60 -38.07 -7.75
C ASN B 453 -16.48 -37.03 -7.65
N SER B 454 -16.62 -36.12 -6.69
CA SER B 454 -15.77 -34.96 -6.59
C SER B 454 -14.89 -35.04 -5.35
N LEU B 455 -13.59 -34.81 -5.53
CA LEU B 455 -12.64 -34.66 -4.44
C LEU B 455 -12.26 -33.20 -4.35
N VAL B 456 -12.48 -32.59 -3.19
CA VAL B 456 -12.23 -31.15 -2.99
C VAL B 456 -11.16 -31.04 -1.91
N LYS B 457 -9.90 -30.95 -2.32
CA LYS B 457 -8.82 -30.81 -1.36
C LYS B 457 -8.69 -29.38 -0.89
N LEU B 458 -8.61 -29.20 0.43
CA LEU B 458 -8.27 -27.94 1.07
C LEU B 458 -6.87 -28.10 1.63
N LYS B 459 -5.96 -27.22 1.20
CA LYS B 459 -4.54 -27.38 1.40
C LYS B 459 -4.06 -26.49 2.55
N HIS B 460 -2.75 -26.57 2.82
CA HIS B 460 -2.19 -25.87 3.97
C HIS B 460 -2.41 -24.37 3.86
N GLY B 461 -2.18 -23.80 2.68
CA GLY B 461 -2.50 -22.40 2.47
C GLY B 461 -3.99 -22.21 2.40
N ALA B 462 -4.43 -21.15 1.71
CA ALA B 462 -5.85 -20.93 1.45
C ALA B 462 -6.30 -21.57 0.15
N GLY B 463 -5.45 -22.38 -0.48
CA GLY B 463 -5.77 -22.92 -1.78
C GLY B 463 -6.86 -23.96 -1.73
N VAL B 464 -7.53 -24.12 -2.86
CA VAL B 464 -8.57 -25.13 -3.05
C VAL B 464 -8.29 -25.83 -4.36
N ALA B 465 -8.37 -27.16 -4.36
CA ALA B 465 -8.04 -27.94 -5.56
C ALA B 465 -9.15 -28.95 -5.78
N MET B 466 -9.83 -28.86 -6.94
CA MET B 466 -10.84 -29.83 -7.29
C MET B 466 -10.30 -30.75 -8.37
N ASP B 467 -10.30 -32.05 -8.10
CA ASP B 467 -9.92 -33.08 -9.07
C ASP B 467 -8.55 -32.78 -9.68
N GLY B 468 -7.64 -32.23 -8.86
CA GLY B 468 -6.28 -31.99 -9.27
C GLY B 468 -6.03 -30.62 -9.87
N GLN B 469 -7.08 -29.89 -10.24
CA GLN B 469 -6.94 -28.57 -10.85
C GLN B 469 -7.17 -27.50 -9.79
N ASP B 470 -6.18 -26.63 -9.62
CA ASP B 470 -6.39 -25.45 -8.78
C ASP B 470 -7.42 -24.54 -9.43
N VAL B 471 -8.24 -23.90 -8.59
CA VAL B 471 -9.32 -23.06 -9.08
C VAL B 471 -9.24 -21.71 -8.37
N GLN B 472 -9.85 -20.71 -8.99
CA GLN B 472 -9.88 -19.36 -8.46
C GLN B 472 -11.27 -19.06 -7.91
N LEU B 473 -11.33 -18.65 -6.65
CA LEU B 473 -12.59 -18.40 -5.99
C LEU B 473 -13.17 -17.06 -6.42
N PRO B 474 -14.49 -16.88 -6.30
CA PRO B 474 -15.47 -17.85 -5.81
C PRO B 474 -15.86 -18.87 -6.86
N LEU B 475 -16.49 -19.96 -6.42
CA LEU B 475 -16.91 -21.05 -7.29
C LEU B 475 -18.40 -21.31 -7.08
N LEU B 476 -19.11 -21.51 -8.19
CA LEU B 476 -20.54 -21.80 -8.15
C LEU B 476 -20.83 -23.01 -9.01
N LYS B 477 -21.70 -23.89 -8.52
CA LYS B 477 -22.13 -25.05 -9.29
C LYS B 477 -23.56 -25.37 -8.88
N GLY B 478 -24.03 -26.57 -9.20
CA GLY B 478 -25.43 -26.90 -9.00
C GLY B 478 -25.88 -26.71 -7.57
N ASP B 479 -25.08 -27.21 -6.62
CA ASP B 479 -25.40 -27.01 -5.21
C ASP B 479 -24.18 -26.72 -4.36
N LEU B 480 -23.00 -26.61 -4.96
CA LEU B 480 -21.76 -26.37 -4.23
C LEU B 480 -21.33 -24.92 -4.39
N ARG B 481 -20.93 -24.30 -3.28
CA ARG B 481 -20.44 -22.94 -3.29
C ARG B 481 -19.20 -22.84 -2.42
N ILE B 482 -18.16 -22.21 -2.95
CA ILE B 482 -16.93 -21.95 -2.21
C ILE B 482 -16.56 -20.49 -2.43
N GLN B 483 -16.18 -19.81 -1.36
CA GLN B 483 -15.91 -18.38 -1.46
C GLN B 483 -15.01 -17.97 -0.30
N HIS B 484 -14.25 -16.90 -0.53
CA HIS B 484 -13.46 -16.30 0.53
C HIS B 484 -14.37 -15.63 1.55
N THR B 485 -13.81 -15.39 2.74
CA THR B 485 -14.50 -14.66 3.79
C THR B 485 -13.68 -13.43 4.16
N VAL B 486 -14.23 -12.64 5.08
CA VAL B 486 -13.59 -11.37 5.44
C VAL B 486 -12.21 -11.62 6.03
N THR B 487 -12.09 -12.58 6.93
CA THR B 487 -10.83 -12.82 7.64
C THR B 487 -9.97 -13.86 6.92
N ALA B 488 -9.76 -13.66 5.63
CA ALA B 488 -8.82 -14.45 4.84
C ALA B 488 -8.95 -15.94 5.12
N SER B 489 -10.12 -16.49 4.80
CA SER B 489 -10.38 -17.91 4.96
C SER B 489 -11.34 -18.34 3.86
N VAL B 490 -11.80 -19.58 3.95
CA VAL B 490 -12.70 -20.15 2.95
C VAL B 490 -14.00 -20.55 3.63
N ARG B 491 -15.01 -20.84 2.82
CA ARG B 491 -16.32 -21.22 3.34
C ARG B 491 -16.97 -22.15 2.30
N LEU B 492 -16.83 -23.45 2.50
CA LEU B 492 -17.50 -24.42 1.65
C LEU B 492 -18.94 -24.59 2.14
N SER B 493 -19.86 -24.72 1.20
CA SER B 493 -21.27 -24.85 1.53
C SER B 493 -21.93 -25.85 0.61
N TYR B 494 -22.92 -26.54 1.14
CA TYR B 494 -23.76 -27.45 0.37
C TYR B 494 -25.20 -27.11 0.71
N GLY B 495 -26.15 -27.74 0.03
CA GLY B 495 -27.52 -27.27 0.13
C GLY B 495 -28.11 -27.31 1.52
N GLU B 496 -28.17 -26.12 2.15
CA GLU B 496 -29.03 -25.86 3.30
C GLU B 496 -28.77 -26.75 4.51
N ASP B 497 -27.77 -27.64 4.46
CA ASP B 497 -27.54 -28.58 5.54
C ASP B 497 -26.10 -28.60 6.03
N LEU B 498 -25.14 -28.49 5.13
CA LEU B 498 -23.73 -28.60 5.48
C LEU B 498 -23.05 -27.25 5.39
N GLN B 499 -21.94 -27.11 6.13
CA GLN B 499 -21.16 -25.89 6.10
C GLN B 499 -19.82 -26.15 6.78
N MET B 500 -18.75 -25.64 6.18
CA MET B 500 -17.41 -25.89 6.67
C MET B 500 -16.63 -24.58 6.67
N ASP B 501 -15.63 -24.52 7.54
CA ASP B 501 -14.74 -23.38 7.64
C ASP B 501 -13.33 -23.88 7.88
N TRP B 502 -12.38 -23.31 7.13
CA TRP B 502 -10.99 -23.77 7.14
C TRP B 502 -10.11 -22.57 6.85
N ASP B 503 -9.17 -22.27 7.75
CA ASP B 503 -8.29 -21.11 7.58
C ASP B 503 -6.85 -21.55 7.76
N GLY B 504 -6.30 -22.18 6.72
CA GLY B 504 -4.86 -22.26 6.57
C GLY B 504 -4.15 -23.12 7.59
N ARG B 505 -4.09 -22.64 8.82
CA ARG B 505 -3.25 -23.22 9.86
C ARG B 505 -4.01 -24.21 10.73
N GLY B 506 -4.58 -25.24 10.12
CA GLY B 506 -5.20 -26.32 10.87
C GLY B 506 -6.20 -25.88 11.91
N ARG B 507 -7.31 -25.28 11.48
CA ARG B 507 -8.42 -25.00 12.39
C ARG B 507 -9.71 -25.16 11.58
N LEU B 508 -10.32 -26.33 11.69
CA LEU B 508 -11.49 -26.69 10.92
C LEU B 508 -12.74 -26.66 11.78
N LEU B 509 -13.79 -26.07 11.24
CA LEU B 509 -15.10 -26.03 11.88
C LEU B 509 -16.13 -26.61 10.93
N VAL B 510 -17.02 -27.45 11.45
CA VAL B 510 -18.01 -28.16 10.63
C VAL B 510 -19.37 -28.00 11.30
N LYS B 511 -20.25 -27.23 10.69
CA LYS B 511 -21.63 -27.14 11.15
C LYS B 511 -22.46 -28.20 10.45
N LEU B 512 -23.63 -28.51 11.02
CA LEU B 512 -24.46 -29.57 10.48
C LEU B 512 -25.90 -29.33 10.89
N SER B 513 -26.81 -29.53 9.94
CA SER B 513 -28.23 -29.32 10.18
C SER B 513 -28.81 -30.46 11.00
N PRO B 514 -29.94 -30.24 11.70
CA PRO B 514 -30.54 -31.32 12.49
C PRO B 514 -31.08 -32.46 11.63
N VAL B 515 -30.98 -32.34 10.32
CA VAL B 515 -31.47 -33.42 9.45
C VAL B 515 -30.72 -34.71 9.73
N TYR B 516 -29.41 -34.64 9.87
CA TYR B 516 -28.59 -35.79 10.22
C TYR B 516 -28.60 -36.03 11.74
N ALA B 517 -29.80 -36.12 12.31
CA ALA B 517 -29.91 -36.12 13.76
C ALA B 517 -29.21 -37.30 14.41
N GLY B 518 -29.32 -38.50 13.84
CA GLY B 518 -28.76 -39.68 14.49
C GLY B 518 -28.09 -40.65 13.53
N LYS B 519 -27.72 -40.17 12.34
CA LYS B 519 -27.07 -41.01 11.34
C LYS B 519 -25.71 -40.41 11.03
N THR B 520 -24.71 -40.81 11.80
CA THR B 520 -23.33 -40.40 11.55
C THR B 520 -22.37 -41.27 12.34
N CYS B 521 -21.41 -41.89 11.66
CA CYS B 521 -20.34 -42.64 12.33
C CYS B 521 -19.00 -42.12 11.83
N GLY B 522 -18.17 -41.67 12.76
CA GLY B 522 -16.89 -41.11 12.42
C GLY B 522 -16.11 -40.77 13.66
N LEU B 523 -15.05 -39.99 13.47
CA LEU B 523 -14.23 -39.57 14.60
C LEU B 523 -14.92 -38.54 15.48
N CYS B 524 -15.96 -37.86 14.97
CA CYS B 524 -16.75 -36.95 15.77
C CYS B 524 -17.88 -37.62 16.52
N GLY B 525 -18.15 -38.89 16.23
CA GLY B 525 -19.20 -39.63 16.92
C GLY B 525 -20.58 -39.28 16.37
N ASN B 526 -21.55 -40.12 16.74
CA ASN B 526 -22.92 -39.90 16.33
C ASN B 526 -23.41 -38.55 16.84
N TYR B 527 -24.54 -38.11 16.30
CA TYR B 527 -25.07 -36.77 16.54
C TYR B 527 -26.29 -36.83 17.44
N ASN B 528 -26.35 -37.81 18.33
CA ASN B 528 -27.44 -37.90 19.29
C ASN B 528 -27.12 -37.00 20.48
N GLY B 529 -28.06 -36.90 21.42
CA GLY B 529 -27.90 -35.99 22.53
C GLY B 529 -27.06 -36.49 23.68
N ASN B 530 -26.60 -37.74 23.63
CA ASN B 530 -25.84 -38.33 24.72
C ASN B 530 -24.35 -38.32 24.38
N GLN B 531 -23.55 -37.74 25.26
CA GLN B 531 -22.11 -37.70 25.09
C GLN B 531 -21.40 -38.87 25.76
N GLY B 532 -22.14 -39.78 26.36
CA GLY B 532 -21.56 -40.93 27.02
C GLY B 532 -21.19 -42.08 26.10
N ASP B 533 -21.50 -41.96 24.81
CA ASP B 533 -21.23 -43.02 23.84
C ASP B 533 -20.43 -42.47 22.67
N ASP B 534 -19.57 -41.50 22.93
CA ASP B 534 -18.82 -40.84 21.87
C ASP B 534 -17.50 -41.51 21.56
N PHE B 535 -17.17 -42.61 22.23
CA PHE B 535 -15.99 -43.40 21.94
C PHE B 535 -16.39 -44.73 21.32
N LEU B 536 -17.39 -44.70 20.45
CA LEU B 536 -17.93 -45.91 19.84
C LEU B 536 -17.11 -46.27 18.61
N THR B 537 -16.42 -47.40 18.67
CA THR B 537 -15.64 -47.90 17.54
C THR B 537 -16.57 -48.48 16.49
N PRO B 538 -16.10 -48.62 15.25
CA PRO B 538 -16.96 -49.20 14.21
C PRO B 538 -17.41 -50.62 14.51
N SER B 539 -16.69 -51.35 15.36
CA SER B 539 -17.10 -52.71 15.68
C SER B 539 -18.47 -52.73 16.34
N GLY B 540 -18.70 -51.82 17.29
CA GLY B 540 -19.98 -51.73 17.96
C GLY B 540 -19.88 -51.46 19.44
N LEU B 541 -18.69 -51.66 20.01
CA LEU B 541 -18.46 -51.44 21.43
C LEU B 541 -17.65 -50.17 21.64
N ALA B 542 -17.86 -49.53 22.79
CA ALA B 542 -17.20 -48.30 23.14
C ALA B 542 -15.97 -48.58 24.00
N GLU B 543 -14.86 -47.99 23.61
CA GLU B 543 -13.61 -48.21 24.34
C GLU B 543 -13.54 -47.32 25.58
N PRO B 544 -12.82 -47.75 26.61
CA PRO B 544 -12.66 -46.90 27.79
C PRO B 544 -11.52 -45.92 27.66
N ARG B 545 -10.56 -46.22 26.78
CA ARG B 545 -9.37 -45.39 26.60
C ARG B 545 -9.46 -44.63 25.28
N VAL B 546 -8.79 -43.49 25.22
CA VAL B 546 -8.77 -42.69 24.00
C VAL B 546 -7.75 -43.22 23.00
N GLU B 547 -6.62 -43.75 23.45
CA GLU B 547 -5.60 -44.23 22.52
C GLU B 547 -6.16 -45.31 21.61
N ASP B 548 -6.90 -46.27 22.18
CA ASP B 548 -7.48 -47.34 21.38
C ASP B 548 -8.65 -46.85 20.53
N PHE B 549 -9.34 -45.79 20.96
CA PHE B 549 -10.48 -45.28 20.20
C PHE B 549 -10.02 -44.76 18.84
N GLY B 550 -8.97 -43.95 18.81
CA GLY B 550 -8.53 -43.33 17.57
C GLY B 550 -7.82 -44.25 16.60
N ASN B 551 -7.22 -45.33 17.08
CA ASN B 551 -6.56 -46.28 16.18
C ASN B 551 -7.53 -47.08 15.35
N ALA B 552 -8.83 -47.01 15.65
CA ALA B 552 -9.83 -47.74 14.88
C ALA B 552 -10.30 -46.98 13.65
N TRP B 553 -9.87 -45.74 13.45
CA TRP B 553 -10.30 -44.93 12.32
C TRP B 553 -9.17 -44.63 11.36
N LYS B 554 -8.13 -45.45 11.32
CA LYS B 554 -7.06 -45.25 10.37
C LYS B 554 -7.51 -45.65 8.97
N LEU B 555 -6.76 -45.19 7.96
CA LEU B 555 -7.01 -45.55 6.58
C LEU B 555 -5.81 -46.18 5.90
N HIS B 556 -4.68 -46.32 6.61
CA HIS B 556 -3.50 -46.98 6.08
C HIS B 556 -3.05 -48.05 7.07
N GLY B 557 -2.69 -49.21 6.56
CA GLY B 557 -2.24 -50.30 7.39
C GLY B 557 -0.81 -50.20 7.85
N ASP B 558 -0.07 -49.17 7.41
CA ASP B 558 1.32 -49.00 7.76
C ASP B 558 1.54 -47.96 8.85
N CYS B 559 0.60 -47.06 9.06
CA CYS B 559 0.74 -46.08 10.12
C CYS B 559 0.84 -46.78 11.47
N GLN B 560 1.79 -46.33 12.29
CA GLN B 560 1.99 -46.92 13.60
C GLN B 560 0.86 -46.52 14.54
N ASP B 561 0.61 -47.39 15.52
CA ASP B 561 -0.41 -47.14 16.54
C ASP B 561 0.26 -46.58 17.78
N LEU B 562 -0.11 -45.38 18.18
CA LEU B 562 0.56 -44.70 19.27
C LEU B 562 0.28 -45.40 20.60
N GLN B 563 1.25 -45.32 21.49
CA GLN B 563 1.14 -45.85 22.84
C GLN B 563 0.61 -44.75 23.77
N LYS B 564 0.70 -44.97 25.08
CA LYS B 564 0.15 -44.05 26.08
C LYS B 564 0.27 -42.60 25.65
N GLN B 565 -0.86 -41.89 25.73
CA GLN B 565 -0.85 -40.45 25.50
C GLN B 565 -0.14 -39.75 26.65
N HIS B 566 0.73 -38.80 26.31
CA HIS B 566 1.49 -38.04 27.29
C HIS B 566 0.66 -36.82 27.70
N SER B 567 0.56 -36.59 29.01
CA SER B 567 -0.33 -35.54 29.51
C SER B 567 0.38 -34.20 29.61
N ASP B 568 1.59 -34.18 30.18
CA ASP B 568 2.31 -32.93 30.41
C ASP B 568 3.40 -32.78 29.36
N PRO B 569 3.29 -31.85 28.42
CA PRO B 569 4.33 -31.72 27.39
C PRO B 569 5.57 -30.99 27.87
N CYS B 570 5.39 -29.93 28.66
CA CYS B 570 6.51 -29.18 29.22
C CYS B 570 6.98 -29.73 30.55
N ALA B 571 6.76 -31.02 30.79
CA ALA B 571 7.61 -31.76 31.70
C ALA B 571 8.96 -32.10 31.08
N LEU B 572 9.12 -31.80 29.78
CA LEU B 572 10.37 -32.00 29.07
C LEU B 572 11.09 -30.68 28.76
N ASN B 573 10.39 -29.55 28.85
CA ASN B 573 10.96 -28.24 28.59
C ASN B 573 10.66 -27.35 29.80
N PRO B 574 11.42 -27.52 30.88
CA PRO B 574 11.11 -26.77 32.10
C PRO B 574 11.17 -25.26 31.93
N ARG B 575 11.91 -24.77 30.94
CA ARG B 575 11.99 -23.33 30.74
C ARG B 575 10.63 -22.74 30.38
N MET B 576 9.83 -23.47 29.62
CA MET B 576 8.45 -23.09 29.30
C MET B 576 7.50 -23.49 30.42
N THR B 577 7.83 -23.09 31.64
CA THR B 577 6.98 -23.40 32.79
C THR B 577 6.36 -22.18 33.43
N ARG B 578 7.17 -21.21 33.88
CA ARG B 578 6.60 -20.03 34.51
C ARG B 578 5.76 -19.24 33.51
N PHE B 579 6.26 -19.08 32.29
CA PHE B 579 5.53 -18.31 31.29
C PHE B 579 4.20 -18.97 30.97
N SER B 580 4.16 -20.29 30.91
CA SER B 580 2.91 -20.97 30.58
C SER B 580 1.83 -20.66 31.62
N GLU B 581 2.18 -20.71 32.90
CA GLU B 581 1.19 -20.42 33.93
C GLU B 581 0.82 -18.94 33.95
N GLU B 582 1.81 -18.06 33.80
CA GLU B 582 1.53 -16.63 33.87
C GLU B 582 0.65 -16.18 32.71
N ALA B 583 0.90 -16.71 31.50
CA ALA B 583 0.22 -16.23 30.31
C ALA B 583 -1.18 -16.82 30.19
N CYS B 584 -1.30 -18.15 30.25
CA CYS B 584 -2.60 -18.79 30.13
C CYS B 584 -3.35 -18.69 31.46
N ALA B 585 -3.51 -17.47 31.96
CA ALA B 585 -4.27 -17.21 33.15
C ALA B 585 -5.29 -16.09 32.97
N VAL B 586 -5.14 -15.28 31.92
CA VAL B 586 -6.13 -14.26 31.63
C VAL B 586 -7.49 -14.87 31.36
N LEU B 587 -7.53 -16.16 30.99
CA LEU B 587 -8.81 -16.82 30.78
C LEU B 587 -9.69 -16.74 32.01
N THR B 588 -9.13 -17.06 33.18
CA THR B 588 -9.84 -16.98 34.45
C THR B 588 -9.51 -15.66 35.14
N SER B 589 -9.88 -14.57 34.48
CA SER B 589 -9.62 -13.24 34.98
C SER B 589 -10.87 -12.39 34.75
N PRO B 590 -10.99 -11.27 35.46
CA PRO B 590 -12.17 -10.40 35.27
C PRO B 590 -12.40 -9.98 33.83
N THR B 591 -11.38 -10.09 32.97
CA THR B 591 -11.56 -9.71 31.56
C THR B 591 -12.63 -10.55 30.91
N PHE B 592 -12.65 -11.85 31.18
CA PHE B 592 -13.60 -12.78 30.57
C PHE B 592 -14.75 -13.12 31.50
N GLU B 593 -14.90 -12.41 32.61
CA GLU B 593 -15.95 -12.74 33.56
C GLU B 593 -17.33 -12.68 32.95
N ALA B 594 -17.52 -11.88 31.89
CA ALA B 594 -18.84 -11.78 31.27
C ALA B 594 -19.30 -13.10 30.70
N CYS B 595 -18.39 -13.85 30.06
CA CYS B 595 -18.75 -15.10 29.40
C CYS B 595 -18.64 -16.31 30.32
N HIS B 596 -18.18 -16.14 31.55
CA HIS B 596 -17.88 -17.28 32.41
C HIS B 596 -19.12 -18.09 32.74
N ARG B 597 -20.30 -17.57 32.45
CA ARG B 597 -21.55 -18.30 32.69
C ARG B 597 -22.26 -18.66 31.39
N ALA B 598 -21.58 -18.54 30.26
CA ALA B 598 -22.07 -19.05 28.98
C ALA B 598 -21.38 -20.33 28.55
N VAL B 599 -20.06 -20.39 28.66
CA VAL B 599 -19.28 -21.60 28.42
C VAL B 599 -18.23 -21.71 29.51
N SER B 600 -18.17 -22.86 30.16
CA SER B 600 -17.27 -23.03 31.29
C SER B 600 -15.83 -23.15 30.78
N PRO B 601 -14.91 -22.28 31.20
CA PRO B 601 -13.56 -22.30 30.63
C PRO B 601 -12.62 -23.29 31.31
N LEU B 602 -13.08 -24.52 31.53
CA LEU B 602 -12.18 -25.53 32.07
C LEU B 602 -11.30 -26.12 30.97
N PRO B 603 -11.89 -26.67 29.91
CA PRO B 603 -11.04 -27.30 28.88
C PRO B 603 -10.12 -26.32 28.19
N TYR B 604 -10.60 -25.11 27.94
CA TYR B 604 -9.78 -24.13 27.21
C TYR B 604 -8.53 -23.76 27.96
N LEU B 605 -8.56 -23.71 29.29
CA LEU B 605 -7.37 -23.39 30.07
C LEU B 605 -6.29 -24.44 29.89
N ARG B 606 -6.64 -25.72 30.04
CA ARG B 606 -5.64 -26.76 29.86
C ARG B 606 -5.18 -26.84 28.40
N ASN B 607 -6.06 -26.55 27.45
CA ASN B 607 -5.64 -26.49 26.07
C ASN B 607 -4.61 -25.39 25.85
N CYS B 608 -4.85 -24.22 26.45
CA CYS B 608 -3.86 -23.14 26.38
C CYS B 608 -2.53 -23.58 26.97
N ARG B 609 -2.57 -24.20 28.14
CA ARG B 609 -1.34 -24.65 28.78
C ARG B 609 -0.59 -25.63 27.90
N TYR B 610 -1.30 -26.62 27.36
CA TYR B 610 -0.68 -27.62 26.50
C TYR B 610 -0.06 -26.97 25.28
N ASP B 611 -0.81 -26.08 24.62
CA ASP B 611 -0.30 -25.46 23.40
C ASP B 611 0.96 -24.64 23.69
N VAL B 612 0.93 -23.83 24.74
CA VAL B 612 2.09 -23.00 25.05
C VAL B 612 3.29 -23.87 25.41
N CYS B 613 3.08 -24.90 26.23
CA CYS B 613 4.17 -25.77 26.62
C CYS B 613 4.78 -26.48 25.40
N SER B 614 3.95 -27.01 24.51
CA SER B 614 4.42 -27.93 23.48
C SER B 614 4.92 -27.22 22.23
N CYS B 615 4.08 -26.38 21.61
CA CYS B 615 4.41 -25.84 20.31
C CYS B 615 5.69 -25.01 20.37
N SER B 616 6.46 -25.09 19.28
CA SER B 616 7.77 -24.43 19.24
C SER B 616 7.64 -22.93 19.43
N ASP B 617 6.68 -22.31 18.73
CA ASP B 617 6.50 -20.85 18.78
C ASP B 617 5.36 -20.54 19.74
N GLY B 618 5.71 -20.10 20.94
CA GLY B 618 4.73 -19.73 21.93
C GLY B 618 4.11 -18.36 21.73
N ARG B 619 4.60 -17.59 20.77
CA ARG B 619 4.02 -16.28 20.49
C ARG B 619 2.60 -16.42 19.94
N GLU B 620 2.46 -17.13 18.82
CA GLU B 620 1.17 -17.24 18.15
C GLU B 620 0.26 -18.26 18.79
N CYS B 621 0.82 -19.27 19.47
CA CYS B 621 -0.02 -20.30 20.08
C CYS B 621 -0.91 -19.71 21.17
N LEU B 622 -0.38 -18.81 21.99
CA LEU B 622 -1.15 -18.27 23.10
C LEU B 622 -2.43 -17.61 22.62
N CYS B 623 -2.31 -16.66 21.70
CA CYS B 623 -3.49 -15.97 21.20
C CYS B 623 -4.30 -16.80 20.21
N GLY B 624 -3.69 -17.76 19.52
CA GLY B 624 -4.48 -18.72 18.78
C GLY B 624 -5.42 -19.51 19.66
N ALA B 625 -4.98 -19.89 20.86
CA ALA B 625 -5.86 -20.51 21.84
C ALA B 625 -6.86 -19.54 22.44
N LEU B 626 -6.43 -18.31 22.74
CA LEU B 626 -7.36 -17.33 23.31
C LEU B 626 -8.50 -17.03 22.34
N ALA B 627 -8.20 -16.87 21.06
CA ALA B 627 -9.23 -16.62 20.07
C ALA B 627 -10.24 -17.75 19.99
N SER B 628 -9.82 -18.99 20.29
CA SER B 628 -10.78 -20.09 20.32
C SER B 628 -11.86 -19.84 21.37
N TYR B 629 -11.45 -19.49 22.60
CA TYR B 629 -12.43 -19.20 23.62
C TYR B 629 -13.25 -17.97 23.26
N ALA B 630 -12.62 -16.96 22.67
CA ALA B 630 -13.36 -15.77 22.29
C ALA B 630 -14.46 -16.11 21.29
N ALA B 631 -14.14 -16.91 20.28
CA ALA B 631 -15.13 -17.32 19.30
C ALA B 631 -16.21 -18.19 19.94
N ALA B 632 -15.82 -19.07 20.86
CA ALA B 632 -16.80 -19.89 21.54
C ALA B 632 -17.81 -19.03 22.31
N CYS B 633 -17.32 -18.02 23.02
CA CYS B 633 -18.21 -17.11 23.71
C CYS B 633 -19.09 -16.35 22.72
N ALA B 634 -18.50 -15.89 21.62
CA ALA B 634 -19.29 -15.15 20.63
C ALA B 634 -20.39 -16.03 20.05
N GLY B 635 -20.17 -17.33 19.96
CA GLY B 635 -21.16 -18.22 19.39
C GLY B 635 -22.47 -18.25 20.15
N ARG B 636 -22.46 -17.91 21.43
CA ARG B 636 -23.68 -17.89 22.23
C ARG B 636 -24.34 -16.51 22.30
N GLY B 637 -23.59 -15.45 22.01
CA GLY B 637 -24.15 -14.11 22.01
C GLY B 637 -23.48 -13.18 22.99
N VAL B 638 -22.22 -13.48 23.35
CA VAL B 638 -21.46 -12.67 24.31
C VAL B 638 -20.28 -12.06 23.58
N ARG B 639 -20.11 -10.75 23.73
CA ARG B 639 -19.02 -10.02 23.11
C ARG B 639 -17.93 -9.75 24.13
N VAL B 640 -16.71 -9.51 23.64
CA VAL B 640 -15.58 -9.20 24.51
C VAL B 640 -14.48 -8.60 23.64
N ALA B 641 -13.62 -7.80 24.26
CA ALA B 641 -12.54 -7.14 23.53
C ALA B 641 -11.26 -7.96 23.57
N TRP B 642 -10.73 -8.21 24.77
CA TRP B 642 -9.67 -9.19 25.00
C TRP B 642 -8.40 -8.90 24.18
N ARG B 643 -8.37 -7.81 23.43
CA ARG B 643 -7.22 -7.45 22.60
C ARG B 643 -6.70 -6.10 23.05
N GLU B 644 -5.43 -6.06 23.43
CA GLU B 644 -4.81 -4.86 23.96
C GLU B 644 -3.38 -4.77 23.44
N PRO B 645 -2.80 -3.57 23.43
CA PRO B 645 -1.36 -3.46 23.14
C PRO B 645 -0.56 -4.39 24.02
N GLY B 646 0.46 -5.03 23.45
CA GLY B 646 1.16 -6.10 24.14
C GLY B 646 0.51 -7.45 24.01
N ARG B 647 -0.60 -7.55 23.28
CA ARG B 647 -1.28 -8.82 23.03
C ARG B 647 -1.32 -8.99 21.51
N CYS B 648 -1.93 -10.08 21.05
CA CYS B 648 -2.05 -10.33 19.62
C CYS B 648 -3.11 -9.41 19.05
N GLU B 649 -2.66 -8.26 18.55
CA GLU B 649 -3.53 -7.40 17.76
C GLU B 649 -3.47 -7.81 16.30
N LEU B 650 -4.63 -7.82 15.64
CA LEU B 650 -4.68 -8.32 14.27
C LEU B 650 -3.72 -7.57 13.35
N ASN B 651 -3.43 -6.31 13.67
CA ASN B 651 -2.49 -5.51 12.88
C ASN B 651 -2.95 -5.42 11.43
N CYS B 652 -4.14 -4.87 11.26
CA CYS B 652 -4.75 -4.82 9.94
C CYS B 652 -3.89 -3.98 8.99
N PRO B 653 -3.80 -4.38 7.72
CA PRO B 653 -3.00 -3.59 6.77
C PRO B 653 -3.53 -2.18 6.62
N LYS B 654 -2.62 -1.26 6.33
CA LYS B 654 -3.00 0.14 6.15
C LYS B 654 -4.11 0.26 5.11
N GLY B 655 -4.90 1.32 5.24
CA GLY B 655 -6.03 1.53 4.37
C GLY B 655 -7.26 0.72 4.74
N GLN B 656 -7.19 -0.06 5.81
CA GLN B 656 -8.32 -0.87 6.29
C GLN B 656 -8.54 -0.56 7.75
N VAL B 657 -9.58 -1.16 8.33
CA VAL B 657 -10.01 -0.84 9.69
C VAL B 657 -10.20 -2.14 10.45
N TYR B 658 -9.67 -2.20 11.67
CA TYR B 658 -9.77 -3.37 12.53
C TYR B 658 -11.15 -3.52 13.16
N LEU B 659 -12.06 -2.59 12.91
CA LEU B 659 -13.27 -2.41 13.71
C LEU B 659 -13.96 -3.71 14.06
N GLN B 660 -14.64 -3.71 15.21
CA GLN B 660 -15.46 -4.81 15.69
C GLN B 660 -16.63 -4.96 14.71
N CYS B 661 -17.55 -5.90 14.98
CA CYS B 661 -18.56 -6.32 14.02
C CYS B 661 -19.01 -5.22 13.07
N GLY B 662 -18.98 -5.53 11.77
CA GLY B 662 -19.39 -4.60 10.74
C GLY B 662 -20.35 -5.22 9.75
N THR B 663 -21.06 -6.28 10.17
CA THR B 663 -22.10 -6.93 9.39
C THR B 663 -21.70 -7.08 7.93
N PRO B 664 -20.76 -7.97 7.61
CA PRO B 664 -20.31 -8.07 6.22
C PRO B 664 -21.36 -8.67 5.31
N CYS B 665 -22.02 -7.79 4.57
CA CYS B 665 -22.88 -8.15 3.44
C CYS B 665 -22.66 -7.15 2.32
N ASN B 666 -21.51 -6.49 2.32
CA ASN B 666 -21.23 -5.30 1.53
C ASN B 666 -19.71 -5.15 1.50
N LEU B 667 -19.23 -3.99 1.07
CA LEU B 667 -17.80 -3.73 1.04
C LEU B 667 -17.11 -4.69 0.06
N THR B 668 -17.72 -4.89 -1.09
CA THR B 668 -17.16 -5.75 -2.13
C THR B 668 -17.87 -5.44 -3.44
N CYS B 669 -17.12 -4.94 -4.42
CA CYS B 669 -17.73 -4.55 -5.68
C CYS B 669 -18.38 -5.72 -6.41
N ARG B 670 -18.04 -6.96 -6.06
CA ARG B 670 -18.79 -8.09 -6.59
C ARG B 670 -20.26 -8.00 -6.17
N SER B 671 -20.52 -7.59 -4.93
CA SER B 671 -21.89 -7.43 -4.46
C SER B 671 -22.65 -6.38 -5.25
N LEU B 672 -21.99 -5.32 -5.71
CA LEU B 672 -22.66 -4.28 -6.49
C LEU B 672 -23.21 -4.81 -7.80
N SER B 673 -22.44 -5.63 -8.51
CA SER B 673 -22.90 -6.20 -9.76
C SER B 673 -24.00 -7.24 -9.57
N TYR B 674 -24.08 -7.84 -8.39
CA TYR B 674 -25.11 -8.83 -8.05
C TYR B 674 -25.78 -8.41 -6.76
N PRO B 675 -26.75 -7.52 -6.79
CA PRO B 675 -27.36 -7.00 -5.55
C PRO B 675 -28.58 -7.76 -5.05
N ASP B 676 -28.98 -8.85 -5.70
CA ASP B 676 -30.21 -9.56 -5.36
C ASP B 676 -29.95 -11.07 -5.29
N GLU B 677 -28.89 -11.46 -4.59
CA GLU B 677 -28.54 -12.87 -4.45
C GLU B 677 -28.86 -13.38 -3.05
N GLU B 678 -28.36 -12.71 -2.01
CA GLU B 678 -28.64 -13.11 -0.64
C GLU B 678 -28.01 -12.11 0.33
N CYS B 679 -28.63 -11.91 1.49
CA CYS B 679 -28.03 -11.09 2.53
C CYS B 679 -28.48 -11.64 3.88
N ASN B 680 -27.65 -12.53 4.46
CA ASN B 680 -27.89 -13.08 5.78
C ASN B 680 -26.53 -13.43 6.37
N GLU B 681 -25.98 -12.51 7.15
CA GLU B 681 -24.65 -12.69 7.72
C GLU B 681 -24.63 -12.19 9.15
N ALA B 682 -23.85 -12.87 9.98
CA ALA B 682 -23.70 -12.53 11.38
C ALA B 682 -22.49 -11.59 11.54
N CYS B 683 -22.07 -11.36 12.77
CA CYS B 683 -20.91 -10.52 13.05
C CYS B 683 -19.63 -11.32 12.86
N LEU B 684 -18.59 -10.64 12.35
CA LEU B 684 -17.33 -11.30 12.06
C LEU B 684 -16.10 -10.51 12.53
N GLU B 685 -16.29 -9.31 13.08
CA GLU B 685 -15.21 -8.54 13.71
C GLU B 685 -13.92 -8.56 12.89
N GLY B 686 -14.05 -8.62 11.57
CA GLY B 686 -12.90 -8.66 10.68
C GLY B 686 -12.39 -7.28 10.34
N CYS B 687 -11.49 -7.24 9.36
CA CYS B 687 -11.01 -5.97 8.82
C CYS B 687 -12.06 -5.37 7.91
N PHE B 688 -12.17 -4.05 7.95
CA PHE B 688 -13.21 -3.34 7.19
C PHE B 688 -12.64 -2.02 6.71
N CYS B 689 -13.51 -1.16 6.19
CA CYS B 689 -13.14 0.12 5.60
C CYS B 689 -14.11 1.17 6.12
N PRO B 690 -13.76 2.45 6.01
CA PRO B 690 -14.72 3.49 6.37
C PRO B 690 -15.97 3.37 5.54
N PRO B 691 -17.16 3.71 6.11
CA PRO B 691 -18.44 3.39 5.47
C PRO B 691 -18.79 4.27 4.27
N GLY B 692 -17.84 4.40 3.36
CA GLY B 692 -18.08 5.10 2.10
C GLY B 692 -17.29 4.49 0.96
N LEU B 693 -16.65 3.36 1.20
CA LEU B 693 -15.70 2.77 0.26
C LEU B 693 -16.07 1.32 0.00
N TYR B 694 -15.42 0.74 -1.00
CA TYR B 694 -15.67 -0.64 -1.38
C TYR B 694 -14.34 -1.34 -1.64
N MET B 695 -14.36 -2.65 -1.47
CA MET B 695 -13.17 -3.46 -1.74
C MET B 695 -12.82 -3.42 -3.22
N ASP B 696 -11.53 -3.51 -3.50
CA ASP B 696 -11.01 -3.55 -4.86
C ASP B 696 -10.58 -4.96 -5.23
N GLU B 697 -10.55 -5.21 -6.54
CA GLU B 697 -10.19 -6.54 -7.03
C GLU B 697 -8.77 -6.91 -6.62
N ARG B 698 -7.82 -5.98 -6.78
CA ARG B 698 -6.42 -6.31 -6.58
C ARG B 698 -5.98 -6.23 -5.12
N GLY B 699 -6.88 -5.79 -4.23
CA GLY B 699 -6.58 -5.82 -2.81
C GLY B 699 -6.75 -4.49 -2.10
N ASP B 700 -7.15 -3.46 -2.83
CA ASP B 700 -7.33 -2.14 -2.26
C ASP B 700 -8.79 -1.90 -1.87
N CYS B 701 -9.02 -0.79 -1.19
CA CYS B 701 -10.35 -0.38 -0.77
C CYS B 701 -10.67 1.06 -1.14
N VAL B 702 -9.78 1.75 -1.86
CA VAL B 702 -9.96 3.18 -2.09
C VAL B 702 -11.23 3.50 -2.88
N PRO B 703 -11.55 2.81 -3.98
CA PRO B 703 -12.54 3.38 -4.90
C PRO B 703 -13.90 3.56 -4.26
N LYS B 704 -14.63 4.58 -4.75
CA LYS B 704 -16.00 4.85 -4.33
C LYS B 704 -16.98 4.51 -5.45
N ALA B 705 -16.78 5.08 -6.63
CA ALA B 705 -17.50 4.70 -7.84
C ALA B 705 -16.53 4.45 -8.98
N GLN B 706 -15.30 4.07 -8.64
CA GLN B 706 -14.22 3.90 -9.59
C GLN B 706 -13.74 2.45 -9.62
N CYS B 707 -14.65 1.52 -9.33
CA CYS B 707 -14.26 0.12 -9.26
C CYS B 707 -14.90 -0.67 -10.40
N PRO B 708 -14.32 -1.82 -10.75
CA PRO B 708 -14.69 -2.46 -12.03
C PRO B 708 -16.14 -2.90 -12.10
N CYS B 709 -16.52 -3.40 -13.27
CA CYS B 709 -17.85 -3.94 -13.53
C CYS B 709 -17.72 -5.43 -13.80
N TYR B 710 -18.68 -6.21 -13.33
CA TYR B 710 -18.68 -7.65 -13.53
C TYR B 710 -19.81 -8.05 -14.47
N TYR B 711 -19.56 -9.10 -15.23
CA TYR B 711 -20.51 -9.57 -16.24
C TYR B 711 -20.34 -11.08 -16.36
N ASP B 712 -20.81 -11.66 -17.47
CA ASP B 712 -20.84 -13.10 -17.64
C ASP B 712 -19.40 -13.61 -17.79
N GLY B 713 -18.72 -13.69 -16.67
CA GLY B 713 -17.34 -14.18 -16.63
C GLY B 713 -16.29 -13.10 -16.75
N GLU B 714 -16.45 -12.20 -17.71
CA GLU B 714 -15.46 -11.16 -17.94
C GLU B 714 -15.53 -10.09 -16.86
N ILE B 715 -14.47 -9.29 -16.79
CA ILE B 715 -14.38 -8.14 -15.89
C ILE B 715 -14.15 -6.90 -16.74
N PHE B 716 -14.97 -5.88 -16.55
CA PHE B 716 -14.91 -4.65 -17.32
C PHE B 716 -14.40 -3.51 -16.45
N GLN B 717 -14.33 -2.33 -17.04
CA GLN B 717 -13.81 -1.14 -16.40
C GLN B 717 -14.84 -0.02 -16.48
N PRO B 718 -14.66 1.05 -15.70
CA PRO B 718 -15.66 2.12 -15.70
C PRO B 718 -15.87 2.71 -17.08
N GLU B 719 -17.09 3.20 -17.30
CA GLU B 719 -17.51 3.78 -18.58
C GLU B 719 -16.98 2.98 -19.77
N ASP B 720 -17.36 1.72 -19.81
CA ASP B 720 -17.10 0.86 -20.96
C ASP B 720 -18.42 0.57 -21.66
N ILE B 721 -18.39 0.56 -22.99
CA ILE B 721 -19.60 0.42 -23.80
C ILE B 721 -19.36 -0.65 -24.85
N PHE B 722 -20.40 -1.43 -25.15
CA PHE B 722 -20.31 -2.42 -26.21
C PHE B 722 -21.70 -2.94 -26.55
N SER B 723 -21.95 -3.13 -27.85
CA SER B 723 -23.20 -3.71 -28.33
C SER B 723 -22.83 -4.77 -29.36
N ASP B 724 -22.87 -6.04 -28.97
CA ASP B 724 -22.27 -7.07 -29.81
C ASP B 724 -23.18 -7.53 -30.95
N HIS B 725 -24.25 -8.26 -30.65
CA HIS B 725 -25.22 -8.60 -31.70
C HIS B 725 -26.66 -8.67 -31.22
N HIS B 726 -26.92 -8.55 -29.92
CA HIS B 726 -28.28 -8.58 -29.41
C HIS B 726 -28.58 -7.43 -28.46
N THR B 727 -27.61 -7.03 -27.65
CA THR B 727 -27.83 -6.07 -26.58
C THR B 727 -26.74 -5.01 -26.60
N MET B 728 -27.09 -3.83 -26.12
CA MET B 728 -26.16 -2.72 -25.94
C MET B 728 -25.96 -2.49 -24.45
N CYS B 729 -24.77 -2.81 -23.94
CA CYS B 729 -24.50 -2.69 -22.53
C CYS B 729 -23.28 -1.82 -22.27
N TYR B 730 -23.44 -0.91 -21.33
CA TYR B 730 -22.37 -0.17 -20.67
C TYR B 730 -22.46 -0.49 -19.19
N CYS B 731 -21.70 0.23 -18.37
CA CYS B 731 -21.86 0.08 -16.92
C CYS B 731 -21.47 1.39 -16.25
N GLU B 732 -22.46 2.04 -15.63
CA GLU B 732 -22.21 3.19 -14.77
C GLU B 732 -22.09 2.72 -13.33
N ASP B 733 -21.22 3.38 -12.57
CA ASP B 733 -20.93 2.99 -11.18
C ASP B 733 -20.45 1.53 -11.24
N GLY B 734 -21.03 0.62 -10.48
CA GLY B 734 -20.64 -0.78 -10.48
C GLY B 734 -21.63 -1.73 -11.08
N PHE B 735 -22.58 -1.27 -11.88
CA PHE B 735 -23.64 -2.10 -12.43
C PHE B 735 -23.80 -1.80 -13.91
N MET B 736 -24.36 -2.79 -14.63
CA MET B 736 -24.44 -2.68 -16.09
C MET B 736 -25.41 -1.59 -16.52
N HIS B 737 -26.61 -1.57 -15.96
CA HIS B 737 -27.65 -0.62 -16.37
C HIS B 737 -27.92 -0.70 -17.86
N CYS B 738 -27.98 -1.91 -18.41
CA CYS B 738 -28.16 -2.07 -19.85
C CYS B 738 -29.46 -2.79 -20.17
N THR B 739 -29.85 -2.66 -21.43
CA THR B 739 -31.17 -3.05 -21.93
C THR B 739 -31.02 -3.99 -23.12
N MET B 740 -32.15 -4.24 -23.78
CA MET B 740 -32.19 -5.11 -24.96
C MET B 740 -31.74 -6.52 -24.59
N CYS B 767 2.99 -61.01 -10.28
CA CYS B 767 4.20 -60.67 -9.53
C CYS B 767 4.52 -61.78 -8.53
N ARG B 768 3.49 -62.26 -7.83
CA ARG B 768 3.67 -63.28 -6.82
C ARG B 768 2.37 -64.06 -6.65
N PRO B 769 2.38 -65.39 -6.72
CA PRO B 769 1.14 -66.16 -6.67
C PRO B 769 0.48 -66.07 -5.31
N PRO B 770 -0.66 -66.74 -5.10
CA PRO B 770 -1.51 -67.45 -6.06
C PRO B 770 -2.63 -66.59 -6.63
N MET B 771 -2.43 -65.29 -6.73
CA MET B 771 -3.48 -64.37 -7.12
C MET B 771 -3.04 -63.55 -8.33
N VAL B 772 -4.03 -63.05 -9.06
CA VAL B 772 -3.78 -62.27 -10.27
C VAL B 772 -3.29 -60.87 -9.87
N LYS B 773 -2.73 -60.15 -10.84
CA LYS B 773 -2.18 -58.82 -10.60
C LYS B 773 -2.66 -57.85 -11.67
N LEU B 774 -2.74 -56.57 -11.29
CA LEU B 774 -3.04 -55.49 -12.21
C LEU B 774 -2.13 -54.32 -11.88
N VAL B 775 -1.78 -53.53 -12.89
CA VAL B 775 -0.86 -52.42 -12.69
C VAL B 775 -1.64 -51.11 -12.66
N CYS B 776 -2.26 -50.73 -13.77
CA CYS B 776 -3.04 -49.50 -13.85
C CYS B 776 -3.76 -49.40 -15.19
N PRO B 777 -5.01 -48.92 -15.23
CA PRO B 777 -5.59 -48.53 -16.51
C PRO B 777 -5.08 -47.15 -16.94
N ALA B 778 -4.87 -46.27 -15.96
CA ALA B 778 -4.25 -44.98 -16.18
C ALA B 778 -5.00 -44.15 -17.23
N ASP B 779 -6.31 -44.00 -17.00
CA ASP B 779 -7.13 -43.09 -17.80
C ASP B 779 -7.24 -41.71 -17.14
N ASN B 780 -7.77 -41.64 -15.92
CA ASN B 780 -7.41 -40.55 -15.02
C ASN B 780 -7.35 -41.06 -13.58
N LEU B 781 -6.81 -42.27 -13.40
CA LEU B 781 -6.37 -42.77 -12.11
C LEU B 781 -7.50 -42.96 -11.09
N ARG B 782 -8.45 -43.86 -11.35
CA ARG B 782 -9.34 -44.32 -10.29
C ARG B 782 -8.91 -45.66 -9.69
N ALA B 783 -8.22 -46.49 -10.46
CA ALA B 783 -8.04 -47.88 -10.07
C ALA B 783 -7.38 -48.00 -8.71
N GLU B 784 -7.89 -48.92 -7.91
CA GLU B 784 -7.36 -49.15 -6.55
C GLU B 784 -6.08 -49.94 -6.66
N GLY B 785 -4.95 -49.24 -6.54
CA GLY B 785 -3.65 -49.87 -6.55
C GLY B 785 -3.21 -50.29 -5.17
N LEU B 786 -1.88 -50.41 -4.99
CA LEU B 786 -1.34 -50.77 -3.69
C LEU B 786 -1.65 -49.71 -2.64
N GLU B 787 -2.00 -48.50 -3.05
CA GLU B 787 -2.29 -47.44 -2.09
C GLU B 787 -3.51 -47.79 -1.23
N CYS B 788 -4.43 -48.61 -1.74
CA CYS B 788 -5.67 -48.95 -1.05
C CYS B 788 -5.79 -50.47 -1.02
N THR B 789 -5.24 -51.07 0.04
CA THR B 789 -5.33 -52.52 0.25
C THR B 789 -6.32 -52.76 1.39
N LYS B 790 -7.42 -53.43 1.08
CA LYS B 790 -8.49 -53.64 2.06
C LYS B 790 -8.08 -54.73 3.03
N THR B 791 -7.63 -54.34 4.22
CA THR B 791 -7.45 -55.28 5.31
C THR B 791 -8.82 -55.57 5.92
N CYS B 792 -8.85 -56.36 6.99
CA CYS B 792 -10.09 -56.62 7.71
C CYS B 792 -10.39 -55.56 8.75
N GLN B 793 -9.52 -54.56 8.89
CA GLN B 793 -9.79 -53.39 9.72
C GLN B 793 -10.28 -52.20 8.91
N ASN B 794 -9.77 -52.02 7.69
CA ASN B 794 -10.14 -50.92 6.82
C ASN B 794 -11.20 -51.30 5.81
N TYR B 795 -11.80 -52.49 5.94
CA TYR B 795 -12.67 -53.00 4.89
C TYR B 795 -13.85 -52.07 4.64
N ASP B 796 -14.49 -51.60 5.72
CA ASP B 796 -15.69 -50.79 5.59
C ASP B 796 -15.41 -49.30 5.51
N LEU B 797 -14.22 -48.86 5.89
CA LEU B 797 -13.93 -47.44 5.92
C LEU B 797 -13.83 -46.87 4.50
N GLU B 798 -14.04 -45.56 4.40
CA GLU B 798 -13.96 -44.85 3.13
C GLU B 798 -12.49 -44.70 2.74
N CYS B 799 -11.97 -45.73 2.10
CA CYS B 799 -10.57 -45.73 1.68
C CYS B 799 -10.32 -44.61 0.68
N MET B 800 -9.23 -43.88 0.88
CA MET B 800 -8.84 -42.81 -0.03
C MET B 800 -8.19 -43.39 -1.28
N SER B 801 -8.04 -42.54 -2.30
CA SER B 801 -7.43 -42.96 -3.56
C SER B 801 -6.69 -41.76 -4.14
N MET B 802 -5.38 -41.69 -3.86
CA MET B 802 -4.55 -40.65 -4.45
C MET B 802 -4.25 -40.90 -5.92
N GLY B 803 -4.36 -42.14 -6.37
CA GLY B 803 -4.09 -42.50 -7.74
C GLY B 803 -3.60 -43.94 -7.82
N CYS B 804 -3.98 -44.61 -8.91
CA CYS B 804 -3.56 -45.99 -9.11
C CYS B 804 -2.05 -46.10 -9.13
N VAL B 805 -1.52 -47.08 -8.41
CA VAL B 805 -0.10 -47.39 -8.40
C VAL B 805 0.05 -48.88 -8.69
N SER B 806 0.85 -49.20 -9.71
CA SER B 806 1.06 -50.59 -10.07
C SER B 806 1.66 -51.35 -8.90
N GLY B 807 1.09 -52.52 -8.62
CA GLY B 807 1.56 -53.32 -7.50
C GLY B 807 0.94 -54.71 -7.46
N CYS B 808 0.75 -55.22 -6.25
CA CYS B 808 0.21 -56.56 -6.04
C CYS B 808 -0.87 -56.51 -4.98
N LEU B 809 -1.95 -57.27 -5.21
CA LEU B 809 -3.07 -57.28 -4.27
C LEU B 809 -3.80 -58.62 -4.35
N CYS B 810 -4.54 -58.92 -3.30
CA CYS B 810 -5.39 -60.10 -3.23
C CYS B 810 -6.68 -59.86 -4.00
N PRO B 811 -7.39 -60.92 -4.38
CA PRO B 811 -8.59 -60.75 -5.21
C PRO B 811 -9.70 -60.09 -4.43
N PRO B 812 -10.74 -59.60 -5.12
CA PRO B 812 -11.77 -58.78 -4.44
C PRO B 812 -12.41 -59.46 -3.24
N GLY B 813 -12.71 -60.74 -3.32
CA GLY B 813 -13.33 -61.43 -2.21
C GLY B 813 -12.32 -61.92 -1.19
N MET B 814 -11.54 -60.99 -0.64
CA MET B 814 -10.43 -61.36 0.21
C MET B 814 -9.91 -60.11 0.90
N VAL B 815 -9.31 -60.30 2.08
CA VAL B 815 -8.82 -59.19 2.90
C VAL B 815 -7.47 -59.57 3.48
N ARG B 816 -6.57 -58.59 3.55
CA ARG B 816 -5.22 -58.84 4.00
C ARG B 816 -5.15 -58.94 5.52
N HIS B 817 -4.31 -59.86 5.99
CA HIS B 817 -4.00 -60.05 7.40
C HIS B 817 -2.48 -59.91 7.53
N GLU B 818 -1.97 -59.92 8.77
CA GLU B 818 -0.58 -59.52 8.98
C GLU B 818 0.37 -60.28 8.07
N ASN B 819 0.20 -61.60 7.97
CA ASN B 819 1.11 -62.42 7.15
C ASN B 819 0.67 -62.43 5.70
N ARG B 820 -0.60 -62.77 5.46
CA ARG B 820 -1.13 -62.98 4.12
C ARG B 820 -2.65 -62.92 4.22
N CYS B 821 -3.31 -62.53 3.13
CA CYS B 821 -4.74 -62.29 3.17
C CYS B 821 -5.47 -63.62 3.39
N VAL B 822 -6.30 -63.67 4.43
CA VAL B 822 -7.08 -64.85 4.77
C VAL B 822 -8.54 -64.52 4.50
N ALA B 823 -9.34 -65.58 4.33
CA ALA B 823 -10.74 -65.41 3.98
C ALA B 823 -11.41 -64.36 4.84
N LEU B 824 -12.42 -63.71 4.27
CA LEU B 824 -13.05 -62.56 4.93
C LEU B 824 -13.67 -62.94 6.26
N GLU B 825 -14.34 -64.09 6.31
CA GLU B 825 -15.17 -64.46 7.45
C GLU B 825 -14.37 -64.95 8.65
N ARG B 826 -13.05 -64.79 8.66
CA ARG B 826 -12.27 -65.25 9.81
C ARG B 826 -11.27 -64.20 10.31
N CYS B 827 -11.49 -62.91 10.02
CA CYS B 827 -10.63 -61.98 10.73
C CYS B 827 -11.20 -61.67 12.12
N PRO B 828 -10.38 -61.70 13.17
CA PRO B 828 -10.88 -61.38 14.50
C PRO B 828 -11.49 -59.98 14.57
N CYS B 829 -12.52 -59.85 15.39
CA CYS B 829 -13.09 -58.54 15.73
C CYS B 829 -12.42 -58.05 17.00
N PHE B 830 -11.94 -56.81 16.97
CA PHE B 830 -11.02 -56.29 17.98
C PHE B 830 -11.80 -55.56 19.08
N HIS B 831 -11.63 -56.02 20.31
CA HIS B 831 -11.91 -55.20 21.48
C HIS B 831 -10.62 -54.48 21.86
N GLN B 832 -10.55 -53.91 23.05
CA GLN B 832 -9.41 -53.09 23.42
C GLN B 832 -8.09 -53.84 23.22
N GLY B 833 -7.31 -53.42 22.24
CA GLY B 833 -5.94 -53.85 22.09
C GLY B 833 -5.72 -55.23 21.50
N LYS B 834 -6.47 -56.23 21.95
CA LYS B 834 -6.11 -57.62 21.74
C LYS B 834 -6.99 -58.29 20.69
N GLU B 835 -6.55 -59.45 20.24
CA GLU B 835 -7.27 -60.27 19.29
C GLU B 835 -8.50 -60.90 19.93
N TYR B 836 -9.41 -61.37 19.08
CA TYR B 836 -10.59 -62.10 19.56
C TYR B 836 -11.10 -62.97 18.43
N ALA B 837 -10.90 -64.28 18.54
CA ALA B 837 -11.27 -65.18 17.46
C ALA B 837 -12.80 -65.19 17.29
N PRO B 838 -13.28 -65.50 16.08
CA PRO B 838 -14.74 -65.52 15.86
C PRO B 838 -15.41 -66.55 16.75
N GLY B 839 -16.61 -66.23 17.20
CA GLY B 839 -17.38 -67.09 18.06
C GLY B 839 -17.09 -66.94 19.53
N GLU B 840 -15.99 -66.28 19.89
CA GLU B 840 -15.67 -66.06 21.29
C GLU B 840 -16.55 -64.97 21.87
N THR B 841 -16.76 -65.03 23.18
CA THR B 841 -17.61 -64.09 23.89
C THR B 841 -16.77 -63.29 24.88
N VAL B 842 -17.36 -62.20 25.36
CA VAL B 842 -16.72 -61.34 26.35
C VAL B 842 -17.81 -60.66 27.16
N LYS B 843 -17.66 -60.66 28.48
CA LYS B 843 -18.65 -60.07 29.37
C LYS B 843 -18.16 -58.71 29.84
N ILE B 844 -19.05 -57.73 29.79
CA ILE B 844 -18.76 -56.37 30.23
C ILE B 844 -19.71 -56.09 31.40
N GLY B 845 -19.23 -56.33 32.61
CA GLY B 845 -19.83 -55.77 33.80
C GLY B 845 -21.21 -56.28 34.09
N CYS B 846 -22.11 -56.07 33.14
CA CYS B 846 -23.52 -56.41 33.29
C CYS B 846 -24.10 -57.17 32.11
N ASN B 847 -23.40 -57.26 30.98
CA ASN B 847 -23.89 -57.98 29.82
C ASN B 847 -22.79 -58.87 29.25
N THR B 848 -23.11 -59.61 28.20
CA THR B 848 -22.15 -60.43 27.48
C THR B 848 -22.38 -60.28 25.99
N CYS B 849 -21.30 -60.15 25.23
CA CYS B 849 -21.39 -59.92 23.79
C CYS B 849 -20.49 -60.87 23.02
N VAL B 850 -20.89 -61.19 21.79
CA VAL B 850 -20.22 -62.20 20.99
C VAL B 850 -19.88 -61.62 19.62
N CYS B 851 -18.98 -62.29 18.92
CA CYS B 851 -18.51 -61.85 17.61
C CYS B 851 -19.28 -62.54 16.50
N ARG B 852 -19.76 -61.76 15.54
CA ARG B 852 -20.50 -62.26 14.38
C ARG B 852 -20.16 -61.36 13.20
N ASP B 853 -19.55 -61.94 12.17
CA ASP B 853 -19.25 -61.22 10.94
C ASP B 853 -18.49 -59.93 11.23
N ARG B 854 -17.46 -60.05 12.07
CA ARG B 854 -16.56 -58.95 12.42
C ARG B 854 -17.23 -57.87 13.25
N LYS B 855 -18.44 -58.11 13.76
CA LYS B 855 -19.17 -57.11 14.53
C LYS B 855 -19.66 -57.72 15.82
N TRP B 856 -19.72 -56.91 16.88
CA TRP B 856 -20.18 -57.38 18.17
C TRP B 856 -21.70 -57.37 18.21
N ASN B 857 -22.30 -58.53 18.38
CA ASN B 857 -23.74 -58.67 18.57
C ASN B 857 -24.00 -59.07 20.02
N CYS B 858 -25.00 -58.46 20.64
CA CYS B 858 -25.36 -58.84 21.99
C CYS B 858 -26.59 -58.09 22.47
N THR B 859 -27.01 -58.42 23.68
CA THR B 859 -28.26 -57.95 24.26
C THR B 859 -28.03 -56.72 25.13
N ASP B 860 -29.12 -56.08 25.51
CA ASP B 860 -29.11 -54.95 26.42
C ASP B 860 -29.88 -55.31 27.69
N HIS B 861 -29.39 -54.81 28.83
CA HIS B 861 -30.06 -55.04 30.11
C HIS B 861 -29.75 -53.83 30.99
N VAL B 862 -30.66 -52.86 31.03
CA VAL B 862 -30.48 -51.73 31.93
C VAL B 862 -30.52 -52.26 33.35
N CYS B 863 -29.37 -52.16 34.04
CA CYS B 863 -29.24 -52.71 35.38
C CYS B 863 -28.74 -51.62 36.32
N ASP B 864 -28.63 -51.97 37.59
CA ASP B 864 -28.52 -50.98 38.66
C ASP B 864 -27.40 -49.99 38.39
N ALA B 865 -27.53 -48.81 39.00
CA ALA B 865 -26.55 -47.75 38.90
C ALA B 865 -26.10 -47.36 40.31
N THR B 866 -25.22 -46.37 40.40
CA THR B 866 -24.66 -45.99 41.69
C THR B 866 -24.33 -44.51 41.69
N CYS B 867 -24.76 -43.81 42.74
CA CYS B 867 -24.35 -42.43 43.00
C CYS B 867 -23.52 -42.39 44.26
N SER B 868 -22.33 -41.79 44.17
CA SER B 868 -21.40 -41.79 45.29
C SER B 868 -20.72 -40.43 45.39
N THR B 869 -20.12 -40.19 46.54
CA THR B 869 -19.40 -38.95 46.82
C THR B 869 -17.91 -39.26 46.86
N ILE B 870 -17.22 -39.06 45.75
CA ILE B 870 -15.78 -39.28 45.67
C ILE B 870 -15.13 -38.23 46.55
N GLY B 871 -14.19 -38.66 47.39
CA GLY B 871 -13.56 -37.76 48.34
C GLY B 871 -14.60 -37.17 49.26
N MET B 872 -14.50 -35.85 49.50
CA MET B 872 -15.47 -35.18 50.36
C MET B 872 -15.83 -33.80 49.84
N ALA B 873 -15.56 -33.50 48.56
CA ALA B 873 -16.01 -32.26 47.96
C ALA B 873 -16.55 -32.45 46.55
N HIS B 874 -16.50 -33.64 45.99
CA HIS B 874 -16.90 -33.89 44.60
C HIS B 874 -18.04 -34.89 44.57
N TYR B 875 -18.82 -34.84 43.48
CA TYR B 875 -19.98 -35.69 43.31
C TYR B 875 -19.96 -36.35 41.93
N LEU B 876 -20.55 -37.55 41.88
CA LEU B 876 -20.62 -38.36 40.67
C LEU B 876 -22.06 -38.79 40.48
N THR B 877 -22.71 -38.30 39.43
CA THR B 877 -24.12 -38.55 39.21
C THR B 877 -24.34 -40.02 38.85
N PHE B 878 -25.60 -40.39 38.64
CA PHE B 878 -25.92 -41.77 38.28
C PHE B 878 -25.40 -42.10 36.88
N ASP B 879 -25.46 -41.15 35.96
CA ASP B 879 -25.07 -41.36 34.57
C ASP B 879 -23.59 -41.19 34.35
N GLY B 880 -22.81 -40.93 35.40
CA GLY B 880 -21.37 -40.84 35.29
C GLY B 880 -20.88 -39.47 34.93
N LEU B 881 -21.25 -38.46 35.70
CA LEU B 881 -20.76 -37.10 35.55
C LEU B 881 -20.12 -36.65 36.85
N LYS B 882 -18.91 -36.11 36.76
CA LYS B 882 -18.13 -35.69 37.90
C LYS B 882 -18.16 -34.17 38.00
N TYR B 883 -18.42 -33.65 39.19
CA TYR B 883 -18.39 -32.19 39.38
C TYR B 883 -18.02 -31.85 40.81
N LEU B 884 -17.71 -30.58 41.02
CA LEU B 884 -17.25 -30.05 42.30
C LEU B 884 -18.29 -29.09 42.87
N PHE B 885 -18.64 -29.28 44.13
CA PHE B 885 -19.59 -28.38 44.77
C PHE B 885 -19.46 -28.42 46.29
N PRO B 886 -18.67 -27.53 46.89
CA PRO B 886 -18.55 -27.53 48.35
C PRO B 886 -19.65 -26.76 49.06
N GLY B 887 -20.39 -27.44 49.95
CA GLY B 887 -21.45 -26.81 50.71
C GLY B 887 -21.28 -27.08 52.19
N GLU B 888 -22.17 -26.47 52.98
CA GLU B 888 -22.10 -26.57 54.43
C GLU B 888 -23.45 -26.77 55.10
N CYS B 889 -24.54 -26.85 54.36
CA CYS B 889 -25.87 -27.02 54.93
C CYS B 889 -26.59 -28.17 54.23
N GLN B 890 -27.83 -28.42 54.64
CA GLN B 890 -28.58 -29.58 54.18
C GLN B 890 -28.86 -29.49 52.69
N TYR B 891 -28.76 -30.63 52.01
CA TYR B 891 -29.11 -30.72 50.60
C TYR B 891 -29.90 -32.00 50.36
N VAL B 892 -30.17 -32.32 49.10
CA VAL B 892 -30.94 -33.49 48.71
C VAL B 892 -30.07 -34.31 47.77
N LEU B 893 -29.74 -35.54 48.16
CA LEU B 893 -29.01 -36.41 47.24
C LEU B 893 -29.94 -36.95 46.17
N VAL B 894 -30.96 -37.70 46.57
CA VAL B 894 -31.86 -38.32 45.61
C VAL B 894 -33.23 -38.49 46.24
N GLN B 895 -34.27 -38.15 45.49
CA GLN B 895 -35.64 -38.34 45.93
C GLN B 895 -36.48 -38.66 44.69
N ASP B 896 -37.80 -38.75 44.90
CA ASP B 896 -38.73 -38.93 43.79
C ASP B 896 -39.98 -38.11 43.97
N TYR B 897 -39.96 -37.12 44.86
CA TYR B 897 -41.10 -36.20 45.03
C TYR B 897 -40.97 -35.01 44.09
N CYS B 898 -40.70 -35.28 42.81
CA CYS B 898 -40.63 -34.23 41.82
C CYS B 898 -41.40 -34.59 40.56
N GLY B 899 -41.54 -35.90 40.31
CA GLY B 899 -42.28 -36.37 39.16
C GLY B 899 -43.77 -36.24 39.37
N SER B 900 -44.50 -36.53 38.30
CA SER B 900 -45.97 -36.51 38.33
C SER B 900 -46.50 -37.81 38.92
N ASN B 901 -46.01 -38.12 40.13
CA ASN B 901 -46.35 -39.36 40.81
C ASN B 901 -46.07 -39.17 42.30
N PRO B 902 -46.68 -39.98 43.16
CA PRO B 902 -46.40 -39.85 44.60
C PRO B 902 -45.03 -40.38 44.94
N GLY B 903 -44.20 -39.53 45.54
CA GLY B 903 -42.87 -39.95 45.93
C GLY B 903 -42.90 -40.92 47.09
N THR B 904 -41.80 -41.66 47.23
CA THR B 904 -41.67 -42.67 48.27
C THR B 904 -40.58 -42.32 49.28
N PHE B 905 -39.35 -42.08 48.83
CA PHE B 905 -38.21 -41.91 49.71
C PHE B 905 -37.58 -40.54 49.50
N ARG B 906 -36.59 -40.23 50.34
CA ARG B 906 -35.93 -38.93 50.31
C ARG B 906 -34.67 -38.98 51.17
N ILE B 907 -33.54 -38.51 50.65
CA ILE B 907 -32.26 -38.63 51.33
C ILE B 907 -31.59 -37.25 51.37
N LEU B 908 -31.18 -36.85 52.57
CA LEU B 908 -30.53 -35.56 52.80
C LEU B 908 -29.13 -35.81 53.33
N VAL B 909 -28.17 -35.00 52.88
CA VAL B 909 -26.75 -35.25 53.18
C VAL B 909 -26.14 -34.05 53.89
N GLY B 910 -26.92 -33.37 54.72
CA GLY B 910 -26.42 -32.22 55.44
C GLY B 910 -25.09 -32.46 56.10
N ASN B 911 -24.08 -31.67 55.72
CA ASN B 911 -22.74 -31.79 56.25
C ASN B 911 -22.44 -30.63 57.17
N LYS B 912 -21.51 -30.85 58.10
CA LYS B 912 -21.18 -29.87 59.13
C LYS B 912 -19.75 -29.38 58.91
N GLY B 913 -19.60 -28.07 58.72
CA GLY B 913 -18.28 -27.47 58.64
C GLY B 913 -17.40 -28.07 57.56
N CYS B 914 -17.97 -28.35 56.39
CA CYS B 914 -17.22 -28.94 55.28
C CYS B 914 -17.17 -28.04 54.06
N SER B 915 -17.48 -26.74 54.23
CA SER B 915 -17.28 -25.80 53.15
C SER B 915 -15.81 -25.69 52.75
N HIS B 916 -14.90 -26.13 53.63
CA HIS B 916 -13.49 -26.22 53.33
C HIS B 916 -13.08 -27.66 53.62
N PRO B 917 -12.12 -28.23 52.90
CA PRO B 917 -11.78 -29.64 53.10
C PRO B 917 -10.88 -29.89 54.30
N SER B 918 -10.83 -28.95 55.24
CA SER B 918 -10.04 -29.14 56.44
C SER B 918 -10.43 -30.45 57.14
N VAL B 919 -9.56 -30.95 58.02
CA VAL B 919 -9.78 -32.25 58.64
C VAL B 919 -11.04 -32.27 59.50
N LYS B 920 -11.48 -31.12 60.00
CA LYS B 920 -12.64 -31.07 60.89
C LYS B 920 -13.94 -31.46 60.21
N CYS B 921 -13.93 -31.72 58.90
CA CYS B 921 -15.16 -32.02 58.19
C CYS B 921 -15.87 -33.21 58.81
N LYS B 922 -17.18 -33.07 58.99
CA LYS B 922 -18.05 -34.15 59.42
C LYS B 922 -19.33 -34.09 58.60
N LYS B 923 -19.93 -35.25 58.36
CA LYS B 923 -21.10 -35.36 57.52
C LYS B 923 -22.18 -36.16 58.22
N ARG B 924 -23.43 -35.85 57.91
N ARG B 924 -23.43 -35.85 57.91
CA ARG B 924 -24.59 -36.52 58.48
CA ARG B 924 -24.59 -36.53 58.49
C ARG B 924 -25.57 -36.84 57.36
C ARG B 924 -25.60 -36.83 57.39
N VAL B 925 -26.22 -37.99 57.48
CA VAL B 925 -27.18 -38.45 56.48
C VAL B 925 -28.48 -38.84 57.19
N THR B 926 -29.59 -38.37 56.66
CA THR B 926 -30.92 -38.70 57.17
C THR B 926 -31.72 -39.33 56.04
N ILE B 927 -32.47 -40.38 56.36
CA ILE B 927 -33.23 -41.14 55.37
C ILE B 927 -34.69 -41.18 55.81
N LEU B 928 -35.58 -40.83 54.89
CA LEU B 928 -37.02 -40.82 55.14
C LEU B 928 -37.66 -41.75 54.11
N VAL B 929 -37.84 -43.02 54.47
CA VAL B 929 -38.38 -43.99 53.53
C VAL B 929 -39.89 -43.96 53.60
N GLU B 930 -40.46 -44.28 54.76
CA GLU B 930 -41.90 -44.19 54.97
C GLU B 930 -42.26 -43.23 56.11
N GLY B 931 -41.82 -43.52 57.33
CA GLY B 931 -42.12 -42.67 58.45
C GLY B 931 -40.99 -42.61 59.46
N GLY B 932 -39.78 -42.96 59.05
CA GLY B 932 -38.68 -43.11 59.97
C GLY B 932 -37.44 -42.37 59.51
N GLU B 933 -36.52 -42.19 60.46
CA GLU B 933 -35.22 -41.60 60.21
C GLU B 933 -34.15 -42.59 60.64
N ILE B 934 -32.94 -42.41 60.12
CA ILE B 934 -31.86 -43.36 60.39
C ILE B 934 -30.67 -42.62 61.00
N GLU B 935 -30.50 -41.34 60.66
CA GLU B 935 -29.47 -40.50 61.25
C GLU B 935 -28.11 -41.21 61.27
N LEU B 936 -27.59 -41.45 60.07
CA LEU B 936 -26.24 -42.01 59.94
C LEU B 936 -25.25 -40.93 60.36
N PHE B 937 -24.75 -41.03 61.60
CA PHE B 937 -23.83 -40.03 62.12
C PHE B 937 -22.85 -40.69 63.08
N ASP B 938 -21.57 -40.40 62.88
CA ASP B 938 -20.53 -40.86 63.80
C ASP B 938 -20.47 -42.37 63.88
N GLY B 939 -21.09 -42.95 64.91
CA GLY B 939 -20.92 -44.35 65.19
C GLY B 939 -21.73 -45.29 64.32
N GLU B 940 -23.05 -45.25 64.43
CA GLU B 940 -23.88 -46.26 63.78
C GLU B 940 -25.24 -45.65 63.47
N VAL B 941 -26.22 -46.51 63.19
CA VAL B 941 -27.53 -46.08 62.75
C VAL B 941 -28.40 -45.75 63.95
N ASN B 942 -29.52 -45.08 63.67
CA ASN B 942 -30.59 -44.84 64.64
C ASN B 942 -31.90 -45.29 64.03
N VAL B 943 -32.91 -45.47 64.90
CA VAL B 943 -34.22 -45.94 64.49
C VAL B 943 -35.27 -44.97 65.04
N LYS B 944 -34.91 -43.68 65.08
CA LYS B 944 -35.69 -42.71 65.86
C LYS B 944 -37.19 -42.80 65.62
N ARG B 945 -37.63 -43.38 64.50
CA ARG B 945 -39.05 -43.61 64.25
C ARG B 945 -39.20 -44.95 63.52
N PRO B 946 -39.55 -46.01 64.23
CA PRO B 946 -39.68 -47.32 63.57
C PRO B 946 -40.62 -47.26 62.37
N MET B 947 -40.25 -47.96 61.32
CA MET B 947 -41.05 -48.04 60.11
C MET B 947 -41.98 -49.24 60.18
N LYS B 948 -43.19 -49.07 59.65
CA LYS B 948 -44.19 -50.13 59.67
C LYS B 948 -43.87 -51.27 58.71
N ASP B 949 -42.81 -51.16 57.91
CA ASP B 949 -42.47 -52.18 56.94
C ASP B 949 -41.07 -52.71 57.17
N GLU B 950 -40.75 -53.10 58.41
CA GLU B 950 -39.47 -53.70 58.73
C GLU B 950 -39.30 -55.08 58.11
N THR B 951 -40.29 -55.56 57.33
CA THR B 951 -40.18 -56.88 56.72
C THR B 951 -38.92 -57.01 55.87
N HIS B 952 -38.43 -55.93 55.29
CA HIS B 952 -37.21 -55.94 54.48
C HIS B 952 -36.27 -54.83 54.94
N PHE B 953 -36.06 -54.73 56.25
CA PHE B 953 -35.11 -53.79 56.83
C PHE B 953 -33.96 -54.59 57.42
N GLU B 954 -32.74 -54.31 56.93
CA GLU B 954 -31.56 -55.01 57.38
C GLU B 954 -30.42 -54.01 57.58
N VAL B 955 -29.51 -54.36 58.47
CA VAL B 955 -28.28 -53.61 58.68
C VAL B 955 -27.14 -54.61 58.82
N VAL B 956 -26.07 -54.42 58.06
CA VAL B 956 -24.95 -55.34 58.04
C VAL B 956 -23.67 -54.56 58.29
N GLU B 957 -22.82 -55.10 59.15
CA GLU B 957 -21.51 -54.51 59.45
C GLU B 957 -20.46 -55.46 58.89
N SER B 958 -20.01 -55.23 57.66
CA SER B 958 -19.12 -56.14 56.98
C SER B 958 -17.81 -55.44 56.67
N GLY B 959 -16.71 -56.08 57.05
CA GLY B 959 -15.42 -55.43 56.87
C GLY B 959 -15.42 -54.11 57.60
N ARG B 960 -14.97 -53.06 56.91
CA ARG B 960 -14.97 -51.70 57.45
C ARG B 960 -16.23 -50.93 57.06
N TYR B 961 -17.11 -51.54 56.27
CA TYR B 961 -18.26 -50.86 55.71
C TYR B 961 -19.55 -51.31 56.40
N ILE B 962 -20.57 -50.47 56.22
CA ILE B 962 -21.92 -50.75 56.73
C ILE B 962 -22.88 -50.71 55.56
N ILE B 963 -23.77 -51.70 55.48
CA ILE B 963 -24.68 -51.87 54.37
C ILE B 963 -26.10 -51.80 54.89
N LEU B 964 -26.94 -50.99 54.24
CA LEU B 964 -28.34 -50.83 54.57
C LEU B 964 -29.19 -51.23 53.38
N LEU B 965 -30.18 -52.10 53.63
CA LEU B 965 -31.15 -52.50 52.62
C LEU B 965 -32.51 -51.94 53.03
N LEU B 966 -33.09 -51.12 52.16
CA LEU B 966 -34.31 -50.39 52.49
C LEU B 966 -35.49 -50.79 51.61
N GLY B 967 -35.30 -51.66 50.64
CA GLY B 967 -36.38 -52.05 49.76
C GLY B 967 -35.87 -52.92 48.63
N LYS B 968 -36.81 -53.30 47.76
CA LYS B 968 -36.50 -54.23 46.69
C LYS B 968 -35.31 -53.76 45.87
N ALA B 969 -35.21 -52.45 45.64
CA ALA B 969 -34.17 -51.89 44.79
C ALA B 969 -33.22 -50.94 45.50
N LEU B 970 -33.70 -50.15 46.45
CA LEU B 970 -32.86 -49.15 47.10
C LEU B 970 -31.86 -49.82 48.04
N SER B 971 -30.61 -49.39 47.97
CA SER B 971 -29.58 -49.88 48.88
C SER B 971 -28.58 -48.76 49.15
N VAL B 972 -27.94 -48.82 50.32
CA VAL B 972 -27.00 -47.79 50.74
C VAL B 972 -25.75 -48.44 51.31
N VAL B 973 -24.59 -47.86 51.04
CA VAL B 973 -23.31 -48.34 51.54
C VAL B 973 -22.57 -47.17 52.16
N TRP B 974 -21.98 -47.40 53.33
CA TRP B 974 -21.34 -46.33 54.10
C TRP B 974 -19.97 -46.78 54.59
N ASP B 975 -18.97 -45.90 54.43
CA ASP B 975 -17.62 -46.15 54.91
C ASP B 975 -17.48 -45.88 56.39
N ARG B 976 -18.43 -45.17 56.98
CA ARG B 976 -18.44 -44.68 58.36
C ARG B 976 -17.65 -43.38 58.54
N HIS B 977 -16.97 -42.87 57.51
CA HIS B 977 -16.25 -41.60 57.67
C HIS B 977 -16.77 -40.51 56.74
N LEU B 978 -16.65 -40.67 55.41
CA LEU B 978 -17.02 -39.57 54.52
C LEU B 978 -17.61 -39.99 53.18
N SER B 979 -17.80 -41.28 52.91
CA SER B 979 -18.25 -41.72 51.60
C SER B 979 -19.59 -42.44 51.74
N ILE B 980 -20.55 -42.06 50.91
CA ILE B 980 -21.88 -42.64 50.90
C ILE B 980 -22.22 -43.04 49.48
N SER B 981 -22.69 -44.26 49.29
CA SER B 981 -23.06 -44.76 47.99
C SER B 981 -24.51 -45.21 48.01
N VAL B 982 -25.25 -44.85 46.97
CA VAL B 982 -26.65 -45.21 46.82
C VAL B 982 -26.79 -46.02 45.53
N VAL B 983 -27.45 -47.17 45.64
CA VAL B 983 -27.60 -48.10 44.53
C VAL B 983 -29.10 -48.33 44.29
N LEU B 984 -29.51 -48.14 43.04
CA LEU B 984 -30.88 -48.36 42.61
C LEU B 984 -30.87 -49.30 41.41
N LYS B 985 -31.90 -50.13 41.30
CA LYS B 985 -32.05 -51.03 40.18
C LYS B 985 -32.91 -50.37 39.10
N GLN B 986 -33.19 -51.12 38.03
CA GLN B 986 -33.81 -50.54 36.84
C GLN B 986 -35.20 -49.99 37.11
N THR B 987 -35.85 -50.39 38.20
CA THR B 987 -37.22 -49.94 38.43
C THR B 987 -37.32 -48.42 38.48
N TYR B 988 -36.40 -47.77 39.19
CA TYR B 988 -36.41 -46.32 39.33
C TYR B 988 -35.74 -45.66 38.12
N GLN B 989 -36.35 -45.88 36.95
CA GLN B 989 -35.87 -45.32 35.70
C GLN B 989 -36.62 -44.03 35.40
N GLU B 990 -35.89 -42.93 35.23
CA GLU B 990 -36.47 -41.65 34.90
C GLU B 990 -37.54 -41.25 35.90
N LYS B 991 -37.27 -41.47 37.20
CA LYS B 991 -38.25 -41.21 38.24
C LYS B 991 -37.64 -40.59 39.49
N VAL B 992 -36.42 -40.06 39.41
CA VAL B 992 -35.74 -39.48 40.56
C VAL B 992 -35.19 -38.11 40.17
N CYS B 993 -34.65 -37.42 41.16
CA CYS B 993 -34.07 -36.09 40.95
C CYS B 993 -33.24 -35.75 42.18
N GLY B 994 -32.44 -34.71 42.04
CA GLY B 994 -31.57 -34.25 43.10
C GLY B 994 -30.16 -34.06 42.58
N LEU B 995 -29.21 -34.17 43.50
CA LEU B 995 -27.80 -34.01 43.15
C LEU B 995 -27.22 -35.22 42.45
N CYS B 996 -28.00 -36.25 42.14
CA CYS B 996 -27.50 -37.44 41.48
C CYS B 996 -28.09 -37.64 40.10
N GLY B 997 -28.72 -36.61 39.55
CA GLY B 997 -29.29 -36.70 38.22
C GLY B 997 -30.61 -37.45 38.21
N ASN B 998 -31.17 -37.59 37.01
CA ASN B 998 -32.48 -38.22 36.83
C ASN B 998 -32.37 -39.67 36.39
N PHE B 999 -31.16 -40.21 36.25
CA PHE B 999 -30.95 -41.62 35.92
C PHE B 999 -31.77 -42.02 34.68
N ASP B 1000 -31.42 -41.37 33.57
CA ASP B 1000 -32.05 -41.65 32.29
C ASP B 1000 -31.08 -42.16 31.24
N GLY B 1001 -29.79 -42.26 31.55
CA GLY B 1001 -28.80 -42.70 30.58
C GLY B 1001 -28.25 -41.61 29.69
N ILE B 1002 -28.64 -40.36 29.90
CA ILE B 1002 -28.13 -39.23 29.11
C ILE B 1002 -27.37 -38.32 30.05
N GLN B 1003 -26.09 -38.09 29.75
CA GLN B 1003 -25.26 -37.26 30.62
C GLN B 1003 -25.55 -35.78 30.46
N ASN B 1004 -25.91 -35.35 29.25
CA ASN B 1004 -26.00 -33.92 28.99
C ASN B 1004 -27.05 -33.25 29.86
N ASN B 1005 -28.22 -33.87 30.01
CA ASN B 1005 -29.34 -33.24 30.70
C ASN B 1005 -29.37 -33.52 32.19
N ASP B 1006 -28.40 -34.25 32.72
CA ASP B 1006 -28.37 -34.53 34.15
C ASP B 1006 -27.69 -33.41 34.94
N LEU B 1007 -28.10 -32.16 34.67
CA LEU B 1007 -27.63 -31.03 35.45
C LEU B 1007 -28.73 -30.00 35.65
N THR B 1008 -29.98 -30.44 35.67
CA THR B 1008 -31.11 -29.52 35.76
C THR B 1008 -31.34 -29.10 37.21
N SER B 1009 -31.63 -27.82 37.40
CA SER B 1009 -31.90 -27.29 38.72
C SER B 1009 -33.31 -27.69 39.16
N SER B 1010 -33.68 -27.28 40.37
CA SER B 1010 -34.98 -27.65 40.90
C SER B 1010 -36.14 -26.98 40.16
N ASN B 1011 -35.88 -25.92 39.42
CA ASN B 1011 -36.90 -25.17 38.70
C ASN B 1011 -36.91 -25.50 37.22
N LEU B 1012 -36.62 -26.76 36.87
CA LEU B 1012 -36.74 -27.25 35.51
C LEU B 1012 -35.88 -26.46 34.53
N GLN B 1013 -34.73 -25.98 34.96
CA GLN B 1013 -33.82 -25.21 34.12
C GLN B 1013 -32.46 -25.88 34.13
N VAL B 1014 -31.82 -25.92 32.96
CA VAL B 1014 -30.50 -26.52 32.80
C VAL B 1014 -29.47 -25.42 33.07
N GLU B 1015 -28.71 -25.57 34.14
CA GLU B 1015 -27.69 -24.59 34.51
C GLU B 1015 -26.44 -24.82 33.68
N GLU B 1016 -25.38 -24.06 33.97
CA GLU B 1016 -24.12 -24.16 33.25
C GLU B 1016 -22.99 -24.66 34.15
N ASP B 1017 -22.80 -24.04 35.30
CA ASP B 1017 -21.75 -24.45 36.22
C ASP B 1017 -22.34 -25.12 37.46
N PRO B 1018 -21.63 -26.07 38.06
CA PRO B 1018 -22.21 -26.81 39.19
C PRO B 1018 -22.55 -25.94 40.39
N VAL B 1019 -21.82 -24.84 40.61
CA VAL B 1019 -22.04 -24.07 41.83
C VAL B 1019 -23.46 -23.51 41.86
N ASP B 1020 -23.92 -22.95 40.75
CA ASP B 1020 -25.29 -22.46 40.69
C ASP B 1020 -26.31 -23.59 40.69
N PHE B 1021 -26.00 -24.71 40.04
CA PHE B 1021 -26.94 -25.82 40.01
C PHE B 1021 -27.20 -26.37 41.41
N GLY B 1022 -26.15 -26.50 42.21
CA GLY B 1022 -26.31 -27.08 43.54
C GLY B 1022 -27.17 -26.27 44.48
N ASN B 1023 -27.15 -24.95 44.38
CA ASN B 1023 -27.91 -24.11 45.28
C ASN B 1023 -29.40 -24.37 45.21
N SER B 1024 -29.90 -24.80 44.05
CA SER B 1024 -31.33 -24.98 43.86
C SER B 1024 -31.90 -26.16 44.64
N TRP B 1025 -31.06 -27.10 45.07
CA TRP B 1025 -31.50 -28.25 45.84
C TRP B 1025 -31.24 -28.08 47.33
N LYS B 1026 -31.09 -26.85 47.79
CA LYS B 1026 -30.89 -26.58 49.20
C LYS B 1026 -32.21 -26.70 49.95
N VAL B 1027 -32.16 -27.20 51.18
CA VAL B 1027 -33.38 -27.40 51.96
C VAL B 1027 -33.78 -26.11 52.66
N SER B 1028 -32.93 -25.62 53.55
CA SER B 1028 -33.19 -24.38 54.28
C SER B 1028 -32.77 -23.19 53.43
N SER B 1029 -33.62 -22.16 53.42
CA SER B 1029 -33.40 -21.00 52.58
C SER B 1029 -32.62 -19.89 53.28
N GLN B 1030 -31.79 -20.24 54.25
CA GLN B 1030 -31.04 -19.25 55.02
C GLN B 1030 -29.59 -19.73 55.21
N CYS B 1031 -29.00 -20.25 54.14
CA CYS B 1031 -27.70 -20.90 54.22
C CYS B 1031 -26.53 -20.05 53.77
N ALA B 1032 -26.78 -18.94 53.07
CA ALA B 1032 -25.70 -18.15 52.46
C ALA B 1032 -24.90 -19.03 51.50
N ASP B 1033 -25.60 -19.47 50.45
CA ASP B 1033 -25.03 -20.37 49.47
C ASP B 1033 -23.63 -19.96 49.06
N THR B 1034 -22.79 -20.97 48.81
CA THR B 1034 -21.42 -20.71 48.37
C THR B 1034 -21.43 -19.91 47.08
N ARG B 1035 -20.53 -18.92 46.99
CA ARG B 1035 -20.57 -18.02 45.86
C ARG B 1035 -19.87 -18.61 44.63
N LYS B 1036 -18.54 -18.74 44.68
CA LYS B 1036 -17.80 -19.49 43.68
C LYS B 1036 -16.30 -19.38 43.93
N VAL B 1037 -15.51 -20.29 43.36
CA VAL B 1037 -14.06 -20.22 43.41
C VAL B 1037 -13.56 -19.84 42.02
N PRO B 1038 -13.04 -18.63 41.81
CA PRO B 1038 -12.67 -18.22 40.44
C PRO B 1038 -11.37 -18.82 39.96
N LEU B 1039 -10.49 -19.20 40.89
CA LEU B 1039 -9.16 -19.65 40.52
C LEU B 1039 -9.22 -21.05 39.90
N ASP B 1040 -8.08 -21.46 39.36
CA ASP B 1040 -7.93 -22.75 38.70
C ASP B 1040 -7.50 -23.79 39.72
N SER B 1041 -7.05 -24.95 39.23
CA SER B 1041 -6.57 -26.00 40.10
C SER B 1041 -5.39 -25.51 40.94
N SER B 1042 -4.95 -26.35 41.86
CA SER B 1042 -3.96 -25.94 42.85
C SER B 1042 -4.56 -24.81 43.68
N PRO B 1043 -5.54 -25.11 44.53
CA PRO B 1043 -6.22 -24.05 45.30
C PRO B 1043 -5.25 -23.14 46.06
N ALA B 1044 -5.79 -22.05 46.60
CA ALA B 1044 -4.98 -21.03 47.24
C ALA B 1044 -3.83 -21.62 48.06
N THR B 1045 -4.08 -22.72 48.76
CA THR B 1045 -3.04 -23.30 49.61
C THR B 1045 -1.85 -23.77 48.81
N CYS B 1046 -2.05 -24.18 47.56
CA CYS B 1046 -0.96 -24.55 46.66
C CYS B 1046 -0.69 -23.41 45.67
N HIS B 1047 0.24 -23.67 44.74
CA HIS B 1047 0.73 -22.76 43.72
C HIS B 1047 1.38 -21.51 44.33
N ASN B 1048 1.43 -21.45 45.66
CA ASN B 1048 2.20 -20.42 46.35
C ASN B 1048 3.55 -20.95 46.83
N ASN B 1049 3.77 -22.25 46.70
CA ASN B 1049 5.03 -22.88 47.06
C ASN B 1049 5.71 -23.54 45.87
N ILE B 1050 4.94 -24.28 45.07
CA ILE B 1050 5.50 -25.15 44.03
C ILE B 1050 6.65 -25.95 44.63
N MET B 1051 6.54 -26.22 45.94
CA MET B 1051 7.38 -27.19 46.63
C MET B 1051 6.56 -28.19 47.40
N LYS B 1052 5.48 -27.76 48.05
CA LYS B 1052 4.40 -28.63 48.50
C LYS B 1052 3.56 -29.14 47.35
N GLN B 1053 3.38 -28.33 46.30
CA GLN B 1053 2.62 -28.75 45.15
C GLN B 1053 3.34 -29.84 44.35
N THR B 1054 4.67 -29.78 44.32
CA THR B 1054 5.44 -30.77 43.57
C THR B 1054 5.63 -32.07 44.32
N MET B 1055 5.30 -32.11 45.61
CA MET B 1055 5.28 -33.39 46.33
C MET B 1055 3.92 -34.05 46.29
N VAL B 1056 2.83 -33.28 46.29
CA VAL B 1056 1.50 -33.90 46.28
C VAL B 1056 1.29 -34.67 44.98
N ASP B 1057 1.68 -34.10 43.84
CA ASP B 1057 1.43 -34.77 42.57
C ASP B 1057 2.14 -36.11 42.50
N SER B 1058 3.41 -36.16 42.92
CA SER B 1058 4.16 -37.42 42.88
C SER B 1058 3.72 -38.36 43.99
N SER B 1059 3.24 -37.82 45.11
CA SER B 1059 2.87 -38.67 46.24
C SER B 1059 1.73 -39.60 45.88
N CYS B 1060 0.72 -39.10 45.18
CA CYS B 1060 -0.39 -39.95 44.77
C CYS B 1060 -0.43 -40.09 43.26
N ARG B 1061 0.75 -40.20 42.65
CA ARG B 1061 0.87 -40.76 41.31
C ARG B 1061 0.92 -42.27 41.35
N ILE B 1062 0.89 -42.86 42.56
CA ILE B 1062 0.85 -44.31 42.73
C ILE B 1062 -0.40 -44.92 42.12
N LEU B 1063 -1.38 -44.12 41.72
CA LEU B 1063 -2.55 -44.64 41.03
C LEU B 1063 -2.22 -45.24 39.68
N THR B 1064 -0.97 -45.10 39.22
CA THR B 1064 -0.56 -45.66 37.94
C THR B 1064 0.84 -46.26 38.00
N SER B 1065 1.36 -46.53 39.20
CA SER B 1065 2.78 -46.89 39.32
C SER B 1065 3.03 -48.36 39.01
N ASP B 1066 2.54 -49.26 39.86
CA ASP B 1066 2.84 -50.68 39.68
C ASP B 1066 1.65 -51.62 39.85
N VAL B 1067 0.65 -51.28 40.64
CA VAL B 1067 -0.40 -52.23 40.98
C VAL B 1067 -1.66 -51.88 40.20
N PHE B 1068 -1.85 -50.60 39.90
CA PHE B 1068 -3.03 -50.12 39.21
C PHE B 1068 -2.86 -50.15 37.70
N GLN B 1069 -1.72 -50.62 37.20
CA GLN B 1069 -1.53 -50.72 35.77
C GLN B 1069 -2.58 -51.62 35.12
N ASP B 1070 -3.03 -52.66 35.81
CA ASP B 1070 -4.11 -53.49 35.28
C ASP B 1070 -5.45 -52.76 35.33
N CYS B 1071 -5.69 -51.98 36.39
CA CYS B 1071 -6.92 -51.21 36.46
C CYS B 1071 -7.02 -50.20 35.33
N ASN B 1072 -5.90 -49.55 35.01
CA ASN B 1072 -5.93 -48.45 34.05
C ASN B 1072 -6.50 -48.88 32.70
N LYS B 1073 -6.40 -50.16 32.36
CA LYS B 1073 -6.96 -50.63 31.10
C LYS B 1073 -8.49 -50.59 31.16
N LEU B 1074 -9.07 -50.82 32.32
CA LEU B 1074 -10.51 -50.89 32.45
C LEU B 1074 -11.15 -49.56 32.84
N VAL B 1075 -10.54 -48.81 33.73
CA VAL B 1075 -11.05 -47.51 34.15
C VAL B 1075 -9.92 -46.51 34.15
N ASP B 1076 -10.15 -45.35 33.53
CA ASP B 1076 -9.10 -44.34 33.44
C ASP B 1076 -8.99 -43.57 34.75
N PRO B 1077 -7.83 -43.52 35.38
CA PRO B 1077 -7.71 -42.78 36.63
C PRO B 1077 -7.46 -41.29 36.42
N GLU B 1078 -8.25 -40.67 35.55
CA GLU B 1078 -8.08 -39.25 35.27
C GLU B 1078 -8.82 -38.39 36.30
N PRO B 1079 -10.09 -38.66 36.58
CA PRO B 1079 -10.81 -37.83 37.55
C PRO B 1079 -10.30 -38.00 38.96
N TYR B 1080 -9.92 -39.24 39.29
CA TYR B 1080 -9.46 -39.53 40.64
C TYR B 1080 -8.13 -38.85 40.93
N LEU B 1081 -7.25 -38.74 39.94
CA LEU B 1081 -6.01 -37.99 40.13
C LEU B 1081 -6.32 -36.54 40.48
N ASP B 1082 -7.23 -35.91 39.73
CA ASP B 1082 -7.61 -34.54 40.04
C ASP B 1082 -8.23 -34.42 41.42
N VAL B 1083 -9.07 -35.36 41.81
CA VAL B 1083 -9.61 -35.35 43.17
C VAL B 1083 -8.47 -35.38 44.18
N CYS B 1084 -7.47 -36.23 43.95
CA CYS B 1084 -6.34 -36.30 44.87
C CYS B 1084 -5.62 -34.97 44.96
N ILE B 1085 -5.39 -34.31 43.82
CA ILE B 1085 -4.77 -32.99 43.85
C ILE B 1085 -5.59 -32.04 44.70
N TYR B 1086 -6.91 -32.05 44.52
CA TYR B 1086 -7.79 -31.34 45.41
C TYR B 1086 -7.79 -32.04 46.77
N ASP B 1087 -8.36 -31.37 47.77
CA ASP B 1087 -8.59 -31.87 49.13
C ASP B 1087 -7.34 -32.55 49.70
N THR B 1088 -6.19 -32.21 49.15
CA THR B 1088 -4.89 -32.48 49.75
C THR B 1088 -4.06 -31.22 49.85
N CYS B 1089 -4.17 -30.33 48.86
CA CYS B 1089 -3.68 -28.97 49.02
C CYS B 1089 -4.39 -28.26 50.16
N SER B 1090 -5.72 -28.35 50.21
CA SER B 1090 -6.53 -27.61 51.16
C SER B 1090 -6.86 -28.43 52.39
N CYS B 1091 -6.04 -29.42 52.73
CA CYS B 1091 -6.30 -30.29 53.88
C CYS B 1091 -5.02 -30.35 54.71
N GLU B 1092 -4.93 -29.48 55.71
CA GLU B 1092 -3.77 -29.45 56.59
C GLU B 1092 -3.83 -30.63 57.56
N SER B 1093 -3.11 -31.70 57.24
CA SER B 1093 -3.13 -32.92 58.04
C SER B 1093 -1.97 -32.91 59.03
N ILE B 1094 -2.29 -33.16 60.30
CA ILE B 1094 -1.29 -33.17 61.36
C ILE B 1094 -1.50 -34.39 62.23
N GLY B 1095 -0.73 -35.44 61.99
CA GLY B 1095 -0.82 -36.64 62.79
C GLY B 1095 -1.95 -37.57 62.42
N ASP B 1096 -2.77 -37.22 61.44
CA ASP B 1096 -3.86 -38.05 60.96
C ASP B 1096 -3.85 -38.02 59.44
N CYS B 1097 -3.52 -39.16 58.83
CA CYS B 1097 -3.37 -39.26 57.38
C CYS B 1097 -4.65 -39.69 56.70
N ALA B 1098 -5.76 -39.79 57.44
CA ALA B 1098 -7.02 -40.25 56.86
C ALA B 1098 -7.50 -39.36 55.72
N CYS B 1099 -7.07 -38.10 55.69
CA CYS B 1099 -7.48 -37.20 54.62
C CYS B 1099 -6.95 -37.63 53.25
N PHE B 1100 -6.00 -38.55 53.21
CA PHE B 1100 -5.33 -38.96 51.99
C PHE B 1100 -5.68 -40.37 51.55
N CYS B 1101 -5.66 -41.33 52.47
CA CYS B 1101 -5.85 -42.73 52.09
C CYS B 1101 -7.25 -42.97 51.51
N ASP B 1102 -8.20 -42.08 51.82
CA ASP B 1102 -9.58 -42.30 51.41
C ASP B 1102 -9.75 -42.29 49.89
N THR B 1103 -9.07 -41.39 49.19
CA THR B 1103 -9.19 -41.35 47.74
C THR B 1103 -8.69 -42.64 47.11
N ILE B 1104 -7.54 -43.13 47.58
CA ILE B 1104 -7.00 -44.37 47.04
C ILE B 1104 -7.94 -45.53 47.38
N ALA B 1105 -8.51 -45.52 48.58
CA ALA B 1105 -9.47 -46.55 48.94
C ALA B 1105 -10.67 -46.54 48.00
N ALA B 1106 -11.17 -45.35 47.67
CA ALA B 1106 -12.29 -45.24 46.76
C ALA B 1106 -11.94 -45.79 45.38
N TYR B 1107 -10.76 -45.44 44.87
CA TYR B 1107 -10.37 -45.95 43.57
C TYR B 1107 -10.23 -47.46 43.59
N ALA B 1108 -9.66 -48.01 44.66
CA ALA B 1108 -9.55 -49.46 44.77
C ALA B 1108 -10.92 -50.11 44.83
N HIS B 1109 -11.87 -49.49 45.54
CA HIS B 1109 -13.22 -50.02 45.57
C HIS B 1109 -13.83 -50.04 44.18
N VAL B 1110 -13.65 -48.96 43.42
CA VAL B 1110 -14.18 -48.92 42.07
C VAL B 1110 -13.56 -50.03 41.22
N CYS B 1111 -12.24 -50.23 41.35
CA CYS B 1111 -11.61 -51.33 40.64
C CYS B 1111 -12.22 -52.67 41.03
N ALA B 1112 -12.48 -52.86 42.32
CA ALA B 1112 -12.98 -54.14 42.81
C ALA B 1112 -14.27 -54.55 42.10
N GLN B 1113 -15.13 -53.59 41.77
CA GLN B 1113 -16.40 -53.91 41.14
C GLN B 1113 -16.24 -54.49 39.74
N HIS B 1114 -15.04 -54.39 39.15
CA HIS B 1114 -14.78 -54.96 37.84
C HIS B 1114 -13.94 -56.24 37.92
N GLY B 1115 -13.93 -56.89 39.08
CA GLY B 1115 -13.18 -58.13 39.24
C GLY B 1115 -11.69 -57.95 39.06
N LYS B 1116 -11.12 -56.90 39.64
CA LYS B 1116 -9.69 -56.61 39.53
C LYS B 1116 -9.12 -56.27 40.91
N VAL B 1117 -9.41 -57.12 41.90
CA VAL B 1117 -8.97 -56.87 43.25
C VAL B 1117 -7.47 -56.57 43.27
N VAL B 1118 -7.08 -55.60 44.08
CA VAL B 1118 -5.69 -55.17 44.19
C VAL B 1118 -5.34 -55.02 45.67
N THR B 1119 -4.04 -55.05 45.95
CA THR B 1119 -3.50 -54.81 47.29
C THR B 1119 -2.44 -53.75 47.19
N TRP B 1120 -2.56 -52.71 48.02
CA TRP B 1120 -1.69 -51.54 47.92
C TRP B 1120 -1.16 -51.04 49.24
N ARG B 1121 -1.61 -51.55 50.38
CA ARG B 1121 -1.22 -51.01 51.68
C ARG B 1121 0.06 -51.69 52.16
N THR B 1122 1.07 -50.89 52.47
CA THR B 1122 2.35 -51.36 52.97
C THR B 1122 2.47 -51.05 54.45
N ALA B 1123 3.64 -51.33 55.01
CA ALA B 1123 3.93 -51.00 56.39
C ALA B 1123 4.30 -49.52 56.58
N THR B 1124 4.49 -48.79 55.48
CA THR B 1124 4.84 -47.37 55.55
C THR B 1124 3.99 -46.54 54.59
N LEU B 1125 2.79 -47.04 54.27
CA LEU B 1125 1.88 -46.31 53.37
C LEU B 1125 0.45 -46.66 53.78
N CYS B 1126 -0.16 -45.77 54.55
CA CYS B 1126 -1.53 -45.94 55.02
C CYS B 1126 -1.72 -47.32 55.66
N PRO B 1127 -0.95 -47.64 56.70
CA PRO B 1127 -1.09 -48.95 57.33
C PRO B 1127 -2.40 -49.08 58.10
N GLN B 1128 -2.84 -50.33 58.24
CA GLN B 1128 -4.09 -50.63 58.91
C GLN B 1128 -3.93 -51.89 59.74
N SER B 1129 -4.72 -51.99 60.82
CA SER B 1129 -4.71 -53.15 61.68
C SER B 1129 -6.12 -53.42 62.21
N CYS B 1130 -6.41 -54.69 62.49
CA CYS B 1130 -7.69 -55.08 63.06
C CYS B 1130 -7.50 -56.12 64.17
N GLU B 1131 -6.29 -56.22 64.72
CA GLU B 1131 -5.99 -57.20 65.77
C GLU B 1131 -6.29 -56.68 67.17
N GLU B 1132 -6.64 -55.40 67.31
CA GLU B 1132 -6.94 -54.88 68.64
C GLU B 1132 -8.14 -55.58 69.26
N ARG B 1133 -9.17 -55.84 68.45
CA ARG B 1133 -10.38 -56.51 68.94
C ARG B 1133 -10.24 -58.02 68.73
N ASN B 1134 -9.25 -58.58 69.43
CA ASN B 1134 -8.86 -59.97 69.25
C ASN B 1134 -8.85 -60.73 70.57
N LEU B 1135 -9.90 -60.56 71.37
CA LEU B 1135 -10.11 -61.35 72.58
C LEU B 1135 -8.91 -61.20 73.53
N ARG B 1136 -8.77 -59.98 74.05
CA ARG B 1136 -7.65 -59.65 74.91
C ARG B 1136 -7.58 -60.53 76.15
N GLU B 1137 -8.69 -61.16 76.55
CA GLU B 1137 -8.65 -62.10 77.67
C GLU B 1137 -7.54 -63.12 77.48
N ASN B 1138 -7.51 -63.76 76.31
CA ASN B 1138 -6.42 -64.66 75.94
C ASN B 1138 -5.67 -64.16 74.71
N GLY B 1139 -6.38 -63.86 73.63
CA GLY B 1139 -5.78 -63.31 72.44
C GLY B 1139 -5.08 -64.32 71.54
N TYR B 1140 -4.52 -65.38 72.10
CA TYR B 1140 -3.79 -66.34 71.28
C TYR B 1140 -4.66 -66.93 70.18
N GLU B 1141 -5.97 -66.98 70.38
CA GLU B 1141 -6.91 -67.42 69.35
C GLU B 1141 -7.13 -66.24 68.39
N CYS B 1142 -6.14 -66.02 67.54
CA CYS B 1142 -6.19 -64.91 66.59
C CYS B 1142 -7.22 -65.22 65.52
N GLU B 1143 -8.41 -64.66 65.68
CA GLU B 1143 -9.56 -64.94 64.81
C GLU B 1143 -9.80 -63.83 63.79
N TRP B 1144 -8.89 -62.86 63.69
CA TRP B 1144 -9.09 -61.70 62.84
C TRP B 1144 -7.91 -61.52 61.92
N ARG B 1145 -8.20 -61.20 60.65
CA ARG B 1145 -7.17 -60.99 59.66
C ARG B 1145 -7.57 -59.78 58.84
N TYR B 1146 -6.67 -59.33 57.96
CA TYR B 1146 -6.98 -58.27 57.01
C TYR B 1146 -6.94 -58.87 55.61
N ASN B 1147 -8.06 -58.80 54.89
CA ASN B 1147 -8.18 -59.51 53.63
C ASN B 1147 -8.34 -58.53 52.47
N SER B 1148 -8.08 -59.05 51.27
CA SER B 1148 -8.14 -58.22 50.06
C SER B 1148 -9.50 -57.56 49.94
N CYS B 1149 -10.57 -58.33 49.78
CA CYS B 1149 -11.89 -57.73 49.92
C CYS B 1149 -12.95 -58.65 50.53
N ALA B 1150 -12.57 -59.74 51.20
CA ALA B 1150 -13.43 -60.34 52.21
C ALA B 1150 -14.90 -60.40 51.79
N PRO B 1151 -15.31 -61.36 50.97
CA PRO B 1151 -16.65 -61.31 50.38
C PRO B 1151 -17.71 -60.83 51.37
N ALA B 1152 -18.67 -60.05 50.86
CA ALA B 1152 -19.42 -59.10 51.68
C ALA B 1152 -20.23 -59.73 52.81
N CYS B 1153 -21.24 -60.52 52.48
CA CYS B 1153 -22.26 -60.92 53.44
C CYS B 1153 -22.10 -62.39 53.79
N GLN B 1154 -21.98 -62.67 55.09
CA GLN B 1154 -21.85 -64.03 55.60
C GLN B 1154 -22.96 -64.28 56.61
N VAL B 1155 -23.59 -65.46 56.52
CA VAL B 1155 -24.72 -65.75 57.39
C VAL B 1155 -24.24 -66.04 58.81
N THR B 1156 -25.14 -65.84 59.76
CA THR B 1156 -24.91 -66.10 61.18
C THR B 1156 -26.27 -66.29 61.83
N CYS B 1157 -26.33 -66.24 63.16
CA CYS B 1157 -27.63 -66.26 63.81
C CYS B 1157 -28.22 -64.86 63.81
N GLN B 1158 -28.16 -64.18 62.68
CA GLN B 1158 -28.80 -62.88 62.53
C GLN B 1158 -29.75 -62.92 61.34
N HIS B 1159 -29.24 -63.43 60.22
CA HIS B 1159 -30.03 -63.63 59.00
C HIS B 1159 -29.59 -64.94 58.39
N PRO B 1160 -30.05 -66.07 58.92
CA PRO B 1160 -29.55 -67.37 58.44
C PRO B 1160 -30.02 -67.69 57.04
N GLU B 1161 -29.71 -66.82 56.09
CA GLU B 1161 -30.06 -67.03 54.68
C GLU B 1161 -29.34 -65.98 53.83
N PRO B 1162 -28.95 -66.31 52.60
CA PRO B 1162 -28.26 -65.32 51.77
C PRO B 1162 -29.13 -64.09 51.54
N LEU B 1163 -28.50 -62.92 51.53
CA LEU B 1163 -29.16 -61.66 51.26
C LEU B 1163 -28.76 -61.18 49.86
N ALA B 1164 -29.22 -59.98 49.50
CA ALA B 1164 -28.88 -59.35 48.23
C ALA B 1164 -27.96 -58.18 48.53
N CYS B 1165 -26.66 -58.48 48.62
CA CYS B 1165 -25.65 -57.49 48.95
C CYS B 1165 -24.90 -57.13 47.69
N PRO B 1166 -25.10 -55.93 47.10
CA PRO B 1166 -24.55 -55.62 45.77
C PRO B 1166 -23.12 -55.07 45.81
N VAL B 1167 -22.29 -55.63 46.68
CA VAL B 1167 -20.87 -55.29 46.70
C VAL B 1167 -20.02 -56.55 46.60
N GLN B 1168 -20.26 -57.50 47.51
CA GLN B 1168 -19.65 -58.83 47.50
C GLN B 1168 -18.13 -58.82 47.48
N CYS B 1169 -17.52 -57.63 47.58
CA CYS B 1169 -16.06 -57.50 47.57
C CYS B 1169 -15.66 -56.38 48.53
N VAL B 1170 -16.20 -56.41 49.74
CA VAL B 1170 -16.00 -55.34 50.71
C VAL B 1170 -14.61 -55.47 51.34
N GLU B 1171 -13.81 -54.41 51.23
CA GLU B 1171 -12.46 -54.43 51.79
C GLU B 1171 -12.51 -54.25 53.31
N GLY B 1172 -11.56 -54.88 53.99
CA GLY B 1172 -11.39 -54.64 55.41
C GLY B 1172 -10.77 -55.86 56.10
N CYS B 1173 -11.11 -55.98 57.38
CA CYS B 1173 -10.65 -57.09 58.21
C CYS B 1173 -11.78 -58.09 58.38
N HIS B 1174 -11.42 -59.36 58.34
CA HIS B 1174 -12.35 -60.47 58.16
C HIS B 1174 -12.02 -61.58 59.14
N ALA B 1175 -13.04 -62.39 59.45
CA ALA B 1175 -12.90 -63.60 60.24
C ALA B 1175 -13.11 -64.80 59.32
N HIS B 1176 -12.26 -65.82 59.46
CA HIS B 1176 -12.26 -66.95 58.55
C HIS B 1176 -12.40 -68.26 59.29
N CYS B 1177 -13.38 -68.34 60.19
CA CYS B 1177 -13.53 -69.51 61.04
C CYS B 1177 -13.82 -70.75 60.19
N PRO B 1178 -13.50 -71.94 60.70
CA PRO B 1178 -13.70 -73.17 59.93
C PRO B 1178 -15.17 -73.35 59.54
N PRO B 1179 -15.47 -74.36 58.73
CA PRO B 1179 -16.87 -74.54 58.29
C PRO B 1179 -17.87 -74.58 59.43
N GLY B 1180 -17.53 -75.25 60.53
CA GLY B 1180 -18.35 -75.23 61.71
C GLY B 1180 -18.00 -74.05 62.61
N LYS B 1181 -18.81 -73.86 63.64
CA LYS B 1181 -18.59 -72.80 64.62
C LYS B 1181 -18.56 -71.43 63.93
N ILE B 1182 -19.71 -71.07 63.36
CA ILE B 1182 -19.84 -69.82 62.63
C ILE B 1182 -19.73 -68.64 63.59
N LEU B 1183 -19.55 -67.45 63.04
CA LEU B 1183 -19.36 -66.26 63.86
C LEU B 1183 -20.64 -65.93 64.62
N ASP B 1184 -20.48 -65.34 65.80
CA ASP B 1184 -21.59 -64.91 66.63
C ASP B 1184 -22.04 -63.52 66.18
N GLU B 1185 -22.91 -62.89 66.98
CA GLU B 1185 -23.47 -61.59 66.65
C GLU B 1185 -22.87 -60.46 67.49
N LEU B 1186 -22.91 -60.59 68.82
CA LEU B 1186 -22.57 -59.48 69.70
C LEU B 1186 -21.14 -59.52 70.23
N LEU B 1187 -20.68 -60.67 70.73
CA LEU B 1187 -19.37 -60.76 71.36
C LEU B 1187 -18.24 -60.94 70.36
N GLN B 1188 -18.55 -61.09 69.07
CA GLN B 1188 -17.53 -61.20 68.03
C GLN B 1188 -16.58 -62.36 68.32
N THR B 1189 -17.17 -63.54 68.50
CA THR B 1189 -16.41 -64.75 68.77
C THR B 1189 -17.16 -65.94 68.19
N CYS B 1190 -16.52 -66.67 67.31
CA CYS B 1190 -17.17 -67.81 66.66
C CYS B 1190 -17.64 -68.81 67.70
N VAL B 1191 -18.90 -69.25 67.57
CA VAL B 1191 -19.49 -70.21 68.49
C VAL B 1191 -20.31 -71.21 67.67
N ASP B 1192 -20.59 -72.35 68.31
CA ASP B 1192 -21.36 -73.39 67.67
C ASP B 1192 -22.80 -72.93 67.47
N PRO B 1193 -23.51 -73.43 66.45
CA PRO B 1193 -24.77 -72.80 66.04
C PRO B 1193 -25.90 -72.80 67.07
N GLU B 1194 -25.66 -73.32 68.27
CA GLU B 1194 -26.72 -73.36 69.27
C GLU B 1194 -27.24 -71.97 69.59
N ASP B 1195 -26.36 -70.97 69.63
CA ASP B 1195 -26.72 -69.62 70.06
C ASP B 1195 -27.39 -68.83 68.93
N CYS B 1196 -28.48 -69.39 68.43
CA CYS B 1196 -29.38 -68.71 67.51
C CYS B 1196 -30.70 -68.40 68.20
N PRO B 1197 -31.49 -67.47 67.66
CA PRO B 1197 -32.76 -67.13 68.29
C PRO B 1197 -33.67 -68.34 68.45
N VAL B 1198 -34.35 -68.40 69.60
CA VAL B 1198 -35.30 -69.49 69.83
C VAL B 1198 -36.43 -69.44 68.82
N CYS B 1199 -36.97 -68.25 68.57
CA CYS B 1199 -38.01 -68.07 67.58
C CYS B 1199 -37.94 -66.64 67.05
N GLU B 1200 -38.54 -66.43 65.89
CA GLU B 1200 -38.51 -65.15 65.20
C GLU B 1200 -39.79 -64.34 65.40
N VAL B 1201 -40.64 -64.75 66.35
CA VAL B 1201 -41.88 -64.04 66.58
C VAL B 1201 -41.59 -62.62 67.04
N ALA B 1202 -42.30 -61.65 66.46
CA ALA B 1202 -42.15 -60.23 66.76
C ALA B 1202 -40.80 -59.67 66.31
N GLY B 1203 -40.02 -60.44 65.58
CA GLY B 1203 -38.74 -59.94 65.07
C GLY B 1203 -37.79 -59.48 66.16
N ARG B 1204 -37.67 -60.26 67.23
CA ARG B 1204 -36.81 -59.92 68.36
C ARG B 1204 -35.62 -60.86 68.41
N ARG B 1205 -34.51 -60.37 68.98
CA ARG B 1205 -33.27 -61.14 68.99
C ARG B 1205 -33.46 -62.46 69.74
N PHE B 1206 -34.06 -62.40 70.93
CA PHE B 1206 -34.35 -63.61 71.71
C PHE B 1206 -33.08 -64.44 71.89
N ALA B 1207 -31.95 -63.76 72.12
CA ALA B 1207 -30.68 -64.43 72.32
C ALA B 1207 -30.33 -65.31 71.12
N SER C 31 31.39 23.81 -81.75
CA SER C 31 32.05 25.04 -81.33
C SER C 31 31.70 25.37 -79.88
N THR C 32 32.66 25.94 -79.16
CA THR C 32 32.47 26.26 -77.74
C THR C 32 33.42 27.40 -77.39
N ALA C 33 32.86 28.61 -77.28
CA ALA C 33 33.66 29.75 -76.85
C ALA C 33 34.04 29.61 -75.39
N ARG C 34 35.01 30.43 -74.97
CA ARG C 34 35.48 30.36 -73.59
C ARG C 34 36.31 31.59 -73.28
N CYS C 35 36.02 32.20 -72.14
CA CYS C 35 36.83 33.28 -71.59
C CYS C 35 37.26 32.89 -70.17
N SER C 36 38.50 33.22 -69.83
CA SER C 36 39.08 32.80 -68.57
C SER C 36 39.69 34.00 -67.85
N LEU C 37 39.48 34.03 -66.53
CA LEU C 37 40.08 35.03 -65.66
C LEU C 37 41.22 34.35 -64.91
N PHE C 38 42.45 34.72 -65.26
CA PHE C 38 43.65 34.04 -64.78
C PHE C 38 44.60 35.04 -64.13
N GLY C 39 45.71 34.51 -63.62
CA GLY C 39 46.75 35.36 -63.08
C GLY C 39 46.22 36.24 -61.96
N SER C 40 46.63 37.50 -61.98
CA SER C 40 46.17 38.50 -61.02
C SER C 40 45.74 39.74 -61.79
N ASP C 41 44.44 40.04 -61.74
CA ASP C 41 43.89 41.21 -62.43
C ASP C 41 44.12 41.12 -63.94
N PHE C 42 43.97 39.91 -64.48
CA PHE C 42 44.04 39.68 -65.91
C PHE C 42 42.74 39.04 -66.38
N VAL C 43 42.35 39.35 -67.61
CA VAL C 43 41.09 38.85 -68.17
C VAL C 43 41.30 38.54 -69.64
N ASN C 44 40.83 37.35 -70.06
CA ASN C 44 40.78 36.98 -71.46
C ASN C 44 39.35 37.14 -71.96
N THR C 45 39.22 37.56 -73.21
CA THR C 45 37.91 37.74 -73.82
C THR C 45 37.55 36.52 -74.66
N PHE C 46 36.30 36.47 -75.12
CA PHE C 46 35.86 35.35 -75.95
C PHE C 46 36.57 35.30 -77.28
N ASP C 47 37.26 36.35 -77.69
CA ASP C 47 37.94 36.38 -78.97
C ASP C 47 39.45 36.54 -78.88
N GLY C 48 40.01 36.69 -77.67
CA GLY C 48 41.45 36.68 -77.50
C GLY C 48 42.02 37.94 -76.91
N SER C 49 41.49 39.10 -77.29
CA SER C 49 42.02 40.36 -76.81
C SER C 49 42.04 40.39 -75.29
N MET C 50 43.24 40.49 -74.73
CA MET C 50 43.44 40.47 -73.29
C MET C 50 43.64 41.88 -72.76
N TYR C 51 43.44 42.03 -71.45
CA TYR C 51 43.66 43.31 -70.78
C TYR C 51 43.73 43.05 -69.28
N SER C 52 44.20 44.06 -68.55
CA SER C 52 44.36 44.01 -67.10
C SER C 52 43.29 44.86 -66.45
N PHE C 53 42.67 44.33 -65.39
CA PHE C 53 41.61 45.04 -64.70
C PHE C 53 41.62 44.70 -63.21
N ALA C 54 41.33 45.71 -62.40
CA ALA C 54 41.08 45.54 -60.97
C ALA C 54 39.73 46.18 -60.67
N GLY C 55 38.89 45.47 -59.92
CA GLY C 55 37.52 45.88 -59.71
C GLY C 55 37.10 45.76 -58.26
N TYR C 56 35.89 46.27 -57.99
CA TYR C 56 35.35 46.26 -56.64
C TYR C 56 33.84 46.01 -56.55
N CYS C 57 33.15 45.76 -57.66
CA CYS C 57 31.70 45.93 -57.68
C CYS C 57 31.00 44.77 -58.39
N SER C 58 31.49 43.55 -58.20
CA SER C 58 30.79 42.35 -58.66
C SER C 58 30.27 42.52 -60.09
N TYR C 59 31.22 42.67 -61.00
CA TYR C 59 30.89 42.99 -62.38
C TYR C 59 30.24 41.80 -63.08
N LEU C 60 29.43 42.12 -64.09
CA LEU C 60 28.75 41.11 -64.89
C LEU C 60 29.73 40.52 -65.90
N LEU C 61 29.78 39.18 -65.96
CA LEU C 61 30.71 38.48 -66.83
C LEU C 61 30.07 38.03 -68.14
N ALA C 62 28.96 37.30 -68.05
CA ALA C 62 28.29 36.80 -69.25
C ALA C 62 26.77 36.89 -69.07
N GLY C 63 26.09 37.07 -70.19
CA GLY C 63 24.65 37.24 -70.21
C GLY C 63 24.23 38.31 -71.20
N GLY C 64 23.32 37.98 -72.11
CA GLY C 64 22.90 38.93 -73.12
C GLY C 64 22.15 40.11 -72.54
N CYS C 65 22.27 41.25 -73.21
CA CYS C 65 21.62 42.49 -72.78
C CYS C 65 20.40 42.83 -73.65
N GLN C 66 19.75 41.82 -74.22
CA GLN C 66 18.47 41.99 -74.88
C GLN C 66 17.36 41.18 -74.21
N LYS C 67 17.61 39.90 -73.97
CA LYS C 67 16.73 39.03 -73.19
C LYS C 67 17.64 38.21 -72.28
N ARG C 68 17.84 38.70 -71.07
CA ARG C 68 18.91 38.17 -70.21
C ARG C 68 18.72 36.69 -69.92
N SER C 69 17.70 36.35 -69.15
CA SER C 69 17.34 34.96 -68.87
C SER C 69 18.38 34.22 -68.03
N PHE C 70 19.52 34.86 -67.76
CA PHE C 70 20.54 34.33 -66.85
C PHE C 70 21.69 35.33 -66.85
N SER C 71 22.51 35.26 -65.80
CA SER C 71 23.64 36.16 -65.68
C SER C 71 24.74 35.48 -64.87
N ILE C 72 25.99 35.78 -65.20
CA ILE C 72 27.15 35.27 -64.47
C ILE C 72 27.90 36.47 -63.91
N ILE C 73 28.10 36.49 -62.59
CA ILE C 73 28.69 37.62 -61.89
C ILE C 73 29.79 37.12 -60.99
N GLY C 74 30.92 37.83 -60.96
CA GLY C 74 32.02 37.51 -60.08
C GLY C 74 32.41 38.68 -59.21
N ASP C 75 32.63 38.43 -57.92
CA ASP C 75 32.87 39.50 -56.96
C ASP C 75 34.35 39.85 -56.90
N PHE C 76 34.64 41.13 -56.66
CA PHE C 76 35.99 41.64 -56.50
C PHE C 76 36.08 42.45 -55.21
N GLN C 77 37.24 42.34 -54.54
CA GLN C 77 37.53 43.14 -53.36
C GLN C 77 39.03 43.38 -53.29
N ASN C 78 39.42 44.65 -53.20
CA ASN C 78 40.83 45.02 -53.12
C ASN C 78 41.61 44.48 -54.31
N GLY C 79 40.94 44.27 -55.43
CA GLY C 79 41.57 43.74 -56.62
C GLY C 79 41.74 42.23 -56.64
N LYS C 80 41.25 41.52 -55.62
CA LYS C 80 41.39 40.08 -55.55
C LYS C 80 40.14 39.41 -56.10
N ARG C 81 40.05 38.09 -55.96
CA ARG C 81 38.98 37.30 -56.57
C ARG C 81 38.44 36.31 -55.56
N VAL C 82 37.16 36.43 -55.23
CA VAL C 82 36.43 35.41 -54.49
C VAL C 82 34.99 35.41 -54.99
N SER C 83 34.33 34.25 -54.89
CA SER C 83 32.93 34.11 -55.22
C SER C 83 32.69 34.13 -56.73
N LEU C 84 31.89 33.18 -57.19
CA LEU C 84 31.37 33.17 -58.55
C LEU C 84 29.91 32.76 -58.46
N SER C 85 29.02 33.58 -59.03
CA SER C 85 27.60 33.41 -58.82
C SER C 85 26.85 33.47 -60.14
N VAL C 86 25.74 32.75 -60.20
CA VAL C 86 24.83 32.79 -61.33
C VAL C 86 23.51 33.38 -60.86
N TYR C 87 22.72 33.85 -61.82
CA TYR C 87 21.42 34.43 -61.49
C TYR C 87 20.44 34.06 -62.59
N LEU C 88 19.46 33.23 -62.26
CA LEU C 88 18.41 32.82 -63.18
C LEU C 88 17.17 33.63 -62.85
N GLY C 89 16.72 34.44 -63.80
CA GLY C 89 15.59 35.30 -63.52
C GLY C 89 15.90 36.20 -62.35
N GLU C 90 15.04 36.19 -61.34
CA GLU C 90 15.24 36.97 -60.13
C GLU C 90 14.86 36.16 -58.89
N PHE C 91 15.14 34.86 -58.90
CA PHE C 91 14.72 34.00 -57.81
C PHE C 91 15.83 33.08 -57.30
N PHE C 92 16.79 32.74 -58.15
CA PHE C 92 17.81 31.75 -57.82
C PHE C 92 19.19 32.40 -57.85
N ASP C 93 19.98 32.19 -56.79
CA ASP C 93 21.23 32.93 -56.63
C ASP C 93 22.45 32.02 -56.70
N ILE C 94 22.58 31.03 -55.81
CA ILE C 94 23.77 30.18 -55.73
C ILE C 94 25.06 31.00 -55.78
N HIS C 95 25.81 30.99 -54.69
CA HIS C 95 27.15 31.56 -54.64
C HIS C 95 28.16 30.44 -54.42
N LEU C 96 29.25 30.48 -55.17
CA LEU C 96 30.18 29.36 -55.24
C LEU C 96 31.42 29.53 -54.36
N PHE C 97 31.98 30.74 -54.30
CA PHE C 97 33.20 30.99 -53.52
C PHE C 97 34.37 30.21 -54.09
N VAL C 98 35.59 30.68 -53.83
CA VAL C 98 36.79 30.06 -54.40
C VAL C 98 37.36 28.96 -53.52
N ASN C 99 36.94 28.88 -52.26
CA ASN C 99 37.43 27.84 -51.35
C ASN C 99 36.45 26.67 -51.24
N GLY C 100 35.61 26.46 -52.24
CA GLY C 100 34.71 25.31 -52.26
C GLY C 100 33.53 25.39 -51.32
N THR C 101 33.17 26.58 -50.86
CA THR C 101 32.05 26.76 -49.94
C THR C 101 30.87 27.37 -50.70
N VAL C 102 29.86 26.56 -50.98
CA VAL C 102 28.74 26.96 -51.83
C VAL C 102 27.55 27.30 -50.96
N THR C 103 26.90 28.42 -51.27
CA THR C 103 25.73 28.90 -50.55
C THR C 103 24.59 29.15 -51.52
N GLN C 104 23.40 29.35 -50.97
CA GLN C 104 22.21 29.65 -51.75
C GLN C 104 21.90 31.14 -51.82
N GLY C 105 22.59 31.98 -51.05
CA GLY C 105 22.29 33.39 -50.98
C GLY C 105 22.07 33.83 -49.54
N ASP C 106 21.37 33.00 -48.77
CA ASP C 106 21.18 33.24 -47.36
C ASP C 106 21.27 31.97 -46.52
N GLN C 107 21.64 30.84 -47.10
CA GLN C 107 21.60 29.55 -46.44
C GLN C 107 22.95 28.87 -46.51
N ARG C 108 23.02 27.68 -45.91
CA ARG C 108 24.27 26.91 -45.79
C ARG C 108 24.02 25.53 -46.38
N VAL C 109 24.28 25.39 -47.69
CA VAL C 109 24.01 24.15 -48.39
C VAL C 109 25.32 23.40 -48.57
N SER C 110 25.21 22.07 -48.69
CA SER C 110 26.36 21.19 -48.81
C SER C 110 26.70 20.99 -50.29
N MET C 111 27.55 20.00 -50.56
CA MET C 111 28.03 19.69 -51.90
C MET C 111 27.82 18.19 -52.12
N PRO C 112 27.49 17.76 -53.35
CA PRO C 112 27.29 18.48 -54.62
C PRO C 112 26.04 19.37 -54.65
N TYR C 113 24.96 18.93 -54.02
CA TYR C 113 23.74 19.74 -53.90
C TYR C 113 23.18 20.10 -55.28
N ALA C 114 22.74 19.06 -55.97
CA ALA C 114 22.04 19.25 -57.24
C ALA C 114 20.73 19.98 -57.01
N SER C 115 20.27 20.70 -58.03
CA SER C 115 19.06 21.50 -57.93
C SER C 115 18.39 21.53 -59.29
N LYS C 116 17.46 22.46 -59.49
CA LYS C 116 16.72 22.59 -60.75
C LYS C 116 17.70 23.05 -61.82
N GLY C 117 18.44 22.08 -62.36
CA GLY C 117 19.60 22.38 -63.17
C GLY C 117 20.75 22.80 -62.28
N LEU C 118 21.81 23.29 -62.93
CA LEU C 118 22.97 23.82 -62.22
C LEU C 118 23.57 22.76 -61.29
N TYR C 119 24.04 21.68 -61.90
CA TYR C 119 24.58 20.55 -61.17
C TYR C 119 25.98 20.91 -60.65
N LEU C 120 26.03 21.41 -59.42
CA LEU C 120 27.31 21.61 -58.75
C LEU C 120 27.96 20.24 -58.52
N GLU C 121 29.18 20.08 -59.01
CA GLU C 121 29.83 18.78 -59.00
C GLU C 121 31.32 18.92 -58.73
N THR C 122 31.89 17.84 -58.21
CA THR C 122 33.33 17.67 -58.14
C THR C 122 33.85 17.16 -59.49
N GLU C 123 35.16 17.27 -59.66
CA GLU C 123 35.81 16.94 -60.92
C GLU C 123 37.15 16.29 -60.57
N ALA C 124 38.06 16.26 -61.53
CA ALA C 124 39.40 15.73 -61.32
C ALA C 124 40.17 16.51 -60.27
N GLY C 125 39.53 17.50 -59.63
CA GLY C 125 40.16 18.30 -58.60
C GLY C 125 39.63 19.71 -58.57
N TYR C 126 38.81 20.07 -59.54
CA TYR C 126 38.21 21.39 -59.63
C TYR C 126 36.78 21.35 -59.08
N TYR C 127 36.15 22.51 -59.04
CA TYR C 127 34.72 22.63 -58.75
C TYR C 127 34.01 23.07 -60.03
N LYS C 128 32.96 22.35 -60.41
CA LYS C 128 32.25 22.62 -61.65
C LYS C 128 30.81 22.99 -61.34
N LEU C 129 30.31 24.00 -62.04
CA LEU C 129 28.90 24.41 -62.01
C LEU C 129 28.42 24.38 -63.44
N SER C 130 27.65 23.36 -63.79
CA SER C 130 27.25 23.11 -65.17
C SER C 130 25.73 23.21 -65.30
N GLY C 131 25.27 23.96 -66.30
CA GLY C 131 23.88 23.94 -66.66
C GLY C 131 23.73 23.63 -68.13
N GLU C 132 23.17 22.47 -68.46
CA GLU C 132 23.05 22.04 -69.84
C GLU C 132 21.73 22.42 -70.48
N ALA C 133 20.65 22.53 -69.70
CA ALA C 133 19.39 22.98 -70.26
C ALA C 133 19.50 24.39 -70.82
N TYR C 134 20.19 25.28 -70.11
CA TYR C 134 20.43 26.64 -70.58
C TYR C 134 21.71 26.71 -71.41
N GLY C 135 22.78 26.10 -70.92
CA GLY C 135 24.00 25.93 -71.67
C GLY C 135 25.13 26.80 -71.16
N PHE C 136 25.97 26.23 -70.29
CA PHE C 136 27.23 26.84 -69.88
C PHE C 136 27.87 25.91 -68.85
N VAL C 137 29.17 26.06 -68.70
CA VAL C 137 29.94 25.31 -67.71
C VAL C 137 30.95 26.25 -67.10
N ALA C 138 30.98 26.32 -65.76
CA ALA C 138 31.92 27.15 -65.03
C ALA C 138 32.82 26.27 -64.19
N ARG C 139 34.10 26.61 -64.16
CA ARG C 139 35.09 25.82 -63.44
C ARG C 139 35.95 26.74 -62.59
N ILE C 140 36.17 26.33 -61.34
CA ILE C 140 37.12 26.97 -60.45
C ILE C 140 38.17 25.94 -60.04
N ASP C 141 39.44 26.31 -60.16
CA ASP C 141 40.54 25.43 -59.81
C ASP C 141 40.87 25.59 -58.33
N GLY C 142 41.87 24.84 -57.86
CA GLY C 142 42.37 25.05 -56.51
C GLY C 142 43.04 26.40 -56.35
N SER C 143 43.72 26.88 -57.39
CA SER C 143 44.41 28.16 -57.33
C SER C 143 43.46 29.34 -57.42
N GLY C 144 42.21 29.12 -57.78
CA GLY C 144 41.26 30.21 -57.88
C GLY C 144 41.25 30.88 -59.24
N ASN C 145 41.04 30.10 -60.29
CA ASN C 145 40.96 30.60 -61.65
C ASN C 145 39.58 30.28 -62.21
N PHE C 146 38.93 31.28 -62.79
CA PHE C 146 37.57 31.14 -63.28
C PHE C 146 37.57 30.87 -64.78
N GLN C 147 36.86 29.82 -65.18
CA GLN C 147 36.71 29.52 -66.59
C GLN C 147 35.24 29.30 -66.89
N VAL C 148 34.80 29.75 -68.08
CA VAL C 148 33.42 29.60 -68.50
C VAL C 148 33.41 29.15 -69.95
N LEU C 149 32.49 28.24 -70.29
CA LEU C 149 32.35 27.70 -71.64
C LEU C 149 30.90 27.88 -72.09
N LEU C 150 30.69 28.67 -73.13
CA LEU C 150 29.35 28.90 -73.66
C LEU C 150 29.10 28.00 -74.87
N SER C 151 27.91 28.13 -75.45
CA SER C 151 27.48 27.31 -76.57
C SER C 151 27.48 28.12 -77.86
N ASP C 152 27.09 27.46 -78.95
CA ASP C 152 27.11 28.10 -80.26
C ASP C 152 25.95 29.06 -80.44
N ARG C 153 24.79 28.73 -79.87
CA ARG C 153 23.57 29.51 -80.14
C ARG C 153 23.61 30.91 -79.55
N TYR C 154 24.71 31.37 -78.96
CA TYR C 154 24.81 32.74 -78.46
C TYR C 154 25.78 33.57 -79.29
N PHE C 155 25.85 33.31 -80.59
CA PHE C 155 26.73 34.08 -81.47
C PHE C 155 26.19 35.48 -81.65
N ASN C 156 27.05 36.48 -81.47
CA ASN C 156 26.68 37.87 -81.68
C ASN C 156 25.55 38.31 -80.76
N LYS C 157 25.43 37.64 -79.61
CA LYS C 157 24.36 37.94 -78.66
C LYS C 157 24.92 38.16 -77.26
N THR C 158 26.02 37.50 -76.93
CA THR C 158 26.61 37.67 -75.61
C THR C 158 27.05 39.13 -75.42
N CYS C 159 26.92 39.61 -74.20
CA CYS C 159 27.04 41.04 -73.93
C CYS C 159 27.82 41.38 -72.67
N GLY C 160 28.36 40.41 -71.95
CA GLY C 160 28.99 40.67 -70.66
C GLY C 160 30.42 41.17 -70.73
N LEU C 161 31.12 41.12 -69.59
CA LEU C 161 32.46 41.69 -69.51
C LEU C 161 33.45 40.95 -70.39
N CYS C 162 33.23 39.65 -70.63
CA CYS C 162 34.11 38.92 -71.53
C CYS C 162 34.00 39.37 -72.98
N GLY C 163 33.20 40.39 -73.27
CA GLY C 163 33.13 40.93 -74.62
C GLY C 163 32.17 40.16 -75.50
N ASN C 164 31.73 40.84 -76.55
CA ASN C 164 30.83 40.21 -77.51
C ASN C 164 31.50 38.99 -78.14
N PHE C 165 30.71 37.93 -78.30
CA PHE C 165 31.19 36.70 -78.91
C PHE C 165 31.00 36.82 -80.43
N ASN C 166 32.05 37.27 -81.10
CA ASN C 166 32.02 37.45 -82.55
C ASN C 166 33.41 37.15 -83.09
N ILE C 167 33.46 36.89 -84.40
CA ILE C 167 34.73 36.54 -85.02
C ILE C 167 35.72 37.70 -84.92
N PHE C 168 35.26 38.92 -85.16
CA PHE C 168 36.14 40.08 -85.08
C PHE C 168 36.60 40.29 -83.64
N ALA C 169 37.91 40.45 -83.46
CA ALA C 169 38.52 40.58 -82.15
C ALA C 169 38.91 42.01 -81.81
N GLU C 170 38.53 42.98 -82.64
CA GLU C 170 38.88 44.38 -82.42
C GLU C 170 37.74 45.21 -81.87
N ASP C 171 36.53 44.67 -81.82
CA ASP C 171 35.35 45.41 -81.40
C ASP C 171 34.73 44.82 -80.14
N ASP C 172 35.57 44.46 -79.17
CA ASP C 172 35.13 43.86 -77.91
C ASP C 172 35.40 44.78 -76.73
N PHE C 173 35.35 46.09 -76.94
CA PHE C 173 35.43 47.09 -75.88
C PHE C 173 34.23 48.03 -75.92
N MET C 174 33.10 47.52 -76.41
CA MET C 174 31.90 48.34 -76.50
C MET C 174 31.31 48.57 -75.13
N THR C 175 31.04 49.83 -74.80
CA THR C 175 30.48 50.18 -73.51
C THR C 175 29.00 49.78 -73.45
N GLN C 176 28.44 49.85 -72.25
CA GLN C 176 27.02 49.52 -72.09
C GLN C 176 26.13 50.46 -72.89
N GLU C 177 26.58 51.71 -73.08
CA GLU C 177 25.79 52.68 -73.84
C GLU C 177 25.75 52.37 -75.33
N GLY C 178 26.54 51.41 -75.80
CA GLY C 178 26.57 51.05 -77.20
C GLY C 178 27.74 51.61 -77.98
N THR C 179 28.45 52.58 -77.42
CA THR C 179 29.62 53.14 -78.09
C THR C 179 30.85 52.29 -77.81
N LEU C 180 31.90 52.53 -78.58
CA LEU C 180 33.16 51.81 -78.46
C LEU C 180 34.23 52.75 -77.90
N THR C 181 35.07 52.21 -77.01
CA THR C 181 36.13 52.98 -76.40
C THR C 181 37.45 52.23 -76.49
N SER C 182 38.50 52.80 -75.87
CA SER C 182 39.82 52.18 -75.86
C SER C 182 40.42 52.06 -74.46
N ASP C 183 39.95 52.83 -73.48
CA ASP C 183 40.47 52.72 -72.13
C ASP C 183 39.88 51.49 -71.45
N PRO C 184 40.69 50.53 -71.01
CA PRO C 184 40.10 49.32 -70.40
C PRO C 184 39.20 49.60 -69.21
N TYR C 185 39.56 50.58 -68.37
CA TYR C 185 38.79 50.83 -67.16
C TYR C 185 37.47 51.52 -67.45
N ASP C 186 37.44 52.45 -68.41
CA ASP C 186 36.16 53.05 -68.79
C ASP C 186 35.20 51.99 -69.32
N PHE C 187 35.71 51.09 -70.16
CA PHE C 187 34.87 50.02 -70.69
C PHE C 187 34.41 49.08 -69.58
N ALA C 188 35.31 48.74 -68.66
CA ALA C 188 34.99 47.79 -67.59
C ALA C 188 34.25 48.43 -66.43
N ASN C 189 34.26 49.75 -66.30
CA ASN C 189 33.55 50.41 -65.22
C ASN C 189 32.07 50.60 -65.52
N SER C 190 31.64 50.37 -66.75
CA SER C 190 30.22 50.49 -67.11
C SER C 190 29.45 49.20 -66.87
N TRP C 191 30.10 48.15 -66.37
CA TRP C 191 29.45 46.86 -66.15
C TRP C 191 29.39 46.50 -64.68
N ALA C 192 29.50 47.49 -63.79
CA ALA C 192 29.41 47.24 -62.36
C ALA C 192 27.97 47.05 -61.92
N LEU C 193 27.78 46.28 -60.85
CA LEU C 193 26.46 46.04 -60.28
C LEU C 193 26.53 46.32 -58.78
N SER C 194 25.60 47.13 -58.29
CA SER C 194 25.48 47.46 -56.88
C SER C 194 24.30 46.71 -56.28
N SER C 195 24.38 46.41 -54.99
CA SER C 195 23.35 45.61 -54.32
C SER C 195 23.19 46.12 -52.90
N GLY C 196 22.21 47.00 -52.70
CA GLY C 196 21.84 47.42 -51.37
C GLY C 196 22.99 47.91 -50.52
N GLU C 197 23.36 47.11 -49.51
CA GLU C 197 24.38 47.54 -48.56
C GLU C 197 25.72 47.80 -49.24
N GLN C 198 26.11 46.97 -50.20
CA GLN C 198 27.42 47.08 -50.83
C GLN C 198 27.35 48.10 -51.95
N TRP C 199 28.22 49.10 -51.89
CA TRP C 199 28.35 50.11 -52.92
C TRP C 199 29.80 50.23 -53.38
N CYS C 200 29.97 50.72 -54.61
CA CYS C 200 31.26 50.77 -55.27
C CYS C 200 31.50 52.16 -55.84
N GLU C 201 32.77 52.47 -56.03
CA GLU C 201 33.20 53.72 -56.64
C GLU C 201 33.84 53.45 -57.99
N ARG C 202 34.40 54.49 -58.60
CA ARG C 202 35.09 54.35 -59.88
C ARG C 202 36.48 53.78 -59.64
N ALA C 203 36.71 52.57 -60.14
CA ALA C 203 38.01 51.92 -60.00
C ALA C 203 39.04 52.60 -60.88
N SER C 204 40.30 52.54 -60.45
CA SER C 204 41.40 53.15 -61.18
C SER C 204 42.58 52.19 -61.25
N PRO C 205 43.40 52.27 -62.29
CA PRO C 205 44.59 51.42 -62.36
C PRO C 205 45.53 51.69 -61.19
N PRO C 206 46.17 50.66 -60.64
CA PRO C 206 47.18 50.91 -59.60
C PRO C 206 48.35 51.71 -60.15
N SER C 207 48.80 52.68 -59.36
CA SER C 207 49.94 53.52 -59.74
C SER C 207 51.21 53.02 -59.05
N SER C 208 51.67 51.86 -59.52
CA SER C 208 52.88 51.23 -58.99
C SER C 208 53.64 50.58 -60.13
N SER C 209 54.86 51.05 -60.37
CA SER C 209 55.70 50.49 -61.43
C SER C 209 56.67 49.48 -60.82
N CYS C 210 57.61 48.99 -61.62
CA CYS C 210 58.60 48.04 -61.15
C CYS C 210 59.51 48.67 -60.10
N LEU C 221 66.65 38.20 -61.49
CA LEU C 221 66.26 38.83 -62.75
C LEU C 221 66.60 37.92 -63.93
N TRP C 222 65.61 37.16 -64.39
CA TRP C 222 65.78 36.25 -65.51
C TRP C 222 64.64 36.44 -66.49
N GLU C 223 64.91 36.15 -67.76
CA GLU C 223 63.94 36.29 -68.84
C GLU C 223 63.56 34.88 -69.30
N GLN C 224 62.59 34.28 -68.62
CA GLN C 224 62.08 32.96 -68.96
C GLN C 224 60.88 33.02 -69.90
N CYS C 225 60.40 34.22 -70.22
CA CYS C 225 59.23 34.36 -71.07
C CYS C 225 59.47 33.85 -72.48
N GLN C 226 60.73 33.83 -72.94
CA GLN C 226 61.04 33.34 -74.27
C GLN C 226 60.98 31.82 -74.37
N LEU C 227 60.59 31.12 -73.30
CA LEU C 227 60.49 29.68 -73.34
C LEU C 227 59.46 29.23 -74.38
N LEU C 228 58.35 29.96 -74.50
CA LEU C 228 57.36 29.67 -75.53
C LEU C 228 57.89 29.92 -76.93
N LYS C 229 58.96 30.70 -77.06
CA LYS C 229 59.56 31.00 -78.36
C LYS C 229 60.69 30.07 -78.73
N SER C 230 61.31 29.40 -77.75
CA SER C 230 62.49 28.57 -77.99
C SER C 230 62.16 27.08 -78.00
N THR C 231 61.52 26.58 -76.95
CA THR C 231 61.24 25.15 -76.87
C THR C 231 60.31 24.71 -77.98
N SER C 232 60.50 23.47 -78.44
CA SER C 232 59.69 22.90 -79.51
C SER C 232 58.37 22.35 -79.01
N VAL C 233 58.13 22.37 -77.69
CA VAL C 233 56.85 21.90 -77.17
C VAL C 233 55.72 22.75 -77.72
N PHE C 234 55.89 24.07 -77.74
CA PHE C 234 54.87 24.99 -78.19
C PHE C 234 54.93 25.26 -79.69
N ALA C 235 55.91 24.69 -80.40
CA ALA C 235 56.07 24.98 -81.81
C ALA C 235 54.84 24.61 -82.63
N ARG C 236 54.04 23.65 -82.17
CA ARG C 236 52.86 23.24 -82.89
C ARG C 236 51.63 24.08 -82.57
N CYS C 237 51.60 24.74 -81.42
CA CYS C 237 50.57 25.73 -81.14
C CYS C 237 50.87 27.07 -81.82
N HIS C 238 52.08 27.28 -82.32
CA HIS C 238 52.43 28.55 -82.95
C HIS C 238 51.53 28.90 -84.14
N PRO C 239 51.28 27.99 -85.10
CA PRO C 239 50.50 28.39 -86.28
C PRO C 239 49.06 28.76 -85.97
N LEU C 240 48.57 28.50 -84.77
CA LEU C 240 47.19 28.81 -84.40
C LEU C 240 47.06 30.06 -83.53
N VAL C 241 48.08 30.36 -82.72
CA VAL C 241 48.03 31.52 -81.83
C VAL C 241 49.40 32.19 -81.81
N ASP C 242 49.38 33.51 -81.64
CA ASP C 242 50.61 34.28 -81.52
C ASP C 242 50.94 34.48 -80.05
N PRO C 243 52.08 34.00 -79.55
CA PRO C 243 52.41 34.22 -78.14
C PRO C 243 52.76 35.67 -77.81
N GLU C 244 52.68 36.57 -78.77
CA GLU C 244 53.12 37.94 -78.53
C GLU C 244 52.36 38.60 -77.39
N PRO C 245 51.02 38.57 -77.35
CA PRO C 245 50.33 39.07 -76.14
C PRO C 245 50.71 38.29 -74.90
N PHE C 246 50.94 36.98 -75.05
CA PHE C 246 51.39 36.18 -73.92
C PHE C 246 52.77 36.63 -73.46
N VAL C 247 53.65 36.95 -74.40
CA VAL C 247 54.96 37.49 -74.02
C VAL C 247 54.79 38.81 -73.28
N ALA C 248 53.89 39.66 -73.77
CA ALA C 248 53.68 40.96 -73.14
C ALA C 248 53.19 40.80 -71.70
N LEU C 249 52.20 39.94 -71.49
CA LEU C 249 51.72 39.73 -70.13
C LEU C 249 52.75 39.04 -69.26
N CYS C 250 53.57 38.17 -69.86
CA CYS C 250 54.64 37.53 -69.11
C CYS C 250 55.65 38.56 -68.60
N GLU C 251 56.02 39.52 -69.44
CA GLU C 251 56.94 40.57 -68.98
C GLU C 251 56.26 41.51 -68.00
N LYS C 252 54.96 41.75 -68.16
CA LYS C 252 54.23 42.54 -67.18
C LYS C 252 54.28 41.88 -65.81
N THR C 253 54.06 40.56 -65.76
CA THR C 253 54.22 39.82 -64.51
C THR C 253 55.66 39.85 -64.03
N LEU C 254 56.61 39.74 -64.95
CA LEU C 254 58.03 39.80 -64.59
C LEU C 254 58.36 41.10 -63.87
N CYS C 255 57.71 42.20 -64.27
CA CYS C 255 57.95 43.47 -63.60
C CYS C 255 57.80 43.32 -62.09
N GLU C 256 56.72 42.70 -61.64
CA GLU C 256 56.49 42.50 -60.22
C GLU C 256 57.45 41.45 -59.66
N CYS C 257 57.32 40.21 -60.13
CA CYS C 257 58.13 39.09 -59.63
C CYS C 257 58.27 39.12 -58.11
N ALA C 258 57.15 39.01 -57.40
CA ALA C 258 57.18 38.91 -55.94
C ALA C 258 57.34 37.44 -55.54
N GLY C 259 58.42 36.86 -56.03
CA GLY C 259 58.72 35.46 -55.76
C GLY C 259 59.77 34.94 -56.71
N GLY C 260 60.18 33.70 -56.47
CA GLY C 260 61.22 33.07 -57.26
C GLY C 260 60.77 32.62 -58.63
N LEU C 261 59.87 31.63 -58.68
CA LEU C 261 59.44 31.01 -59.93
C LEU C 261 57.97 31.27 -60.22
N GLU C 262 57.37 32.27 -59.59
CA GLU C 262 55.97 32.61 -59.82
C GLU C 262 55.78 33.64 -60.92
N CYS C 263 56.85 34.06 -61.58
CA CYS C 263 56.75 35.15 -62.54
C CYS C 263 56.05 34.72 -63.82
N ALA C 264 56.19 33.45 -64.20
CA ALA C 264 55.75 32.99 -65.53
C ALA C 264 54.73 31.87 -65.51
N CYS C 265 54.85 30.91 -64.59
CA CYS C 265 53.99 29.73 -64.66
C CYS C 265 52.51 30.05 -64.73
N PRO C 266 51.97 31.00 -63.97
CA PRO C 266 50.57 31.38 -64.17
C PRO C 266 50.27 31.79 -65.59
N ALA C 267 51.20 32.48 -66.26
CA ALA C 267 51.05 32.78 -67.68
C ALA C 267 51.27 31.57 -68.57
N LEU C 268 52.13 30.64 -68.17
CA LEU C 268 52.35 29.43 -68.95
C LEU C 268 51.11 28.56 -69.02
N LEU C 269 50.38 28.43 -67.91
CA LEU C 269 49.18 27.59 -67.93
C LEU C 269 48.16 28.11 -68.92
N GLU C 270 47.98 29.42 -69.00
CA GLU C 270 46.94 29.98 -69.84
C GLU C 270 47.17 29.69 -71.32
N TYR C 271 48.40 29.86 -71.79
CA TYR C 271 48.69 29.59 -73.19
C TYR C 271 48.47 28.13 -73.52
N ALA C 272 48.91 27.23 -72.63
CA ALA C 272 48.69 25.81 -72.86
C ALA C 272 47.21 25.50 -72.96
N ARG C 273 46.42 26.01 -72.01
CA ARG C 273 44.98 25.76 -72.07
C ARG C 273 44.36 26.32 -73.35
N THR C 274 44.77 27.52 -73.74
CA THR C 274 44.18 28.16 -74.92
C THR C 274 44.46 27.34 -76.17
N CYS C 275 45.73 27.02 -76.41
CA CYS C 275 46.04 26.29 -77.64
C CYS C 275 45.66 24.82 -77.55
N ALA C 276 45.36 24.31 -76.36
CA ALA C 276 44.75 22.99 -76.27
C ALA C 276 43.28 23.02 -76.67
N GLN C 277 42.55 24.03 -76.18
CA GLN C 277 41.15 24.18 -76.58
C GLN C 277 41.02 24.54 -78.05
N GLU C 278 42.05 25.15 -78.65
CA GLU C 278 41.97 25.53 -80.05
C GLU C 278 41.74 24.31 -80.95
N GLY C 279 42.12 23.12 -80.47
CA GLY C 279 41.89 21.91 -81.23
C GLY C 279 43.01 20.89 -81.11
N MET C 280 44.17 21.32 -80.64
CA MET C 280 45.34 20.45 -80.51
C MET C 280 45.85 20.55 -79.07
N VAL C 281 45.63 19.48 -78.29
CA VAL C 281 46.09 19.47 -76.90
C VAL C 281 47.57 19.16 -76.87
N LEU C 282 48.32 19.96 -76.11
CA LEU C 282 49.75 19.73 -75.94
C LEU C 282 49.98 18.45 -75.14
N TYR C 283 50.98 17.68 -75.56
CA TYR C 283 51.26 16.37 -74.97
C TYR C 283 52.60 16.40 -74.24
N GLY C 284 52.59 15.92 -73.00
CA GLY C 284 53.83 15.68 -72.28
C GLY C 284 54.66 16.91 -72.00
N TRP C 285 54.02 18.05 -71.78
CA TRP C 285 54.74 19.21 -71.27
C TRP C 285 54.73 19.15 -69.76
N THR C 286 55.11 20.22 -69.08
CA THR C 286 55.17 20.34 -67.63
C THR C 286 56.41 19.64 -67.08
N ASP C 287 57.19 18.95 -67.90
CA ASP C 287 58.35 18.20 -67.44
C ASP C 287 59.64 19.00 -67.54
N HIS C 288 59.58 20.27 -67.94
CA HIS C 288 60.78 21.07 -68.16
C HIS C 288 60.92 22.19 -67.13
N SER C 289 59.92 23.06 -67.00
CA SER C 289 60.03 24.19 -66.09
C SER C 289 58.73 24.54 -65.38
N ALA C 290 57.68 23.75 -65.52
CA ALA C 290 56.40 24.11 -64.94
C ALA C 290 56.47 24.12 -63.42
N CYS C 291 55.51 24.83 -62.81
CA CYS C 291 55.47 25.02 -61.36
C CYS C 291 54.47 24.09 -60.69
N SER C 292 54.18 22.95 -61.31
CA SER C 292 53.37 21.91 -60.65
C SER C 292 52.07 22.48 -60.13
N PRO C 293 51.09 22.76 -60.99
CA PRO C 293 49.81 23.32 -60.51
C PRO C 293 49.26 22.49 -59.36
N VAL C 294 48.75 23.18 -58.35
CA VAL C 294 48.46 22.59 -57.05
C VAL C 294 47.03 22.07 -57.01
N CYS C 295 46.86 20.86 -56.50
CA CYS C 295 45.56 20.30 -56.20
C CYS C 295 45.68 19.47 -54.93
N PRO C 296 44.57 19.23 -54.22
CA PRO C 296 44.66 18.72 -52.85
C PRO C 296 45.49 17.46 -52.68
N ALA C 297 45.14 16.38 -53.38
CA ALA C 297 45.77 15.09 -53.18
C ALA C 297 46.07 14.44 -54.52
N GLY C 298 46.87 13.39 -54.47
CA GLY C 298 47.26 12.66 -55.67
C GLY C 298 48.37 13.33 -56.46
N MET C 299 48.23 14.62 -56.73
CA MET C 299 49.24 15.40 -57.43
C MET C 299 49.51 14.89 -58.84
N GLU C 300 48.70 13.95 -59.32
CA GLU C 300 48.89 13.38 -60.65
C GLU C 300 48.21 14.24 -61.70
N TYR C 301 48.75 15.46 -61.87
CA TYR C 301 48.24 16.35 -62.91
C TYR C 301 48.64 15.80 -64.27
N ARG C 302 47.64 15.62 -65.14
CA ARG C 302 47.90 15.12 -66.48
C ARG C 302 46.77 15.60 -67.39
N GLN C 303 47.03 15.54 -68.68
CA GLN C 303 46.11 16.02 -69.69
C GLN C 303 45.25 14.89 -70.23
N CYS C 304 44.00 15.23 -70.56
CA CYS C 304 43.06 14.29 -71.17
C CYS C 304 42.80 13.10 -70.26
N VAL C 305 42.23 13.37 -69.10
CA VAL C 305 41.77 12.35 -68.17
C VAL C 305 40.25 12.28 -68.30
N SER C 306 39.73 11.07 -68.50
CA SER C 306 38.30 10.91 -68.72
C SER C 306 37.54 11.42 -67.50
N PRO C 307 36.43 12.14 -67.67
CA PRO C 307 35.69 12.64 -66.50
C PRO C 307 34.89 11.57 -65.79
N CYS C 308 34.77 10.38 -66.35
CA CYS C 308 33.96 9.34 -65.71
C CYS C 308 34.52 8.98 -64.34
N ALA C 309 35.84 9.05 -64.17
CA ALA C 309 36.48 8.93 -62.87
C ALA C 309 36.07 7.63 -62.17
N ARG C 310 36.53 6.53 -62.76
CA ARG C 310 36.09 5.22 -62.32
C ARG C 310 36.33 5.04 -60.83
N THR C 311 35.34 4.50 -60.13
CA THR C 311 35.43 4.18 -58.71
C THR C 311 34.68 2.87 -58.45
N CYS C 312 34.96 2.25 -57.32
CA CYS C 312 34.38 0.96 -56.98
C CYS C 312 32.94 1.06 -56.48
N GLN C 313 32.47 2.26 -56.17
CA GLN C 313 31.08 2.45 -55.73
C GLN C 313 30.23 2.85 -56.93
N SER C 314 30.13 1.92 -57.88
CA SER C 314 29.38 2.15 -59.10
C SER C 314 29.15 0.83 -59.81
N LEU C 315 28.51 0.90 -60.98
CA LEU C 315 28.15 -0.26 -61.76
C LEU C 315 29.14 -0.56 -62.87
N HIS C 316 30.31 0.07 -62.84
CA HIS C 316 31.34 -0.08 -63.89
C HIS C 316 30.68 -0.08 -65.27
N ILE C 317 29.99 1.01 -65.57
CA ILE C 317 29.24 1.16 -66.80
C ILE C 317 30.15 1.81 -67.84
N ASN C 318 30.37 1.11 -68.95
CA ASN C 318 31.28 1.56 -69.99
C ASN C 318 30.50 2.07 -71.20
N GLU C 319 31.22 2.65 -72.17
CA GLU C 319 30.67 3.09 -73.44
C GLU C 319 29.77 4.31 -73.29
N MET C 320 29.64 4.82 -72.06
CA MET C 320 28.98 6.09 -71.80
C MET C 320 29.98 7.15 -71.35
N CYS C 321 31.20 7.05 -71.86
CA CYS C 321 32.26 8.03 -71.60
C CYS C 321 32.60 8.67 -72.94
N GLN C 322 31.82 9.69 -73.31
CA GLN C 322 31.94 10.38 -74.59
C GLN C 322 32.24 11.85 -74.38
N GLU C 323 33.16 12.15 -73.46
CA GLU C 323 33.53 13.52 -73.15
C GLU C 323 34.93 13.81 -73.67
N ARG C 324 35.17 15.07 -73.99
CA ARG C 324 36.45 15.48 -74.56
C ARG C 324 37.52 15.50 -73.49
N CYS C 325 38.78 15.58 -73.93
CA CYS C 325 39.91 15.62 -73.02
C CYS C 325 39.78 16.81 -72.08
N VAL C 326 40.06 16.58 -70.80
CA VAL C 326 40.00 17.62 -69.78
C VAL C 326 41.20 17.46 -68.85
N ASP C 327 41.81 18.58 -68.48
CA ASP C 327 42.92 18.55 -67.54
C ASP C 327 42.40 18.45 -66.11
N GLY C 328 43.28 18.03 -65.21
CA GLY C 328 42.90 17.88 -63.82
C GLY C 328 43.94 17.09 -63.05
N CYS C 329 43.48 16.47 -61.96
CA CYS C 329 44.34 15.66 -61.10
C CYS C 329 43.69 14.32 -60.83
N SER C 330 44.49 13.41 -60.29
CA SER C 330 44.06 12.07 -59.91
C SER C 330 45.17 11.49 -59.04
N CYS C 331 45.09 10.19 -58.75
CA CYS C 331 46.14 9.51 -58.02
C CYS C 331 46.49 8.20 -58.72
N PRO C 332 47.79 7.84 -58.77
CA PRO C 332 48.27 6.77 -59.67
C PRO C 332 47.22 6.05 -60.51
N GLU C 333 47.25 4.72 -60.53
CA GLU C 333 46.26 3.93 -61.26
C GLU C 333 45.65 2.83 -60.42
N GLY C 334 46.39 2.29 -59.45
CA GLY C 334 45.89 1.23 -58.60
C GLY C 334 45.01 1.66 -57.47
N GLN C 335 44.79 2.97 -57.29
CA GLN C 335 43.97 3.51 -56.23
C GLN C 335 42.67 4.06 -56.81
N LEU C 336 41.55 3.64 -56.24
CA LEU C 336 40.24 4.10 -56.66
C LEU C 336 39.76 5.18 -55.70
N LEU C 337 39.09 6.20 -56.26
CA LEU C 337 38.77 7.40 -55.50
C LEU C 337 37.58 7.17 -54.58
N ASP C 338 37.64 7.76 -53.39
CA ASP C 338 36.56 7.76 -52.44
C ASP C 338 36.09 9.20 -52.23
N GLU C 339 35.14 9.40 -51.31
CA GLU C 339 34.60 10.74 -51.10
C GLU C 339 35.68 11.71 -50.61
N GLY C 340 36.54 11.26 -49.72
CA GLY C 340 37.59 12.11 -49.18
C GLY C 340 38.86 12.05 -50.00
N LEU C 341 39.38 10.84 -50.20
CA LEU C 341 40.58 10.63 -50.98
C LEU C 341 40.43 9.30 -51.71
N CYS C 342 41.53 8.81 -52.28
CA CYS C 342 41.54 7.56 -53.02
C CYS C 342 42.33 6.51 -52.25
N VAL C 343 41.81 5.29 -52.22
CA VAL C 343 42.42 4.19 -51.49
C VAL C 343 42.60 3.02 -52.45
N GLU C 344 43.54 2.15 -52.13
CA GLU C 344 43.78 0.98 -52.96
C GLU C 344 42.53 0.10 -53.02
N SER C 345 42.53 -0.82 -53.97
CA SER C 345 41.31 -1.55 -54.32
C SER C 345 40.77 -2.41 -53.20
N THR C 346 41.64 -3.08 -52.43
CA THR C 346 41.17 -4.10 -51.50
C THR C 346 40.41 -3.54 -50.31
N GLU C 347 40.39 -2.22 -50.13
CA GLU C 347 39.75 -1.58 -48.98
C GLU C 347 38.61 -0.66 -49.41
N CYS C 348 37.75 -1.15 -50.29
CA CYS C 348 36.54 -0.42 -50.64
C CYS C 348 35.46 -0.74 -49.60
N PRO C 349 35.04 0.22 -48.78
CA PRO C 349 34.11 -0.10 -47.69
C PRO C 349 32.71 -0.42 -48.20
N CYS C 350 31.98 -1.18 -47.40
CA CYS C 350 30.59 -1.50 -47.70
C CYS C 350 29.69 -0.36 -47.24
N VAL C 351 28.50 -0.28 -47.85
CA VAL C 351 27.51 0.74 -47.52
C VAL C 351 26.20 0.05 -47.17
N HIS C 352 25.59 0.46 -46.06
CA HIS C 352 24.31 -0.08 -45.63
C HIS C 352 23.52 1.04 -44.98
N SER C 353 22.37 1.39 -45.58
CA SER C 353 21.49 2.41 -45.04
C SER C 353 22.23 3.72 -44.81
N GLY C 354 23.14 4.05 -45.73
CA GLY C 354 23.91 5.28 -45.63
C GLY C 354 25.10 5.21 -44.70
N LYS C 355 25.34 4.08 -44.06
CA LYS C 355 26.48 3.92 -43.17
C LYS C 355 27.62 3.20 -43.88
N ARG C 356 28.83 3.65 -43.62
CA ARG C 356 30.04 3.09 -44.21
C ARG C 356 30.68 2.13 -43.22
N TYR C 357 31.09 0.96 -43.70
CA TYR C 357 31.65 -0.07 -42.85
C TYR C 357 32.93 -0.60 -43.48
N PRO C 358 34.01 -0.76 -42.72
CA PRO C 358 35.23 -1.33 -43.28
C PRO C 358 35.05 -2.80 -43.61
N PRO C 359 35.90 -3.37 -44.45
CA PRO C 359 35.79 -4.80 -44.77
C PRO C 359 35.92 -5.65 -43.52
N GLY C 360 35.24 -6.78 -43.52
CA GLY C 360 35.25 -7.67 -42.37
C GLY C 360 34.57 -7.07 -41.16
N THR C 361 33.43 -6.42 -41.35
CA THR C 361 32.65 -5.81 -40.29
C THR C 361 31.22 -6.32 -40.33
N SER C 362 31.07 -7.64 -40.39
CA SER C 362 29.78 -8.27 -40.58
C SER C 362 28.74 -7.71 -39.60
N LEU C 363 27.61 -7.26 -40.15
CA LEU C 363 26.46 -6.88 -39.36
C LEU C 363 25.56 -8.10 -39.14
N SER C 364 24.72 -8.01 -38.13
CA SER C 364 23.85 -9.11 -37.73
C SER C 364 22.39 -8.68 -37.88
N ARG C 365 21.64 -9.44 -38.67
CA ARG C 365 20.19 -9.27 -38.74
C ARG C 365 19.52 -10.29 -37.84
N ASP C 366 18.27 -9.99 -37.44
CA ASP C 366 17.54 -10.89 -36.56
C ASP C 366 17.39 -12.29 -37.17
N CYS C 367 17.19 -12.38 -38.49
CA CYS C 367 17.05 -13.67 -39.14
C CYS C 367 18.38 -14.26 -39.57
N ASN C 368 19.27 -13.46 -40.14
CA ASN C 368 20.53 -13.97 -40.68
C ASN C 368 21.59 -12.88 -40.55
N THR C 369 22.71 -13.07 -41.26
CA THR C 369 23.82 -12.14 -41.22
C THR C 369 24.85 -12.58 -42.25
N CYS C 370 25.78 -11.68 -42.56
CA CYS C 370 26.91 -12.02 -43.41
C CYS C 370 27.97 -10.93 -43.30
N ILE C 371 29.07 -11.11 -44.01
CA ILE C 371 30.29 -10.32 -43.85
C ILE C 371 30.43 -9.36 -45.01
N CYS C 372 31.11 -8.25 -44.76
CA CYS C 372 31.38 -7.25 -45.79
C CYS C 372 32.57 -7.70 -46.63
N ARG C 373 32.29 -8.18 -47.85
CA ARG C 373 33.34 -8.43 -48.83
C ARG C 373 33.68 -7.11 -49.50
N ASN C 374 34.38 -7.16 -50.63
CA ASN C 374 34.83 -5.94 -51.31
C ASN C 374 33.60 -5.23 -51.85
N SER C 375 32.91 -4.54 -50.96
CA SER C 375 31.67 -3.83 -51.28
C SER C 375 30.64 -4.77 -51.88
N GLN C 376 30.46 -5.92 -51.22
CA GLN C 376 29.52 -6.94 -51.71
C GLN C 376 29.07 -7.78 -50.50
N TRP C 377 27.86 -7.50 -50.01
CA TRP C 377 27.27 -8.36 -49.00
C TRP C 377 26.72 -9.63 -49.64
N ILE C 378 26.98 -10.76 -48.98
CA ILE C 378 26.50 -12.07 -49.45
C ILE C 378 25.95 -12.80 -48.22
N CYS C 379 24.64 -12.72 -48.01
CA CYS C 379 23.99 -13.42 -46.92
C CYS C 379 23.33 -14.70 -47.41
N SER C 380 23.09 -15.60 -46.47
CA SER C 380 22.46 -16.88 -46.73
C SER C 380 21.02 -16.85 -46.26
N ASN C 381 20.09 -17.18 -47.15
CA ASN C 381 18.68 -17.18 -46.80
C ASN C 381 18.38 -18.25 -45.76
N GLU C 382 17.40 -17.98 -44.91
CA GLU C 382 16.98 -18.92 -43.89
C GLU C 382 15.68 -18.42 -43.28
N GLU C 383 14.73 -19.33 -43.08
CA GLU C 383 13.48 -18.97 -42.45
C GLU C 383 13.72 -18.55 -41.01
N CYS C 384 12.99 -17.53 -40.57
CA CYS C 384 13.06 -17.01 -39.22
C CYS C 384 11.65 -16.82 -38.68
N PRO C 385 11.49 -16.78 -37.36
CA PRO C 385 10.14 -16.83 -36.78
C PRO C 385 9.26 -15.69 -37.29
N GLY C 386 7.99 -16.01 -37.50
CA GLY C 386 7.01 -15.05 -37.94
C GLY C 386 5.89 -14.88 -36.93
N GLU C 387 5.29 -13.69 -36.92
CA GLU C 387 4.28 -13.34 -35.94
C GLU C 387 3.09 -12.68 -36.61
N CYS C 388 1.89 -13.05 -36.17
CA CYS C 388 0.65 -12.41 -36.57
C CYS C 388 0.19 -11.51 -35.43
N LEU C 389 -0.20 -10.28 -35.76
CA LEU C 389 -0.58 -9.30 -34.75
C LEU C 389 -2.00 -8.81 -34.97
N VAL C 390 -2.75 -8.70 -33.88
CA VAL C 390 -4.09 -8.12 -33.93
C VAL C 390 -4.18 -7.07 -32.83
N THR C 391 -4.43 -5.82 -33.20
CA THR C 391 -4.43 -4.73 -32.24
C THR C 391 -5.34 -3.61 -32.72
N GLY C 392 -5.48 -2.60 -31.87
CA GLY C 392 -6.27 -1.43 -32.19
C GLY C 392 -7.74 -1.76 -32.31
N GLN C 393 -8.47 -0.87 -32.97
CA GLN C 393 -9.88 -1.12 -33.25
C GLN C 393 -10.00 -2.33 -34.15
N SER C 394 -9.43 -2.23 -35.35
CA SER C 394 -9.30 -3.38 -36.24
C SER C 394 -8.03 -3.16 -37.06
N HIS C 395 -6.92 -3.71 -36.56
CA HIS C 395 -5.63 -3.59 -37.23
C HIS C 395 -4.95 -4.93 -37.18
N PHE C 396 -4.79 -5.54 -38.35
CA PHE C 396 -4.17 -6.85 -38.50
C PHE C 396 -2.85 -6.71 -39.24
N LYS C 397 -1.83 -7.40 -38.72
CA LYS C 397 -0.59 -7.59 -39.44
C LYS C 397 -0.43 -9.08 -39.66
N SER C 398 -0.49 -9.49 -40.93
CA SER C 398 -0.44 -10.90 -41.29
C SER C 398 0.94 -11.46 -41.00
N PHE C 399 1.12 -12.74 -41.30
CA PHE C 399 2.38 -13.40 -40.95
C PHE C 399 3.54 -12.84 -41.75
N ASP C 400 3.35 -12.49 -43.01
CA ASP C 400 4.50 -12.05 -43.78
C ASP C 400 4.81 -10.58 -43.51
N ASN C 401 4.04 -9.65 -44.08
CA ASN C 401 4.07 -8.28 -43.60
C ASN C 401 2.78 -7.50 -43.84
N ARG C 402 1.75 -8.07 -44.44
CA ARG C 402 0.67 -7.25 -44.99
C ARG C 402 -0.15 -6.60 -43.88
N TYR C 403 -0.51 -5.34 -44.10
CA TYR C 403 -1.35 -4.59 -43.18
C TYR C 403 -2.72 -4.35 -43.79
N PHE C 404 -3.75 -4.36 -42.96
CA PHE C 404 -5.10 -4.05 -43.44
C PHE C 404 -6.02 -3.89 -42.25
N THR C 405 -7.21 -3.36 -42.52
CA THR C 405 -8.26 -3.18 -41.51
C THR C 405 -9.54 -3.77 -42.04
N PHE C 406 -10.23 -4.54 -41.20
CA PHE C 406 -11.45 -5.24 -41.61
C PHE C 406 -12.68 -4.73 -40.88
N SER C 407 -12.69 -4.73 -39.56
CA SER C 407 -13.79 -4.20 -38.77
C SER C 407 -15.10 -4.94 -39.07
N GLY C 408 -15.11 -6.22 -38.74
CA GLY C 408 -16.32 -7.02 -38.81
C GLY C 408 -16.80 -7.44 -37.44
N ILE C 409 -18.09 -7.75 -37.32
CA ILE C 409 -18.69 -8.12 -36.03
C ILE C 409 -19.19 -9.56 -36.16
N CYS C 410 -18.30 -10.52 -35.90
CA CYS C 410 -18.65 -11.93 -35.89
C CYS C 410 -17.48 -12.74 -35.35
N GLN C 411 -17.60 -14.06 -35.34
CA GLN C 411 -16.49 -14.93 -34.98
C GLN C 411 -15.78 -15.39 -36.24
N TYR C 412 -14.44 -15.31 -36.21
CA TYR C 412 -13.64 -15.57 -37.38
C TYR C 412 -12.51 -16.52 -37.03
N LEU C 413 -12.06 -17.27 -38.03
CA LEU C 413 -10.94 -18.19 -37.88
C LEU C 413 -9.64 -17.43 -38.12
N LEU C 414 -8.84 -17.27 -37.07
CA LEU C 414 -7.62 -16.50 -37.15
C LEU C 414 -6.41 -17.32 -37.54
N ALA C 415 -6.32 -18.58 -37.11
CA ALA C 415 -5.18 -19.42 -37.45
C ALA C 415 -5.56 -20.87 -37.27
N ARG C 416 -4.97 -21.71 -38.12
CA ARG C 416 -5.26 -23.14 -38.15
C ARG C 416 -4.09 -23.85 -38.83
N ASP C 417 -3.71 -25.00 -38.27
CA ASP C 417 -2.64 -25.78 -38.89
C ASP C 417 -2.99 -26.13 -40.32
N CYS C 418 -4.20 -26.64 -40.55
CA CYS C 418 -4.76 -26.76 -41.89
C CYS C 418 -4.12 -27.88 -42.70
N GLN C 419 -3.13 -28.56 -42.14
CA GLN C 419 -2.48 -29.66 -42.85
C GLN C 419 -2.38 -30.89 -41.96
N ASP C 420 -2.17 -30.68 -40.66
CA ASP C 420 -2.23 -31.76 -39.68
C ASP C 420 -3.21 -31.51 -38.56
N HIS C 421 -3.78 -30.31 -38.46
CA HIS C 421 -4.80 -29.98 -37.48
C HIS C 421 -4.25 -30.16 -36.05
N SER C 422 -3.18 -29.41 -35.79
CA SER C 422 -2.53 -29.44 -34.48
C SER C 422 -3.12 -28.44 -33.50
N PHE C 423 -3.72 -27.36 -33.98
CA PHE C 423 -4.32 -26.36 -33.11
C PHE C 423 -5.25 -25.48 -33.95
N SER C 424 -6.08 -24.71 -33.26
CA SER C 424 -6.95 -23.76 -33.95
C SER C 424 -7.18 -22.56 -33.04
N ILE C 425 -7.30 -21.38 -33.62
CA ILE C 425 -7.49 -20.14 -32.88
C ILE C 425 -8.68 -19.40 -33.46
N VAL C 426 -9.53 -18.86 -32.58
CA VAL C 426 -10.69 -18.08 -32.99
C VAL C 426 -10.81 -16.88 -32.07
N ILE C 427 -11.34 -15.78 -32.58
CA ILE C 427 -11.48 -14.53 -31.84
C ILE C 427 -12.91 -14.04 -31.95
N GLU C 428 -13.35 -13.28 -30.95
CA GLU C 428 -14.67 -12.68 -30.95
C GLU C 428 -14.53 -11.16 -31.01
N THR C 429 -15.29 -10.53 -31.90
CA THR C 429 -15.22 -9.09 -32.11
C THR C 429 -16.59 -8.47 -31.87
N VAL C 430 -16.61 -7.32 -31.20
CA VAL C 430 -17.83 -6.58 -30.92
C VAL C 430 -17.56 -5.10 -31.16
N GLN C 431 -18.64 -4.34 -31.26
CA GLN C 431 -18.55 -2.90 -31.47
C GLN C 431 -18.37 -2.19 -30.13
N CYS C 432 -17.55 -1.14 -30.15
CA CYS C 432 -17.27 -0.34 -28.97
C CYS C 432 -17.64 1.11 -29.24
N ALA C 433 -17.52 1.93 -28.18
CA ALA C 433 -17.60 3.38 -28.30
C ALA C 433 -18.79 3.84 -29.15
N ASP C 434 -19.91 3.11 -29.07
CA ASP C 434 -21.18 3.52 -29.65
C ASP C 434 -21.00 4.28 -30.96
N ASP C 435 -20.19 3.73 -31.87
CA ASP C 435 -19.86 4.42 -33.11
C ASP C 435 -19.89 3.41 -34.26
N ARG C 436 -20.03 3.94 -35.47
CA ARG C 436 -20.13 3.09 -36.65
C ARG C 436 -18.87 2.26 -36.86
N ASP C 437 -17.70 2.88 -36.70
CA ASP C 437 -16.44 2.27 -37.12
C ASP C 437 -15.60 1.77 -35.94
N ALA C 438 -16.07 1.91 -34.71
CA ALA C 438 -15.30 1.46 -33.54
C ALA C 438 -15.63 0.01 -33.27
N VAL C 439 -14.66 -0.87 -33.53
CA VAL C 439 -14.81 -2.31 -33.30
C VAL C 439 -13.63 -2.79 -32.47
N CYS C 440 -13.87 -3.78 -31.61
CA CYS C 440 -12.82 -4.35 -30.78
C CYS C 440 -12.88 -5.87 -30.80
N THR C 441 -12.09 -6.50 -29.94
CA THR C 441 -12.11 -7.94 -29.76
C THR C 441 -12.24 -8.24 -28.28
N ARG C 442 -13.11 -9.20 -27.94
CA ARG C 442 -13.40 -9.52 -26.55
C ARG C 442 -12.58 -10.71 -26.05
N SER C 443 -12.72 -11.86 -26.69
CA SER C 443 -12.19 -13.11 -26.15
C SER C 443 -11.57 -13.94 -27.26
N VAL C 444 -10.70 -14.86 -26.84
CA VAL C 444 -9.97 -15.73 -27.74
C VAL C 444 -10.19 -17.17 -27.29
N THR C 445 -10.52 -18.05 -28.23
CA THR C 445 -10.69 -19.47 -27.95
C THR C 445 -9.64 -20.26 -28.73
N VAL C 446 -8.90 -21.10 -28.01
CA VAL C 446 -7.84 -21.91 -28.60
C VAL C 446 -8.19 -23.37 -28.38
N ARG C 447 -8.13 -24.17 -29.45
CA ARG C 447 -8.44 -25.58 -29.40
C ARG C 447 -7.18 -26.38 -29.70
N LEU C 448 -6.83 -27.29 -28.80
CA LEU C 448 -5.68 -28.18 -28.97
C LEU C 448 -6.14 -29.62 -29.01
N PRO C 449 -6.21 -30.26 -30.18
CA PRO C 449 -6.49 -31.70 -30.23
C PRO C 449 -5.45 -32.53 -29.51
N GLY C 450 -4.22 -32.03 -29.37
CA GLY C 450 -3.19 -32.81 -28.70
C GLY C 450 -3.56 -33.15 -27.26
N LEU C 451 -4.06 -32.17 -26.53
CA LEU C 451 -4.51 -32.40 -25.14
C LEU C 451 -5.96 -32.90 -25.19
N HIS C 452 -6.10 -34.13 -25.68
CA HIS C 452 -7.41 -34.72 -25.88
C HIS C 452 -8.25 -33.79 -26.75
N ASN C 453 -9.19 -33.06 -26.15
CA ASN C 453 -9.88 -31.97 -26.82
C ASN C 453 -9.96 -30.83 -25.80
N SER C 454 -8.92 -29.99 -25.79
CA SER C 454 -8.80 -28.92 -24.81
C SER C 454 -9.19 -27.59 -25.45
N LEU C 455 -10.19 -26.95 -24.84
CA LEU C 455 -10.65 -25.63 -25.25
C LEU C 455 -10.27 -24.64 -24.15
N VAL C 456 -9.47 -23.64 -24.51
CA VAL C 456 -8.98 -22.64 -23.56
C VAL C 456 -9.52 -21.28 -23.99
N LYS C 457 -10.14 -20.57 -23.06
CA LYS C 457 -10.72 -19.27 -23.32
C LYS C 457 -9.96 -18.20 -22.55
N LEU C 458 -9.47 -17.21 -23.30
CA LEU C 458 -8.85 -16.02 -22.75
C LEU C 458 -9.88 -14.90 -22.82
N LYS C 459 -10.15 -14.28 -21.68
CA LYS C 459 -11.32 -13.41 -21.51
C LYS C 459 -10.91 -11.95 -21.56
N HIS C 460 -11.91 -11.08 -21.39
CA HIS C 460 -11.65 -9.64 -21.48
C HIS C 460 -10.69 -9.17 -20.40
N GLY C 461 -10.84 -9.66 -19.18
CA GLY C 461 -9.86 -9.37 -18.15
C GLY C 461 -8.62 -10.21 -18.35
N ALA C 462 -7.92 -10.54 -17.26
CA ALA C 462 -6.78 -11.42 -17.31
C ALA C 462 -7.14 -12.87 -17.00
N GLY C 463 -8.42 -13.17 -16.80
CA GLY C 463 -8.81 -14.50 -16.43
C GLY C 463 -8.63 -15.49 -17.56
N VAL C 464 -8.51 -16.77 -17.18
CA VAL C 464 -8.38 -17.86 -18.13
C VAL C 464 -9.33 -18.97 -17.71
N ALA C 465 -10.04 -19.55 -18.67
CA ALA C 465 -11.03 -20.60 -18.38
C ALA C 465 -10.70 -21.81 -19.24
N MET C 466 -10.52 -22.96 -18.60
CA MET C 466 -10.28 -24.21 -19.31
C MET C 466 -11.47 -25.13 -19.10
N ASP C 467 -12.13 -25.49 -20.20
CA ASP C 467 -13.29 -26.37 -20.16
C ASP C 467 -14.36 -25.86 -19.20
N GLY C 468 -14.54 -24.54 -19.19
CA GLY C 468 -15.60 -23.92 -18.42
C GLY C 468 -15.26 -23.62 -16.98
N GLN C 469 -14.11 -24.08 -16.50
CA GLN C 469 -13.70 -23.87 -15.11
C GLN C 469 -12.53 -22.89 -15.08
N ASP C 470 -12.62 -21.90 -14.20
CA ASP C 470 -11.52 -20.96 -14.01
C ASP C 470 -10.34 -21.67 -13.37
N VAL C 471 -9.15 -21.14 -13.60
CA VAL C 471 -7.92 -21.69 -13.05
C VAL C 471 -7.11 -20.55 -12.45
N GLN C 472 -6.17 -20.92 -11.59
CA GLN C 472 -5.27 -19.98 -10.95
C GLN C 472 -3.85 -20.22 -11.45
N LEU C 473 -3.25 -19.18 -12.00
CA LEU C 473 -1.94 -19.30 -12.60
C LEU C 473 -0.86 -19.39 -11.52
N PRO C 474 0.30 -20.01 -11.83
CA PRO C 474 0.64 -20.62 -13.11
C PRO C 474 0.04 -22.01 -13.28
N LEU C 475 -0.09 -22.45 -14.53
CA LEU C 475 -0.64 -23.76 -14.85
C LEU C 475 0.38 -24.55 -15.65
N LEU C 476 0.54 -25.82 -15.29
CA LEU C 476 1.45 -26.72 -15.98
C LEU C 476 0.70 -27.99 -16.37
N LYS C 477 0.96 -28.46 -17.59
CA LYS C 477 0.37 -29.69 -18.10
C LYS C 477 1.41 -30.36 -18.98
N GLY C 478 0.99 -31.35 -19.77
CA GLY C 478 1.90 -32.09 -20.62
C GLY C 478 2.90 -31.21 -21.34
N ASP C 479 2.40 -30.35 -22.24
CA ASP C 479 3.24 -29.41 -22.97
C ASP C 479 2.67 -28.00 -22.95
N LEU C 480 1.70 -27.73 -22.07
CA LEU C 480 0.98 -26.47 -22.05
C LEU C 480 1.42 -25.67 -20.82
N ARG C 481 1.75 -24.40 -21.02
CA ARG C 481 2.13 -23.53 -19.91
C ARG C 481 1.46 -22.17 -20.08
N ILE C 482 0.77 -21.73 -19.03
CA ILE C 482 0.13 -20.42 -19.00
C ILE C 482 0.60 -19.72 -17.72
N GLN C 483 0.98 -18.45 -17.84
CA GLN C 483 1.45 -17.72 -16.68
C GLN C 483 1.32 -16.22 -16.91
N HIS C 484 1.20 -15.50 -15.80
CA HIS C 484 1.28 -14.06 -15.81
C HIS C 484 2.70 -13.62 -16.17
N THR C 485 2.80 -12.45 -16.78
CA THR C 485 4.08 -11.84 -17.07
C THR C 485 4.27 -10.60 -16.20
N VAL C 486 5.39 -9.92 -16.40
CA VAL C 486 5.71 -8.76 -15.57
C VAL C 486 4.66 -7.67 -15.76
N THR C 487 4.28 -7.41 -17.01
CA THR C 487 3.35 -6.32 -17.33
C THR C 487 1.89 -6.78 -17.33
N ALA C 488 1.45 -7.45 -16.27
CA ALA C 488 0.05 -7.80 -16.06
C ALA C 488 -0.62 -8.29 -17.36
N SER C 489 -0.05 -9.37 -17.89
CA SER C 489 -0.58 -9.97 -19.11
C SER C 489 -0.52 -11.49 -18.96
N VAL C 490 -0.83 -12.20 -20.03
CA VAL C 490 -0.87 -13.66 -20.03
C VAL C 490 -0.03 -14.16 -21.20
N ARG C 491 0.85 -15.12 -20.91
CA ARG C 491 1.73 -15.71 -21.92
C ARG C 491 1.43 -17.20 -22.00
N LEU C 492 0.95 -17.64 -23.16
CA LEU C 492 0.65 -19.05 -23.39
C LEU C 492 1.75 -19.67 -24.25
N SER C 493 2.21 -20.85 -23.85
CA SER C 493 3.28 -21.53 -24.55
C SER C 493 2.94 -23.00 -24.72
N TYR C 494 3.06 -23.48 -25.95
CA TYR C 494 3.01 -24.90 -26.27
C TYR C 494 4.41 -25.34 -26.63
N GLY C 495 4.58 -26.62 -26.92
CA GLY C 495 5.91 -27.15 -27.07
C GLY C 495 6.71 -26.57 -28.23
N GLU C 496 7.62 -25.66 -27.91
CA GLU C 496 8.75 -25.31 -28.77
C GLU C 496 8.38 -24.73 -30.12
N ASP C 497 7.09 -24.57 -30.42
CA ASP C 497 6.68 -24.05 -31.71
C ASP C 497 5.75 -22.84 -31.60
N LEU C 498 4.70 -22.94 -30.80
CA LEU C 498 3.67 -21.91 -30.71
C LEU C 498 3.91 -21.01 -29.51
N GLN C 499 3.52 -19.75 -29.63
CA GLN C 499 3.53 -18.87 -28.47
C GLN C 499 2.48 -17.78 -28.69
N MET C 500 1.82 -17.40 -27.59
CA MET C 500 0.76 -16.41 -27.66
C MET C 500 0.91 -15.43 -26.50
N ASP C 501 0.63 -14.17 -26.78
CA ASP C 501 0.62 -13.13 -25.77
C ASP C 501 -0.69 -12.37 -25.84
N TRP C 502 -1.35 -12.26 -24.69
CA TRP C 502 -2.66 -11.61 -24.62
C TRP C 502 -2.75 -10.81 -23.33
N ASP C 503 -3.09 -9.52 -23.44
CA ASP C 503 -3.25 -8.65 -22.26
C ASP C 503 -4.58 -7.87 -22.27
N GLY C 504 -5.64 -8.57 -21.89
CA GLY C 504 -6.85 -7.90 -21.45
C GLY C 504 -7.62 -7.16 -22.51
N ARG C 505 -7.04 -6.06 -22.99
CA ARG C 505 -7.77 -5.10 -23.82
C ARG C 505 -7.49 -5.30 -25.31
N GLY C 506 -7.80 -6.51 -25.77
CA GLY C 506 -7.82 -6.78 -27.20
C GLY C 506 -6.54 -6.51 -27.95
N ARG C 507 -5.41 -6.95 -27.42
CA ARG C 507 -4.15 -6.94 -28.15
C ARG C 507 -3.56 -8.34 -28.10
N LEU C 508 -3.48 -8.98 -29.27
CA LEU C 508 -3.05 -10.38 -29.35
C LEU C 508 -1.84 -10.49 -30.26
N LEU C 509 -0.83 -11.20 -29.79
CA LEU C 509 0.37 -11.48 -30.58
C LEU C 509 0.56 -13.00 -30.65
N VAL C 510 0.81 -13.51 -31.84
CA VAL C 510 0.98 -14.95 -32.05
C VAL C 510 2.30 -15.17 -32.75
N LYS C 511 3.26 -15.79 -32.06
CA LYS C 511 4.55 -16.14 -32.61
C LYS C 511 4.58 -17.62 -32.99
N LEU C 512 5.16 -17.90 -34.16
CA LEU C 512 5.17 -19.25 -34.70
C LEU C 512 6.60 -19.62 -35.10
N SER C 513 6.94 -20.88 -34.92
CA SER C 513 8.26 -21.38 -35.28
C SER C 513 8.34 -21.64 -36.78
N PRO C 514 9.54 -21.60 -37.36
CA PRO C 514 9.67 -21.86 -38.80
C PRO C 514 9.23 -23.24 -39.24
N VAL C 515 8.90 -24.13 -38.30
CA VAL C 515 8.47 -25.48 -38.69
C VAL C 515 7.22 -25.41 -39.56
N TYR C 516 6.26 -24.56 -39.18
CA TYR C 516 5.06 -24.38 -39.99
C TYR C 516 5.37 -23.46 -41.17
N ALA C 517 6.34 -23.83 -41.99
CA ALA C 517 6.81 -22.95 -43.05
C ALA C 517 5.72 -22.61 -44.05
N GLY C 518 4.92 -23.58 -44.47
CA GLY C 518 3.91 -23.32 -45.48
C GLY C 518 2.61 -24.04 -45.25
N LYS C 519 2.44 -24.63 -44.07
CA LYS C 519 1.22 -25.36 -43.72
C LYS C 519 0.43 -24.49 -42.73
N THR C 520 -0.42 -23.62 -43.27
CA THR C 520 -1.26 -22.76 -42.45
C THR C 520 -2.25 -22.06 -43.35
N CYS C 521 -3.52 -22.04 -42.93
CA CYS C 521 -4.57 -21.30 -43.61
C CYS C 521 -5.44 -20.62 -42.59
N GLY C 522 -5.84 -19.39 -42.88
CA GLY C 522 -6.67 -18.64 -41.95
C GLY C 522 -6.67 -17.17 -42.32
N LEU C 523 -7.12 -16.35 -41.36
CA LEU C 523 -7.19 -14.92 -41.61
C LEU C 523 -5.80 -14.31 -41.69
N CYS C 524 -4.82 -14.87 -40.96
CA CYS C 524 -3.44 -14.40 -41.07
C CYS C 524 -2.79 -14.82 -42.38
N GLY C 525 -3.36 -15.80 -43.08
CA GLY C 525 -2.84 -16.22 -44.37
C GLY C 525 -1.72 -17.24 -44.25
N ASN C 526 -1.35 -17.80 -45.40
CA ASN C 526 -0.29 -18.78 -45.45
C ASN C 526 1.03 -18.16 -45.01
N TYR C 527 1.92 -19.00 -44.48
CA TYR C 527 3.15 -18.54 -43.84
C TYR C 527 4.32 -18.45 -44.82
N ASN C 528 4.06 -18.66 -46.11
CA ASN C 528 5.11 -18.56 -47.11
C ASN C 528 5.71 -17.16 -47.09
N GLY C 529 6.82 -16.98 -47.79
CA GLY C 529 7.53 -15.72 -47.79
C GLY C 529 6.96 -14.65 -48.69
N ASN C 530 5.89 -14.94 -49.41
CA ASN C 530 5.28 -14.00 -50.34
C ASN C 530 4.05 -13.39 -49.69
N GLN C 531 3.99 -12.05 -49.66
CA GLN C 531 2.85 -11.34 -49.12
C GLN C 531 1.83 -10.96 -50.20
N GLY C 532 2.08 -11.34 -51.46
CA GLY C 532 1.17 -11.04 -52.54
C GLY C 532 0.01 -12.00 -52.67
N ASP C 533 -0.08 -12.99 -51.79
CA ASP C 533 -1.14 -14.00 -51.85
C ASP C 533 -1.74 -14.22 -50.48
N ASP C 534 -1.84 -13.15 -49.68
CA ASP C 534 -2.39 -13.24 -48.33
C ASP C 534 -3.88 -12.97 -48.28
N PHE C 535 -4.53 -12.79 -49.42
CA PHE C 535 -5.98 -12.67 -49.51
C PHE C 535 -6.56 -13.92 -50.16
N LEU C 536 -5.99 -15.08 -49.81
CA LEU C 536 -6.35 -16.35 -50.44
C LEU C 536 -7.55 -16.93 -49.71
N THR C 537 -8.73 -16.86 -50.34
CA THR C 537 -9.93 -17.39 -49.75
C THR C 537 -9.85 -18.91 -49.67
N PRO C 538 -10.62 -19.53 -48.76
CA PRO C 538 -10.59 -21.00 -48.68
C PRO C 538 -10.95 -21.69 -49.98
N SER C 539 -11.74 -21.05 -50.84
CA SER C 539 -12.08 -21.68 -52.12
C SER C 539 -10.82 -21.96 -52.93
N GLY C 540 -9.86 -21.04 -52.94
CA GLY C 540 -8.62 -21.25 -53.64
C GLY C 540 -8.13 -20.04 -54.42
N LEU C 541 -8.99 -19.03 -54.55
CA LEU C 541 -8.66 -17.82 -55.31
C LEU C 541 -8.33 -16.67 -54.37
N ALA C 542 -7.82 -15.59 -54.95
CA ALA C 542 -7.43 -14.41 -54.19
C ALA C 542 -8.38 -13.27 -54.52
N GLU C 543 -8.92 -12.64 -53.48
CA GLU C 543 -9.82 -11.52 -53.67
C GLU C 543 -9.05 -10.22 -53.85
N PRO C 544 -9.59 -9.27 -54.60
CA PRO C 544 -8.92 -7.96 -54.73
C PRO C 544 -9.32 -7.01 -53.62
N ARG C 545 -10.49 -7.24 -53.03
CA ARG C 545 -11.01 -6.40 -51.97
C ARG C 545 -10.82 -7.09 -50.62
N VAL C 546 -10.86 -6.28 -49.56
CA VAL C 546 -10.71 -6.82 -48.20
C VAL C 546 -12.05 -7.27 -47.62
N GLU C 547 -13.15 -6.62 -47.98
CA GLU C 547 -14.45 -7.03 -47.45
C GLU C 547 -14.78 -8.46 -47.89
N ASP C 548 -14.62 -8.76 -49.18
CA ASP C 548 -14.90 -10.10 -49.66
C ASP C 548 -13.95 -11.12 -49.03
N PHE C 549 -12.68 -10.77 -48.90
CA PHE C 549 -11.72 -11.70 -48.28
C PHE C 549 -12.10 -12.00 -46.85
N GLY C 550 -12.51 -10.98 -46.09
CA GLY C 550 -12.84 -11.18 -44.69
C GLY C 550 -14.17 -11.87 -44.47
N ASN C 551 -15.15 -11.65 -45.34
CA ASN C 551 -16.44 -12.30 -45.17
C ASN C 551 -16.38 -13.80 -45.40
N ALA C 552 -15.27 -14.32 -45.93
CA ALA C 552 -15.16 -15.73 -46.22
C ALA C 552 -14.63 -16.54 -45.06
N TRP C 553 -14.40 -15.93 -43.90
CA TRP C 553 -13.90 -16.63 -42.72
C TRP C 553 -14.90 -16.59 -41.56
N LYS C 554 -16.18 -16.47 -41.85
CA LYS C 554 -17.17 -16.51 -40.80
C LYS C 554 -17.38 -17.93 -40.28
N LEU C 555 -18.02 -18.03 -39.11
CA LEU C 555 -18.44 -19.31 -38.57
C LEU C 555 -19.93 -19.38 -38.29
N HIS C 556 -20.64 -18.26 -38.32
CA HIS C 556 -22.09 -18.23 -38.15
C HIS C 556 -22.69 -17.50 -39.34
N GLY C 557 -23.70 -18.11 -39.96
CA GLY C 557 -24.33 -17.54 -41.13
C GLY C 557 -25.25 -16.37 -40.85
N ASP C 558 -25.54 -16.09 -39.58
CA ASP C 558 -26.40 -14.98 -39.22
C ASP C 558 -25.69 -13.64 -39.16
N CYS C 559 -24.37 -13.64 -39.15
CA CYS C 559 -23.63 -12.39 -39.13
C CYS C 559 -23.75 -11.68 -40.47
N GLN C 560 -24.06 -10.38 -40.43
CA GLN C 560 -24.23 -9.60 -41.64
C GLN C 560 -22.86 -9.28 -42.25
N ASP C 561 -22.76 -9.44 -43.57
CA ASP C 561 -21.52 -9.11 -44.26
C ASP C 561 -21.42 -7.61 -44.46
N LEU C 562 -20.35 -7.01 -43.96
CA LEU C 562 -20.18 -5.57 -44.02
C LEU C 562 -19.97 -5.11 -45.45
N GLN C 563 -20.49 -3.93 -45.76
CA GLN C 563 -20.32 -3.31 -47.07
C GLN C 563 -19.07 -2.43 -47.03
N LYS C 564 -18.90 -1.58 -48.05
CA LYS C 564 -17.69 -0.78 -48.22
C LYS C 564 -17.13 -0.31 -46.89
N GLN C 565 -15.84 -0.57 -46.68
CA GLN C 565 -15.14 -0.06 -45.52
C GLN C 565 -14.95 1.45 -45.64
N HIS C 566 -14.90 2.11 -44.50
CA HIS C 566 -14.72 3.56 -44.44
C HIS C 566 -13.33 3.89 -43.92
N SER C 567 -12.66 4.83 -44.58
CA SER C 567 -11.29 5.16 -44.24
C SER C 567 -11.17 6.25 -43.17
N ASP C 568 -11.95 7.32 -43.29
CA ASP C 568 -11.85 8.44 -42.36
C ASP C 568 -13.02 8.39 -41.39
N PRO C 569 -12.81 8.03 -40.12
CA PRO C 569 -13.92 7.98 -39.16
C PRO C 569 -14.28 9.35 -38.60
N CYS C 570 -13.29 10.23 -38.47
CA CYS C 570 -13.53 11.59 -37.97
C CYS C 570 -13.91 12.56 -39.08
N ALA C 571 -14.38 12.05 -40.22
CA ALA C 571 -15.24 12.84 -41.08
C ALA C 571 -16.64 12.96 -40.51
N LEU C 572 -16.97 12.17 -39.49
CA LEU C 572 -18.22 12.25 -38.78
C LEU C 572 -18.11 13.01 -37.46
N ASN C 573 -16.90 13.19 -36.94
CA ASN C 573 -16.65 13.90 -35.69
C ASN C 573 -15.60 14.97 -35.93
N PRO C 574 -15.96 16.05 -36.61
CA PRO C 574 -14.96 17.07 -36.98
C PRO C 574 -14.28 17.70 -35.79
N ARG C 575 -14.87 17.65 -34.59
CA ARG C 575 -14.23 18.26 -33.43
C ARG C 575 -12.89 17.58 -33.14
N MET C 576 -12.84 16.26 -33.27
CA MET C 576 -11.58 15.52 -33.09
C MET C 576 -10.84 15.45 -34.42
N THR C 577 -10.47 16.61 -34.93
CA THR C 577 -9.67 16.72 -36.15
C THR C 577 -8.30 17.31 -35.91
N ARG C 578 -8.21 18.48 -35.28
CA ARG C 578 -6.91 19.06 -35.00
C ARG C 578 -6.13 18.18 -34.03
N PHE C 579 -6.78 17.68 -32.99
CA PHE C 579 -6.08 16.90 -31.96
C PHE C 579 -5.50 15.62 -32.55
N SER C 580 -6.25 14.95 -33.43
CA SER C 580 -5.76 13.69 -33.99
C SER C 580 -4.47 13.91 -34.77
N GLU C 581 -4.46 14.91 -35.66
CA GLU C 581 -3.26 15.17 -36.45
C GLU C 581 -2.11 15.64 -35.57
N GLU C 582 -2.40 16.51 -34.59
CA GLU C 582 -1.34 17.06 -33.75
C GLU C 582 -0.69 15.96 -32.92
N ALA C 583 -1.50 15.14 -32.25
CA ALA C 583 -0.96 14.15 -31.32
C ALA C 583 -0.26 13.01 -32.05
N CYS C 584 -0.87 12.49 -33.11
CA CYS C 584 -0.27 11.39 -33.85
C CYS C 584 0.78 11.91 -34.82
N ALA C 585 1.74 12.69 -34.30
CA ALA C 585 2.84 13.19 -35.11
C ALA C 585 4.19 12.94 -34.45
N VAL C 586 4.22 12.51 -33.19
CA VAL C 586 5.49 12.23 -32.53
C VAL C 586 6.22 11.11 -33.25
N LEU C 587 5.49 10.26 -33.97
CA LEU C 587 6.14 9.17 -34.69
C LEU C 587 7.12 9.69 -35.72
N THR C 588 6.75 10.72 -36.47
CA THR C 588 7.64 11.34 -37.45
C THR C 588 8.33 12.55 -36.82
N SER C 589 9.03 12.29 -35.72
CA SER C 589 9.74 13.32 -34.98
C SER C 589 11.09 12.77 -34.58
N PRO C 590 12.04 13.64 -34.23
CA PRO C 590 13.38 13.16 -33.85
C PRO C 590 13.37 12.16 -32.71
N THR C 591 12.37 12.22 -31.82
CA THR C 591 12.34 11.29 -30.69
C THR C 591 12.42 9.85 -31.17
N PHE C 592 11.80 9.54 -32.30
CA PHE C 592 11.78 8.19 -32.84
C PHE C 592 12.76 8.01 -33.99
N GLU C 593 13.61 9.00 -34.27
CA GLU C 593 14.45 8.94 -35.46
C GLU C 593 15.28 7.66 -35.50
N ALA C 594 15.74 7.20 -34.34
CA ALA C 594 16.59 6.01 -34.31
C ALA C 594 15.89 4.83 -34.96
N CYS C 595 14.59 4.68 -34.73
CA CYS C 595 13.83 3.57 -35.30
C CYS C 595 13.41 3.81 -36.74
N HIS C 596 13.56 5.03 -37.26
CA HIS C 596 13.09 5.32 -38.61
C HIS C 596 13.78 4.45 -39.65
N ARG C 597 15.00 3.98 -39.39
CA ARG C 597 15.73 3.15 -40.32
C ARG C 597 15.52 1.66 -40.08
N ALA C 598 14.77 1.29 -39.04
CA ALA C 598 14.49 -0.10 -38.75
C ALA C 598 13.16 -0.56 -39.35
N VAL C 599 12.08 0.15 -39.06
CA VAL C 599 10.76 -0.16 -39.60
C VAL C 599 10.11 1.14 -40.06
N SER C 600 9.53 1.12 -41.25
CA SER C 600 8.91 2.32 -41.79
C SER C 600 7.66 2.66 -41.01
N PRO C 601 7.57 3.85 -40.40
CA PRO C 601 6.37 4.18 -39.61
C PRO C 601 5.25 4.75 -40.45
N LEU C 602 4.97 4.16 -41.60
CA LEU C 602 3.84 4.62 -42.40
C LEU C 602 2.54 4.04 -41.86
N PRO C 603 2.41 2.72 -41.75
CA PRO C 603 1.14 2.17 -41.25
C PRO C 603 0.82 2.63 -39.83
N TYR C 604 1.85 2.75 -38.99
CA TYR C 604 1.63 3.09 -37.59
C TYR C 604 1.10 4.50 -37.41
N LEU C 605 1.28 5.39 -38.39
CA LEU C 605 0.75 6.74 -38.33
C LEU C 605 -0.72 6.77 -38.68
N ARG C 606 -1.10 6.10 -39.77
CA ARG C 606 -2.52 6.02 -40.13
C ARG C 606 -3.31 5.26 -39.07
N ASN C 607 -2.72 4.22 -38.47
CA ASN C 607 -3.39 3.53 -37.39
C ASN C 607 -3.62 4.46 -36.21
N CYS C 608 -2.62 5.27 -35.86
CA CYS C 608 -2.80 6.22 -34.77
C CYS C 608 -3.92 7.21 -35.10
N ARG C 609 -3.93 7.73 -36.32
CA ARG C 609 -4.98 8.68 -36.70
C ARG C 609 -6.35 8.04 -36.59
N TYR C 610 -6.49 6.83 -37.13
CA TYR C 610 -7.78 6.13 -37.08
C TYR C 610 -8.22 5.89 -35.65
N ASP C 611 -7.30 5.40 -34.80
CA ASP C 611 -7.66 5.12 -33.42
C ASP C 611 -8.10 6.37 -32.69
N VAL C 612 -7.35 7.46 -32.82
CA VAL C 612 -7.72 8.69 -32.12
C VAL C 612 -9.04 9.23 -32.65
N CYS C 613 -9.24 9.21 -33.97
CA CYS C 613 -10.47 9.74 -34.54
C CYS C 613 -11.68 8.93 -34.12
N SER C 614 -11.56 7.61 -34.03
CA SER C 614 -12.72 6.74 -33.86
C SER C 614 -13.04 6.46 -32.40
N CYS C 615 -12.09 5.89 -31.66
CA CYS C 615 -12.37 5.38 -30.34
C CYS C 615 -12.81 6.50 -29.40
N SER C 616 -13.73 6.16 -28.49
CA SER C 616 -14.24 7.15 -27.55
C SER C 616 -13.15 7.65 -26.62
N ASP C 617 -12.32 6.74 -26.10
CA ASP C 617 -11.33 7.09 -25.09
C ASP C 617 -10.01 7.41 -25.79
N GLY C 618 -9.84 8.69 -26.13
CA GLY C 618 -8.69 9.14 -26.90
C GLY C 618 -7.34 9.03 -26.21
N ARG C 619 -7.25 9.44 -24.94
CA ARG C 619 -5.94 9.49 -24.29
C ARG C 619 -5.30 8.09 -24.25
N GLU C 620 -6.08 7.09 -23.85
CA GLU C 620 -5.58 5.72 -23.81
C GLU C 620 -5.31 5.15 -25.19
N CYS C 621 -6.14 5.47 -26.19
CA CYS C 621 -5.89 5.01 -27.54
C CYS C 621 -4.57 5.55 -28.08
N LEU C 622 -4.27 6.82 -27.81
CA LEU C 622 -3.04 7.42 -28.32
C LEU C 622 -1.82 6.62 -27.89
N CYS C 623 -1.70 6.37 -26.59
CA CYS C 623 -0.53 5.66 -26.07
C CYS C 623 -0.67 4.15 -26.16
N GLY C 624 -1.84 3.63 -26.53
CA GLY C 624 -1.90 2.26 -26.97
C GLY C 624 -1.37 2.06 -28.37
N ALA C 625 -1.56 3.05 -29.24
CA ALA C 625 -0.95 3.05 -30.56
C ALA C 625 0.55 3.33 -30.52
N LEU C 626 0.98 4.31 -29.72
CA LEU C 626 2.40 4.62 -29.62
C LEU C 626 3.18 3.44 -29.05
N ALA C 627 2.63 2.80 -28.01
CA ALA C 627 3.31 1.65 -27.42
C ALA C 627 3.49 0.52 -28.42
N SER C 628 2.54 0.37 -29.36
CA SER C 628 2.69 -0.65 -30.38
C SER C 628 3.94 -0.40 -31.22
N TYR C 629 4.13 0.84 -31.68
CA TYR C 629 5.31 1.17 -32.45
C TYR C 629 6.57 0.99 -31.60
N ALA C 630 6.50 1.38 -30.34
CA ALA C 630 7.68 1.22 -29.48
C ALA C 630 8.06 -0.24 -29.36
N ALA C 631 7.09 -1.12 -29.16
CA ALA C 631 7.37 -2.55 -29.07
C ALA C 631 7.90 -3.09 -30.39
N ALA C 632 7.35 -2.63 -31.52
CA ALA C 632 7.85 -3.07 -32.82
C ALA C 632 9.31 -2.68 -33.00
N CYS C 633 9.66 -1.45 -32.60
CA CYS C 633 11.04 -1.02 -32.68
C CYS C 633 11.93 -1.86 -31.77
N ALA C 634 11.48 -2.11 -30.54
CA ALA C 634 12.26 -2.92 -29.62
C ALA C 634 12.49 -4.31 -30.17
N GLY C 635 11.53 -4.85 -30.92
CA GLY C 635 11.69 -6.16 -31.51
C GLY C 635 12.90 -6.28 -32.43
N ARG C 636 13.36 -5.16 -32.98
CA ARG C 636 14.54 -5.13 -33.83
C ARG C 636 15.78 -4.65 -33.08
N GLY C 637 15.71 -4.55 -31.75
CA GLY C 637 16.85 -4.16 -30.94
C GLY C 637 16.97 -2.68 -30.67
N VAL C 638 16.16 -1.85 -31.31
CA VAL C 638 16.23 -0.40 -31.10
C VAL C 638 15.51 -0.05 -29.82
N ARG C 639 16.20 0.66 -28.93
CA ARG C 639 15.64 1.09 -27.65
C ARG C 639 15.32 2.57 -27.70
N VAL C 640 14.15 2.94 -27.23
CA VAL C 640 13.70 4.33 -27.24
C VAL C 640 12.88 4.58 -25.97
N ALA C 641 12.92 5.82 -25.48
CA ALA C 641 12.23 6.18 -24.25
C ALA C 641 10.81 6.68 -24.53
N TRP C 642 10.69 7.76 -25.30
CA TRP C 642 9.42 8.27 -25.81
C TRP C 642 8.40 8.52 -24.70
N ARG C 643 8.81 8.45 -23.44
CA ARG C 643 7.91 8.63 -22.31
C ARG C 643 8.38 9.81 -21.47
N GLU C 644 7.48 10.75 -21.26
CA GLU C 644 7.77 11.96 -20.50
C GLU C 644 6.54 12.31 -19.69
N PRO C 645 6.69 13.11 -18.63
CA PRO C 645 5.49 13.60 -17.92
C PRO C 645 4.60 14.37 -18.88
N GLY C 646 3.29 14.13 -18.75
CA GLY C 646 2.32 14.62 -19.72
C GLY C 646 1.90 13.57 -20.74
N ARG C 647 2.54 12.41 -20.76
CA ARG C 647 2.13 11.31 -21.63
C ARG C 647 1.77 10.11 -20.76
N CYS C 648 1.47 8.97 -21.38
CA CYS C 648 1.10 7.77 -20.63
C CYS C 648 2.34 7.17 -19.99
N GLU C 649 2.71 7.72 -18.84
CA GLU C 649 3.68 7.07 -17.96
C GLU C 649 3.00 5.92 -17.24
N LEU C 650 3.73 4.82 -17.07
CA LEU C 650 3.11 3.58 -16.63
C LEU C 650 2.41 3.72 -15.28
N ASN C 651 2.78 4.70 -14.48
CA ASN C 651 2.13 4.94 -13.18
C ASN C 651 2.25 3.70 -12.30
N CYS C 652 3.49 3.31 -12.04
CA CYS C 652 3.73 2.08 -11.31
C CYS C 652 3.19 2.19 -9.88
N PRO C 653 2.62 1.11 -9.34
CA PRO C 653 2.15 1.17 -7.95
C PRO C 653 3.29 1.43 -6.99
N LYS C 654 2.96 2.07 -5.87
CA LYS C 654 3.98 2.41 -4.88
C LYS C 654 4.67 1.15 -4.38
N GLY C 655 5.96 1.29 -4.07
CA GLY C 655 6.78 0.16 -3.70
C GLY C 655 7.42 -0.56 -4.86
N GLN C 656 7.21 -0.08 -6.08
CA GLN C 656 7.79 -0.67 -7.28
C GLN C 656 8.43 0.44 -8.11
N VAL C 657 9.26 0.05 -9.06
CA VAL C 657 10.06 0.99 -9.85
C VAL C 657 9.78 0.75 -11.32
N TYR C 658 9.59 1.84 -12.07
CA TYR C 658 9.31 1.76 -13.50
C TYR C 658 10.58 1.45 -14.31
N LEU C 659 11.71 1.23 -13.65
CA LEU C 659 13.00 1.15 -14.30
C LEU C 659 12.98 0.29 -15.56
N GLN C 660 13.87 0.62 -16.49
CA GLN C 660 13.93 -0.02 -17.80
C GLN C 660 14.38 -1.47 -17.63
N CYS C 661 14.60 -2.16 -18.75
CA CYS C 661 14.85 -3.59 -18.80
C CYS C 661 15.57 -4.13 -17.58
N GLY C 662 15.01 -5.18 -16.97
CA GLY C 662 15.56 -5.77 -15.76
C GLY C 662 15.70 -7.27 -15.84
N THR C 663 15.63 -7.83 -17.05
CA THR C 663 15.86 -9.26 -17.30
C THR C 663 15.24 -10.13 -16.22
N PRO C 664 13.91 -10.24 -16.17
CA PRO C 664 13.29 -10.94 -15.04
C PRO C 664 13.44 -12.45 -15.10
N CYS C 665 14.35 -12.99 -14.29
CA CYS C 665 14.38 -14.41 -13.95
C CYS C 665 14.13 -14.61 -12.46
N ASN C 666 13.89 -13.53 -11.73
CA ASN C 666 13.69 -13.54 -10.29
C ASN C 666 12.73 -12.40 -9.96
N LEU C 667 12.72 -11.99 -8.70
CA LEU C 667 11.78 -11.01 -8.14
C LEU C 667 10.50 -11.68 -7.68
N THR C 668 10.34 -12.98 -7.93
CA THR C 668 9.21 -13.76 -7.44
C THR C 668 9.75 -14.88 -6.56
N CYS C 669 9.22 -15.00 -5.35
CA CYS C 669 9.73 -16.00 -4.42
C CYS C 669 9.53 -17.42 -4.93
N ARG C 670 8.66 -17.63 -5.92
CA ARG C 670 8.57 -18.94 -6.54
C ARG C 670 9.91 -19.35 -7.12
N SER C 671 10.61 -18.42 -7.78
CA SER C 671 11.92 -18.73 -8.33
C SER C 671 12.89 -19.20 -7.27
N LEU C 672 12.81 -18.65 -6.06
CA LEU C 672 13.68 -19.11 -4.98
C LEU C 672 13.40 -20.55 -4.62
N SER C 673 12.13 -20.92 -4.53
CA SER C 673 11.78 -22.31 -4.24
C SER C 673 12.14 -23.24 -5.39
N TYR C 674 12.01 -22.76 -6.62
CA TYR C 674 12.36 -23.52 -7.82
C TYR C 674 13.47 -22.77 -8.54
N PRO C 675 14.74 -23.11 -8.27
CA PRO C 675 15.86 -22.37 -8.87
C PRO C 675 16.45 -22.99 -10.13
N ASP C 676 15.90 -24.10 -10.63
CA ASP C 676 16.54 -24.85 -11.71
C ASP C 676 15.51 -25.24 -12.77
N GLU C 677 14.69 -24.27 -13.20
CA GLU C 677 13.70 -24.51 -14.24
C GLU C 677 14.08 -23.86 -15.57
N GLU C 678 14.40 -22.57 -15.56
CA GLU C 678 14.76 -21.86 -16.79
C GLU C 678 15.19 -20.43 -16.49
N CYS C 679 16.10 -19.89 -17.29
CA CYS C 679 16.37 -18.45 -17.29
C CYS C 679 16.80 -18.08 -18.71
N ASN C 680 15.82 -17.68 -19.53
CA ASN C 680 16.08 -17.18 -20.89
C ASN C 680 14.97 -16.19 -21.20
N GLU C 681 15.23 -14.92 -20.91
CA GLU C 681 14.23 -13.87 -21.05
C GLU C 681 14.85 -12.65 -21.70
N ALA C 682 14.01 -11.87 -22.38
CA ALA C 682 14.42 -10.66 -23.06
C ALA C 682 14.04 -9.44 -22.21
N CYS C 683 14.19 -8.26 -22.78
CA CYS C 683 13.83 -7.03 -22.09
C CYS C 683 12.35 -6.75 -22.23
N LEU C 684 11.75 -6.27 -21.13
CA LEU C 684 10.31 -6.06 -21.08
C LEU C 684 9.88 -4.66 -20.67
N GLU C 685 10.70 -3.89 -19.96
CA GLU C 685 10.32 -2.55 -19.50
C GLU C 685 9.05 -2.63 -18.63
N GLY C 686 9.20 -3.34 -17.52
CA GLY C 686 8.10 -3.51 -16.59
C GLY C 686 8.36 -2.86 -15.24
N CYS C 687 7.51 -3.16 -14.27
CA CYS C 687 7.67 -2.67 -12.90
C CYS C 687 8.54 -3.65 -12.12
N PHE C 688 9.47 -3.11 -11.34
CA PHE C 688 10.41 -3.92 -10.60
C PHE C 688 10.62 -3.30 -9.22
N CYS C 689 11.62 -3.80 -8.51
CA CYS C 689 11.97 -3.38 -7.17
C CYS C 689 13.47 -3.20 -7.06
N PRO C 690 13.94 -2.47 -6.05
CA PRO C 690 15.38 -2.30 -5.89
C PRO C 690 16.05 -3.66 -5.77
N PRO C 691 17.28 -3.80 -6.28
CA PRO C 691 17.89 -5.14 -6.29
C PRO C 691 18.25 -5.69 -4.92
N GLY C 692 17.30 -5.68 -3.99
CA GLY C 692 17.51 -6.31 -2.71
C GLY C 692 16.25 -6.97 -2.16
N LEU C 693 15.16 -6.90 -2.91
CA LEU C 693 13.86 -7.34 -2.43
C LEU C 693 13.23 -8.27 -3.46
N TYR C 694 12.09 -8.84 -3.08
CA TYR C 694 11.36 -9.77 -3.93
C TYR C 694 9.87 -9.48 -3.82
N MET C 695 9.10 -10.07 -4.75
CA MET C 695 7.66 -9.87 -4.78
C MET C 695 6.98 -10.77 -3.77
N ASP C 696 6.03 -10.20 -3.03
CA ASP C 696 5.18 -10.96 -2.13
C ASP C 696 4.04 -11.58 -2.91
N GLU C 697 3.48 -12.66 -2.36
CA GLU C 697 2.40 -13.36 -3.04
C GLU C 697 1.19 -12.47 -3.22
N ARG C 698 0.87 -11.66 -2.21
CA ARG C 698 -0.33 -10.83 -2.26
C ARG C 698 -0.12 -9.51 -3.02
N GLY C 699 1.12 -9.18 -3.36
CA GLY C 699 1.38 -8.01 -4.18
C GLY C 699 2.49 -7.11 -3.65
N ASP C 700 2.82 -7.23 -2.37
CA ASP C 700 3.83 -6.36 -1.79
C ASP C 700 5.22 -6.81 -2.21
N CYS C 701 6.20 -5.93 -2.01
CA CYS C 701 7.59 -6.19 -2.36
C CYS C 701 8.53 -6.07 -1.18
N VAL C 702 8.00 -5.95 0.05
CA VAL C 702 8.87 -5.70 1.20
C VAL C 702 9.83 -6.85 1.47
N PRO C 703 9.43 -8.12 1.46
CA PRO C 703 10.25 -9.15 2.11
C PRO C 703 11.61 -9.31 1.47
N LYS C 704 12.59 -9.66 2.31
CA LYS C 704 13.94 -10.01 1.85
C LYS C 704 14.17 -11.50 2.05
N ALA C 705 14.02 -12.00 3.28
CA ALA C 705 14.00 -13.42 3.58
C ALA C 705 12.76 -13.78 4.40
N GLN C 706 11.75 -12.92 4.33
CA GLN C 706 10.53 -13.06 5.12
C GLN C 706 9.38 -13.61 4.28
N CYS C 707 9.65 -14.03 3.05
CA CYS C 707 8.59 -14.44 2.15
C CYS C 707 8.37 -15.94 2.24
N PRO C 708 7.19 -16.42 1.86
CA PRO C 708 6.81 -17.80 2.21
C PRO C 708 7.59 -18.84 1.44
N CYS C 709 7.35 -20.09 1.82
CA CYS C 709 8.03 -21.25 1.26
C CYS C 709 7.02 -22.05 0.44
N TYR C 710 7.40 -22.40 -0.79
CA TYR C 710 6.53 -23.16 -1.67
C TYR C 710 6.95 -24.62 -1.68
N TYR C 711 5.97 -25.50 -1.88
CA TYR C 711 6.20 -26.93 -1.86
C TYR C 711 5.22 -27.55 -2.86
N ASP C 712 4.95 -28.85 -2.72
CA ASP C 712 4.12 -29.57 -3.68
C ASP C 712 2.67 -29.13 -3.49
N GLY C 713 2.36 -27.96 -4.05
CA GLY C 713 1.01 -27.44 -4.00
C GLY C 713 0.78 -26.49 -2.83
N GLU C 714 1.20 -26.90 -1.64
CA GLU C 714 0.95 -26.09 -0.45
C GLU C 714 1.85 -24.87 -0.45
N ILE C 715 1.50 -23.90 0.41
CA ILE C 715 2.32 -22.73 0.66
C ILE C 715 2.58 -22.67 2.16
N PHE C 716 3.86 -22.63 2.53
CA PHE C 716 4.26 -22.65 3.92
C PHE C 716 4.66 -21.25 4.37
N GLN C 717 5.17 -21.15 5.59
CA GLN C 717 5.51 -19.89 6.23
C GLN C 717 6.94 -19.99 6.74
N PRO C 718 7.66 -18.86 6.82
CA PRO C 718 9.04 -18.92 7.30
C PRO C 718 9.11 -19.53 8.70
N GLU C 719 10.16 -20.32 8.93
CA GLU C 719 10.39 -20.96 10.23
C GLU C 719 9.29 -21.96 10.55
N ASP C 720 9.03 -22.88 9.63
CA ASP C 720 8.05 -23.93 9.82
C ASP C 720 8.70 -25.29 9.61
N ILE C 721 8.20 -26.30 10.32
CA ILE C 721 8.76 -27.64 10.30
C ILE C 721 7.64 -28.65 10.17
N PHE C 722 7.97 -29.82 9.63
CA PHE C 722 7.03 -30.93 9.62
C PHE C 722 7.77 -32.19 9.20
N SER C 723 7.25 -33.34 9.64
CA SER C 723 7.86 -34.63 9.33
C SER C 723 6.76 -35.69 9.44
N ASP C 724 6.26 -36.15 8.29
CA ASP C 724 5.09 -37.04 8.33
C ASP C 724 5.48 -38.49 8.59
N HIS C 725 6.10 -39.16 7.63
CA HIS C 725 6.62 -40.49 7.87
C HIS C 725 7.91 -40.81 7.12
N HIS C 726 8.38 -39.94 6.25
CA HIS C 726 9.50 -40.25 5.37
C HIS C 726 10.58 -39.20 5.41
N THR C 727 10.22 -37.92 5.52
CA THR C 727 11.16 -36.82 5.38
C THR C 727 10.96 -35.81 6.49
N MET C 728 12.04 -35.11 6.80
CA MET C 728 12.01 -33.98 7.72
C MET C 728 12.30 -32.71 6.94
N CYS C 729 11.40 -31.75 7.03
CA CYS C 729 11.48 -30.55 6.20
C CYS C 729 11.24 -29.30 7.03
N TYR C 730 12.13 -28.33 6.86
CA TYR C 730 11.92 -26.96 7.32
C TYR C 730 12.13 -26.06 6.11
N CYS C 731 12.27 -24.76 6.28
CA CYS C 731 12.66 -23.91 5.16
C CYS C 731 13.26 -22.62 5.68
N GLU C 732 14.50 -22.36 5.29
CA GLU C 732 15.16 -21.09 5.51
C GLU C 732 15.15 -20.30 4.20
N ASP C 733 15.06 -18.98 4.32
CA ASP C 733 15.03 -18.11 3.14
C ASP C 733 13.81 -18.51 2.32
N GLY C 734 13.95 -18.95 1.08
CA GLY C 734 12.82 -19.35 0.27
C GLY C 734 12.84 -20.80 -0.14
N PHE C 735 13.84 -21.56 0.32
CA PHE C 735 14.02 -22.94 -0.08
C PHE C 735 13.73 -23.88 1.08
N MET C 736 13.42 -25.12 0.74
CA MET C 736 12.94 -26.11 1.73
C MET C 736 14.10 -26.68 2.55
N HIS C 737 15.06 -27.32 1.87
CA HIS C 737 16.13 -28.08 2.53
C HIS C 737 15.56 -29.37 3.13
N CYS C 738 14.67 -30.02 2.40
CA CYS C 738 14.15 -31.31 2.84
C CYS C 738 15.26 -32.34 2.88
N THR C 739 15.21 -33.22 3.87
CA THR C 739 16.18 -34.29 4.03
C THR C 739 15.47 -35.64 4.02
N MET C 740 16.26 -36.70 4.19
CA MET C 740 15.73 -38.06 4.22
C MET C 740 14.88 -38.34 2.98
N CYS C 767 -39.45 -31.86 -34.93
CA CYS C 767 -39.42 -30.67 -35.78
C CYS C 767 -40.47 -30.68 -36.89
N ARG C 768 -40.02 -31.01 -38.09
CA ARG C 768 -40.75 -30.74 -39.32
C ARG C 768 -39.98 -31.43 -40.44
N PRO C 769 -40.63 -32.14 -41.34
CA PRO C 769 -39.90 -32.94 -42.34
C PRO C 769 -38.85 -32.11 -43.05
N PRO C 770 -37.88 -32.75 -43.72
CA PRO C 770 -37.78 -34.20 -43.93
C PRO C 770 -37.01 -34.99 -42.85
N MET C 771 -36.55 -34.36 -41.77
CA MET C 771 -35.78 -35.08 -40.76
C MET C 771 -36.13 -34.55 -39.36
N VAL C 772 -35.84 -35.38 -38.36
CA VAL C 772 -36.06 -35.03 -36.96
C VAL C 772 -34.72 -34.66 -36.32
N LYS C 773 -34.78 -33.96 -35.20
CA LYS C 773 -33.61 -33.51 -34.47
C LYS C 773 -33.50 -34.25 -33.15
N LEU C 774 -32.26 -34.50 -32.72
CA LEU C 774 -32.01 -34.99 -31.38
C LEU C 774 -31.88 -33.82 -30.42
N VAL C 775 -32.52 -33.94 -29.26
CA VAL C 775 -32.62 -32.80 -28.35
C VAL C 775 -31.25 -32.48 -27.77
N CYS C 776 -30.69 -33.40 -26.97
CA CYS C 776 -29.36 -33.23 -26.38
C CYS C 776 -28.97 -34.49 -25.61
N PRO C 777 -27.68 -34.88 -25.63
CA PRO C 777 -27.24 -35.94 -24.71
C PRO C 777 -27.09 -35.43 -23.28
N ALA C 778 -26.58 -34.20 -23.16
CA ALA C 778 -26.50 -33.50 -21.87
C ALA C 778 -25.64 -34.24 -20.86
N ASP C 779 -24.49 -34.75 -21.33
CA ASP C 779 -23.47 -35.31 -20.44
C ASP C 779 -22.43 -34.25 -20.07
N ASN C 780 -21.74 -33.69 -21.08
CA ASN C 780 -20.96 -32.47 -20.90
C ASN C 780 -21.00 -31.64 -22.18
N LEU C 781 -22.08 -31.77 -22.95
CA LEU C 781 -22.41 -30.86 -24.04
C LEU C 781 -21.41 -30.86 -25.18
N ARG C 782 -21.23 -31.99 -25.86
CA ARG C 782 -20.51 -32.01 -27.13
C ARG C 782 -21.43 -31.98 -28.34
N ALA C 783 -22.66 -32.42 -28.20
CA ALA C 783 -23.54 -32.60 -29.36
C ALA C 783 -23.75 -31.27 -30.08
N GLU C 784 -23.78 -31.33 -31.40
CA GLU C 784 -23.93 -30.14 -32.25
C GLU C 784 -25.41 -29.85 -32.41
N GLY C 785 -25.86 -28.75 -31.84
CA GLY C 785 -27.23 -28.29 -31.95
C GLY C 785 -27.39 -27.26 -33.04
N LEU C 786 -28.44 -26.44 -32.92
CA LEU C 786 -28.68 -25.38 -33.88
C LEU C 786 -27.58 -24.33 -33.89
N GLU C 787 -26.76 -24.26 -32.84
CA GLU C 787 -25.68 -23.28 -32.80
C GLU C 787 -24.66 -23.49 -33.91
N CYS C 788 -24.56 -24.72 -34.43
CA CYS C 788 -23.59 -25.06 -35.47
C CYS C 788 -24.33 -25.75 -36.61
N THR C 789 -24.83 -24.96 -37.55
CA THR C 789 -25.48 -25.47 -38.75
C THR C 789 -24.50 -25.38 -39.91
N LYS C 790 -24.26 -26.51 -40.56
CA LYS C 790 -23.24 -26.59 -41.61
C LYS C 790 -23.82 -26.12 -42.93
N THR C 791 -23.33 -24.99 -43.43
CA THR C 791 -23.60 -24.55 -44.79
C THR C 791 -22.39 -24.88 -45.66
N CYS C 792 -22.59 -24.85 -46.97
CA CYS C 792 -21.48 -25.13 -47.88
C CYS C 792 -20.35 -24.12 -47.71
N GLN C 793 -20.64 -22.93 -47.18
CA GLN C 793 -19.60 -21.95 -46.91
C GLN C 793 -18.83 -22.29 -45.64
N ASN C 794 -19.53 -22.71 -44.59
CA ASN C 794 -18.94 -22.99 -43.29
C ASN C 794 -18.67 -24.48 -43.09
N TYR C 795 -18.74 -25.27 -44.15
CA TYR C 795 -18.68 -26.72 -44.00
C TYR C 795 -17.36 -27.17 -43.39
N ASP C 796 -16.24 -26.75 -43.99
CA ASP C 796 -14.93 -27.23 -43.58
C ASP C 796 -14.28 -26.38 -42.51
N LEU C 797 -14.87 -25.24 -42.14
CA LEU C 797 -14.28 -24.40 -41.12
C LEU C 797 -14.45 -25.03 -39.74
N GLU C 798 -13.58 -24.63 -38.82
CA GLU C 798 -13.58 -25.17 -37.46
C GLU C 798 -14.74 -24.53 -36.70
N CYS C 799 -15.93 -25.11 -36.85
CA CYS C 799 -17.10 -24.59 -36.16
C CYS C 799 -16.92 -24.69 -34.65
N MET C 800 -17.20 -23.59 -33.96
CA MET C 800 -17.14 -23.57 -32.51
C MET C 800 -18.45 -24.10 -31.93
N SER C 801 -18.40 -24.54 -30.67
CA SER C 801 -19.56 -25.17 -30.04
C SER C 801 -19.65 -24.68 -28.60
N MET C 802 -20.65 -23.83 -28.33
CA MET C 802 -20.94 -23.46 -26.95
C MET C 802 -21.59 -24.60 -26.19
N GLY C 803 -22.46 -25.35 -26.86
CA GLY C 803 -23.16 -26.46 -26.25
C GLY C 803 -24.38 -26.84 -27.05
N CYS C 804 -24.83 -28.07 -26.83
CA CYS C 804 -25.98 -28.59 -27.57
C CYS C 804 -27.23 -27.78 -27.26
N VAL C 805 -27.94 -27.37 -28.31
CA VAL C 805 -29.20 -26.65 -28.19
C VAL C 805 -30.21 -27.33 -29.10
N SER C 806 -31.39 -27.66 -28.55
CA SER C 806 -32.41 -28.35 -29.32
C SER C 806 -32.90 -27.44 -30.44
N GLY C 807 -32.86 -27.94 -31.68
CA GLY C 807 -33.26 -27.18 -32.84
C GLY C 807 -33.70 -28.09 -33.95
N CYS C 808 -33.27 -27.79 -35.18
CA CYS C 808 -33.61 -28.61 -36.33
C CYS C 808 -32.51 -28.45 -37.37
N LEU C 809 -32.39 -29.43 -38.26
CA LEU C 809 -31.33 -29.41 -39.26
C LEU C 809 -31.61 -30.46 -40.33
N CYS C 810 -30.65 -30.60 -41.25
CA CYS C 810 -30.64 -31.63 -42.28
C CYS C 810 -29.60 -32.69 -41.95
N PRO C 811 -29.69 -33.87 -42.56
CA PRO C 811 -28.87 -35.01 -42.12
C PRO C 811 -27.40 -34.70 -42.15
N PRO C 812 -26.56 -35.51 -41.49
CA PRO C 812 -25.13 -35.19 -41.41
C PRO C 812 -24.47 -35.00 -42.76
N GLY C 813 -24.82 -35.82 -43.75
CA GLY C 813 -24.28 -35.67 -45.08
C GLY C 813 -25.12 -34.72 -45.92
N MET C 814 -25.36 -33.52 -45.38
CA MET C 814 -26.26 -32.58 -46.03
C MET C 814 -25.95 -31.19 -45.47
N VAL C 815 -26.11 -30.18 -46.31
CA VAL C 815 -25.72 -28.82 -45.96
C VAL C 815 -26.85 -27.86 -46.28
N ARG C 816 -27.06 -26.89 -45.37
CA ARG C 816 -28.13 -25.93 -45.52
C ARG C 816 -27.79 -24.90 -46.59
N HIS C 817 -28.83 -24.37 -47.23
CA HIS C 817 -28.73 -23.31 -48.23
C HIS C 817 -29.76 -22.24 -47.85
N GLU C 818 -29.71 -21.09 -48.52
CA GLU C 818 -30.47 -19.94 -48.03
C GLU C 818 -31.93 -20.29 -47.80
N ASN C 819 -32.54 -21.03 -48.72
CA ASN C 819 -33.94 -21.43 -48.55
C ASN C 819 -34.04 -22.72 -47.74
N ARG C 820 -33.44 -23.79 -48.25
CA ARG C 820 -33.43 -25.08 -47.57
C ARG C 820 -32.20 -25.83 -48.06
N CYS C 821 -31.76 -26.83 -47.30
CA CYS C 821 -30.57 -27.58 -47.64
C CYS C 821 -30.73 -28.25 -49.00
N VAL C 822 -29.69 -28.15 -49.83
CA VAL C 822 -29.68 -28.67 -51.19
C VAL C 822 -28.43 -29.51 -51.37
N ALA C 823 -28.45 -30.36 -52.41
CA ALA C 823 -27.42 -31.37 -52.64
C ALA C 823 -26.02 -30.85 -52.36
N LEU C 824 -25.17 -31.71 -51.79
CA LEU C 824 -23.85 -31.28 -51.35
C LEU C 824 -23.02 -30.77 -52.52
N GLU C 825 -23.05 -31.47 -53.65
CA GLU C 825 -22.23 -31.13 -54.80
C GLU C 825 -22.86 -30.07 -55.69
N ARG C 826 -23.80 -29.28 -55.18
CA ARG C 826 -24.49 -28.28 -55.97
C ARG C 826 -24.48 -26.90 -55.35
N CYS C 827 -23.86 -26.72 -54.18
CA CYS C 827 -23.83 -25.38 -53.62
C CYS C 827 -22.83 -24.53 -54.39
N PRO C 828 -23.21 -23.36 -54.91
CA PRO C 828 -22.29 -22.60 -55.75
C PRO C 828 -21.02 -22.24 -55.01
N CYS C 829 -19.91 -22.22 -55.75
CA CYS C 829 -18.64 -21.72 -55.24
C CYS C 829 -18.61 -20.20 -55.42
N PHE C 830 -18.32 -19.49 -54.35
CA PHE C 830 -18.50 -18.04 -54.31
C PHE C 830 -17.22 -17.34 -54.79
N HIS C 831 -17.32 -16.65 -55.92
CA HIS C 831 -16.36 -15.64 -56.31
C HIS C 831 -16.89 -14.30 -55.81
N GLN C 832 -16.34 -13.20 -56.32
CA GLN C 832 -16.62 -11.89 -55.75
C GLN C 832 -18.10 -11.56 -55.73
N GLY C 833 -18.70 -11.56 -54.54
CA GLY C 833 -20.01 -10.96 -54.33
C GLY C 833 -21.20 -11.71 -54.90
N LYS C 834 -21.00 -12.53 -55.92
CA LYS C 834 -22.12 -13.12 -56.66
C LYS C 834 -21.98 -14.64 -56.70
N GLU C 835 -22.99 -15.27 -57.30
CA GLU C 835 -23.12 -16.71 -57.34
C GLU C 835 -22.32 -17.30 -58.50
N TYR C 836 -21.97 -18.58 -58.37
CA TYR C 836 -21.31 -19.31 -59.44
C TYR C 836 -21.66 -20.79 -59.27
N ALA C 837 -22.64 -21.26 -60.03
CA ALA C 837 -23.03 -22.65 -59.95
C ALA C 837 -21.91 -23.54 -60.51
N PRO C 838 -21.84 -24.80 -60.09
CA PRO C 838 -20.73 -25.65 -60.55
C PRO C 838 -20.82 -25.93 -62.04
N GLY C 839 -19.65 -26.10 -62.65
CA GLY C 839 -19.54 -26.36 -64.06
C GLY C 839 -19.19 -25.14 -64.90
N GLU C 840 -19.41 -23.93 -64.37
CA GLU C 840 -19.08 -22.71 -65.08
C GLU C 840 -17.61 -22.35 -64.87
N THR C 841 -17.14 -21.42 -65.70
CA THR C 841 -15.75 -21.00 -65.67
C THR C 841 -15.68 -19.47 -65.70
N VAL C 842 -14.59 -18.95 -65.15
CA VAL C 842 -14.33 -17.51 -65.13
C VAL C 842 -12.86 -17.29 -65.47
N LYS C 843 -12.59 -16.28 -66.28
CA LYS C 843 -11.22 -15.96 -66.69
C LYS C 843 -10.72 -14.74 -65.93
N ILE C 844 -9.53 -14.88 -65.36
CA ILE C 844 -8.88 -13.81 -64.61
C ILE C 844 -7.65 -13.42 -65.43
N GLY C 845 -7.79 -12.38 -66.24
CA GLY C 845 -6.64 -11.68 -66.77
C GLY C 845 -5.83 -12.50 -67.74
N CYS C 846 -5.33 -13.63 -67.25
CA CYS C 846 -4.42 -14.49 -68.00
C CYS C 846 -4.79 -15.95 -67.97
N ASN C 847 -5.67 -16.39 -67.06
CA ASN C 847 -5.98 -17.82 -66.94
C ASN C 847 -7.45 -18.02 -66.65
N THR C 848 -8.00 -19.10 -67.22
CA THR C 848 -9.38 -19.49 -67.02
C THR C 848 -9.44 -20.57 -65.94
N CYS C 849 -10.43 -20.47 -65.05
CA CYS C 849 -10.56 -21.42 -63.97
C CYS C 849 -12.01 -21.86 -63.82
N VAL C 850 -12.20 -23.12 -63.40
CA VAL C 850 -13.51 -23.75 -63.40
C VAL C 850 -13.86 -24.18 -61.98
N CYS C 851 -15.16 -24.37 -61.75
CA CYS C 851 -15.66 -24.79 -60.44
C CYS C 851 -15.84 -26.31 -60.41
N ARG C 852 -15.30 -26.94 -59.38
CA ARG C 852 -15.43 -28.38 -59.17
C ARG C 852 -15.55 -28.63 -57.67
N ASP C 853 -16.62 -29.30 -57.27
CA ASP C 853 -16.80 -29.75 -55.89
C ASP C 853 -16.53 -28.62 -54.89
N ARG C 854 -17.24 -27.52 -55.08
CA ARG C 854 -17.20 -26.37 -54.18
C ARG C 854 -15.83 -25.71 -54.11
N LYS C 855 -14.97 -25.95 -55.09
CA LYS C 855 -13.65 -25.34 -55.14
C LYS C 855 -13.34 -24.90 -56.57
N TRP C 856 -12.20 -24.26 -56.74
CA TRP C 856 -11.75 -23.78 -58.03
C TRP C 856 -10.53 -24.57 -58.48
N ASN C 857 -10.59 -25.12 -59.70
CA ASN C 857 -9.49 -25.87 -60.29
C ASN C 857 -9.12 -25.22 -61.61
N CYS C 858 -7.81 -25.15 -61.88
CA CYS C 858 -7.33 -24.62 -63.15
C CYS C 858 -5.81 -24.69 -63.19
N THR C 859 -5.28 -24.35 -64.36
CA THR C 859 -3.85 -24.42 -64.63
C THR C 859 -3.15 -23.13 -64.20
N ASP C 860 -1.84 -23.12 -64.39
CA ASP C 860 -1.00 -21.96 -64.09
C ASP C 860 -0.20 -21.60 -65.33
N HIS C 861 -0.12 -20.31 -65.64
CA HIS C 861 0.60 -19.83 -66.81
C HIS C 861 1.09 -18.42 -66.51
N VAL C 862 2.36 -18.29 -66.10
CA VAL C 862 2.93 -16.99 -65.84
C VAL C 862 3.18 -16.28 -67.17
N CYS C 863 2.49 -15.15 -67.36
CA CYS C 863 2.57 -14.39 -68.61
C CYS C 863 3.21 -13.04 -68.33
N ASP C 864 3.26 -12.21 -69.35
CA ASP C 864 4.01 -10.97 -69.30
C ASP C 864 3.49 -10.05 -68.19
N ALA C 865 4.43 -9.36 -67.55
CA ALA C 865 4.14 -8.41 -66.48
C ALA C 865 4.49 -6.99 -66.95
N THR C 866 4.37 -6.03 -66.05
CA THR C 866 4.58 -4.63 -66.41
C THR C 866 5.26 -3.89 -65.27
N CYS C 867 6.20 -3.03 -65.62
CA CYS C 867 6.82 -2.08 -64.70
C CYS C 867 6.55 -0.68 -65.24
N SER C 868 6.15 0.23 -64.36
CA SER C 868 5.68 1.53 -64.81
C SER C 868 6.04 2.63 -63.82
N THR C 869 5.97 3.86 -64.31
CA THR C 869 6.18 5.05 -63.49
C THR C 869 4.85 5.80 -63.41
N ILE C 870 4.16 5.66 -62.30
CA ILE C 870 2.86 6.30 -62.13
C ILE C 870 3.12 7.75 -61.71
N GLY C 871 2.41 8.66 -62.35
CA GLY C 871 2.62 10.08 -62.09
C GLY C 871 4.02 10.49 -62.52
N MET C 872 4.76 11.10 -61.61
CA MET C 872 6.12 11.54 -61.91
C MET C 872 7.11 11.30 -60.78
N ALA C 873 6.69 10.66 -59.68
CA ALA C 873 7.63 10.33 -58.61
C ALA C 873 7.40 8.95 -58.02
N HIS C 874 6.40 8.20 -58.47
CA HIS C 874 6.09 6.89 -57.92
C HIS C 874 6.37 5.79 -58.93
N TYR C 875 6.96 4.70 -58.45
CA TYR C 875 7.32 3.57 -59.30
C TYR C 875 6.54 2.34 -58.88
N LEU C 876 6.09 1.58 -59.88
CA LEU C 876 5.40 0.30 -59.68
C LEU C 876 6.20 -0.77 -60.37
N THR C 877 6.65 -1.77 -59.60
CA THR C 877 7.52 -2.81 -60.12
C THR C 877 6.70 -3.88 -60.85
N PHE C 878 7.37 -4.98 -61.19
CA PHE C 878 6.73 -6.03 -61.98
C PHE C 878 5.75 -6.84 -61.14
N ASP C 879 6.08 -7.08 -59.87
CA ASP C 879 5.29 -7.95 -59.00
C ASP C 879 4.25 -7.18 -58.20
N GLY C 880 4.06 -5.90 -58.48
CA GLY C 880 2.97 -5.15 -57.88
C GLY C 880 3.32 -4.50 -56.56
N LEU C 881 4.41 -3.72 -56.54
CA LEU C 881 4.80 -2.95 -55.38
C LEU C 881 5.00 -1.50 -55.80
N LYS C 882 4.39 -0.58 -55.06
CA LYS C 882 4.45 0.84 -55.35
C LYS C 882 5.30 1.53 -54.30
N TYR C 883 6.24 2.37 -54.75
CA TYR C 883 7.07 3.12 -53.82
C TYR C 883 7.38 4.50 -54.38
N LEU C 884 7.84 5.37 -53.49
CA LEU C 884 8.13 6.77 -53.79
C LEU C 884 9.63 7.00 -53.76
N PHE C 885 10.16 7.59 -54.82
CA PHE C 885 11.58 7.89 -54.90
C PHE C 885 11.86 9.04 -55.85
N PRO C 886 12.03 10.27 -55.36
CA PRO C 886 12.38 11.38 -56.26
C PRO C 886 13.88 11.48 -56.50
N GLY C 887 14.28 11.82 -57.73
CA GLY C 887 15.68 11.93 -58.07
C GLY C 887 15.89 12.87 -59.23
N GLU C 888 17.17 13.16 -59.50
CA GLU C 888 17.55 14.06 -60.58
C GLU C 888 18.67 13.49 -61.45
N CYS C 889 19.12 12.27 -61.18
CA CYS C 889 20.24 11.67 -61.87
C CYS C 889 19.75 10.66 -62.90
N GLN C 890 20.67 9.93 -63.52
CA GLN C 890 20.33 8.89 -64.47
C GLN C 890 20.36 7.55 -63.77
N TYR C 891 19.26 6.82 -63.86
CA TYR C 891 19.06 5.57 -63.13
C TYR C 891 18.86 4.42 -64.12
N VAL C 892 18.74 3.21 -63.58
CA VAL C 892 18.60 1.99 -64.36
C VAL C 892 17.21 1.43 -64.12
N LEU C 893 16.40 1.37 -65.17
CA LEU C 893 15.06 0.81 -65.03
C LEU C 893 15.12 -0.71 -64.95
N VAL C 894 15.61 -1.35 -66.00
CA VAL C 894 15.66 -2.81 -66.05
C VAL C 894 16.79 -3.20 -67.00
N GLN C 895 17.60 -4.16 -66.54
CA GLN C 895 18.68 -4.71 -67.34
C GLN C 895 18.84 -6.17 -66.97
N ASP C 896 19.84 -6.82 -67.56
CA ASP C 896 20.15 -8.20 -67.21
C ASP C 896 21.65 -8.42 -67.13
N TYR C 897 22.43 -7.35 -67.03
CA TYR C 897 23.87 -7.44 -66.82
C TYR C 897 24.21 -7.43 -65.34
N CYS C 898 23.54 -8.30 -64.57
CA CYS C 898 23.76 -8.36 -63.13
C CYS C 898 24.00 -9.78 -62.67
N GLY C 899 23.36 -10.75 -63.35
CA GLY C 899 23.48 -12.14 -62.99
C GLY C 899 24.74 -12.77 -63.58
N SER C 900 24.97 -14.03 -63.20
CA SER C 900 26.11 -14.79 -63.69
C SER C 900 25.81 -15.35 -65.08
N ASN C 901 25.47 -14.43 -65.99
CA ASN C 901 25.08 -14.78 -67.34
C ASN C 901 25.32 -13.58 -68.24
N PRO C 902 25.47 -13.78 -69.54
CA PRO C 902 25.67 -12.64 -70.45
C PRO C 902 24.39 -11.83 -70.60
N GLY C 903 24.49 -10.54 -70.33
CA GLY C 903 23.35 -9.66 -70.48
C GLY C 903 23.05 -9.34 -71.92
N THR C 904 21.82 -8.88 -72.16
CA THR C 904 21.35 -8.58 -73.50
C THR C 904 21.06 -7.10 -73.71
N PHE C 905 20.21 -6.50 -72.88
CA PHE C 905 19.74 -5.13 -73.10
C PHE C 905 19.85 -4.34 -71.80
N ARG C 906 19.37 -3.10 -71.84
CA ARG C 906 19.58 -2.15 -70.76
C ARG C 906 18.75 -0.90 -71.03
N ILE C 907 18.17 -0.32 -69.98
CA ILE C 907 17.33 0.86 -70.11
C ILE C 907 17.64 1.84 -68.99
N LEU C 908 17.81 3.11 -69.34
CA LEU C 908 18.07 4.18 -68.40
C LEU C 908 16.96 5.21 -68.48
N VAL C 909 16.67 5.85 -67.34
CA VAL C 909 15.48 6.68 -67.20
C VAL C 909 15.85 8.08 -66.71
N GLY C 910 17.05 8.54 -67.07
CA GLY C 910 17.53 9.80 -66.56
C GLY C 910 16.58 10.96 -66.76
N ASN C 911 16.25 11.65 -65.66
CA ASN C 911 15.34 12.77 -65.66
C ASN C 911 16.09 14.07 -65.43
N LYS C 912 15.37 15.18 -65.52
CA LYS C 912 15.96 16.51 -65.40
C LYS C 912 15.06 17.37 -64.51
N GLY C 913 15.57 17.77 -63.35
CA GLY C 913 14.85 18.68 -62.48
C GLY C 913 13.48 18.18 -62.07
N CYS C 914 13.41 16.91 -61.65
CA CYS C 914 12.14 16.30 -61.30
C CYS C 914 12.14 15.77 -59.87
N SER C 915 13.08 16.23 -59.04
CA SER C 915 12.98 15.95 -57.60
C SER C 915 11.72 16.58 -57.03
N HIS C 916 11.32 17.74 -57.53
CA HIS C 916 10.05 18.37 -57.24
C HIS C 916 9.11 18.17 -58.41
N PRO C 917 7.82 17.93 -58.18
CA PRO C 917 6.92 17.59 -59.29
C PRO C 917 6.50 18.78 -60.14
N SER C 918 7.22 19.90 -60.03
CA SER C 918 6.86 21.12 -60.75
C SER C 918 6.66 20.85 -62.23
N VAL C 919 5.97 21.78 -62.92
CA VAL C 919 5.58 21.55 -64.31
C VAL C 919 6.80 21.41 -65.20
N LYS C 920 7.90 22.05 -64.86
CA LYS C 920 9.10 22.01 -65.70
C LYS C 920 9.74 20.62 -65.76
N CYS C 921 9.19 19.61 -65.10
CA CYS C 921 9.78 18.28 -65.13
C CYS C 921 9.88 17.77 -66.56
N LYS C 922 11.01 17.14 -66.87
CA LYS C 922 11.24 16.53 -68.17
C LYS C 922 12.05 15.26 -67.97
N LYS C 923 11.83 14.28 -68.84
CA LYS C 923 12.49 12.99 -68.73
C LYS C 923 13.08 12.58 -70.07
N ARG C 924 14.25 11.96 -70.02
N ARG C 924 14.23 11.92 -70.00
CA ARG C 924 14.93 11.43 -71.19
CA ARG C 924 14.95 11.43 -71.18
C ARG C 924 15.21 9.96 -70.95
C ARG C 924 15.25 9.95 -70.96
N VAL C 925 14.79 9.11 -71.89
CA VAL C 925 14.93 7.66 -71.77
C VAL C 925 15.80 7.16 -72.91
N THR C 926 16.82 6.38 -72.57
CA THR C 926 17.75 5.82 -73.53
C THR C 926 17.69 4.30 -73.47
N ILE C 927 17.94 3.66 -74.60
CA ILE C 927 17.89 2.20 -74.72
C ILE C 927 19.20 1.74 -75.32
N LEU C 928 19.76 0.67 -74.74
CA LEU C 928 21.00 0.05 -75.23
C LEU C 928 20.69 -1.41 -75.47
N VAL C 929 20.34 -1.77 -76.70
CA VAL C 929 19.90 -3.13 -77.00
C VAL C 929 21.14 -4.00 -77.21
N GLU C 930 21.90 -3.71 -78.26
CA GLU C 930 23.20 -4.34 -78.47
C GLU C 930 24.32 -3.32 -78.64
N GLY C 931 24.20 -2.44 -79.62
CA GLY C 931 25.22 -1.44 -79.88
C GLY C 931 24.66 -0.10 -80.34
N GLY C 932 23.38 0.14 -80.07
CA GLY C 932 22.72 1.33 -80.57
C GLY C 932 21.89 2.00 -79.49
N GLU C 933 21.37 3.18 -79.83
CA GLU C 933 20.54 3.97 -78.93
C GLU C 933 19.25 4.35 -79.64
N ILE C 934 18.22 4.61 -78.84
CA ILE C 934 16.91 4.98 -79.37
C ILE C 934 16.61 6.42 -78.98
N GLU C 935 17.13 6.84 -77.83
CA GLU C 935 17.11 8.25 -77.42
C GLU C 935 15.68 8.82 -77.44
N LEU C 936 14.86 8.26 -76.56
CA LEU C 936 13.51 8.77 -76.35
C LEU C 936 13.60 10.13 -75.67
N PHE C 937 13.29 11.19 -76.42
CA PHE C 937 13.33 12.54 -75.88
C PHE C 937 12.37 13.42 -76.66
N ASP C 938 11.43 14.05 -75.95
CA ASP C 938 10.55 15.03 -76.55
C ASP C 938 9.71 14.45 -77.68
N GLY C 939 10.17 14.62 -78.92
CA GLY C 939 9.34 14.32 -80.07
C GLY C 939 9.24 12.85 -80.40
N GLU C 940 10.34 12.23 -80.80
CA GLU C 940 10.32 10.87 -81.31
C GLU C 940 11.68 10.21 -81.04
N VAL C 941 11.89 9.06 -81.67
CA VAL C 941 13.10 8.29 -81.44
C VAL C 941 14.23 8.81 -82.32
N ASN C 942 15.45 8.42 -81.96
CA ASN C 942 16.64 8.64 -82.78
C ASN C 942 17.37 7.32 -82.97
N VAL C 943 18.06 7.20 -84.09
CA VAL C 943 18.76 5.97 -84.46
C VAL C 943 20.25 6.27 -84.52
N LYS C 944 20.73 7.12 -83.61
CA LYS C 944 22.08 7.65 -83.68
C LYS C 944 23.14 6.57 -83.92
N ARG C 945 22.82 5.30 -83.62
CA ARG C 945 23.70 4.18 -83.96
C ARG C 945 22.83 3.04 -84.48
N PRO C 946 22.82 2.80 -85.79
CA PRO C 946 21.89 1.81 -86.34
C PRO C 946 22.21 0.40 -85.83
N MET C 947 21.21 -0.46 -85.91
CA MET C 947 21.26 -1.77 -85.29
C MET C 947 21.39 -2.85 -86.36
N LYS C 948 22.34 -3.78 -86.12
CA LYS C 948 22.61 -4.85 -87.07
C LYS C 948 21.49 -5.88 -87.15
N ASP C 949 20.60 -5.92 -86.15
CA ASP C 949 19.49 -6.86 -86.14
C ASP C 949 18.17 -6.10 -86.23
N GLU C 950 18.13 -5.08 -87.08
CA GLU C 950 16.93 -4.28 -87.31
C GLU C 950 15.78 -5.08 -87.91
N THR C 951 15.97 -6.39 -88.13
CA THR C 951 14.90 -7.21 -88.69
C THR C 951 13.64 -7.17 -87.84
N HIS C 952 13.77 -6.88 -86.55
CA HIS C 952 12.63 -6.83 -85.62
C HIS C 952 12.59 -5.47 -84.92
N PHE C 953 12.76 -4.41 -85.70
CA PHE C 953 12.68 -3.04 -85.21
C PHE C 953 11.39 -2.42 -85.75
N GLU C 954 10.39 -2.29 -84.89
CA GLU C 954 9.10 -1.72 -85.27
C GLU C 954 8.74 -0.59 -84.32
N VAL C 955 8.39 0.55 -84.90
CA VAL C 955 7.95 1.73 -84.15
C VAL C 955 6.56 2.08 -84.67
N VAL C 956 5.61 2.22 -83.74
CA VAL C 956 4.22 2.50 -84.09
C VAL C 956 3.75 3.71 -83.31
N GLU C 957 3.05 4.61 -83.99
CA GLU C 957 2.47 5.81 -83.37
C GLU C 957 0.95 5.64 -83.42
N SER C 958 0.38 5.07 -82.36
CA SER C 958 -1.03 4.74 -82.32
C SER C 958 -1.73 5.66 -81.32
N GLY C 959 -2.78 6.32 -81.78
CA GLY C 959 -3.47 7.26 -80.91
C GLY C 959 -2.51 8.33 -80.44
N ARG C 960 -2.35 8.44 -79.12
CA ARG C 960 -1.41 9.37 -78.51
C ARG C 960 -0.25 8.64 -77.84
N TYR C 961 0.08 7.45 -78.30
CA TYR C 961 1.10 6.62 -77.67
C TYR C 961 2.07 6.10 -78.72
N ILE C 962 3.28 5.79 -78.27
CA ILE C 962 4.34 5.26 -79.12
C ILE C 962 4.71 3.88 -78.60
N ILE C 963 4.71 2.89 -79.48
CA ILE C 963 5.01 1.51 -79.13
C ILE C 963 6.26 1.08 -79.88
N LEU C 964 7.21 0.49 -79.15
CA LEU C 964 8.43 -0.03 -79.73
C LEU C 964 8.46 -1.54 -79.59
N LEU C 965 9.06 -2.21 -80.56
CA LEU C 965 9.31 -3.65 -80.52
C LEU C 965 10.80 -3.89 -80.64
N LEU C 966 11.42 -4.32 -79.55
CA LEU C 966 12.86 -4.47 -79.48
C LEU C 966 13.31 -5.91 -79.62
N GLY C 967 12.42 -6.87 -79.44
CA GLY C 967 12.81 -8.28 -79.52
C GLY C 967 11.60 -9.17 -79.32
N LYS C 968 11.88 -10.47 -79.24
CA LYS C 968 10.81 -11.45 -79.12
C LYS C 968 9.92 -11.14 -77.92
N ALA C 969 10.51 -10.61 -76.85
CA ALA C 969 9.79 -10.38 -75.60
C ALA C 969 9.77 -8.92 -75.18
N LEU C 970 10.89 -8.22 -75.25
CA LEU C 970 10.97 -6.86 -74.75
C LEU C 970 10.08 -5.94 -75.56
N SER C 971 9.33 -5.08 -74.86
CA SER C 971 8.48 -4.10 -75.50
C SER C 971 8.39 -2.86 -74.61
N VAL C 972 8.20 -1.72 -75.25
CA VAL C 972 8.16 -0.43 -74.56
C VAL C 972 6.98 0.38 -75.06
N VAL C 973 6.28 1.03 -74.14
CA VAL C 973 5.15 1.90 -74.45
C VAL C 973 5.41 3.26 -73.81
N TRP C 974 5.21 4.32 -74.58
CA TRP C 974 5.51 5.69 -74.17
C TRP C 974 4.32 6.59 -74.42
N ASP C 975 4.01 7.42 -73.42
CA ASP C 975 2.94 8.41 -73.55
C ASP C 975 3.42 9.72 -74.12
N ARG C 976 4.70 9.83 -74.44
CA ARG C 976 5.37 11.00 -75.01
C ARG C 976 5.63 12.09 -73.98
N HIS C 977 5.06 12.03 -72.78
CA HIS C 977 5.25 13.11 -71.82
C HIS C 977 5.96 12.67 -70.54
N LEU C 978 5.36 11.76 -69.77
CA LEU C 978 5.92 11.44 -68.46
C LEU C 978 5.78 9.98 -68.02
N SER C 979 5.21 9.10 -68.83
CA SER C 979 4.95 7.74 -68.42
C SER C 979 5.58 6.76 -69.40
N ILE C 980 6.27 5.76 -68.84
CA ILE C 980 6.95 4.74 -69.63
C ILE C 980 6.60 3.38 -69.05
N SER C 981 6.27 2.43 -69.92
CA SER C 981 5.92 1.07 -69.51
C SER C 981 6.80 0.08 -70.25
N VAL C 982 7.26 -0.94 -69.53
CA VAL C 982 8.12 -1.98 -70.07
C VAL C 982 7.42 -3.31 -69.90
N VAL C 983 7.36 -4.09 -70.97
CA VAL C 983 6.67 -5.37 -70.98
C VAL C 983 7.65 -6.46 -71.38
N LEU C 984 7.75 -7.51 -70.56
CA LEU C 984 8.58 -8.67 -70.81
C LEU C 984 7.73 -9.92 -70.68
N LYS C 985 8.07 -10.96 -71.44
CA LYS C 985 7.36 -12.22 -71.36
C LYS C 985 8.12 -13.21 -70.46
N GLN C 986 7.61 -14.43 -70.40
CA GLN C 986 8.05 -15.40 -69.40
C GLN C 986 9.53 -15.74 -69.50
N THR C 987 10.15 -15.57 -70.66
CA THR C 987 11.53 -16.01 -70.83
C THR C 987 12.46 -15.29 -69.86
N TYR C 988 12.28 -13.98 -69.71
CA TYR C 988 13.12 -13.21 -68.79
C TYR C 988 12.64 -13.40 -67.35
N GLN C 989 12.83 -14.59 -66.81
CA GLN C 989 12.37 -14.91 -65.46
C GLN C 989 13.56 -14.89 -64.49
N GLU C 990 13.40 -14.17 -63.38
CA GLU C 990 14.49 -13.92 -62.43
C GLU C 990 15.82 -13.70 -63.14
N LYS C 991 15.81 -12.94 -64.24
CA LYS C 991 17.03 -12.62 -64.98
C LYS C 991 17.09 -11.12 -65.29
N VAL C 992 16.67 -10.29 -64.33
CA VAL C 992 16.66 -8.84 -64.51
C VAL C 992 17.06 -8.19 -63.19
N CYS C 993 17.39 -6.90 -63.27
CA CYS C 993 17.78 -6.12 -62.11
C CYS C 993 17.45 -4.66 -62.39
N GLY C 994 17.41 -3.87 -61.31
CA GLY C 994 17.21 -2.45 -61.39
C GLY C 994 16.04 -2.01 -60.54
N LEU C 995 15.49 -0.84 -60.87
CA LEU C 995 14.37 -0.30 -60.12
C LEU C 995 13.09 -1.11 -60.28
N CYS C 996 13.03 -1.98 -61.28
CA CYS C 996 11.84 -2.78 -61.54
C CYS C 996 11.89 -4.15 -60.89
N GLY C 997 12.80 -4.38 -59.94
CA GLY C 997 12.86 -5.62 -59.21
C GLY C 997 13.43 -6.75 -60.04
N ASN C 998 13.53 -7.92 -59.39
CA ASN C 998 14.10 -9.10 -60.01
C ASN C 998 13.09 -9.94 -60.75
N PHE C 999 11.80 -9.62 -60.67
CA PHE C 999 10.75 -10.34 -61.39
C PHE C 999 10.81 -11.83 -61.08
N ASP C 1000 10.64 -12.13 -59.79
CA ASP C 1000 10.67 -13.51 -59.31
C ASP C 1000 9.30 -14.01 -58.86
N GLY C 1001 8.28 -13.15 -58.88
CA GLY C 1001 6.97 -13.52 -58.39
C GLY C 1001 6.77 -13.27 -56.91
N ILE C 1002 7.79 -12.80 -56.20
CA ILE C 1002 7.71 -12.53 -54.77
C ILE C 1002 7.91 -11.05 -54.55
N GLN C 1003 6.99 -10.44 -53.80
CA GLN C 1003 7.04 -9.01 -53.56
C GLN C 1003 8.00 -8.63 -52.44
N ASN C 1004 8.22 -9.54 -51.48
CA ASN C 1004 9.01 -9.19 -50.31
C ASN C 1004 10.44 -8.83 -50.68
N ASN C 1005 11.05 -9.59 -51.57
CA ASN C 1005 12.47 -9.44 -51.88
C ASN C 1005 12.75 -8.44 -52.99
N ASP C 1006 11.72 -7.84 -53.59
CA ASP C 1006 11.94 -6.94 -54.71
C ASP C 1006 12.29 -5.53 -54.22
N LEU C 1007 13.24 -5.44 -53.28
CA LEU C 1007 13.77 -4.14 -52.89
C LEU C 1007 15.26 -4.21 -52.60
N THR C 1008 15.95 -5.19 -53.16
CA THR C 1008 17.37 -5.39 -52.88
C THR C 1008 18.21 -4.41 -53.66
N SER C 1009 19.18 -3.79 -52.98
CA SER C 1009 20.07 -2.84 -53.63
C SER C 1009 20.94 -3.55 -54.66
N SER C 1010 21.68 -2.76 -55.43
CA SER C 1010 22.60 -3.31 -56.42
C SER C 1010 23.77 -4.06 -55.80
N ASN C 1011 24.00 -3.89 -54.50
CA ASN C 1011 25.06 -4.60 -53.79
C ASN C 1011 24.54 -5.81 -53.03
N LEU C 1012 23.37 -6.31 -53.40
CA LEU C 1012 22.82 -7.54 -52.82
C LEU C 1012 22.56 -7.38 -51.32
N GLN C 1013 21.78 -6.37 -50.98
CA GLN C 1013 21.30 -6.16 -49.63
C GLN C 1013 19.83 -5.75 -49.68
N VAL C 1014 19.05 -6.28 -48.75
CA VAL C 1014 17.61 -6.00 -48.70
C VAL C 1014 17.40 -4.70 -47.94
N GLU C 1015 17.15 -3.61 -48.66
CA GLU C 1015 16.90 -2.33 -48.03
C GLU C 1015 15.49 -2.29 -47.45
N GLU C 1016 15.28 -1.35 -46.53
CA GLU C 1016 14.00 -1.21 -45.85
C GLU C 1016 13.20 0.01 -46.29
N ASP C 1017 13.85 1.04 -46.82
CA ASP C 1017 13.15 2.21 -47.33
C ASP C 1017 13.62 2.53 -48.74
N PRO C 1018 12.71 2.96 -49.62
CA PRO C 1018 13.10 3.19 -51.02
C PRO C 1018 14.16 4.24 -51.20
N VAL C 1019 14.21 5.26 -50.33
CA VAL C 1019 15.13 6.37 -50.55
C VAL C 1019 16.58 5.88 -50.58
N ASP C 1020 16.94 5.02 -49.63
CA ASP C 1020 18.29 4.46 -49.62
C ASP C 1020 18.45 3.33 -50.62
N PHE C 1021 17.36 2.73 -51.09
CA PHE C 1021 17.46 1.67 -52.09
C PHE C 1021 17.79 2.25 -53.47
N GLY C 1022 17.16 3.36 -53.83
CA GLY C 1022 17.35 3.92 -55.15
C GLY C 1022 18.75 4.44 -55.41
N ASN C 1023 19.42 4.98 -54.39
CA ASN C 1023 20.74 5.55 -54.60
C ASN C 1023 21.73 4.53 -55.13
N SER C 1024 21.54 3.25 -54.84
CA SER C 1024 22.46 2.23 -55.30
C SER C 1024 22.50 2.14 -56.82
N TRP C 1025 21.35 2.25 -57.48
CA TRP C 1025 21.28 2.11 -58.93
C TRP C 1025 21.62 3.40 -59.66
N LYS C 1026 21.94 4.46 -58.94
CA LYS C 1026 22.42 5.69 -59.57
C LYS C 1026 23.64 5.39 -60.43
N VAL C 1027 23.65 5.94 -61.65
CA VAL C 1027 24.73 5.64 -62.58
C VAL C 1027 26.00 6.39 -62.19
N SER C 1028 25.95 7.72 -62.20
CA SER C 1028 27.11 8.52 -61.82
C SER C 1028 27.28 8.53 -60.31
N SER C 1029 28.53 8.69 -59.87
CA SER C 1029 28.88 8.61 -58.46
C SER C 1029 29.10 9.98 -57.83
N GLN C 1030 28.73 11.05 -58.51
CA GLN C 1030 28.93 12.41 -58.02
C GLN C 1030 27.70 13.26 -58.27
N CYS C 1031 26.52 12.71 -58.00
CA CYS C 1031 25.26 13.33 -58.41
C CYS C 1031 24.33 13.61 -57.23
N ALA C 1032 24.89 13.87 -56.06
CA ALA C 1032 24.13 14.41 -54.92
C ALA C 1032 22.92 13.53 -54.59
N ASP C 1033 23.23 12.31 -54.15
CA ASP C 1033 22.20 11.38 -53.70
C ASP C 1033 21.17 12.08 -52.82
N THR C 1034 19.89 11.92 -53.17
CA THR C 1034 18.82 12.54 -52.39
C THR C 1034 18.81 11.98 -50.99
N ARG C 1035 18.57 12.85 -50.01
CA ARG C 1035 18.70 12.44 -48.61
C ARG C 1035 17.46 11.73 -48.11
N LYS C 1036 16.35 12.46 -47.97
CA LYS C 1036 15.07 11.87 -47.56
C LYS C 1036 14.00 12.94 -47.40
N VAL C 1037 12.73 12.53 -47.41
CA VAL C 1037 11.61 13.40 -47.06
C VAL C 1037 11.09 12.95 -45.70
N PRO C 1038 11.35 13.70 -44.63
CA PRO C 1038 10.94 13.22 -43.29
C PRO C 1038 9.48 13.47 -42.98
N LEU C 1039 8.86 14.44 -43.65
CA LEU C 1039 7.50 14.83 -43.32
C LEU C 1039 6.52 13.75 -43.79
N ASP C 1040 5.32 13.78 -43.21
CA ASP C 1040 4.28 12.82 -43.49
C ASP C 1040 3.55 13.23 -44.78
N SER C 1041 2.39 12.60 -45.04
CA SER C 1041 1.58 12.95 -46.20
C SER C 1041 1.26 14.43 -46.22
N SER C 1042 0.79 14.94 -47.35
CA SER C 1042 0.55 16.38 -47.48
C SER C 1042 1.86 17.12 -47.28
N PRO C 1043 2.78 17.06 -48.26
CA PRO C 1043 4.09 17.71 -48.09
C PRO C 1043 3.98 19.16 -47.67
N ALA C 1044 5.13 19.75 -47.29
CA ALA C 1044 5.15 21.10 -46.74
C ALA C 1044 4.25 22.07 -47.50
N THR C 1045 4.07 21.86 -48.80
CA THR C 1045 3.15 22.70 -49.56
C THR C 1045 1.74 22.61 -49.00
N CYS C 1046 1.29 21.41 -48.64
CA CYS C 1046 0.00 21.22 -48.00
C CYS C 1046 0.18 21.08 -46.49
N HIS C 1047 -0.95 20.99 -45.79
CA HIS C 1047 -1.03 20.92 -44.33
C HIS C 1047 -0.69 22.27 -43.70
N ASN C 1048 -0.31 23.24 -44.53
CA ASN C 1048 -0.11 24.61 -44.07
C ASN C 1048 -1.29 25.50 -44.38
N ASN C 1049 -2.23 25.04 -45.20
CA ASN C 1049 -3.46 25.75 -45.52
C ASN C 1049 -4.69 24.97 -45.05
N ILE C 1050 -4.78 23.70 -45.41
CA ILE C 1050 -5.99 22.91 -45.25
C ILE C 1050 -7.18 23.72 -45.77
N MET C 1051 -6.92 24.56 -46.77
CA MET C 1051 -7.94 25.13 -47.63
C MET C 1051 -7.72 24.75 -49.07
N LYS C 1052 -6.46 24.48 -49.46
CA LYS C 1052 -6.13 23.84 -50.72
C LYS C 1052 -6.12 22.32 -50.62
N GLN C 1053 -5.65 21.78 -49.50
CA GLN C 1053 -5.70 20.34 -49.29
C GLN C 1053 -7.11 19.80 -49.22
N THR C 1054 -8.09 20.62 -48.84
CA THR C 1054 -9.48 20.19 -48.76
C THR C 1054 -10.20 20.28 -50.10
N MET C 1055 -9.60 20.90 -51.11
CA MET C 1055 -10.13 20.83 -52.47
C MET C 1055 -9.47 19.74 -53.30
N VAL C 1056 -8.17 19.53 -53.16
CA VAL C 1056 -7.48 18.51 -53.94
C VAL C 1056 -8.00 17.11 -53.65
N ASP C 1057 -8.30 16.79 -52.39
CA ASP C 1057 -8.89 15.49 -52.09
C ASP C 1057 -10.24 15.35 -52.78
N SER C 1058 -11.10 16.36 -52.68
CA SER C 1058 -12.37 16.34 -53.38
C SER C 1058 -12.23 16.61 -54.86
N SER C 1059 -11.13 17.25 -55.28
CA SER C 1059 -10.92 17.50 -56.70
C SER C 1059 -10.80 16.19 -57.46
N CYS C 1060 -10.09 15.21 -56.91
CA CYS C 1060 -9.90 13.92 -57.55
C CYS C 1060 -10.35 12.80 -56.63
N ARG C 1061 -11.51 12.98 -56.00
CA ARG C 1061 -12.29 11.87 -55.49
C ARG C 1061 -13.18 11.27 -56.58
N ILE C 1062 -13.09 11.81 -57.80
CA ILE C 1062 -13.85 11.29 -58.94
C ILE C 1062 -13.43 9.88 -59.31
N LEU C 1063 -12.34 9.37 -58.74
CA LEU C 1063 -11.92 8.00 -59.03
C LEU C 1063 -12.91 6.96 -58.54
N THR C 1064 -13.94 7.37 -57.79
CA THR C 1064 -14.94 6.44 -57.26
C THR C 1064 -16.34 7.03 -57.36
N SER C 1065 -16.57 7.97 -58.29
CA SER C 1065 -17.82 8.73 -58.27
C SER C 1065 -18.96 7.96 -58.94
N ASP C 1066 -18.89 7.79 -60.26
CA ASP C 1066 -19.95 7.08 -60.98
C ASP C 1066 -19.46 6.13 -62.07
N VAL C 1067 -18.28 6.32 -62.65
CA VAL C 1067 -17.84 5.55 -63.80
C VAL C 1067 -16.81 4.51 -63.41
N PHE C 1068 -15.94 4.83 -62.45
CA PHE C 1068 -14.90 3.90 -62.03
C PHE C 1068 -15.41 2.89 -61.00
N GLN C 1069 -16.67 2.97 -60.61
CA GLN C 1069 -17.23 1.97 -59.71
C GLN C 1069 -17.07 0.56 -60.24
N ASP C 1070 -17.17 0.38 -61.57
CA ASP C 1070 -16.92 -0.94 -62.14
C ASP C 1070 -15.48 -1.37 -61.90
N CYS C 1071 -14.53 -0.46 -62.05
CA CYS C 1071 -13.13 -0.79 -61.78
C CYS C 1071 -12.91 -1.15 -60.32
N ASN C 1072 -13.58 -0.44 -59.41
CA ASN C 1072 -13.34 -0.64 -57.98
C ASN C 1072 -13.53 -2.09 -57.57
N LYS C 1073 -14.42 -2.83 -58.24
CA LYS C 1073 -14.61 -4.23 -57.90
C LYS C 1073 -13.40 -5.06 -58.30
N LEU C 1074 -12.74 -4.69 -59.39
CA LEU C 1074 -11.62 -5.47 -59.91
C LEU C 1074 -10.26 -4.91 -59.51
N VAL C 1075 -10.13 -3.59 -59.39
CA VAL C 1075 -8.89 -2.95 -58.98
C VAL C 1075 -9.22 -1.89 -57.93
N ASP C 1076 -8.50 -1.90 -56.83
CA ASP C 1076 -8.75 -0.95 -55.75
C ASP C 1076 -8.01 0.35 -56.01
N PRO C 1077 -8.72 1.49 -56.09
CA PRO C 1077 -8.03 2.75 -56.40
C PRO C 1077 -7.46 3.44 -55.17
N GLU C 1078 -6.78 2.71 -54.30
CA GLU C 1078 -6.13 3.33 -53.16
C GLU C 1078 -4.79 3.94 -53.56
N PRO C 1079 -3.90 3.16 -54.16
CA PRO C 1079 -2.59 3.74 -54.53
C PRO C 1079 -2.70 4.90 -55.48
N TYR C 1080 -3.66 4.86 -56.42
CA TYR C 1080 -3.81 5.95 -57.37
C TYR C 1080 -4.38 7.19 -56.70
N LEU C 1081 -5.28 7.02 -55.74
CA LEU C 1081 -5.72 8.17 -54.94
C LEU C 1081 -4.53 8.78 -54.20
N ASP C 1082 -3.70 7.94 -53.58
CA ASP C 1082 -2.54 8.46 -52.88
C ASP C 1082 -1.61 9.21 -53.82
N VAL C 1083 -1.42 8.69 -55.03
CA VAL C 1083 -0.60 9.40 -56.01
C VAL C 1083 -1.23 10.74 -56.35
N CYS C 1084 -2.56 10.76 -56.54
CA CYS C 1084 -3.21 12.02 -56.90
C CYS C 1084 -3.02 13.07 -55.82
N ILE C 1085 -3.16 12.68 -54.55
CA ILE C 1085 -2.90 13.64 -53.47
C ILE C 1085 -1.49 14.20 -53.61
N TYR C 1086 -0.51 13.33 -53.84
CA TYR C 1086 0.84 13.77 -54.15
C TYR C 1086 0.86 14.43 -55.52
N ASP C 1087 1.97 15.13 -55.80
CA ASP C 1087 2.24 15.80 -57.07
C ASP C 1087 1.07 16.66 -57.53
N THR C 1088 0.24 17.09 -56.59
CA THR C 1088 -0.76 18.12 -56.82
C THR C 1088 -0.68 19.21 -55.77
N CYS C 1089 -0.39 18.85 -54.51
CA CYS C 1089 -0.02 19.84 -53.52
C CYS C 1089 1.24 20.57 -53.94
N SER C 1090 2.21 19.83 -54.47
CA SER C 1090 3.50 20.36 -54.85
C SER C 1090 3.62 20.66 -56.34
N CYS C 1091 2.49 20.84 -57.02
CA CYS C 1091 2.47 21.14 -58.46
C CYS C 1091 1.47 22.27 -58.69
N GLU C 1092 1.98 23.50 -58.72
CA GLU C 1092 1.15 24.67 -58.96
C GLU C 1092 0.92 24.82 -60.46
N SER C 1093 -0.32 24.67 -60.89
CA SER C 1093 -0.67 24.70 -62.30
C SER C 1093 -1.16 26.10 -62.69
N ILE C 1094 -0.48 26.70 -63.67
CA ILE C 1094 -0.86 28.01 -64.17
C ILE C 1094 -0.90 27.97 -65.69
N GLY C 1095 -2.09 27.73 -66.26
CA GLY C 1095 -2.25 27.65 -67.68
C GLY C 1095 -1.97 26.29 -68.28
N ASP C 1096 -1.29 25.41 -67.56
CA ASP C 1096 -1.03 24.05 -68.00
C ASP C 1096 -1.62 23.12 -66.95
N CYS C 1097 -2.35 22.11 -67.40
CA CYS C 1097 -3.12 21.25 -66.51
C CYS C 1097 -2.76 19.77 -66.68
N ALA C 1098 -1.77 19.47 -67.51
CA ALA C 1098 -1.35 18.09 -67.71
C ALA C 1098 -0.75 17.47 -66.45
N CYS C 1099 -0.40 18.29 -65.46
CA CYS C 1099 0.14 17.77 -64.21
C CYS C 1099 -0.89 16.94 -63.45
N PHE C 1100 -2.16 17.01 -63.82
CA PHE C 1100 -3.24 16.35 -63.11
C PHE C 1100 -3.93 15.26 -63.91
N CYS C 1101 -4.30 15.54 -65.16
CA CYS C 1101 -5.07 14.57 -65.94
C CYS C 1101 -4.30 13.28 -66.17
N ASP C 1102 -2.97 13.32 -66.04
CA ASP C 1102 -2.15 12.15 -66.34
C ASP C 1102 -2.48 11.01 -65.39
N THR C 1103 -2.69 11.31 -64.10
CA THR C 1103 -3.00 10.24 -63.15
C THR C 1103 -4.31 9.55 -63.51
N ILE C 1104 -5.34 10.33 -63.84
CA ILE C 1104 -6.61 9.75 -64.23
C ILE C 1104 -6.46 8.94 -65.50
N ALA C 1105 -5.67 9.44 -66.45
CA ALA C 1105 -5.44 8.69 -67.67
C ALA C 1105 -4.75 7.36 -67.39
N ALA C 1106 -3.76 7.35 -66.49
CA ALA C 1106 -3.09 6.11 -66.15
C ALA C 1106 -4.04 5.13 -65.48
N TYR C 1107 -4.90 5.62 -64.58
CA TYR C 1107 -5.86 4.72 -63.95
C TYR C 1107 -6.83 4.16 -64.97
N ALA C 1108 -7.26 4.98 -65.93
CA ALA C 1108 -8.13 4.49 -66.99
C ALA C 1108 -7.42 3.45 -67.85
N HIS C 1109 -6.13 3.66 -68.11
CA HIS C 1109 -5.35 2.67 -68.84
C HIS C 1109 -5.32 1.34 -68.10
N VAL C 1110 -5.09 1.38 -66.79
CA VAL C 1110 -5.08 0.16 -66.01
C VAL C 1110 -6.45 -0.52 -66.06
N CYS C 1111 -7.52 0.27 -65.95
CA CYS C 1111 -8.87 -0.28 -66.07
C CYS C 1111 -9.05 -0.98 -67.41
N ALA C 1112 -8.70 -0.29 -68.49
CA ALA C 1112 -8.86 -0.85 -69.83
C ALA C 1112 -8.05 -2.11 -70.02
N GLN C 1113 -6.90 -2.23 -69.36
CA GLN C 1113 -6.11 -3.45 -69.46
C GLN C 1113 -6.88 -4.67 -68.96
N HIS C 1114 -7.93 -4.46 -68.16
CA HIS C 1114 -8.79 -5.54 -67.68
C HIS C 1114 -10.13 -5.58 -68.40
N GLY C 1115 -10.20 -5.03 -69.61
CA GLY C 1115 -11.43 -5.08 -70.38
C GLY C 1115 -12.58 -4.33 -69.73
N LYS C 1116 -12.31 -3.15 -69.18
CA LYS C 1116 -13.34 -2.32 -68.54
C LYS C 1116 -13.19 -0.88 -69.00
N VAL C 1117 -13.09 -0.68 -70.32
CA VAL C 1117 -12.90 0.65 -70.87
C VAL C 1117 -13.96 1.60 -70.31
N VAL C 1118 -13.54 2.84 -70.07
CA VAL C 1118 -14.42 3.88 -69.53
C VAL C 1118 -14.20 5.17 -70.31
N THR C 1119 -15.18 6.06 -70.20
CA THR C 1119 -15.10 7.40 -70.79
C THR C 1119 -15.33 8.42 -69.70
N TRP C 1120 -14.39 9.35 -69.54
CA TRP C 1120 -14.42 10.32 -68.44
C TRP C 1120 -14.14 11.75 -68.85
N ARG C 1121 -13.58 11.99 -70.03
CA ARG C 1121 -13.16 13.33 -70.44
C ARG C 1121 -14.38 14.10 -70.95
N THR C 1122 -14.67 15.21 -70.29
CA THR C 1122 -15.78 16.08 -70.67
C THR C 1122 -15.24 17.40 -71.20
N ALA C 1123 -16.15 18.31 -71.55
CA ALA C 1123 -15.76 19.63 -72.04
C ALA C 1123 -15.27 20.54 -70.91
N THR C 1124 -15.52 20.19 -69.66
CA THR C 1124 -15.10 20.99 -68.52
C THR C 1124 -14.21 20.19 -67.56
N LEU C 1125 -13.63 19.09 -68.02
CA LEU C 1125 -12.77 18.26 -67.18
C LEU C 1125 -11.73 17.61 -68.09
N CYS C 1126 -10.55 18.19 -68.16
CA CYS C 1126 -9.47 17.67 -68.98
C CYS C 1126 -9.95 17.49 -70.41
N PRO C 1127 -10.36 18.55 -71.10
CA PRO C 1127 -10.84 18.40 -72.47
C PRO C 1127 -9.69 18.15 -73.44
N GLN C 1128 -10.03 17.51 -74.56
CA GLN C 1128 -9.05 17.18 -75.58
C GLN C 1128 -9.67 17.36 -76.96
N SER C 1129 -8.81 17.56 -77.96
CA SER C 1129 -9.24 17.75 -79.33
C SER C 1129 -8.18 17.17 -80.27
N CYS C 1130 -8.64 16.66 -81.42
CA CYS C 1130 -7.73 16.13 -82.42
C CYS C 1130 -8.13 16.50 -83.85
N GLU C 1131 -9.09 17.40 -84.04
CA GLU C 1131 -9.51 17.79 -85.37
C GLU C 1131 -8.68 18.91 -85.97
N GLU C 1132 -7.67 19.40 -85.25
CA GLU C 1132 -6.80 20.43 -85.82
C GLU C 1132 -6.07 19.92 -87.04
N ARG C 1133 -5.56 18.69 -86.98
CA ARG C 1133 -4.89 18.05 -88.12
C ARG C 1133 -5.95 17.29 -88.91
N ASN C 1134 -6.74 18.04 -89.66
CA ASN C 1134 -7.87 17.50 -90.42
C ASN C 1134 -7.89 18.06 -91.83
N LEU C 1135 -6.72 18.19 -92.45
CA LEU C 1135 -6.59 18.61 -93.85
C LEU C 1135 -7.25 19.97 -94.06
N ARG C 1136 -6.65 20.98 -93.42
CA ARG C 1136 -7.17 22.34 -93.46
C ARG C 1136 -7.41 22.85 -94.87
N GLU C 1137 -6.86 22.20 -95.90
CA GLU C 1137 -7.14 22.62 -97.27
C GLU C 1137 -8.64 22.65 -97.53
N ASN C 1138 -9.34 21.60 -97.12
CA ASN C 1138 -10.80 21.56 -97.17
C ASN C 1138 -11.42 21.46 -95.78
N GLY C 1139 -10.96 20.51 -94.96
CA GLY C 1139 -11.42 20.40 -93.59
C GLY C 1139 -12.76 19.70 -93.45
N TYR C 1140 -13.63 19.85 -94.46
CA TYR C 1140 -14.97 19.28 -94.36
C TYR C 1140 -14.96 17.77 -94.23
N GLU C 1141 -13.98 17.09 -94.84
CA GLU C 1141 -13.86 15.64 -94.73
C GLU C 1141 -13.26 15.32 -93.37
N CYS C 1142 -14.11 14.86 -92.45
CA CYS C 1142 -13.68 14.52 -91.09
C CYS C 1142 -13.34 13.04 -91.04
N GLU C 1143 -12.09 12.72 -90.73
CA GLU C 1143 -11.62 11.35 -90.65
C GLU C 1143 -10.99 11.01 -89.30
N TRP C 1144 -10.97 11.95 -88.36
CA TRP C 1144 -10.38 11.73 -87.04
C TRP C 1144 -11.45 11.89 -85.98
N ARG C 1145 -11.53 10.92 -85.07
CA ARG C 1145 -12.49 10.98 -83.97
C ARG C 1145 -11.83 10.41 -82.72
N TYR C 1146 -12.15 11.02 -81.58
CA TYR C 1146 -11.61 10.60 -80.30
C TYR C 1146 -12.42 9.40 -79.81
N ASN C 1147 -11.79 8.23 -79.78
CA ASN C 1147 -12.49 6.99 -79.49
C ASN C 1147 -12.20 6.52 -78.07
N SER C 1148 -13.01 5.55 -77.61
CA SER C 1148 -12.85 5.03 -76.26
C SER C 1148 -11.42 4.57 -76.02
N CYS C 1149 -10.97 3.52 -76.72
CA CYS C 1149 -9.55 3.22 -76.69
C CYS C 1149 -8.98 2.75 -78.02
N ALA C 1150 -9.69 2.96 -79.14
CA ALA C 1150 -9.05 2.98 -80.45
C ALA C 1150 -8.03 1.86 -80.63
N PRO C 1151 -8.45 0.62 -80.87
CA PRO C 1151 -7.52 -0.51 -80.77
C PRO C 1151 -6.17 -0.21 -81.41
N ALA C 1152 -5.12 -0.69 -80.75
CA ALA C 1152 -3.77 -0.14 -80.90
C ALA C 1152 -3.25 -0.17 -82.32
N CYS C 1153 -3.03 -1.36 -82.88
CA CYS C 1153 -2.26 -1.53 -84.10
C CYS C 1153 -3.19 -1.92 -85.24
N GLN C 1154 -3.11 -1.17 -86.34
CA GLN C 1154 -3.91 -1.41 -87.53
C GLN C 1154 -3.00 -1.59 -88.74
N VAL C 1155 -3.39 -2.50 -89.62
CA VAL C 1155 -2.59 -2.81 -90.80
C VAL C 1155 -2.79 -1.72 -91.85
N THR C 1156 -1.69 -1.33 -92.49
CA THR C 1156 -1.70 -0.38 -93.59
C THR C 1156 -0.45 -0.66 -94.44
N CYS C 1157 -0.13 0.26 -95.35
CA CYS C 1157 1.20 0.20 -95.96
C CYS C 1157 2.27 0.84 -95.09
N GLN C 1158 2.40 0.32 -93.87
CA GLN C 1158 3.65 0.42 -93.13
C GLN C 1158 4.15 -0.95 -92.72
N HIS C 1159 3.23 -1.83 -92.34
CA HIS C 1159 3.53 -3.25 -92.14
C HIS C 1159 2.26 -4.04 -92.41
N PRO C 1160 2.06 -4.48 -93.66
CA PRO C 1160 0.80 -5.16 -93.99
C PRO C 1160 0.69 -6.54 -93.36
N GLU C 1161 0.73 -6.60 -92.04
CA GLU C 1161 0.60 -7.84 -91.31
C GLU C 1161 0.36 -7.53 -89.84
N PRO C 1162 -0.46 -8.31 -89.15
CA PRO C 1162 -0.66 -8.07 -87.71
C PRO C 1162 0.66 -8.18 -86.95
N LEU C 1163 0.76 -7.39 -85.89
CA LEU C 1163 1.95 -7.34 -85.05
C LEU C 1163 1.60 -7.82 -83.64
N ALA C 1164 2.59 -7.75 -82.76
CA ALA C 1164 2.43 -8.14 -81.36
C ALA C 1164 2.42 -6.86 -80.52
N CYS C 1165 1.24 -6.26 -80.38
CA CYS C 1165 1.07 -5.03 -79.62
C CYS C 1165 0.28 -5.36 -78.35
N PRO C 1166 0.95 -5.47 -77.17
CA PRO C 1166 0.27 -5.97 -75.97
C PRO C 1166 -0.50 -4.90 -75.19
N VAL C 1167 -1.19 -4.03 -75.93
CA VAL C 1167 -2.09 -3.06 -75.32
C VAL C 1167 -3.46 -3.15 -76.00
N GLN C 1168 -3.46 -2.99 -77.33
CA GLN C 1168 -4.64 -3.18 -78.18
C GLN C 1168 -5.84 -2.35 -77.74
N CYS C 1169 -5.66 -1.46 -76.77
CA CYS C 1169 -6.75 -0.62 -76.24
C CYS C 1169 -6.19 0.77 -75.94
N VAL C 1170 -5.47 1.35 -76.89
CA VAL C 1170 -4.77 2.62 -76.69
C VAL C 1170 -5.75 3.77 -76.89
N GLU C 1171 -5.92 4.60 -75.87
CA GLU C 1171 -6.86 5.71 -75.93
C GLU C 1171 -6.30 6.84 -76.78
N GLY C 1172 -7.19 7.54 -77.47
CA GLY C 1172 -6.81 8.73 -78.20
C GLY C 1172 -7.74 8.99 -79.37
N CYS C 1173 -7.24 9.81 -80.29
CA CYS C 1173 -7.95 10.10 -81.53
C CYS C 1173 -7.46 9.17 -82.63
N HIS C 1174 -8.40 8.67 -83.42
CA HIS C 1174 -8.16 7.56 -84.34
C HIS C 1174 -8.87 7.86 -85.65
N ALA C 1175 -8.35 7.25 -86.72
CA ALA C 1175 -8.90 7.39 -88.06
C ALA C 1175 -9.68 6.13 -88.43
N HIS C 1176 -10.95 6.31 -88.78
CA HIS C 1176 -11.86 5.19 -88.97
C HIS C 1176 -12.38 5.15 -90.39
N CYS C 1177 -11.49 5.29 -91.37
CA CYS C 1177 -11.90 5.31 -92.76
C CYS C 1177 -12.53 3.97 -93.13
N PRO C 1178 -13.34 3.94 -94.19
CA PRO C 1178 -14.04 2.70 -94.57
C PRO C 1178 -13.05 1.57 -94.83
N PRO C 1179 -13.54 0.35 -95.03
CA PRO C 1179 -12.62 -0.78 -95.25
C PRO C 1179 -11.62 -0.54 -96.37
N GLY C 1180 -12.05 0.08 -97.47
CA GLY C 1180 -11.14 0.47 -98.51
C GLY C 1180 -10.51 1.82 -98.24
N LYS C 1181 -9.49 2.14 -99.03
CA LYS C 1181 -8.78 3.42 -98.91
C LYS C 1181 -8.20 3.58 -97.51
N ILE C 1182 -7.26 2.67 -97.20
CA ILE C 1182 -6.65 2.62 -95.88
C ILE C 1182 -5.78 3.85 -95.64
N LEU C 1183 -5.38 4.06 -94.40
CA LEU C 1183 -4.59 5.23 -94.03
C LEU C 1183 -3.19 5.14 -94.62
N ASP C 1184 -2.58 6.31 -94.82
CA ASP C 1184 -1.23 6.42 -95.34
C ASP C 1184 -0.24 6.55 -94.18
N GLU C 1185 1.02 6.82 -94.50
CA GLU C 1185 2.09 6.89 -93.51
C GLU C 1185 2.50 8.32 -93.18
N LEU C 1186 2.88 9.11 -94.19
CA LEU C 1186 3.47 10.42 -93.96
C LEU C 1186 2.44 11.55 -93.94
N LEU C 1187 1.54 11.59 -94.91
CA LEU C 1187 0.54 12.66 -94.97
C LEU C 1187 -0.69 12.38 -94.13
N GLN C 1188 -0.78 11.21 -93.51
CA GLN C 1188 -1.89 10.87 -92.63
C GLN C 1188 -3.23 11.09 -93.32
N THR C 1189 -3.30 10.67 -94.59
CA THR C 1189 -4.51 10.81 -95.38
C THR C 1189 -4.87 9.45 -95.96
N CYS C 1190 -6.14 9.08 -95.83
CA CYS C 1190 -6.60 7.79 -96.32
C CYS C 1190 -6.51 7.75 -97.84
N VAL C 1191 -5.73 6.79 -98.35
CA VAL C 1191 -5.50 6.65 -99.79
C VAL C 1191 -5.59 5.18 -100.17
N ASP C 1192 -5.76 4.94 -101.47
CA ASP C 1192 -5.85 3.58 -101.96
C ASP C 1192 -4.48 2.90 -101.84
N PRO C 1193 -4.46 1.55 -101.67
CA PRO C 1193 -3.21 0.89 -101.26
C PRO C 1193 -2.02 1.01 -102.21
N GLU C 1194 -2.17 1.70 -103.34
CA GLU C 1194 -1.07 1.74 -104.31
C GLU C 1194 0.15 2.47 -103.78
N ASP C 1195 -0.05 3.43 -102.88
CA ASP C 1195 1.03 4.33 -102.48
C ASP C 1195 1.98 3.70 -101.47
N CYS C 1196 2.68 2.64 -101.86
CA CYS C 1196 3.62 1.99 -100.96
C CYS C 1196 4.55 1.02 -101.70
N PRO C 1197 5.59 0.50 -101.03
CA PRO C 1197 6.85 0.21 -101.73
C PRO C 1197 6.70 -0.77 -102.88
N VAL C 1198 7.52 -0.56 -103.92
CA VAL C 1198 7.66 -1.53 -105.00
C VAL C 1198 8.27 -2.82 -104.47
N CYS C 1199 9.28 -2.71 -103.61
CA CYS C 1199 9.95 -3.88 -103.05
C CYS C 1199 10.46 -3.54 -101.65
N GLU C 1200 10.73 -4.58 -100.87
CA GLU C 1200 11.19 -4.44 -99.50
C GLU C 1200 12.70 -4.62 -99.36
N VAL C 1201 13.44 -4.61 -100.47
CA VAL C 1201 14.88 -4.82 -100.41
C VAL C 1201 15.51 -3.70 -99.61
N ALA C 1202 16.43 -4.06 -98.72
CA ALA C 1202 17.17 -3.14 -97.86
C ALA C 1202 16.30 -2.48 -96.80
N GLY C 1203 15.02 -2.86 -96.70
CA GLY C 1203 14.15 -2.32 -95.69
C GLY C 1203 14.01 -0.81 -95.76
N ARG C 1204 13.82 -0.29 -96.97
CA ARG C 1204 13.70 1.14 -97.20
C ARG C 1204 12.27 1.49 -97.59
N ARG C 1205 11.91 2.76 -97.36
CA ARG C 1205 10.54 3.19 -97.62
C ARG C 1205 10.15 2.97 -99.09
N PHE C 1206 10.99 3.44 -100.01
CA PHE C 1206 10.76 3.26 -101.44
C PHE C 1206 9.36 3.74 -101.83
N ALA C 1207 8.90 4.82 -101.20
CA ALA C 1207 7.58 5.37 -101.46
C ALA C 1207 6.50 4.30 -101.28
N SER D 31 -41.68 23.78 -48.34
CA SER D 31 -41.48 22.67 -47.42
C SER D 31 -40.21 22.88 -46.60
N THR D 32 -40.39 23.30 -45.35
CA THR D 32 -39.26 23.55 -44.46
C THR D 32 -39.61 23.07 -43.06
N ALA D 33 -38.75 22.22 -42.50
CA ALA D 33 -38.94 21.74 -41.15
C ALA D 33 -38.43 22.77 -40.14
N ARG D 34 -38.55 22.44 -38.86
CA ARG D 34 -38.06 23.34 -37.81
C ARG D 34 -37.96 22.61 -36.48
N CYS D 35 -36.77 22.59 -35.88
CA CYS D 35 -36.58 22.06 -34.55
C CYS D 35 -35.93 23.13 -33.70
N SER D 36 -36.31 23.17 -32.42
CA SER D 36 -35.97 24.27 -31.54
C SER D 36 -35.61 23.79 -30.14
N LEU D 37 -34.54 24.34 -29.60
CA LEU D 37 -34.16 24.16 -28.20
C LEU D 37 -34.67 25.38 -27.46
N PHE D 38 -35.69 25.19 -26.62
CA PHE D 38 -36.42 26.28 -26.01
C PHE D 38 -36.44 26.15 -24.50
N GLY D 39 -36.80 27.24 -23.83
CA GLY D 39 -36.91 27.21 -22.38
C GLY D 39 -35.60 26.79 -21.75
N SER D 40 -35.70 25.96 -20.72
CA SER D 40 -34.55 25.41 -20.03
C SER D 40 -34.64 23.88 -20.09
N ASP D 41 -33.72 23.26 -20.82
CA ASP D 41 -33.63 21.80 -20.90
C ASP D 41 -34.85 21.22 -21.62
N PHE D 42 -35.32 21.89 -22.66
CA PHE D 42 -36.48 21.43 -23.43
C PHE D 42 -36.17 21.47 -24.91
N VAL D 43 -36.46 20.37 -25.59
CA VAL D 43 -36.12 20.16 -27.00
C VAL D 43 -37.38 19.82 -27.75
N ASN D 44 -37.57 20.44 -28.92
CA ASN D 44 -38.69 20.16 -29.80
C ASN D 44 -38.14 19.76 -31.17
N THR D 45 -38.50 18.56 -31.62
CA THR D 45 -37.97 18.00 -32.84
C THR D 45 -38.79 18.48 -34.05
N PHE D 46 -38.40 18.00 -35.23
CA PHE D 46 -39.08 18.41 -36.45
C PHE D 46 -40.52 17.94 -36.46
N ASP D 47 -40.77 16.71 -36.00
CA ASP D 47 -42.11 16.15 -36.01
C ASP D 47 -42.96 16.59 -34.83
N GLY D 48 -42.38 17.30 -33.87
CA GLY D 48 -43.09 17.81 -32.71
C GLY D 48 -42.97 16.95 -31.48
N SER D 49 -42.59 15.68 -31.64
CA SER D 49 -42.42 14.80 -30.48
C SER D 49 -41.28 15.33 -29.63
N MET D 50 -41.60 15.93 -28.49
CA MET D 50 -40.63 16.63 -27.66
C MET D 50 -40.33 15.84 -26.39
N TYR D 51 -39.37 16.36 -25.63
CA TYR D 51 -38.97 15.75 -24.37
C TYR D 51 -38.10 16.76 -23.63
N SER D 52 -37.51 16.33 -22.52
CA SER D 52 -36.60 17.15 -21.74
C SER D 52 -35.26 16.44 -21.64
N PHE D 53 -34.18 17.22 -21.57
CA PHE D 53 -32.84 16.66 -21.52
C PHE D 53 -31.84 17.75 -21.19
N ALA D 54 -30.76 17.38 -20.50
CA ALA D 54 -29.68 18.28 -20.16
C ALA D 54 -28.37 17.50 -20.18
N GLY D 55 -27.40 17.98 -20.96
CA GLY D 55 -26.12 17.32 -21.03
C GLY D 55 -24.95 18.28 -21.11
N TYR D 56 -23.77 17.78 -21.49
CA TYR D 56 -22.55 18.58 -21.38
C TYR D 56 -21.58 18.41 -22.54
N CYS D 57 -21.92 17.66 -23.59
CA CYS D 57 -20.90 17.22 -24.54
C CYS D 57 -21.29 17.57 -25.97
N SER D 58 -21.73 18.82 -26.19
CA SER D 58 -21.83 19.40 -27.52
C SER D 58 -22.48 18.43 -28.51
N TYR D 59 -23.74 18.12 -28.22
CA TYR D 59 -24.44 17.08 -28.95
C TYR D 59 -24.80 17.52 -30.37
N LEU D 60 -24.67 16.61 -31.31
CA LEU D 60 -25.04 16.90 -32.69
C LEU D 60 -26.53 17.19 -32.77
N LEU D 61 -26.90 18.10 -33.67
CA LEU D 61 -28.30 18.48 -33.86
C LEU D 61 -28.78 18.19 -35.29
N ALA D 62 -27.99 18.56 -36.29
CA ALA D 62 -28.38 18.34 -37.68
C ALA D 62 -27.16 18.01 -38.52
N GLY D 63 -27.39 17.16 -39.51
CA GLY D 63 -26.33 16.67 -40.38
C GLY D 63 -26.46 15.17 -40.62
N GLY D 64 -26.57 14.77 -41.89
CA GLY D 64 -26.76 13.36 -42.19
C GLY D 64 -25.56 12.53 -41.79
N CYS D 65 -25.85 11.29 -41.37
CA CYS D 65 -24.81 10.38 -40.90
C CYS D 65 -24.40 9.36 -41.96
N GLN D 66 -24.56 9.69 -43.23
CA GLN D 66 -24.03 8.88 -44.32
C GLN D 66 -23.12 9.67 -45.25
N LYS D 67 -23.46 10.93 -45.52
CA LYS D 67 -22.57 11.86 -46.23
C LYS D 67 -22.74 13.20 -45.52
N ARG D 68 -21.91 13.43 -44.50
CA ARG D 68 -22.15 14.55 -43.59
C ARG D 68 -22.19 15.87 -44.33
N SER D 69 -21.03 16.30 -44.87
CA SER D 69 -20.91 17.51 -45.68
C SER D 69 -21.17 18.79 -44.89
N PHE D 70 -21.65 18.67 -43.66
CA PHE D 70 -21.73 19.78 -42.71
C PHE D 70 -22.39 19.25 -41.44
N SER D 71 -22.29 20.02 -40.37
CA SER D 71 -22.86 19.62 -39.09
C SER D 71 -23.25 20.86 -38.30
N ILE D 72 -24.27 20.73 -37.47
CA ILE D 72 -24.64 21.76 -36.51
C ILE D 72 -24.60 21.17 -35.12
N ILE D 73 -23.95 21.88 -34.19
CA ILE D 73 -23.71 21.38 -32.84
C ILE D 73 -24.11 22.45 -31.84
N GLY D 74 -24.74 22.02 -30.75
CA GLY D 74 -25.09 22.91 -29.67
C GLY D 74 -24.35 22.55 -28.40
N ASP D 75 -23.51 23.45 -27.92
CA ASP D 75 -22.67 23.16 -26.77
C ASP D 75 -23.45 23.35 -25.47
N PHE D 76 -22.87 22.87 -24.38
CA PHE D 76 -23.48 22.98 -23.06
C PHE D 76 -22.38 23.20 -22.02
N GLN D 77 -22.58 24.19 -21.16
CA GLN D 77 -21.69 24.44 -20.03
C GLN D 77 -22.54 24.58 -18.78
N ASN D 78 -22.21 23.80 -17.75
CA ASN D 78 -22.95 23.73 -16.50
C ASN D 78 -24.39 23.27 -16.70
N GLY D 79 -24.74 22.81 -17.90
CA GLY D 79 -26.02 22.20 -18.16
C GLY D 79 -27.05 23.10 -18.81
N LYS D 80 -26.88 24.42 -18.73
CA LYS D 80 -27.94 25.30 -19.22
C LYS D 80 -27.87 25.52 -20.73
N ARG D 81 -26.88 26.28 -21.19
CA ARG D 81 -26.66 26.51 -22.62
C ARG D 81 -25.46 27.41 -22.85
N VAL D 82 -24.65 27.13 -23.87
CA VAL D 82 -23.65 28.09 -24.36
C VAL D 82 -23.38 27.79 -25.83
N SER D 83 -23.57 28.81 -26.67
CA SER D 83 -23.02 28.79 -28.03
C SER D 83 -23.68 27.78 -28.95
N LEU D 84 -23.77 28.14 -30.23
CA LEU D 84 -24.17 27.25 -31.30
C LEU D 84 -23.12 27.32 -32.39
N SER D 85 -22.64 26.17 -32.85
CA SER D 85 -21.55 26.13 -33.81
C SER D 85 -21.93 25.29 -35.02
N VAL D 86 -21.25 25.54 -36.13
CA VAL D 86 -21.45 24.78 -37.35
C VAL D 86 -20.11 24.20 -37.77
N TYR D 87 -20.11 23.33 -38.77
CA TYR D 87 -18.88 22.74 -39.26
C TYR D 87 -19.08 22.38 -40.73
N LEU D 88 -18.34 23.06 -41.61
CA LEU D 88 -18.32 22.72 -43.02
C LEU D 88 -17.08 21.89 -43.31
N GLY D 89 -17.27 20.66 -43.75
CA GLY D 89 -16.13 19.79 -43.97
C GLY D 89 -15.36 19.63 -42.67
N GLU D 90 -14.07 19.99 -42.71
CA GLU D 90 -13.22 19.92 -41.52
C GLU D 90 -12.28 21.11 -41.43
N PHE D 91 -12.70 22.28 -41.94
CA PHE D 91 -11.79 23.40 -42.06
C PHE D 91 -12.38 24.71 -41.55
N PHE D 92 -13.70 24.80 -41.40
CA PHE D 92 -14.37 26.05 -41.10
C PHE D 92 -15.37 25.80 -39.99
N ASP D 93 -15.30 26.59 -38.91
CA ASP D 93 -16.00 26.26 -37.67
C ASP D 93 -17.11 27.24 -37.30
N ILE D 94 -16.78 28.52 -37.10
CA ILE D 94 -17.72 29.47 -36.52
C ILE D 94 -18.23 28.98 -35.17
N HIS D 95 -18.20 29.86 -34.17
CA HIS D 95 -18.88 29.64 -32.89
C HIS D 95 -19.68 30.89 -32.58
N LEU D 96 -21.01 30.75 -32.50
CA LEU D 96 -21.87 31.93 -32.45
C LEU D 96 -21.93 32.53 -31.05
N PHE D 97 -22.03 31.70 -30.02
CA PHE D 97 -22.16 32.19 -28.65
C PHE D 97 -23.46 32.99 -28.49
N VAL D 98 -24.09 32.88 -27.32
CA VAL D 98 -25.34 33.58 -27.04
C VAL D 98 -25.11 34.91 -26.33
N ASN D 99 -23.88 35.19 -25.91
CA ASN D 99 -23.57 36.39 -25.16
C ASN D 99 -23.09 37.53 -26.05
N GLY D 100 -23.04 37.33 -27.37
CA GLY D 100 -22.66 38.35 -28.32
C GLY D 100 -21.38 38.04 -29.08
N THR D 101 -20.39 37.45 -28.41
CA THR D 101 -19.11 37.19 -29.04
C THR D 101 -19.28 36.24 -30.22
N VAL D 102 -18.47 36.44 -31.27
CA VAL D 102 -18.42 35.57 -32.43
C VAL D 102 -16.97 35.27 -32.73
N THR D 103 -16.67 34.00 -32.97
CA THR D 103 -15.29 33.56 -33.15
C THR D 103 -15.13 32.82 -34.48
N GLN D 104 -13.93 32.28 -34.69
CA GLN D 104 -13.58 31.52 -35.87
C GLN D 104 -12.98 30.16 -35.54
N GLY D 105 -12.65 29.90 -34.28
CA GLY D 105 -11.96 28.70 -33.87
C GLY D 105 -10.75 29.07 -33.05
N ASP D 106 -10.06 30.14 -33.46
CA ASP D 106 -9.02 30.74 -32.66
C ASP D 106 -9.02 32.26 -32.74
N GLN D 107 -9.96 32.86 -33.46
CA GLN D 107 -9.97 34.30 -33.69
C GLN D 107 -11.31 34.88 -33.22
N ARG D 108 -11.45 36.19 -33.42
CA ARG D 108 -12.67 36.91 -33.12
C ARG D 108 -12.94 37.89 -34.26
N VAL D 109 -14.18 37.96 -34.71
CA VAL D 109 -14.53 38.75 -35.89
C VAL D 109 -15.70 39.67 -35.56
N SER D 110 -15.93 40.62 -36.45
CA SER D 110 -17.08 41.51 -36.32
C SER D 110 -18.37 40.73 -36.54
N MET D 111 -19.47 41.29 -36.02
CA MET D 111 -20.73 40.55 -36.02
C MET D 111 -21.19 40.22 -37.43
N PRO D 112 -21.25 41.17 -38.38
CA PRO D 112 -21.77 40.83 -39.71
C PRO D 112 -21.00 39.69 -40.39
N TYR D 113 -19.71 39.91 -40.63
CA TYR D 113 -18.79 38.86 -41.09
C TYR D 113 -19.39 38.00 -42.19
N ALA D 114 -19.66 38.63 -43.32
CA ALA D 114 -19.98 37.89 -44.53
C ALA D 114 -18.77 37.07 -44.94
N SER D 115 -19.00 35.84 -45.37
CA SER D 115 -17.89 34.91 -45.61
C SER D 115 -18.27 33.96 -46.74
N LYS D 116 -17.52 32.86 -46.85
CA LYS D 116 -17.70 31.86 -47.90
C LYS D 116 -19.04 31.16 -47.65
N GLY D 117 -20.11 31.83 -48.07
CA GLY D 117 -21.42 31.41 -47.64
C GLY D 117 -21.53 31.65 -46.14
N LEU D 118 -22.52 30.99 -45.54
CA LEU D 118 -22.71 31.06 -44.09
C LEU D 118 -22.70 32.51 -43.61
N TYR D 119 -23.69 33.27 -44.09
CA TYR D 119 -23.79 34.69 -43.77
C TYR D 119 -24.28 34.83 -42.34
N LEU D 120 -23.47 35.51 -41.52
CA LEU D 120 -23.93 35.97 -40.21
C LEU D 120 -24.58 37.33 -40.37
N GLU D 121 -25.75 37.52 -39.76
CA GLU D 121 -26.49 38.76 -39.93
C GLU D 121 -27.26 39.11 -38.67
N THR D 122 -27.53 40.41 -38.52
CA THR D 122 -28.51 40.87 -37.57
C THR D 122 -29.90 40.75 -38.18
N GLU D 123 -30.91 40.82 -37.31
CA GLU D 123 -32.30 40.62 -37.72
C GLU D 123 -33.14 41.61 -36.93
N ALA D 124 -34.43 41.33 -36.82
CA ALA D 124 -35.36 42.21 -36.10
C ALA D 124 -34.99 42.32 -34.62
N GLY D 125 -33.88 41.73 -34.21
CA GLY D 125 -33.43 41.81 -32.83
C GLY D 125 -32.72 40.55 -32.38
N TYR D 126 -32.72 39.52 -33.23
CA TYR D 126 -32.07 38.26 -32.94
C TYR D 126 -30.79 38.14 -33.77
N TYR D 127 -30.10 37.00 -33.65
CA TYR D 127 -28.88 36.71 -34.38
C TYR D 127 -29.21 35.62 -35.40
N LYS D 128 -28.87 35.85 -36.67
CA LYS D 128 -29.12 34.87 -37.71
C LYS D 128 -27.82 34.38 -38.32
N LEU D 129 -27.78 33.08 -38.61
CA LEU D 129 -26.66 32.45 -39.32
C LEU D 129 -27.31 31.63 -40.43
N SER D 130 -27.28 32.15 -41.65
CA SER D 130 -28.02 31.58 -42.76
C SER D 130 -27.07 31.10 -43.84
N GLY D 131 -27.20 29.84 -44.24
CA GLY D 131 -26.45 29.36 -45.38
C GLY D 131 -27.40 28.83 -46.44
N GLU D 132 -27.52 29.55 -47.56
CA GLU D 132 -28.49 29.19 -48.57
C GLU D 132 -27.93 28.25 -49.63
N ALA D 133 -26.62 28.31 -49.89
CA ALA D 133 -26.04 27.38 -50.84
C ALA D 133 -26.30 25.93 -50.43
N TYR D 134 -25.96 25.59 -49.19
CA TYR D 134 -26.33 24.28 -48.66
C TYR D 134 -27.81 24.24 -48.32
N GLY D 135 -28.31 25.30 -47.70
CA GLY D 135 -29.73 25.43 -47.40
C GLY D 135 -30.02 25.11 -45.96
N PHE D 136 -30.08 26.15 -45.12
CA PHE D 136 -30.49 26.04 -43.73
C PHE D 136 -30.37 27.42 -43.11
N VAL D 137 -31.08 27.60 -42.00
CA VAL D 137 -31.02 28.85 -41.23
C VAL D 137 -30.98 28.49 -39.76
N ALA D 138 -30.19 29.24 -38.99
CA ALA D 138 -30.14 29.10 -37.54
C ALA D 138 -30.40 30.45 -36.92
N ARG D 139 -31.30 30.51 -35.94
CA ARG D 139 -31.66 31.77 -35.31
C ARG D 139 -31.60 31.62 -33.81
N ILE D 140 -31.02 32.63 -33.17
CA ILE D 140 -30.92 32.71 -31.71
C ILE D 140 -31.52 34.02 -31.26
N ASP D 141 -32.54 33.96 -30.40
CA ASP D 141 -33.18 35.15 -29.88
C ASP D 141 -32.54 35.56 -28.56
N GLY D 142 -33.08 36.62 -27.96
CA GLY D 142 -32.51 37.14 -26.73
C GLY D 142 -32.55 36.13 -25.60
N SER D 143 -33.68 35.44 -25.44
CA SER D 143 -33.81 34.47 -24.36
C SER D 143 -32.83 33.31 -24.51
N GLY D 144 -32.40 33.04 -25.73
CA GLY D 144 -31.47 31.95 -25.98
C GLY D 144 -32.16 30.68 -26.43
N ASN D 145 -33.23 30.84 -27.20
CA ASN D 145 -34.00 29.70 -27.71
C ASN D 145 -33.51 29.40 -29.13
N PHE D 146 -32.61 28.43 -29.25
CA PHE D 146 -32.07 28.08 -30.55
C PHE D 146 -33.19 27.54 -31.44
N GLN D 147 -33.15 27.90 -32.72
CA GLN D 147 -34.05 27.23 -33.65
C GLN D 147 -33.37 27.11 -35.00
N VAL D 148 -33.75 26.07 -35.75
CA VAL D 148 -33.16 25.81 -37.04
C VAL D 148 -34.26 25.57 -38.06
N LEU D 149 -33.93 25.81 -39.32
CA LEU D 149 -34.82 25.56 -40.45
C LEU D 149 -34.01 24.84 -41.52
N LEU D 150 -34.45 23.64 -41.89
CA LEU D 150 -33.80 22.81 -42.89
C LEU D 150 -34.51 23.00 -44.24
N SER D 151 -34.13 22.16 -45.22
CA SER D 151 -34.72 22.19 -46.54
C SER D 151 -35.31 20.81 -46.86
N ASP D 152 -36.22 20.79 -47.83
CA ASP D 152 -36.92 19.56 -48.15
C ASP D 152 -35.98 18.47 -48.64
N ARG D 153 -34.97 18.84 -49.44
CA ARG D 153 -34.11 17.84 -50.06
C ARG D 153 -33.40 16.95 -49.04
N TYR D 154 -33.47 17.27 -47.76
CA TYR D 154 -32.93 16.42 -46.71
C TYR D 154 -34.00 15.53 -46.08
N PHE D 155 -35.09 15.29 -46.80
CA PHE D 155 -36.15 14.43 -46.29
C PHE D 155 -35.62 13.02 -46.04
N ASN D 156 -36.00 12.46 -44.90
CA ASN D 156 -35.64 11.09 -44.53
C ASN D 156 -34.13 10.91 -44.44
N LYS D 157 -33.39 11.99 -44.21
CA LYS D 157 -31.92 11.89 -44.19
C LYS D 157 -31.28 12.62 -43.02
N THR D 158 -31.98 13.51 -42.32
CA THR D 158 -31.41 14.09 -41.12
C THR D 158 -31.23 13.01 -40.06
N CYS D 159 -30.20 13.17 -39.24
CA CYS D 159 -29.75 12.08 -38.38
C CYS D 159 -29.37 12.56 -36.98
N GLY D 160 -29.53 13.86 -36.72
CA GLY D 160 -29.06 14.45 -35.48
C GLY D 160 -30.01 14.30 -34.31
N LEU D 161 -29.76 15.10 -33.27
CA LEU D 161 -30.58 15.03 -32.06
C LEU D 161 -32.02 15.44 -32.35
N CYS D 162 -32.24 16.28 -33.35
CA CYS D 162 -33.59 16.71 -33.68
C CYS D 162 -34.40 15.61 -34.38
N GLY D 163 -33.89 14.38 -34.43
CA GLY D 163 -34.65 13.26 -34.95
C GLY D 163 -34.74 13.25 -36.46
N ASN D 164 -34.82 12.06 -37.03
CA ASN D 164 -34.97 11.94 -38.47
C ASN D 164 -36.23 12.67 -38.92
N PHE D 165 -36.10 13.39 -40.03
CA PHE D 165 -37.15 14.27 -40.53
C PHE D 165 -38.03 13.46 -41.49
N ASN D 166 -39.07 12.84 -40.93
CA ASN D 166 -40.09 12.14 -41.70
C ASN D 166 -41.44 12.46 -41.06
N ILE D 167 -42.52 12.08 -41.77
CA ILE D 167 -43.86 12.35 -41.25
C ILE D 167 -44.08 11.64 -39.92
N PHE D 168 -43.63 10.39 -39.82
CA PHE D 168 -43.86 9.60 -38.62
C PHE D 168 -43.19 10.27 -37.43
N ALA D 169 -43.99 10.55 -36.39
CA ALA D 169 -43.51 11.22 -35.19
C ALA D 169 -43.30 10.26 -34.03
N GLU D 170 -43.38 8.95 -34.27
CA GLU D 170 -43.26 7.96 -33.21
C GLU D 170 -41.94 7.21 -33.23
N ASP D 171 -41.17 7.33 -34.31
CA ASP D 171 -39.88 6.65 -34.44
C ASP D 171 -38.75 7.67 -34.49
N ASP D 172 -38.82 8.68 -33.63
CA ASP D 172 -37.85 9.77 -33.61
C ASP D 172 -36.90 9.65 -32.42
N PHE D 173 -36.54 8.43 -32.07
CA PHE D 173 -35.56 8.15 -31.02
C PHE D 173 -34.52 7.17 -31.54
N MET D 174 -34.11 7.34 -32.79
CA MET D 174 -33.14 6.45 -33.42
C MET D 174 -31.74 6.73 -32.87
N THR D 175 -31.19 5.75 -32.15
CA THR D 175 -29.85 5.90 -31.60
C THR D 175 -28.82 5.86 -32.72
N GLN D 176 -27.58 6.23 -32.38
CA GLN D 176 -26.53 6.29 -33.39
C GLN D 176 -26.24 4.93 -34.01
N GLU D 177 -26.51 3.85 -33.29
CA GLU D 177 -26.18 2.51 -33.76
C GLU D 177 -27.29 1.87 -34.59
N GLY D 178 -28.44 2.52 -34.72
CA GLY D 178 -29.55 2.00 -35.49
C GLY D 178 -30.64 1.36 -34.68
N THR D 179 -30.46 1.21 -33.37
CA THR D 179 -31.49 0.65 -32.51
C THR D 179 -32.44 1.74 -32.05
N LEU D 180 -33.71 1.37 -31.90
CA LEU D 180 -34.75 2.29 -31.43
C LEU D 180 -35.01 2.04 -29.96
N THR D 181 -34.88 3.08 -29.14
CA THR D 181 -35.05 2.98 -27.70
C THR D 181 -36.19 3.91 -27.26
N SER D 182 -36.44 3.94 -25.96
CA SER D 182 -37.51 4.74 -25.37
C SER D 182 -37.00 5.82 -24.43
N ASP D 183 -35.97 5.54 -23.65
CA ASP D 183 -35.46 6.53 -22.72
C ASP D 183 -34.87 7.70 -23.49
N PRO D 184 -35.35 8.93 -23.29
CA PRO D 184 -34.75 10.07 -24.02
C PRO D 184 -33.28 10.27 -23.70
N TYR D 185 -32.86 10.01 -22.46
CA TYR D 185 -31.50 10.35 -22.06
C TYR D 185 -30.47 9.51 -22.79
N ASP D 186 -30.51 8.19 -22.59
CA ASP D 186 -29.54 7.33 -23.26
C ASP D 186 -29.57 7.51 -24.77
N PHE D 187 -30.74 7.82 -25.34
CA PHE D 187 -30.84 8.15 -26.75
C PHE D 187 -30.00 9.38 -27.08
N ALA D 188 -30.35 10.52 -26.50
CA ALA D 188 -29.59 11.75 -26.75
C ALA D 188 -28.17 11.67 -26.21
N ASN D 189 -27.91 10.80 -25.24
CA ASN D 189 -26.57 10.62 -24.70
C ASN D 189 -25.62 9.97 -25.70
N SER D 190 -26.14 9.23 -26.67
CA SER D 190 -25.31 8.51 -27.63
C SER D 190 -24.73 9.42 -28.70
N TRP D 191 -25.13 10.70 -28.74
CA TRP D 191 -24.64 11.65 -29.73
C TRP D 191 -23.58 12.58 -29.16
N ALA D 192 -22.94 12.19 -28.06
CA ALA D 192 -21.88 13.01 -27.48
C ALA D 192 -20.70 13.11 -28.42
N LEU D 193 -20.03 14.26 -28.40
CA LEU D 193 -18.86 14.53 -29.24
C LEU D 193 -17.77 15.14 -28.37
N SER D 194 -16.70 14.39 -28.16
CA SER D 194 -15.56 14.94 -27.44
C SER D 194 -14.72 15.82 -28.36
N SER D 195 -13.79 16.56 -27.76
CA SER D 195 -12.91 17.43 -28.53
C SER D 195 -11.63 17.66 -27.73
N GLY D 196 -10.57 16.95 -28.11
CA GLY D 196 -9.27 17.15 -27.51
C GLY D 196 -9.28 17.22 -26.00
N GLU D 197 -8.86 18.37 -25.47
CA GLU D 197 -8.75 18.52 -24.02
C GLU D 197 -10.09 18.32 -23.33
N GLN D 198 -11.20 18.70 -23.99
CA GLN D 198 -12.51 18.72 -23.34
C GLN D 198 -13.07 17.30 -23.32
N TRP D 199 -13.02 16.67 -22.15
CA TRP D 199 -13.71 15.41 -21.93
C TRP D 199 -15.17 15.67 -21.57
N CYS D 200 -15.96 14.59 -21.59
CA CYS D 200 -17.38 14.70 -21.25
C CYS D 200 -17.87 13.34 -20.79
N GLU D 201 -18.05 13.19 -19.47
CA GLU D 201 -18.70 12.01 -18.94
C GLU D 201 -20.22 12.20 -18.98
N ARG D 202 -20.93 11.07 -19.02
CA ARG D 202 -22.38 11.09 -19.11
C ARG D 202 -22.98 11.60 -17.80
N ALA D 203 -24.01 12.43 -17.92
CA ALA D 203 -24.71 13.00 -16.78
C ALA D 203 -26.12 12.42 -16.70
N SER D 204 -26.45 11.85 -15.55
CA SER D 204 -27.75 11.25 -15.34
C SER D 204 -28.81 12.32 -15.12
N PRO D 205 -30.09 11.98 -15.27
CA PRO D 205 -31.15 12.96 -15.05
C PRO D 205 -31.10 13.50 -13.64
N PRO D 206 -31.36 14.81 -13.46
CA PRO D 206 -31.40 15.35 -12.10
C PRO D 206 -32.48 14.68 -11.27
N SER D 207 -32.16 14.39 -10.01
CA SER D 207 -33.10 13.77 -9.08
C SER D 207 -33.72 14.85 -8.18
N SER D 208 -34.47 15.74 -8.81
CA SER D 208 -35.11 16.85 -8.12
C SER D 208 -36.58 16.90 -8.52
N SER D 209 -37.47 16.91 -7.52
CA SER D 209 -38.90 17.04 -7.75
C SER D 209 -39.35 18.45 -7.38
N CYS D 210 -40.66 18.69 -7.41
CA CYS D 210 -41.20 19.99 -7.02
C CYS D 210 -40.83 20.30 -5.58
N LEU D 221 -49.72 29.49 -5.53
CA LEU D 221 -49.74 28.53 -6.62
C LEU D 221 -50.91 28.80 -7.57
N TRP D 222 -50.61 28.87 -8.86
CA TRP D 222 -51.62 29.12 -9.87
C TRP D 222 -51.35 28.23 -11.08
N GLU D 223 -52.41 27.94 -11.83
CA GLU D 223 -52.34 27.08 -13.01
C GLU D 223 -52.70 27.92 -14.23
N GLN D 224 -51.68 28.43 -14.91
CA GLN D 224 -51.87 29.24 -16.11
C GLN D 224 -51.85 28.42 -17.40
N CYS D 225 -51.65 27.11 -17.30
CA CYS D 225 -51.65 26.29 -18.51
C CYS D 225 -52.99 26.37 -19.23
N GLN D 226 -54.08 26.41 -18.47
CA GLN D 226 -55.43 26.46 -19.05
C GLN D 226 -55.63 27.63 -20.00
N LEU D 227 -54.67 28.57 -20.05
CA LEU D 227 -54.77 29.63 -21.05
C LEU D 227 -54.84 29.05 -22.46
N LEU D 228 -54.10 27.97 -22.73
CA LEU D 228 -54.19 27.32 -24.03
C LEU D 228 -55.49 26.56 -24.20
N LYS D 229 -56.16 26.20 -23.11
CA LYS D 229 -57.40 25.45 -23.17
C LYS D 229 -58.63 26.35 -23.17
N SER D 230 -58.65 27.37 -22.31
CA SER D 230 -59.81 28.23 -22.14
C SER D 230 -59.82 29.42 -23.08
N THR D 231 -58.70 30.12 -23.20
CA THR D 231 -58.65 31.32 -24.04
C THR D 231 -59.04 30.99 -25.47
N SER D 232 -59.92 31.80 -26.04
CA SER D 232 -60.38 31.60 -27.41
C SER D 232 -59.36 32.08 -28.44
N VAL D 233 -58.36 32.84 -28.03
CA VAL D 233 -57.34 33.30 -28.98
C VAL D 233 -56.61 32.10 -29.58
N PHE D 234 -56.28 31.11 -28.75
CA PHE D 234 -55.59 29.92 -29.21
C PHE D 234 -56.54 28.83 -29.69
N ALA D 235 -57.83 29.15 -29.86
CA ALA D 235 -58.80 28.16 -30.28
C ALA D 235 -58.53 27.61 -31.68
N ARG D 236 -57.90 28.39 -32.55
CA ARG D 236 -57.66 27.96 -33.92
C ARG D 236 -56.46 27.03 -34.07
N CYS D 237 -55.59 26.95 -33.06
CA CYS D 237 -54.47 26.02 -33.12
C CYS D 237 -54.89 24.59 -32.85
N HIS D 238 -56.05 24.38 -32.22
CA HIS D 238 -56.46 23.03 -31.87
C HIS D 238 -56.61 22.11 -33.07
N PRO D 239 -57.30 22.49 -34.15
CA PRO D 239 -57.42 21.57 -35.30
C PRO D 239 -56.11 21.27 -35.98
N LEU D 240 -55.08 22.09 -35.79
CA LEU D 240 -53.78 21.88 -36.42
C LEU D 240 -52.81 21.12 -35.52
N VAL D 241 -52.69 21.52 -34.25
CA VAL D 241 -51.76 20.90 -33.32
C VAL D 241 -52.49 20.57 -32.03
N ASP D 242 -52.23 19.38 -31.50
CA ASP D 242 -52.83 18.94 -30.24
C ASP D 242 -52.11 19.61 -29.09
N PRO D 243 -52.78 20.37 -28.23
CA PRO D 243 -52.09 21.11 -27.17
C PRO D 243 -51.84 20.34 -25.90
N GLU D 244 -52.23 19.06 -25.79
CA GLU D 244 -52.04 18.35 -24.54
C GLU D 244 -50.57 18.22 -24.14
N PRO D 245 -49.63 17.91 -25.03
CA PRO D 245 -48.23 17.89 -24.57
C PRO D 245 -47.76 19.26 -24.13
N PHE D 246 -48.30 20.32 -24.73
CA PHE D 246 -47.93 21.67 -24.34
C PHE D 246 -48.35 21.95 -22.90
N VAL D 247 -49.58 21.58 -22.53
CA VAL D 247 -50.00 21.68 -21.14
C VAL D 247 -49.15 20.78 -20.26
N ALA D 248 -48.75 19.62 -20.78
CA ALA D 248 -47.96 18.68 -19.99
C ALA D 248 -46.64 19.33 -19.56
N LEU D 249 -45.88 19.86 -20.51
CA LEU D 249 -44.63 20.49 -20.08
C LEU D 249 -44.87 21.83 -19.39
N CYS D 250 -46.01 22.48 -19.65
CA CYS D 250 -46.35 23.66 -18.87
C CYS D 250 -46.42 23.31 -17.39
N GLU D 251 -47.09 22.21 -17.05
CA GLU D 251 -47.16 21.81 -15.66
C GLU D 251 -45.84 21.24 -15.15
N LYS D 252 -45.05 20.59 -16.01
CA LYS D 252 -43.72 20.16 -15.55
C LYS D 252 -42.85 21.35 -15.16
N THR D 253 -42.88 22.44 -15.94
CA THR D 253 -42.19 23.65 -15.50
C THR D 253 -42.85 24.24 -14.25
N LEU D 254 -44.19 24.21 -14.18
CA LEU D 254 -44.86 24.70 -12.99
C LEU D 254 -44.39 23.97 -11.75
N CYS D 255 -43.94 22.72 -11.90
CA CYS D 255 -43.38 21.96 -10.79
C CYS D 255 -42.46 22.83 -9.94
N GLU D 256 -41.56 23.57 -10.58
CA GLU D 256 -40.56 24.34 -9.83
C GLU D 256 -41.04 25.76 -9.54
N CYS D 257 -41.36 26.53 -10.58
CA CYS D 257 -41.78 27.92 -10.44
C CYS D 257 -40.87 28.69 -9.47
N ALA D 258 -39.61 28.81 -9.89
CA ALA D 258 -38.64 29.67 -9.21
C ALA D 258 -38.85 31.09 -9.76
N GLY D 259 -40.03 31.64 -9.49
CA GLY D 259 -40.43 32.93 -10.00
C GLY D 259 -41.94 33.09 -9.98
N GLY D 260 -42.39 34.33 -10.17
CA GLY D 260 -43.81 34.62 -10.11
C GLY D 260 -44.57 34.26 -11.36
N LEU D 261 -44.25 34.91 -12.48
CA LEU D 261 -44.95 34.70 -13.75
C LEU D 261 -44.07 34.01 -14.79
N GLU D 262 -42.95 33.43 -14.38
CA GLU D 262 -42.03 32.77 -15.30
C GLU D 262 -42.43 31.34 -15.63
N CYS D 263 -43.53 30.85 -15.04
CA CYS D 263 -43.84 29.42 -15.16
C CYS D 263 -44.40 29.08 -16.53
N ALA D 264 -45.16 30.00 -17.14
CA ALA D 264 -45.96 29.67 -18.31
C ALA D 264 -45.42 30.27 -19.61
N CYS D 265 -45.01 31.53 -19.60
CA CYS D 265 -44.65 32.20 -20.86
C CYS D 265 -43.65 31.41 -21.70
N PRO D 266 -42.57 30.86 -21.14
CA PRO D 266 -41.63 30.11 -21.99
C PRO D 266 -42.28 28.97 -22.75
N ALA D 267 -43.22 28.25 -22.13
CA ALA D 267 -43.91 27.17 -22.83
C ALA D 267 -45.00 27.68 -23.75
N LEU D 268 -45.46 28.92 -23.57
CA LEU D 268 -46.50 29.48 -24.42
C LEU D 268 -45.93 30.07 -25.71
N LEU D 269 -44.76 30.69 -25.64
CA LEU D 269 -44.18 31.31 -26.83
C LEU D 269 -43.95 30.27 -27.93
N GLU D 270 -43.46 29.09 -27.55
CA GLU D 270 -43.20 28.05 -28.54
C GLU D 270 -44.49 27.62 -29.26
N TYR D 271 -45.60 27.55 -28.52
CA TYR D 271 -46.86 27.19 -29.18
C TYR D 271 -47.24 28.22 -30.23
N ALA D 272 -47.08 29.50 -29.90
CA ALA D 272 -47.39 30.55 -30.88
C ALA D 272 -46.49 30.43 -32.10
N ARG D 273 -45.19 30.21 -31.89
CA ARG D 273 -44.27 30.09 -33.01
C ARG D 273 -44.61 28.88 -33.88
N THR D 274 -44.93 27.75 -33.24
CA THR D 274 -45.29 26.55 -34.00
C THR D 274 -46.55 26.79 -34.81
N CYS D 275 -47.57 27.39 -34.20
CA CYS D 275 -48.79 27.69 -34.93
C CYS D 275 -48.50 28.60 -36.11
N ALA D 276 -47.66 29.60 -35.90
CA ALA D 276 -47.30 30.50 -37.00
C ALA D 276 -46.65 29.74 -38.14
N GLN D 277 -45.72 28.82 -37.82
CA GLN D 277 -45.07 28.06 -38.88
C GLN D 277 -46.07 27.17 -39.61
N GLU D 278 -46.99 26.54 -38.89
CA GLU D 278 -47.89 25.58 -39.52
C GLU D 278 -48.68 26.22 -40.66
N GLY D 279 -48.91 27.53 -40.59
CA GLY D 279 -49.60 28.22 -41.66
C GLY D 279 -50.73 29.12 -41.19
N MET D 280 -50.86 29.27 -39.88
CA MET D 280 -51.89 30.13 -39.28
C MET D 280 -51.25 30.81 -38.07
N VAL D 281 -50.99 32.11 -38.20
CA VAL D 281 -50.33 32.86 -37.14
C VAL D 281 -51.36 33.30 -36.10
N LEU D 282 -50.92 33.33 -34.84
CA LEU D 282 -51.73 33.87 -33.76
C LEU D 282 -51.52 35.38 -33.72
N TYR D 283 -52.47 36.12 -34.27
CA TYR D 283 -52.31 37.55 -34.50
C TYR D 283 -52.83 38.34 -33.30
N GLY D 284 -52.07 39.34 -32.88
CA GLY D 284 -52.53 40.24 -31.84
C GLY D 284 -52.72 39.60 -30.49
N TRP D 285 -51.92 38.60 -30.16
CA TRP D 285 -51.96 38.01 -28.82
C TRP D 285 -50.93 38.72 -27.95
N THR D 286 -50.66 38.17 -26.76
CA THR D 286 -49.76 38.74 -25.76
C THR D 286 -50.40 39.88 -24.98
N ASP D 287 -51.67 40.18 -25.24
CA ASP D 287 -52.35 41.28 -24.55
C ASP D 287 -53.04 40.83 -23.28
N HIS D 288 -52.89 39.57 -22.88
CA HIS D 288 -53.57 39.02 -21.72
C HIS D 288 -52.61 38.65 -20.60
N SER D 289 -51.64 37.76 -20.88
CA SER D 289 -50.74 37.28 -19.83
C SER D 289 -49.29 37.16 -20.31
N ALA D 290 -48.90 37.89 -21.34
CA ALA D 290 -47.56 37.76 -21.86
C ALA D 290 -46.53 38.29 -20.86
N CYS D 291 -45.27 37.92 -21.08
CA CYS D 291 -44.17 38.32 -20.22
C CYS D 291 -43.20 39.26 -20.93
N SER D 292 -43.66 39.96 -21.96
CA SER D 292 -42.85 40.98 -22.62
C SER D 292 -41.50 40.43 -23.07
N PRO D 293 -41.44 39.64 -24.14
CA PRO D 293 -40.15 39.13 -24.60
C PRO D 293 -39.17 40.28 -24.85
N VAL D 294 -37.93 40.06 -24.47
CA VAL D 294 -36.94 41.13 -24.39
C VAL D 294 -36.54 41.60 -25.78
N CYS D 295 -36.24 42.88 -25.89
CA CYS D 295 -35.70 43.51 -27.08
C CYS D 295 -34.54 44.40 -26.67
N PRO D 296 -33.63 44.71 -27.59
CA PRO D 296 -32.54 45.63 -27.23
C PRO D 296 -33.05 47.03 -26.89
N ALA D 297 -33.88 47.61 -27.75
CA ALA D 297 -34.53 48.88 -27.47
C ALA D 297 -35.82 48.96 -28.27
N GLY D 298 -36.77 49.72 -27.76
CA GLY D 298 -38.08 49.88 -28.37
C GLY D 298 -39.15 48.90 -27.90
N MET D 299 -38.76 47.65 -27.64
CA MET D 299 -39.67 46.63 -27.15
C MET D 299 -40.82 46.40 -28.12
N GLU D 300 -40.57 46.63 -29.41
CA GLU D 300 -41.63 46.56 -30.43
C GLU D 300 -41.78 45.13 -30.93
N TYR D 301 -42.24 44.26 -30.03
CA TYR D 301 -42.50 42.88 -30.41
C TYR D 301 -43.82 42.79 -31.18
N ARG D 302 -43.78 42.19 -32.36
CA ARG D 302 -44.98 42.07 -33.19
C ARG D 302 -44.76 40.95 -34.20
N GLN D 303 -45.86 40.49 -34.77
CA GLN D 303 -45.84 39.40 -35.74
C GLN D 303 -45.78 39.95 -37.16
N CYS D 304 -45.29 39.10 -38.07
CA CYS D 304 -45.18 39.44 -39.49
C CYS D 304 -44.36 40.72 -39.68
N VAL D 305 -43.15 40.69 -39.15
CA VAL D 305 -42.20 41.79 -39.35
C VAL D 305 -41.42 41.54 -40.63
N SER D 306 -41.47 42.49 -41.55
CA SER D 306 -40.73 42.36 -42.80
C SER D 306 -39.24 42.49 -42.51
N PRO D 307 -38.40 41.51 -42.88
CA PRO D 307 -36.98 41.59 -42.53
C PRO D 307 -36.21 42.58 -43.39
N CYS D 308 -36.90 43.28 -44.28
CA CYS D 308 -36.22 44.22 -45.17
C CYS D 308 -35.62 45.40 -44.39
N ALA D 309 -36.30 45.85 -43.34
CA ALA D 309 -35.73 46.80 -42.38
C ALA D 309 -35.24 48.07 -43.08
N ARG D 310 -36.20 48.80 -43.63
CA ARG D 310 -35.88 50.05 -44.33
C ARG D 310 -35.13 51.01 -43.41
N THR D 311 -34.10 51.64 -43.96
CA THR D 311 -33.32 52.64 -43.25
C THR D 311 -32.96 53.76 -44.23
N CYS D 312 -32.39 54.84 -43.72
CA CYS D 312 -32.04 55.98 -44.55
C CYS D 312 -30.74 55.77 -45.33
N GLN D 313 -29.95 54.76 -44.99
CA GLN D 313 -28.79 54.39 -45.79
C GLN D 313 -29.16 53.24 -46.71
N SER D 314 -30.10 53.53 -47.62
CA SER D 314 -30.60 52.52 -48.54
C SER D 314 -31.15 53.20 -49.77
N LEU D 315 -31.34 52.40 -50.82
CA LEU D 315 -31.93 52.86 -52.07
C LEU D 315 -33.45 52.72 -52.09
N HIS D 316 -34.04 52.29 -50.97
CA HIS D 316 -35.49 52.11 -50.86
C HIS D 316 -36.04 51.30 -52.03
N ILE D 317 -35.24 50.35 -52.50
CA ILE D 317 -35.69 49.46 -53.56
C ILE D 317 -36.81 48.57 -53.04
N ASN D 318 -37.90 48.49 -53.79
CA ASN D 318 -39.09 47.76 -53.37
C ASN D 318 -39.37 46.63 -54.35
N GLU D 319 -40.54 46.00 -54.20
CA GLU D 319 -40.98 44.88 -55.02
C GLU D 319 -39.97 43.75 -55.05
N MET D 320 -39.18 43.62 -53.99
CA MET D 320 -38.24 42.51 -53.83
C MET D 320 -38.26 42.00 -52.39
N CYS D 321 -39.26 42.42 -51.62
CA CYS D 321 -39.45 41.98 -50.25
C CYS D 321 -40.48 40.85 -50.28
N GLN D 322 -39.99 39.63 -50.49
CA GLN D 322 -40.83 38.44 -50.63
C GLN D 322 -40.57 37.45 -49.50
N GLU D 323 -40.48 37.96 -48.28
CA GLU D 323 -40.15 37.16 -47.11
C GLU D 323 -41.41 36.89 -46.29
N ARG D 324 -41.38 35.77 -45.57
CA ARG D 324 -42.51 35.35 -44.78
C ARG D 324 -42.54 36.09 -43.45
N CYS D 325 -43.62 35.88 -42.69
CA CYS D 325 -43.76 36.50 -41.39
C CYS D 325 -42.68 36.01 -40.44
N VAL D 326 -42.22 36.90 -39.58
CA VAL D 326 -41.22 36.57 -38.57
C VAL D 326 -41.39 37.52 -37.39
N ASP D 327 -41.49 36.95 -36.19
CA ASP D 327 -41.54 37.76 -34.99
C ASP D 327 -40.15 38.29 -34.65
N GLY D 328 -40.12 39.42 -33.94
CA GLY D 328 -38.86 40.02 -33.56
C GLY D 328 -39.03 41.31 -32.78
N CYS D 329 -38.23 42.32 -33.12
CA CYS D 329 -38.28 43.60 -32.44
C CYS D 329 -38.08 44.69 -33.47
N SER D 330 -38.47 45.91 -33.13
CA SER D 330 -38.38 47.03 -34.07
C SER D 330 -38.59 48.32 -33.28
N CYS D 331 -38.76 49.42 -34.01
CA CYS D 331 -39.07 50.72 -33.42
C CYS D 331 -40.32 51.28 -34.09
N PRO D 332 -41.25 51.87 -33.32
CA PRO D 332 -42.56 52.34 -33.87
C PRO D 332 -42.70 52.42 -35.39
N GLU D 333 -42.99 53.60 -35.93
CA GLU D 333 -43.11 53.78 -37.37
C GLU D 333 -42.28 54.95 -37.89
N GLY D 334 -42.17 56.03 -37.11
CA GLY D 334 -41.49 57.23 -37.54
C GLY D 334 -39.99 57.25 -37.30
N GLN D 335 -39.42 56.14 -36.84
CA GLN D 335 -37.98 56.05 -36.57
C GLN D 335 -37.35 55.03 -37.50
N LEU D 336 -36.32 55.45 -38.22
CA LEU D 336 -35.54 54.55 -39.05
C LEU D 336 -34.41 53.93 -38.24
N LEU D 337 -34.06 52.70 -38.61
CA LEU D 337 -33.12 51.90 -37.84
C LEU D 337 -31.69 52.28 -38.18
N ASP D 338 -30.88 52.48 -37.15
CA ASP D 338 -29.44 52.71 -37.28
C ASP D 338 -28.71 51.60 -36.53
N GLU D 339 -27.41 51.47 -36.82
CA GLU D 339 -26.65 50.35 -36.27
C GLU D 339 -26.70 50.34 -34.75
N GLY D 340 -26.67 51.52 -34.13
CA GLY D 340 -26.75 51.60 -32.68
C GLY D 340 -28.17 51.48 -32.19
N LEU D 341 -29.04 52.38 -32.64
CA LEU D 341 -30.44 52.38 -32.25
C LEU D 341 -31.26 52.96 -33.39
N CYS D 342 -32.51 53.32 -33.11
CA CYS D 342 -33.42 53.87 -34.10
C CYS D 342 -33.60 55.37 -33.85
N VAL D 343 -33.48 56.16 -34.91
CA VAL D 343 -33.56 57.61 -34.81
C VAL D 343 -34.52 58.14 -35.85
N GLU D 344 -35.02 59.36 -35.61
CA GLU D 344 -35.96 59.98 -36.52
C GLU D 344 -35.31 60.20 -37.88
N SER D 345 -36.17 60.32 -38.90
CA SER D 345 -35.69 60.50 -40.27
C SER D 345 -34.99 61.83 -40.48
N THR D 346 -35.20 62.79 -39.58
CA THR D 346 -34.64 64.12 -39.77
C THR D 346 -33.13 64.16 -39.49
N GLU D 347 -32.64 63.31 -38.61
CA GLU D 347 -31.25 63.36 -38.13
C GLU D 347 -30.45 62.16 -38.60
N CYS D 348 -30.63 61.74 -39.84
CA CYS D 348 -29.81 60.66 -40.40
C CYS D 348 -28.45 61.23 -40.79
N PRO D 349 -27.35 60.76 -40.19
CA PRO D 349 -26.04 61.34 -40.49
C PRO D 349 -25.58 60.98 -41.90
N CYS D 350 -24.70 61.82 -42.43
CA CYS D 350 -24.08 61.57 -43.72
C CYS D 350 -22.80 60.76 -43.53
N VAL D 351 -22.39 60.10 -44.62
CA VAL D 351 -21.20 59.25 -44.64
C VAL D 351 -20.26 59.77 -45.71
N HIS D 352 -18.96 59.80 -45.39
CA HIS D 352 -17.94 60.20 -46.35
C HIS D 352 -16.66 59.46 -46.04
N SER D 353 -16.22 58.60 -46.96
CA SER D 353 -14.98 57.84 -46.80
C SER D 353 -14.98 57.04 -45.50
N GLY D 354 -16.14 56.49 -45.12
CA GLY D 354 -16.25 55.72 -43.92
C GLY D 354 -16.39 56.53 -42.64
N LYS D 355 -16.43 57.85 -42.75
CA LYS D 355 -16.57 58.72 -41.58
C LYS D 355 -18.01 59.23 -41.50
N ARG D 356 -18.56 59.19 -40.29
CA ARG D 356 -19.93 59.63 -40.04
C ARG D 356 -19.92 61.09 -39.60
N TYR D 357 -20.76 61.90 -40.22
CA TYR D 357 -20.84 63.32 -39.91
C TYR D 357 -22.30 63.70 -39.70
N PRO D 358 -22.64 64.33 -38.58
CA PRO D 358 -24.03 64.76 -38.38
C PRO D 358 -24.42 65.86 -39.34
N PRO D 359 -25.72 66.08 -39.56
CA PRO D 359 -26.13 67.19 -40.43
C PRO D 359 -25.64 68.51 -39.89
N GLY D 360 -25.42 69.45 -40.80
CA GLY D 360 -24.81 70.72 -40.44
C GLY D 360 -23.36 70.57 -40.01
N THR D 361 -22.61 69.71 -40.71
CA THR D 361 -21.20 69.45 -40.44
C THR D 361 -20.39 69.67 -41.71
N SER D 362 -20.61 70.82 -42.34
CA SER D 362 -20.09 71.12 -43.67
C SER D 362 -18.66 70.63 -43.84
N LEU D 363 -18.45 69.82 -44.86
CA LEU D 363 -17.11 69.35 -45.23
C LEU D 363 -16.48 70.34 -46.20
N SER D 364 -15.14 70.42 -46.15
CA SER D 364 -14.40 71.34 -46.98
C SER D 364 -13.38 70.57 -47.81
N ARG D 365 -13.54 70.61 -49.13
CA ARG D 365 -12.54 70.08 -50.05
C ARG D 365 -11.43 71.10 -50.20
N ASP D 366 -10.30 70.66 -50.77
CA ASP D 366 -9.19 71.57 -51.01
C ASP D 366 -9.62 72.77 -51.83
N CYS D 367 -10.65 72.61 -52.66
CA CYS D 367 -11.06 73.67 -53.57
C CYS D 367 -12.47 74.16 -53.26
N ASN D 368 -13.35 73.26 -52.82
CA ASN D 368 -14.74 73.57 -52.55
C ASN D 368 -15.14 73.00 -51.19
N THR D 369 -16.43 73.14 -50.88
CA THR D 369 -16.98 72.66 -49.62
C THR D 369 -18.38 72.10 -49.85
N CYS D 370 -18.85 71.29 -48.91
CA CYS D 370 -20.15 70.65 -49.00
C CYS D 370 -20.78 70.51 -47.62
N ILE D 371 -22.10 70.34 -47.62
CA ILE D 371 -22.91 70.34 -46.41
C ILE D 371 -23.81 69.12 -46.41
N CYS D 372 -24.03 68.54 -45.23
CA CYS D 372 -24.96 67.43 -45.05
C CYS D 372 -26.36 67.98 -44.79
N ARG D 373 -27.28 67.71 -45.73
CA ARG D 373 -28.66 68.12 -45.54
C ARG D 373 -29.47 66.98 -44.92
N ASN D 374 -29.60 65.87 -45.64
CA ASN D 374 -30.23 64.66 -45.11
C ASN D 374 -29.63 63.47 -45.84
N SER D 375 -28.59 62.88 -45.26
CA SER D 375 -27.89 61.74 -45.86
C SER D 375 -27.56 62.01 -47.32
N GLN D 376 -27.41 63.28 -47.68
CA GLN D 376 -27.20 63.67 -49.07
C GLN D 376 -26.33 64.92 -49.10
N TRP D 377 -25.31 64.91 -49.96
CA TRP D 377 -24.45 66.06 -50.17
C TRP D 377 -24.81 66.72 -51.49
N ILE D 378 -24.91 68.06 -51.46
CA ILE D 378 -25.29 68.84 -52.64
C ILE D 378 -24.27 69.95 -52.83
N CYS D 379 -23.66 70.01 -54.01
CA CYS D 379 -22.67 71.02 -54.33
C CYS D 379 -22.63 71.22 -55.84
N SER D 380 -22.00 72.33 -56.24
CA SER D 380 -21.85 72.70 -57.64
C SER D 380 -20.38 72.63 -58.03
N ASN D 381 -20.13 72.23 -59.27
CA ASN D 381 -18.77 72.13 -59.77
C ASN D 381 -18.16 73.52 -59.93
N GLU D 382 -16.84 73.54 -60.07
CA GLU D 382 -16.12 74.79 -60.25
C GLU D 382 -14.73 74.47 -60.79
N GLU D 383 -14.37 75.09 -61.90
CA GLU D 383 -13.03 74.92 -62.45
C GLU D 383 -12.01 75.36 -61.42
N CYS D 384 -10.99 74.52 -61.21
CA CYS D 384 -10.04 74.72 -60.13
C CYS D 384 -8.62 74.62 -60.69
N PRO D 385 -7.66 75.37 -60.14
CA PRO D 385 -6.31 75.32 -60.68
C PRO D 385 -5.74 73.91 -60.65
N GLY D 386 -4.98 73.58 -61.71
CA GLY D 386 -4.31 72.29 -61.79
C GLY D 386 -2.81 72.49 -61.90
N GLU D 387 -2.08 71.40 -61.63
CA GLU D 387 -0.63 71.43 -61.62
C GLU D 387 -0.08 70.28 -62.47
N CYS D 388 1.05 70.55 -63.11
CA CYS D 388 1.77 69.54 -63.88
C CYS D 388 3.13 69.31 -63.22
N LEU D 389 3.50 68.05 -63.06
CA LEU D 389 4.65 67.64 -62.27
C LEU D 389 5.59 66.79 -63.12
N VAL D 390 6.88 67.05 -62.99
CA VAL D 390 7.93 66.24 -63.59
C VAL D 390 8.94 65.92 -62.48
N THR D 391 9.21 64.64 -62.28
CA THR D 391 10.06 64.21 -61.18
C THR D 391 10.55 62.79 -61.47
N GLY D 392 11.38 62.26 -60.58
CA GLY D 392 11.91 60.92 -60.74
C GLY D 392 12.82 60.84 -61.96
N GLN D 393 13.01 59.61 -62.45
CA GLN D 393 13.78 59.42 -63.67
C GLN D 393 12.95 59.82 -64.89
N SER D 394 11.84 59.12 -65.11
CA SER D 394 10.85 59.51 -66.12
C SER D 394 9.49 59.14 -65.55
N HIS D 395 8.88 60.08 -64.83
CA HIS D 395 7.55 59.90 -64.24
C HIS D 395 6.84 61.25 -64.35
N PHE D 396 6.12 61.44 -65.45
CA PHE D 396 5.37 62.67 -65.66
C PHE D 396 4.02 62.59 -64.97
N LYS D 397 3.41 63.75 -64.77
CA LYS D 397 2.03 63.84 -64.28
C LYS D 397 1.26 64.72 -65.25
N SER D 398 0.32 64.12 -65.97
CA SER D 398 -0.52 64.92 -66.85
C SER D 398 -1.16 66.04 -66.04
N PHE D 399 -1.64 67.06 -66.75
CA PHE D 399 -2.05 68.27 -66.05
C PHE D 399 -3.16 67.99 -65.05
N ASP D 400 -4.15 67.18 -65.42
CA ASP D 400 -5.22 66.88 -64.48
C ASP D 400 -4.89 65.74 -63.54
N ASN D 401 -4.85 64.49 -64.03
CA ASN D 401 -4.54 63.39 -63.12
C ASN D 401 -3.83 62.19 -63.76
N ARG D 402 -3.51 62.22 -65.05
CA ARG D 402 -3.00 61.04 -65.74
C ARG D 402 -1.49 60.93 -65.57
N TYR D 403 -1.02 59.70 -65.36
CA TYR D 403 0.40 59.43 -65.16
C TYR D 403 0.93 58.60 -66.33
N PHE D 404 2.19 58.83 -66.68
CA PHE D 404 2.83 58.07 -67.75
C PHE D 404 4.34 58.23 -67.63
N THR D 405 5.06 57.40 -68.38
CA THR D 405 6.52 57.43 -68.43
C THR D 405 6.97 57.47 -69.88
N PHE D 406 7.88 58.39 -70.20
CA PHE D 406 8.36 58.57 -71.57
C PHE D 406 9.83 58.22 -71.71
N SER D 407 10.71 58.85 -70.94
CA SER D 407 12.13 58.51 -70.92
C SER D 407 12.77 58.65 -72.31
N GLY D 408 12.74 59.87 -72.83
CA GLY D 408 13.38 60.17 -74.10
C GLY D 408 14.53 61.14 -73.93
N ILE D 409 15.39 61.23 -74.93
CA ILE D 409 16.58 62.09 -74.87
C ILE D 409 16.49 63.06 -76.05
N CYS D 410 15.83 64.18 -75.82
CA CYS D 410 15.74 65.26 -76.81
C CYS D 410 15.08 66.45 -76.12
N GLN D 411 14.84 67.52 -76.88
CA GLN D 411 14.18 68.72 -76.37
C GLN D 411 12.69 68.60 -76.64
N TYR D 412 11.88 68.84 -75.60
CA TYR D 412 10.43 68.65 -75.72
C TYR D 412 9.69 69.85 -75.18
N LEU D 413 8.52 70.11 -75.75
CA LEU D 413 7.67 71.22 -75.38
C LEU D 413 6.68 70.75 -74.31
N LEU D 414 6.77 71.32 -73.12
CA LEU D 414 5.96 70.87 -71.99
C LEU D 414 4.56 71.48 -72.02
N ALA D 415 4.47 72.81 -72.06
CA ALA D 415 3.18 73.47 -72.03
C ALA D 415 3.29 74.81 -72.74
N ARG D 416 2.14 75.33 -73.14
CA ARG D 416 2.07 76.58 -73.88
C ARG D 416 0.64 77.11 -73.79
N ASP D 417 0.50 78.43 -73.92
CA ASP D 417 -0.84 79.02 -73.96
C ASP D 417 -1.64 78.45 -75.12
N CYS D 418 -1.04 78.40 -76.31
CA CYS D 418 -1.57 77.62 -77.43
C CYS D 418 -2.76 78.27 -78.10
N GLN D 419 -3.28 79.35 -77.53
CA GLN D 419 -4.38 80.09 -78.15
C GLN D 419 -4.09 81.58 -78.28
N ASP D 420 -3.43 82.17 -77.30
CA ASP D 420 -3.08 83.59 -77.33
C ASP D 420 -1.59 83.83 -77.40
N HIS D 421 -0.76 82.78 -77.37
CA HIS D 421 0.69 82.90 -77.48
C HIS D 421 1.23 83.81 -76.36
N SER D 422 1.05 83.34 -75.14
CA SER D 422 1.44 84.09 -73.94
C SER D 422 2.68 83.55 -73.25
N PHE D 423 3.00 82.28 -73.42
CA PHE D 423 4.13 81.69 -72.71
C PHE D 423 4.50 80.38 -73.38
N SER D 424 5.55 79.74 -72.86
CA SER D 424 6.00 78.46 -73.39
C SER D 424 7.06 77.89 -72.46
N ILE D 425 7.08 76.56 -72.31
CA ILE D 425 8.05 75.86 -71.48
C ILE D 425 8.67 74.74 -72.30
N VAL D 426 9.99 74.64 -72.29
CA VAL D 426 10.72 73.61 -73.00
C VAL D 426 11.67 72.93 -72.03
N ILE D 427 11.86 71.62 -72.21
CA ILE D 427 12.72 70.83 -71.33
C ILE D 427 13.77 70.12 -72.18
N GLU D 428 15.02 70.21 -71.73
CA GLU D 428 16.14 69.50 -72.32
C GLU D 428 16.51 68.35 -71.40
N THR D 429 16.63 67.16 -71.97
CA THR D 429 16.73 65.91 -71.22
C THR D 429 17.99 65.15 -71.63
N VAL D 430 18.61 64.48 -70.67
CA VAL D 430 19.79 63.67 -70.93
C VAL D 430 19.69 62.35 -70.18
N GLN D 431 20.73 61.53 -70.27
CA GLN D 431 20.77 60.20 -69.68
C GLN D 431 21.60 60.21 -68.41
N CYS D 432 21.24 59.34 -67.46
CA CYS D 432 21.91 59.25 -66.17
C CYS D 432 22.32 57.81 -65.87
N ALA D 433 23.29 57.68 -64.97
CA ALA D 433 23.62 56.41 -64.33
C ALA D 433 23.88 55.31 -65.36
N ASP D 434 24.51 55.69 -66.46
CA ASP D 434 25.04 54.76 -67.47
C ASP D 434 24.15 53.53 -67.62
N ASP D 435 22.86 53.77 -67.76
CA ASP D 435 21.87 52.71 -67.87
C ASP D 435 20.92 52.99 -69.02
N ARG D 436 20.42 51.92 -69.62
CA ARG D 436 19.53 52.06 -70.77
C ARG D 436 18.23 52.75 -70.41
N ASP D 437 17.67 52.43 -69.25
CA ASP D 437 16.33 52.89 -68.87
C ASP D 437 16.33 54.20 -68.09
N ALA D 438 17.46 54.62 -67.55
CA ALA D 438 17.54 55.83 -66.73
C ALA D 438 17.64 57.05 -67.63
N VAL D 439 16.81 58.06 -67.36
CA VAL D 439 16.82 59.32 -68.08
C VAL D 439 16.51 60.43 -67.10
N CYS D 440 17.14 61.60 -67.31
CA CYS D 440 16.98 62.73 -66.41
C CYS D 440 16.70 63.98 -67.24
N THR D 441 15.90 64.87 -66.67
CA THR D 441 15.72 66.19 -67.24
C THR D 441 16.92 67.06 -66.89
N ARG D 442 17.64 67.49 -67.92
CA ARG D 442 18.83 68.32 -67.75
C ARG D 442 18.50 69.74 -67.34
N SER D 443 17.51 70.35 -67.98
CA SER D 443 17.18 71.74 -67.70
C SER D 443 15.83 72.08 -68.29
N VAL D 444 15.34 73.26 -67.92
CA VAL D 444 14.07 73.79 -68.42
C VAL D 444 14.25 75.27 -68.74
N THR D 445 13.67 75.70 -69.85
CA THR D 445 13.73 77.09 -70.29
C THR D 445 12.32 77.59 -70.57
N VAL D 446 12.05 78.84 -70.18
CA VAL D 446 10.73 79.44 -70.31
C VAL D 446 10.82 80.63 -71.25
N ARG D 447 9.84 80.73 -72.15
CA ARG D 447 9.75 81.82 -73.11
C ARG D 447 8.46 82.59 -72.89
N LEU D 448 8.58 83.91 -72.77
CA LEU D 448 7.42 84.79 -72.60
C LEU D 448 7.53 85.92 -73.62
N PRO D 449 6.57 86.07 -74.53
CA PRO D 449 6.65 87.18 -75.50
C PRO D 449 6.60 88.55 -74.86
N GLY D 450 6.22 88.66 -73.58
CA GLY D 450 6.07 89.97 -72.97
C GLY D 450 7.33 90.80 -73.03
N LEU D 451 8.47 90.20 -72.68
CA LEU D 451 9.74 90.91 -72.64
C LEU D 451 10.51 90.82 -73.96
N HIS D 452 10.00 90.09 -74.94
CA HIS D 452 10.52 90.07 -76.30
C HIS D 452 11.94 89.55 -76.41
N ASN D 453 12.46 88.91 -75.35
CA ASN D 453 13.84 88.47 -75.32
C ASN D 453 13.92 87.00 -74.94
N SER D 454 15.12 86.44 -75.04
CA SER D 454 15.39 85.09 -74.57
C SER D 454 15.43 85.15 -73.04
N LEU D 455 14.36 84.70 -72.41
CA LEU D 455 14.13 84.95 -71.00
C LEU D 455 14.72 83.81 -70.16
N VAL D 456 14.30 83.73 -68.91
CA VAL D 456 14.94 82.92 -67.88
C VAL D 456 15.34 81.55 -68.40
N LYS D 457 16.55 81.13 -68.05
CA LYS D 457 17.09 79.81 -68.38
C LYS D 457 17.56 79.16 -67.08
N LEU D 458 16.82 78.16 -66.62
CA LEU D 458 17.14 77.47 -65.38
C LEU D 458 18.16 76.38 -65.65
N LYS D 459 19.21 76.33 -64.83
CA LYS D 459 20.34 75.46 -65.05
C LYS D 459 20.32 74.29 -64.07
N HIS D 460 21.30 73.40 -64.21
CA HIS D 460 21.34 72.19 -63.39
C HIS D 460 21.48 72.51 -61.91
N GLY D 461 22.04 73.66 -61.56
CA GLY D 461 22.06 74.10 -60.18
C GLY D 461 20.94 75.08 -59.90
N ALA D 462 21.23 76.12 -59.12
CA ALA D 462 20.28 77.20 -58.89
C ALA D 462 20.52 78.38 -59.81
N GLY D 463 21.51 78.29 -60.70
CA GLY D 463 21.82 79.39 -61.58
C GLY D 463 20.63 79.72 -62.48
N VAL D 464 20.30 81.00 -62.55
CA VAL D 464 19.24 81.50 -63.43
C VAL D 464 19.81 82.62 -64.27
N ALA D 465 19.62 82.56 -65.58
CA ALA D 465 20.20 83.53 -66.49
C ALA D 465 19.15 84.00 -67.49
N MET D 466 19.16 85.30 -67.76
CA MET D 466 18.29 85.90 -68.78
C MET D 466 19.18 86.44 -69.89
N ASP D 467 18.92 86.01 -71.12
CA ASP D 467 19.76 86.36 -72.26
C ASP D 467 21.21 85.92 -72.05
N GLY D 468 21.41 84.88 -71.26
CA GLY D 468 22.73 84.32 -71.03
C GLY D 468 23.56 85.02 -69.98
N GLN D 469 23.02 85.99 -69.26
CA GLN D 469 23.74 86.70 -68.23
C GLN D 469 23.25 86.27 -66.84
N ASP D 470 24.18 86.21 -65.89
CA ASP D 470 23.83 85.87 -64.52
C ASP D 470 22.94 86.95 -63.91
N VAL D 471 22.03 86.53 -63.03
CA VAL D 471 21.20 87.44 -62.25
C VAL D 471 21.32 87.02 -60.78
N GLN D 472 21.08 87.99 -59.90
CA GLN D 472 21.25 87.79 -58.47
C GLN D 472 19.88 87.77 -57.79
N LEU D 473 19.59 86.68 -57.10
CA LEU D 473 18.31 86.54 -56.40
C LEU D 473 18.26 87.48 -55.21
N PRO D 474 17.08 88.01 -54.87
CA PRO D 474 15.80 87.86 -55.58
C PRO D 474 15.69 88.82 -56.76
N LEU D 475 14.69 88.61 -57.61
CA LEU D 475 14.54 89.37 -58.84
C LEU D 475 13.33 90.31 -58.74
N LEU D 476 13.52 91.54 -59.20
CA LEU D 476 12.46 92.53 -59.25
C LEU D 476 12.36 93.05 -60.68
N LYS D 477 11.18 92.93 -61.27
CA LYS D 477 10.95 93.39 -62.64
C LYS D 477 9.48 93.77 -62.78
N GLY D 478 9.07 94.12 -63.99
CA GLY D 478 7.71 94.58 -64.20
C GLY D 478 6.67 93.53 -63.82
N ASP D 479 6.89 92.28 -64.24
CA ASP D 479 5.93 91.22 -63.95
C ASP D 479 6.61 89.92 -63.53
N LEU D 480 7.93 89.86 -63.51
CA LEU D 480 8.66 88.66 -63.13
C LEU D 480 9.21 88.81 -61.72
N ARG D 481 9.01 87.78 -60.90
CA ARG D 481 9.43 87.78 -59.51
C ARG D 481 10.06 86.43 -59.21
N ILE D 482 11.38 86.38 -59.16
CA ILE D 482 12.12 85.17 -58.81
C ILE D 482 12.78 85.42 -57.46
N GLN D 483 12.36 84.66 -56.45
CA GLN D 483 12.85 84.84 -55.09
C GLN D 483 13.24 83.49 -54.51
N HIS D 484 14.45 83.42 -53.95
CA HIS D 484 14.94 82.19 -53.36
C HIS D 484 14.06 81.78 -52.20
N THR D 485 13.73 80.49 -52.12
CA THR D 485 12.90 79.99 -51.05
C THR D 485 13.76 79.34 -49.96
N VAL D 486 13.10 78.93 -48.87
CA VAL D 486 13.82 78.40 -47.72
C VAL D 486 14.45 77.05 -48.03
N THR D 487 13.79 76.22 -48.83
CA THR D 487 14.20 74.84 -49.04
C THR D 487 15.26 74.70 -50.14
N ALA D 488 16.00 75.77 -50.43
CA ALA D 488 17.03 75.73 -51.47
C ALA D 488 16.43 75.37 -52.82
N SER D 489 15.39 76.10 -53.21
CA SER D 489 14.73 75.89 -54.49
C SER D 489 14.46 77.25 -55.12
N VAL D 490 13.99 77.22 -56.37
CA VAL D 490 13.75 78.43 -57.15
C VAL D 490 12.28 78.49 -57.51
N ARG D 491 11.68 79.67 -57.28
CA ARG D 491 10.27 79.93 -57.54
C ARG D 491 10.19 81.06 -58.56
N LEU D 492 9.72 80.73 -59.77
CA LEU D 492 9.53 81.71 -60.82
C LEU D 492 8.04 82.02 -60.94
N SER D 493 7.68 83.29 -60.80
CA SER D 493 6.28 83.69 -60.77
C SER D 493 6.04 84.81 -61.76
N TYR D 494 4.81 84.84 -62.29
CA TYR D 494 4.39 85.88 -63.22
C TYR D 494 3.11 86.53 -62.70
N GLY D 495 2.50 87.40 -63.49
CA GLY D 495 1.27 88.06 -63.07
C GLY D 495 0.16 87.08 -62.77
N GLU D 496 -0.15 86.91 -61.49
CA GLU D 496 -1.32 86.17 -61.00
C GLU D 496 -1.43 84.76 -61.54
N ASP D 497 -0.37 84.25 -62.18
CA ASP D 497 -0.38 82.87 -62.67
C ASP D 497 1.03 82.44 -63.06
N LEU D 498 1.13 81.22 -63.58
CA LEU D 498 2.38 80.65 -64.08
C LEU D 498 3.45 80.63 -62.98
N GLN D 499 3.14 79.88 -61.93
CA GLN D 499 4.06 79.65 -60.83
C GLN D 499 4.83 78.37 -61.10
N MET D 500 6.16 78.46 -61.03
CA MET D 500 7.04 77.35 -61.37
C MET D 500 8.02 77.11 -60.23
N ASP D 501 8.11 75.87 -59.80
CA ASP D 501 9.05 75.44 -58.77
C ASP D 501 10.07 74.52 -59.42
N TRP D 502 11.36 74.88 -59.29
CA TRP D 502 12.44 74.11 -59.91
C TRP D 502 13.67 74.20 -59.01
N ASP D 503 14.21 73.03 -58.62
CA ASP D 503 15.44 73.00 -57.84
C ASP D 503 16.39 71.93 -58.40
N GLY D 504 17.15 72.30 -59.43
CA GLY D 504 18.38 71.60 -59.72
C GLY D 504 18.23 70.19 -60.26
N ARG D 505 17.78 69.28 -59.39
CA ARG D 505 17.83 67.85 -59.66
C ARG D 505 16.51 67.31 -60.20
N GLY D 506 16.03 67.88 -61.29
CA GLY D 506 14.87 67.37 -61.97
C GLY D 506 13.64 67.21 -61.11
N ARG D 507 13.08 68.33 -60.65
CA ARG D 507 11.77 68.33 -60.00
C ARG D 507 11.08 69.64 -60.37
N LEU D 508 10.27 69.60 -61.41
CA LEU D 508 9.62 70.78 -61.96
C LEU D 508 8.13 70.71 -61.70
N LEU D 509 7.60 71.72 -61.02
CA LEU D 509 6.16 71.84 -60.79
C LEU D 509 5.65 73.12 -61.42
N VAL D 510 4.55 73.03 -62.17
CA VAL D 510 3.95 74.18 -62.81
C VAL D 510 2.50 74.26 -62.37
N LYS D 511 2.11 75.39 -61.77
CA LYS D 511 0.74 75.64 -61.35
C LYS D 511 0.15 76.75 -62.21
N LEU D 512 -1.03 76.52 -62.76
CA LEU D 512 -1.67 77.43 -63.69
C LEU D 512 -2.97 77.95 -63.11
N SER D 513 -3.24 79.24 -63.35
CA SER D 513 -4.50 79.83 -62.93
C SER D 513 -5.64 79.30 -63.80
N PRO D 514 -6.88 79.31 -63.29
CA PRO D 514 -8.00 78.77 -64.08
C PRO D 514 -8.33 79.59 -65.31
N VAL D 515 -7.61 80.68 -65.59
CA VAL D 515 -7.91 81.51 -66.75
C VAL D 515 -7.80 80.68 -68.03
N TYR D 516 -6.75 79.88 -68.14
CA TYR D 516 -6.51 79.06 -69.33
C TYR D 516 -7.22 77.71 -69.22
N ALA D 517 -8.53 77.75 -68.99
CA ALA D 517 -9.30 76.54 -68.77
C ALA D 517 -9.58 75.76 -70.06
N GLY D 518 -9.31 76.36 -71.22
CA GLY D 518 -9.56 75.67 -72.48
C GLY D 518 -8.52 75.95 -73.55
N LYS D 519 -7.44 76.63 -73.19
CA LYS D 519 -6.39 77.04 -74.12
C LYS D 519 -5.05 76.57 -73.56
N THR D 520 -4.67 75.34 -73.89
CA THR D 520 -3.38 74.80 -73.47
C THR D 520 -3.09 73.55 -74.26
N CYS D 521 -1.83 73.39 -74.68
CA CYS D 521 -1.38 72.20 -75.36
C CYS D 521 0.07 71.94 -75.01
N GLY D 522 0.46 70.68 -75.02
CA GLY D 522 1.82 70.31 -74.67
C GLY D 522 1.86 68.88 -74.16
N LEU D 523 3.01 68.53 -73.58
CA LEU D 523 3.15 67.20 -72.99
C LEU D 523 2.26 67.03 -71.77
N CYS D 524 2.07 68.09 -70.99
CA CYS D 524 1.18 68.01 -69.83
C CYS D 524 -0.25 67.70 -70.27
N GLY D 525 -0.71 68.34 -71.35
CA GLY D 525 -2.03 68.09 -71.88
C GLY D 525 -2.95 69.28 -71.78
N ASN D 526 -4.03 69.28 -72.56
CA ASN D 526 -4.98 70.37 -72.50
C ASN D 526 -5.66 70.40 -71.13
N TYR D 527 -5.97 71.61 -70.66
CA TYR D 527 -6.50 71.81 -69.32
C TYR D 527 -8.01 71.62 -69.35
N ASN D 528 -8.43 70.37 -69.21
CA ASN D 528 -9.82 69.99 -69.09
C ASN D 528 -9.97 69.01 -67.94
N GLY D 529 -11.23 68.74 -67.58
CA GLY D 529 -11.50 67.78 -66.54
C GLY D 529 -11.43 66.34 -66.99
N ASN D 530 -11.13 66.10 -68.26
CA ASN D 530 -11.12 64.77 -68.84
C ASN D 530 -9.67 64.33 -69.07
N GLN D 531 -9.33 63.15 -68.57
CA GLN D 531 -8.03 62.55 -68.85
C GLN D 531 -8.06 61.65 -70.09
N GLY D 532 -9.24 61.44 -70.67
CA GLY D 532 -9.40 60.54 -71.79
C GLY D 532 -8.91 61.06 -73.11
N ASP D 533 -8.50 62.33 -73.17
CA ASP D 533 -7.96 62.93 -74.38
C ASP D 533 -6.64 63.65 -74.10
N ASP D 534 -5.86 63.14 -73.15
CA ASP D 534 -4.61 63.77 -72.77
C ASP D 534 -3.43 63.26 -73.58
N PHE D 535 -3.65 62.37 -74.54
CA PHE D 535 -2.65 61.97 -75.51
C PHE D 535 -2.93 62.62 -76.86
N LEU D 536 -3.41 63.86 -76.83
CA LEU D 536 -3.80 64.57 -78.04
C LEU D 536 -2.56 64.99 -78.80
N THR D 537 -2.32 64.34 -79.94
CA THR D 537 -1.22 64.75 -80.80
C THR D 537 -1.53 66.08 -81.46
N PRO D 538 -0.51 66.83 -81.89
CA PRO D 538 -0.77 68.09 -82.56
C PRO D 538 -1.59 67.93 -83.83
N SER D 539 -1.54 66.77 -84.47
CA SER D 539 -2.33 66.54 -85.68
C SER D 539 -3.82 66.68 -85.38
N GLY D 540 -4.27 66.14 -84.24
CA GLY D 540 -5.66 66.24 -83.86
C GLY D 540 -6.21 64.98 -83.20
N LEU D 541 -5.63 63.83 -83.51
CA LEU D 541 -6.08 62.57 -82.95
C LEU D 541 -5.30 62.25 -81.67
N ALA D 542 -5.74 61.20 -80.97
CA ALA D 542 -5.09 60.71 -79.77
C ALA D 542 -4.58 59.29 -80.04
N GLU D 543 -3.31 59.07 -79.76
CA GLU D 543 -2.69 57.78 -80.04
C GLU D 543 -2.87 56.83 -78.87
N PRO D 544 -3.30 55.59 -79.09
CA PRO D 544 -3.52 54.69 -77.94
C PRO D 544 -2.28 54.44 -77.10
N ARG D 545 -1.10 54.39 -77.72
CA ARG D 545 0.13 54.14 -76.99
C ARG D 545 0.83 55.46 -76.66
N VAL D 546 1.93 55.34 -75.92
CA VAL D 546 2.60 56.53 -75.40
C VAL D 546 3.83 56.92 -76.24
N GLU D 547 4.49 55.94 -76.87
CA GLU D 547 5.73 56.25 -77.57
C GLU D 547 5.49 57.24 -78.70
N ASP D 548 4.53 56.96 -79.58
CA ASP D 548 4.26 57.88 -80.68
C ASP D 548 3.79 59.23 -80.19
N PHE D 549 2.93 59.26 -79.16
CA PHE D 549 2.44 60.53 -78.67
C PHE D 549 3.57 61.41 -78.16
N GLY D 550 4.52 60.82 -77.44
CA GLY D 550 5.69 61.58 -77.01
C GLY D 550 6.65 61.89 -78.12
N ASN D 551 6.62 61.11 -79.20
CA ASN D 551 7.49 61.37 -80.34
C ASN D 551 7.03 62.58 -81.16
N ALA D 552 5.77 62.99 -81.00
CA ALA D 552 5.24 64.07 -81.82
C ALA D 552 5.69 65.45 -81.34
N TRP D 553 6.19 65.56 -80.10
CA TRP D 553 6.52 66.85 -79.51
C TRP D 553 8.02 67.10 -79.48
N LYS D 554 8.75 66.66 -80.51
CA LYS D 554 10.18 66.91 -80.58
C LYS D 554 10.45 68.34 -81.07
N LEU D 555 11.74 68.68 -81.18
CA LEU D 555 12.15 69.97 -81.70
C LEU D 555 13.29 69.90 -82.69
N HIS D 556 13.93 68.75 -82.85
CA HIS D 556 15.02 68.59 -83.81
C HIS D 556 14.78 67.32 -84.62
N GLY D 557 15.23 67.34 -85.88
CA GLY D 557 15.12 66.16 -86.72
C GLY D 557 16.13 65.08 -86.43
N ASP D 558 17.21 65.43 -85.72
CA ASP D 558 18.26 64.47 -85.41
C ASP D 558 17.91 63.59 -84.21
N CYS D 559 16.92 63.96 -83.42
CA CYS D 559 16.52 63.14 -82.27
C CYS D 559 15.89 61.85 -82.74
N GLN D 560 16.46 60.73 -82.34
CA GLN D 560 15.92 59.43 -82.73
C GLN D 560 14.60 59.16 -82.03
N ASP D 561 13.69 58.49 -82.72
CA ASP D 561 12.41 58.14 -82.15
C ASP D 561 12.57 57.08 -81.07
N LEU D 562 11.70 57.11 -80.07
CA LEU D 562 11.76 56.17 -78.97
C LEU D 562 10.98 54.90 -79.30
N GLN D 563 11.60 53.75 -79.08
CA GLN D 563 11.01 52.46 -79.40
C GLN D 563 10.28 51.91 -78.17
N LYS D 564 9.92 50.63 -78.19
CA LYS D 564 9.11 50.04 -77.14
C LYS D 564 9.73 50.31 -75.76
N GLN D 565 8.87 50.67 -74.82
CA GLN D 565 9.31 51.01 -73.47
C GLN D 565 9.57 49.74 -72.66
N HIS D 566 10.60 49.78 -71.83
CA HIS D 566 10.91 48.67 -70.93
C HIS D 566 10.30 48.95 -69.56
N SER D 567 9.54 47.98 -69.03
CA SER D 567 8.81 48.19 -67.79
C SER D 567 9.71 48.00 -66.58
N ASP D 568 10.26 46.79 -66.41
CA ASP D 568 11.07 46.48 -65.25
C ASP D 568 12.54 46.67 -65.59
N PRO D 569 13.23 47.66 -65.02
CA PRO D 569 14.65 47.86 -65.36
C PRO D 569 15.58 46.99 -64.54
N CYS D 570 15.17 46.60 -63.33
CA CYS D 570 15.98 45.71 -62.49
C CYS D 570 15.76 44.24 -62.83
N ALA D 571 15.17 43.95 -63.99
CA ALA D 571 15.33 42.63 -64.57
C ALA D 571 16.72 42.44 -65.17
N LEU D 572 17.42 43.54 -65.49
CA LEU D 572 18.79 43.49 -65.94
C LEU D 572 19.80 43.54 -64.80
N ASN D 573 19.33 43.79 -63.57
CA ASN D 573 20.18 43.90 -62.40
C ASN D 573 19.61 43.03 -61.29
N PRO D 574 19.71 41.71 -61.43
CA PRO D 574 19.07 40.81 -60.46
C PRO D 574 19.64 40.94 -59.06
N ARG D 575 20.83 41.50 -58.93
CA ARG D 575 21.45 41.61 -57.62
C ARG D 575 20.57 42.37 -56.65
N MET D 576 20.10 43.55 -57.06
CA MET D 576 19.31 44.41 -56.18
C MET D 576 17.83 44.26 -56.52
N THR D 577 17.26 43.14 -56.08
CA THR D 577 15.84 42.88 -56.18
C THR D 577 15.15 42.77 -54.82
N ARG D 578 15.81 42.15 -53.85
CA ARG D 578 15.25 42.11 -52.50
C ARG D 578 15.16 43.53 -51.92
N PHE D 579 16.19 44.34 -52.16
CA PHE D 579 16.14 45.73 -51.72
C PHE D 579 15.02 46.49 -52.41
N SER D 580 14.78 46.19 -53.70
CA SER D 580 13.76 46.90 -54.45
C SER D 580 12.38 46.75 -53.84
N GLU D 581 12.03 45.55 -53.35
CA GLU D 581 10.74 45.32 -52.73
C GLU D 581 10.72 45.68 -51.25
N GLU D 582 11.79 45.37 -50.52
CA GLU D 582 11.81 45.68 -49.09
C GLU D 582 11.85 47.19 -48.85
N ALA D 583 12.62 47.91 -49.66
CA ALA D 583 12.79 49.35 -49.45
C ALA D 583 11.50 50.10 -49.75
N CYS D 584 11.01 50.00 -50.98
CA CYS D 584 9.77 50.69 -51.35
C CYS D 584 8.56 49.92 -50.80
N ALA D 585 8.44 49.89 -49.48
CA ALA D 585 7.29 49.27 -48.82
C ALA D 585 6.71 50.12 -47.71
N VAL D 586 7.43 51.14 -47.23
CA VAL D 586 6.89 52.00 -46.18
C VAL D 586 5.67 52.77 -46.65
N LEU D 587 5.51 52.96 -47.96
CA LEU D 587 4.31 53.64 -48.45
C LEU D 587 3.06 52.86 -48.09
N THR D 588 3.09 51.54 -48.26
CA THR D 588 1.97 50.68 -47.88
C THR D 588 2.15 50.15 -46.47
N SER D 589 2.36 51.08 -45.54
CA SER D 589 2.59 50.77 -44.14
C SER D 589 1.80 51.76 -43.30
N PRO D 590 1.59 51.47 -42.01
CA PRO D 590 0.81 52.38 -41.17
C PRO D 590 1.37 53.79 -41.13
N THR D 591 2.70 53.95 -41.31
CA THR D 591 3.29 55.28 -41.20
C THR D 591 2.64 56.27 -42.16
N PHE D 592 2.10 55.78 -43.28
CA PHE D 592 1.46 56.63 -44.27
C PHE D 592 -0.03 56.35 -44.39
N GLU D 593 -0.60 55.55 -43.47
CA GLU D 593 -2.00 55.17 -43.59
C GLU D 593 -2.90 56.40 -43.67
N ALA D 594 -2.55 57.47 -42.95
CA ALA D 594 -3.39 58.67 -42.95
C ALA D 594 -3.59 59.19 -44.36
N CYS D 595 -2.57 59.10 -45.20
CA CYS D 595 -2.65 59.60 -46.57
C CYS D 595 -3.31 58.62 -47.52
N HIS D 596 -3.53 57.37 -47.10
CA HIS D 596 -4.12 56.39 -48.01
C HIS D 596 -5.53 56.77 -48.43
N ARG D 597 -6.21 57.61 -47.65
CA ARG D 597 -7.57 58.04 -47.97
C ARG D 597 -7.60 59.39 -48.68
N ALA D 598 -6.44 59.96 -49.00
CA ALA D 598 -6.37 61.23 -49.71
C ALA D 598 -5.89 61.07 -51.14
N VAL D 599 -4.82 60.32 -51.36
CA VAL D 599 -4.31 60.01 -52.69
C VAL D 599 -3.95 58.54 -52.75
N SER D 600 -4.39 57.86 -53.79
CA SER D 600 -4.13 56.42 -53.91
C SER D 600 -2.65 56.18 -54.13
N PRO D 601 -1.97 55.42 -53.27
CA PRO D 601 -0.54 55.16 -53.50
C PRO D 601 -0.29 53.97 -54.41
N LEU D 602 -1.08 53.84 -55.47
CA LEU D 602 -0.85 52.77 -56.43
C LEU D 602 0.31 53.13 -57.33
N PRO D 603 0.30 54.30 -57.98
CA PRO D 603 1.39 54.63 -58.90
C PRO D 603 2.65 55.08 -58.19
N TYR D 604 2.54 55.69 -57.01
CA TYR D 604 3.70 56.16 -56.28
C TYR D 604 4.53 55.03 -55.71
N LEU D 605 4.03 53.80 -55.76
CA LEU D 605 4.81 52.62 -55.39
C LEU D 605 5.56 52.03 -56.56
N ARG D 606 4.92 51.90 -57.72
CA ARG D 606 5.63 51.44 -58.90
C ARG D 606 6.69 52.45 -59.33
N ASN D 607 6.43 53.75 -59.14
CA ASN D 607 7.47 54.74 -59.41
C ASN D 607 8.66 54.56 -58.49
N CYS D 608 8.40 54.26 -57.21
CA CYS D 608 9.50 53.97 -56.29
C CYS D 608 10.28 52.75 -56.75
N ARG D 609 9.59 51.69 -57.15
CA ARG D 609 10.28 50.50 -57.61
C ARG D 609 11.15 50.81 -58.82
N TYR D 610 10.61 51.55 -59.78
CA TYR D 610 11.39 51.92 -60.97
C TYR D 610 12.59 52.76 -60.60
N ASP D 611 12.40 53.75 -59.72
CA ASP D 611 13.50 54.64 -59.35
C ASP D 611 14.62 53.86 -58.67
N VAL D 612 14.28 52.97 -57.74
CA VAL D 612 15.32 52.21 -57.07
C VAL D 612 15.97 51.22 -58.05
N CYS D 613 15.17 50.57 -58.90
CA CYS D 613 15.70 49.57 -59.81
C CYS D 613 16.66 50.16 -60.83
N SER D 614 16.34 51.32 -61.41
CA SER D 614 17.11 51.85 -62.52
C SER D 614 18.29 52.71 -62.07
N CYS D 615 18.04 53.69 -61.22
CA CYS D 615 19.10 54.62 -60.84
C CYS D 615 20.23 53.88 -60.13
N SER D 616 21.47 54.29 -60.42
CA SER D 616 22.63 53.68 -59.79
C SER D 616 22.66 53.97 -58.30
N ASP D 617 22.44 55.23 -57.92
CA ASP D 617 22.59 55.69 -56.54
C ASP D 617 21.22 55.55 -55.87
N GLY D 618 21.00 54.43 -55.19
CA GLY D 618 19.74 54.19 -54.53
C GLY D 618 19.53 54.87 -53.19
N ARG D 619 20.61 55.34 -52.56
CA ARG D 619 20.47 56.01 -51.27
C ARG D 619 19.53 57.21 -51.38
N GLU D 620 19.78 58.09 -52.34
CA GLU D 620 18.92 59.24 -52.54
C GLU D 620 17.63 58.89 -53.26
N CYS D 621 17.64 57.87 -54.11
CA CYS D 621 16.47 57.57 -54.93
C CYS D 621 15.28 57.16 -54.08
N LEU D 622 15.50 56.33 -53.07
CA LEU D 622 14.39 55.84 -52.25
C LEU D 622 13.68 57.00 -51.57
N CYS D 623 14.44 57.87 -50.90
CA CYS D 623 13.82 58.98 -50.20
C CYS D 623 13.31 60.05 -51.16
N GLY D 624 13.91 60.17 -52.35
CA GLY D 624 13.34 61.05 -53.35
C GLY D 624 12.00 60.59 -53.87
N ALA D 625 11.84 59.28 -54.05
CA ALA D 625 10.52 58.74 -54.40
C ALA D 625 9.53 58.95 -53.26
N LEU D 626 9.95 58.71 -52.03
CA LEU D 626 9.06 58.94 -50.89
C LEU D 626 8.68 60.41 -50.75
N ALA D 627 9.59 61.31 -51.11
CA ALA D 627 9.32 62.73 -50.96
C ALA D 627 8.21 63.20 -51.90
N SER D 628 8.11 62.61 -53.08
CA SER D 628 7.00 62.96 -53.97
C SER D 628 5.66 62.65 -53.31
N TYR D 629 5.54 61.47 -52.72
CA TYR D 629 4.30 61.11 -52.03
C TYR D 629 4.07 62.01 -50.83
N ALA D 630 5.13 62.33 -50.08
CA ALA D 630 4.98 63.22 -48.94
C ALA D 630 4.48 64.59 -49.37
N ALA D 631 5.04 65.13 -50.46
CA ALA D 631 4.60 66.43 -50.96
C ALA D 631 3.17 66.37 -51.46
N ALA D 632 2.79 65.28 -52.12
CA ALA D 632 1.41 65.13 -52.55
C ALA D 632 0.47 65.12 -51.36
N CYS D 633 0.85 64.41 -50.29
CA CYS D 633 0.04 64.41 -49.08
C CYS D 633 -0.06 65.82 -48.50
N ALA D 634 1.07 66.54 -48.46
CA ALA D 634 1.06 67.90 -47.92
C ALA D 634 0.13 68.80 -48.72
N GLY D 635 0.16 68.70 -50.04
CA GLY D 635 -0.74 69.49 -50.86
C GLY D 635 -2.20 69.25 -50.55
N ARG D 636 -2.53 68.05 -50.06
CA ARG D 636 -3.88 67.70 -49.67
C ARG D 636 -4.14 67.98 -48.19
N GLY D 637 -3.17 68.52 -47.46
CA GLY D 637 -3.35 68.87 -46.08
C GLY D 637 -2.99 67.78 -45.09
N VAL D 638 -2.71 66.56 -45.55
CA VAL D 638 -2.35 65.47 -44.66
C VAL D 638 -0.90 65.63 -44.23
N ARG D 639 -0.65 65.53 -42.93
CA ARG D 639 0.67 65.74 -42.35
C ARG D 639 1.21 64.40 -41.87
N VAL D 640 2.40 64.04 -42.34
CA VAL D 640 3.05 62.79 -41.94
C VAL D 640 4.55 63.05 -41.84
N ALA D 641 5.18 62.47 -40.82
CA ALA D 641 6.61 62.71 -40.59
C ALA D 641 7.48 61.81 -41.47
N TRP D 642 7.34 60.49 -41.32
CA TRP D 642 8.00 59.49 -42.16
C TRP D 642 9.52 59.65 -42.18
N ARG D 643 10.08 60.49 -41.33
CA ARG D 643 11.52 60.64 -41.19
C ARG D 643 11.95 60.07 -39.85
N GLU D 644 12.84 59.10 -39.89
CA GLU D 644 13.32 58.40 -38.70
C GLU D 644 14.83 58.23 -38.83
N PRO D 645 15.53 58.05 -37.70
CA PRO D 645 16.98 57.79 -37.79
C PRO D 645 17.25 56.49 -38.53
N GLY D 646 18.05 56.58 -39.58
CA GLY D 646 18.26 55.47 -40.48
C GLY D 646 17.54 55.69 -41.80
N ARG D 647 17.32 56.95 -42.15
CA ARG D 647 16.61 57.32 -43.36
C ARG D 647 17.23 58.62 -43.87
N CYS D 648 16.54 59.29 -44.80
CA CYS D 648 17.03 60.53 -45.39
C CYS D 648 16.55 61.71 -44.55
N GLU D 649 17.22 61.95 -43.43
CA GLU D 649 16.99 63.16 -42.69
C GLU D 649 17.65 64.34 -43.40
N LEU D 650 17.07 65.53 -43.23
CA LEU D 650 17.55 66.69 -43.96
C LEU D 650 19.01 66.97 -43.64
N ASN D 651 19.44 66.76 -42.40
CA ASN D 651 20.81 67.00 -41.98
C ASN D 651 21.21 68.46 -42.25
N CYS D 652 20.42 69.37 -41.69
CA CYS D 652 20.66 70.79 -41.90
C CYS D 652 22.00 71.19 -41.27
N PRO D 653 22.72 72.12 -41.90
CA PRO D 653 23.98 72.59 -41.31
C PRO D 653 23.79 73.12 -39.89
N LYS D 654 24.90 73.25 -39.19
CA LYS D 654 24.86 73.73 -37.82
C LYS D 654 24.34 75.16 -37.76
N GLY D 655 23.67 75.49 -36.65
CA GLY D 655 23.06 76.79 -36.49
C GLY D 655 21.69 76.94 -37.12
N GLN D 656 21.13 75.87 -37.66
CA GLN D 656 19.82 75.91 -38.29
C GLN D 656 18.95 74.81 -37.70
N VAL D 657 17.63 74.97 -37.88
CA VAL D 657 16.65 74.10 -37.25
C VAL D 657 15.81 73.43 -38.33
N TYR D 658 15.64 72.12 -38.21
CA TYR D 658 14.82 71.34 -39.13
C TYR D 658 13.33 71.43 -38.82
N LEU D 659 12.94 72.29 -37.87
CA LEU D 659 11.57 72.31 -37.38
C LEU D 659 10.58 72.45 -38.52
N GLN D 660 9.32 72.12 -38.22
CA GLN D 660 8.27 72.01 -39.22
C GLN D 660 7.81 73.43 -39.62
N CYS D 661 6.71 73.49 -40.38
CA CYS D 661 6.15 74.73 -40.89
C CYS D 661 6.31 75.89 -39.90
N GLY D 662 6.83 77.01 -40.42
CA GLY D 662 6.95 78.22 -39.64
C GLY D 662 6.38 79.43 -40.36
N THR D 663 5.69 79.21 -41.48
CA THR D 663 5.09 80.28 -42.26
C THR D 663 6.15 81.34 -42.56
N PRO D 664 7.07 81.07 -43.49
CA PRO D 664 8.19 82.00 -43.70
C PRO D 664 7.75 83.31 -44.35
N CYS D 665 7.67 84.35 -43.55
CA CYS D 665 7.55 85.74 -43.99
C CYS D 665 8.58 86.62 -43.29
N ASN D 666 8.82 86.38 -42.01
CA ASN D 666 9.92 86.96 -41.26
C ASN D 666 11.13 86.06 -41.43
N LEU D 667 12.14 86.20 -40.57
CA LEU D 667 13.36 85.37 -40.65
C LEU D 667 14.15 85.72 -41.90
N THR D 668 14.36 87.02 -42.11
CA THR D 668 15.20 87.48 -43.20
C THR D 668 15.48 88.97 -43.00
N CYS D 669 16.72 89.36 -43.29
CA CYS D 669 17.08 90.77 -43.22
C CYS D 669 16.41 91.58 -44.32
N ARG D 670 16.30 91.02 -45.53
CA ARG D 670 15.59 91.70 -46.60
C ARG D 670 14.11 91.86 -46.25
N SER D 671 13.49 90.81 -45.72
CA SER D 671 12.10 90.91 -45.30
C SER D 671 11.94 91.92 -44.17
N LEU D 672 12.89 91.95 -43.24
CA LEU D 672 12.85 92.95 -42.17
C LEU D 672 12.91 94.35 -42.75
N SER D 673 13.81 94.58 -43.70
CA SER D 673 13.92 95.90 -44.33
C SER D 673 12.64 96.27 -45.07
N TYR D 674 12.05 95.31 -45.79
CA TYR D 674 10.80 95.53 -46.50
C TYR D 674 9.73 94.62 -45.89
N PRO D 675 8.96 95.10 -44.90
CA PRO D 675 7.89 94.28 -44.32
C PRO D 675 6.50 94.52 -44.88
N ASP D 676 6.33 95.45 -45.82
CA ASP D 676 5.03 95.90 -46.28
C ASP D 676 4.92 95.87 -47.80
N GLU D 677 5.34 94.77 -48.41
CA GLU D 677 5.11 94.57 -49.85
C GLU D 677 4.21 93.37 -50.10
N GLU D 678 4.51 92.22 -49.50
CA GLU D 678 3.71 91.01 -49.65
C GLU D 678 4.01 90.11 -48.47
N CYS D 679 2.96 89.50 -47.91
CA CYS D 679 3.14 88.51 -46.85
C CYS D 679 2.00 87.49 -46.98
N ASN D 680 2.26 86.43 -47.75
CA ASN D 680 1.35 85.30 -47.84
C ASN D 680 2.17 84.10 -48.27
N GLU D 681 2.51 83.24 -47.30
CA GLU D 681 3.35 82.08 -47.55
C GLU D 681 2.76 80.86 -46.86
N ALA D 682 2.84 79.72 -47.54
CA ALA D 682 2.35 78.47 -47.01
C ALA D 682 3.50 77.73 -46.32
N CYS D 683 3.24 76.49 -45.92
CA CYS D 683 4.24 75.69 -45.23
C CYS D 683 5.23 75.07 -46.21
N LEU D 684 6.49 74.98 -45.77
CA LEU D 684 7.53 74.34 -46.58
C LEU D 684 8.46 73.48 -45.77
N GLU D 685 8.26 73.34 -44.46
CA GLU D 685 9.08 72.50 -43.60
C GLU D 685 10.57 72.62 -43.91
N GLY D 686 11.01 73.84 -44.22
CA GLY D 686 12.41 74.07 -44.52
C GLY D 686 13.23 74.31 -43.26
N CYS D 687 14.53 74.51 -43.47
CA CYS D 687 15.43 74.80 -42.37
C CYS D 687 15.05 76.14 -41.74
N PHE D 688 15.10 76.20 -40.41
CA PHE D 688 14.67 77.39 -39.69
C PHE D 688 15.60 77.73 -38.54
N CYS D 689 15.26 78.77 -37.79
CA CYS D 689 15.96 79.17 -36.59
C CYS D 689 14.93 79.39 -35.49
N PRO D 690 15.34 79.35 -34.23
CA PRO D 690 14.41 79.66 -33.15
C PRO D 690 13.84 81.06 -33.31
N PRO D 691 12.61 81.31 -32.86
CA PRO D 691 11.97 82.62 -33.14
C PRO D 691 12.61 83.76 -32.38
N GLY D 692 13.94 83.89 -32.48
CA GLY D 692 14.67 85.00 -31.91
C GLY D 692 15.82 85.43 -32.81
N LEU D 693 15.91 84.82 -33.99
CA LEU D 693 17.00 85.05 -34.92
C LEU D 693 16.46 85.51 -36.27
N TYR D 694 17.35 86.05 -37.08
CA TYR D 694 17.06 86.40 -38.46
C TYR D 694 18.17 85.86 -39.36
N MET D 695 17.80 85.56 -40.60
CA MET D 695 18.81 85.12 -41.56
C MET D 695 19.87 86.20 -41.75
N ASP D 696 21.02 85.78 -42.29
CA ASP D 696 22.10 86.68 -42.61
C ASP D 696 22.36 86.66 -44.11
N GLU D 697 22.82 87.80 -44.63
CA GLU D 697 23.08 87.89 -46.07
C GLU D 697 24.11 86.86 -46.50
N ARG D 698 25.19 86.71 -45.72
CA ARG D 698 26.19 85.69 -46.04
C ARG D 698 25.61 84.29 -45.94
N GLY D 699 24.74 84.05 -44.95
CA GLY D 699 24.14 82.75 -44.77
C GLY D 699 23.98 82.35 -43.31
N ASP D 700 24.57 83.13 -42.40
CA ASP D 700 24.48 82.85 -40.98
C ASP D 700 23.08 83.19 -40.47
N CYS D 701 22.84 82.92 -39.19
CA CYS D 701 21.55 83.20 -38.57
C CYS D 701 21.68 83.93 -37.25
N VAL D 702 22.88 84.34 -36.84
CA VAL D 702 23.10 84.94 -35.52
C VAL D 702 22.49 86.34 -35.42
N PRO D 703 22.42 87.15 -36.51
CA PRO D 703 21.95 88.53 -36.34
C PRO D 703 20.59 88.64 -35.68
N LYS D 704 20.54 89.30 -34.52
CA LYS D 704 19.28 89.61 -33.86
C LYS D 704 18.80 91.01 -34.25
N ALA D 705 19.63 92.02 -33.98
CA ALA D 705 19.41 93.38 -34.45
C ALA D 705 20.71 93.98 -34.97
N GLN D 706 21.62 93.13 -35.44
CA GLN D 706 22.95 93.55 -35.88
C GLN D 706 23.11 93.37 -37.39
N CYS D 707 22.00 93.19 -38.11
CA CYS D 707 22.11 92.95 -39.53
C CYS D 707 22.28 94.27 -40.29
N PRO D 708 23.06 94.29 -41.37
CA PRO D 708 23.18 95.51 -42.16
C PRO D 708 21.83 96.01 -42.63
N CYS D 709 21.79 97.30 -42.94
CA CYS D 709 20.59 97.95 -43.46
C CYS D 709 20.62 97.89 -44.99
N TYR D 710 19.50 97.49 -45.60
CA TYR D 710 19.39 97.34 -47.04
C TYR D 710 18.21 98.16 -47.54
N TYR D 711 18.51 99.23 -48.27
CA TYR D 711 17.49 100.04 -48.92
C TYR D 711 17.67 100.06 -50.43
N ASP D 712 18.89 100.30 -50.92
CA ASP D 712 19.20 100.23 -52.34
C ASP D 712 20.50 99.51 -52.65
N GLY D 713 21.33 99.22 -51.65
CA GLY D 713 22.59 98.56 -51.88
C GLY D 713 22.94 97.55 -50.80
N GLU D 714 24.22 97.33 -50.56
CA GLU D 714 24.71 96.35 -49.61
C GLU D 714 25.48 97.03 -48.47
N ILE D 715 25.07 98.24 -48.10
CA ILE D 715 25.77 98.96 -47.05
C ILE D 715 25.72 98.18 -45.74
N PHE D 716 26.64 98.51 -44.84
CA PHE D 716 26.91 97.72 -43.65
C PHE D 716 26.03 98.21 -42.49
N GLN D 717 26.38 97.81 -41.27
CA GLN D 717 25.65 98.10 -40.03
C GLN D 717 25.33 99.58 -39.91
N PRO D 718 24.46 99.99 -38.96
CA PRO D 718 23.87 101.33 -39.04
C PRO D 718 24.88 102.46 -38.88
N GLU D 719 25.62 102.73 -39.95
CA GLU D 719 26.40 103.95 -40.07
C GLU D 719 25.46 105.07 -40.53
N ASP D 720 26.03 106.21 -40.92
CA ASP D 720 25.25 107.35 -41.38
C ASP D 720 25.75 107.81 -42.74
N ILE D 721 24.82 108.28 -43.57
CA ILE D 721 25.14 108.82 -44.89
C ILE D 721 24.42 110.14 -45.07
N PHE D 722 24.91 110.93 -46.03
CA PHE D 722 24.36 112.25 -46.30
C PHE D 722 24.51 112.56 -47.78
N SER D 723 23.47 113.16 -48.36
CA SER D 723 23.45 113.54 -49.77
C SER D 723 23.21 115.04 -49.89
N ASP D 724 23.00 115.50 -51.13
CA ASP D 724 22.81 116.93 -51.37
C ASP D 724 21.43 117.39 -50.90
N HIS D 725 20.38 116.81 -51.47
CA HIS D 725 19.01 117.21 -51.15
C HIS D 725 18.34 116.28 -50.15
N HIS D 726 18.60 114.98 -50.24
CA HIS D 726 18.01 114.03 -49.29
C HIS D 726 18.67 114.17 -47.92
N THR D 727 17.97 113.67 -46.91
CA THR D 727 18.38 113.75 -45.52
C THR D 727 18.41 112.37 -44.90
N MET D 728 19.05 111.43 -45.59
CA MET D 728 18.99 110.02 -45.20
C MET D 728 19.74 109.79 -43.89
N CYS D 729 19.00 109.83 -42.78
CA CYS D 729 19.57 109.64 -41.46
C CYS D 729 19.85 108.15 -41.23
N TYR D 730 20.67 107.88 -40.20
CA TYR D 730 21.29 106.57 -40.02
C TYR D 730 20.27 105.45 -40.15
N CYS D 731 20.75 104.28 -40.60
CA CYS D 731 19.88 103.18 -40.99
C CYS D 731 19.96 102.03 -39.96
N GLU D 732 19.11 102.13 -38.94
CA GLU D 732 18.99 101.07 -37.96
C GLU D 732 18.09 99.96 -38.52
N ASP D 733 18.11 98.80 -37.86
CA ASP D 733 17.35 97.65 -38.33
C ASP D 733 15.84 97.94 -38.33
N GLY D 734 15.07 97.07 -38.99
CA GLY D 734 13.64 97.23 -39.10
C GLY D 734 13.23 98.10 -40.26
N PHE D 735 13.40 99.40 -40.12
CA PHE D 735 13.31 100.38 -41.20
C PHE D 735 14.54 101.26 -41.14
N MET D 736 14.74 102.10 -42.15
CA MET D 736 16.03 102.76 -42.21
C MET D 736 16.10 103.86 -41.15
N HIS D 737 15.41 104.97 -41.36
CA HIS D 737 15.06 105.96 -40.35
C HIS D 737 14.34 107.13 -41.02
N CYS D 738 14.17 108.22 -40.28
CA CYS D 738 13.59 109.45 -40.80
C CYS D 738 14.00 109.69 -42.25
N THR D 739 13.01 110.06 -43.07
CA THR D 739 13.24 110.36 -44.48
C THR D 739 13.95 109.20 -45.17
N ARG D 768 24.42 71.44 -104.01
CA ARG D 768 23.46 70.99 -105.01
C ARG D 768 22.36 72.02 -105.22
N PRO D 769 22.43 72.77 -106.32
CA PRO D 769 21.39 73.76 -106.58
C PRO D 769 20.03 73.08 -106.73
N PRO D 770 18.93 73.82 -106.52
CA PRO D 770 18.88 75.24 -106.17
C PRO D 770 18.88 75.47 -104.66
N MET D 771 19.69 74.72 -103.93
CA MET D 771 19.78 74.89 -102.49
C MET D 771 20.20 76.32 -102.16
N VAL D 772 19.56 76.90 -101.16
CA VAL D 772 19.75 78.30 -100.79
C VAL D 772 20.52 78.36 -99.49
N LYS D 773 21.58 79.16 -99.45
CA LYS D 773 22.39 79.37 -98.27
C LYS D 773 22.15 80.76 -97.70
N LEU D 774 22.54 80.95 -96.45
CA LEU D 774 22.36 82.23 -95.78
C LEU D 774 23.46 82.41 -94.75
N VAL D 775 23.74 83.66 -94.41
CA VAL D 775 24.75 83.99 -93.43
C VAL D 775 24.06 84.56 -92.19
N CYS D 776 24.83 84.72 -91.11
CA CYS D 776 24.31 85.20 -89.84
C CYS D 776 24.82 86.60 -89.57
N PRO D 777 23.95 87.61 -89.40
CA PRO D 777 24.46 88.95 -89.10
C PRO D 777 25.25 89.02 -87.81
N ALA D 778 24.89 88.21 -86.81
CA ALA D 778 25.61 88.14 -85.55
C ALA D 778 25.57 89.48 -84.81
N ASP D 779 24.34 89.97 -84.61
CA ASP D 779 24.12 91.17 -83.80
C ASP D 779 23.82 90.78 -82.36
N ASN D 780 22.75 90.01 -82.14
CA ASN D 780 22.53 89.36 -80.86
C ASN D 780 21.96 87.95 -81.03
N LEU D 781 22.21 87.32 -82.18
CA LEU D 781 21.91 85.92 -82.41
C LEU D 781 20.40 85.65 -82.33
N ARG D 782 19.66 86.29 -83.24
CA ARG D 782 18.25 85.99 -83.44
C ARG D 782 17.96 85.29 -84.76
N ALA D 783 18.86 85.37 -85.74
CA ALA D 783 18.61 84.79 -87.05
C ALA D 783 18.54 83.27 -86.95
N GLU D 784 17.77 82.67 -87.86
CA GLU D 784 17.56 81.24 -87.90
C GLU D 784 18.59 80.61 -88.84
N GLY D 785 19.59 79.93 -88.28
CA GLY D 785 20.58 79.23 -89.05
C GLY D 785 20.21 77.78 -89.27
N LEU D 786 21.23 76.96 -89.53
CA LEU D 786 21.00 75.54 -89.73
C LEU D 786 20.49 74.84 -88.49
N GLU D 787 20.65 75.45 -87.30
CA GLU D 787 20.13 74.86 -86.07
C GLU D 787 18.62 74.88 -86.01
N CYS D 788 17.96 75.65 -86.88
CA CYS D 788 16.50 75.80 -86.88
C CYS D 788 15.98 75.36 -88.25
N THR D 789 15.69 74.07 -88.39
CA THR D 789 15.13 73.52 -89.61
C THR D 789 13.65 73.28 -89.41
N LYS D 790 12.83 73.84 -90.30
CA LYS D 790 11.38 73.79 -90.16
C LYS D 790 10.84 72.70 -91.09
N THR D 791 10.43 71.58 -90.49
CA THR D 791 9.74 70.51 -91.21
C THR D 791 8.24 70.61 -90.96
N CYS D 792 7.48 69.91 -91.80
CA CYS D 792 6.03 69.96 -91.67
C CYS D 792 5.55 69.46 -90.31
N GLN D 793 6.32 68.57 -89.67
CA GLN D 793 5.99 68.08 -88.34
C GLN D 793 6.63 68.94 -87.25
N ASN D 794 7.40 69.95 -87.61
CA ASN D 794 7.98 70.88 -86.65
C ASN D 794 7.63 72.33 -86.98
N TYR D 795 6.84 72.57 -88.02
CA TYR D 795 6.50 73.93 -88.40
C TYR D 795 5.69 74.62 -87.31
N ASP D 796 4.73 73.90 -86.72
CA ASP D 796 3.80 74.50 -85.77
C ASP D 796 4.35 74.57 -84.35
N LEU D 797 5.51 74.00 -84.09
CA LEU D 797 6.09 74.02 -82.76
C LEU D 797 7.03 75.22 -82.61
N GLU D 798 7.65 75.34 -81.44
CA GLU D 798 8.55 76.45 -81.13
C GLU D 798 9.98 76.00 -81.38
N CYS D 799 10.69 76.73 -82.22
CA CYS D 799 12.09 76.42 -82.51
C CYS D 799 12.99 77.14 -81.51
N MET D 800 13.79 76.36 -80.78
CA MET D 800 14.74 76.93 -79.83
C MET D 800 16.05 77.21 -80.56
N SER D 801 16.51 78.45 -80.47
CA SER D 801 17.66 78.92 -81.22
C SER D 801 18.75 79.37 -80.25
N MET D 802 19.78 78.55 -80.09
CA MET D 802 20.95 78.97 -79.32
C MET D 802 21.63 80.18 -79.95
N GLY D 803 21.50 80.34 -81.25
CA GLY D 803 22.12 81.42 -82.00
C GLY D 803 22.30 81.00 -83.45
N CYS D 804 22.26 81.98 -84.33
CA CYS D 804 22.35 81.70 -85.76
C CYS D 804 23.67 81.01 -86.08
N VAL D 805 23.60 79.95 -86.87
CA VAL D 805 24.78 79.23 -87.35
C VAL D 805 24.77 79.28 -88.87
N SER D 806 25.88 79.72 -89.45
CA SER D 806 25.96 79.83 -90.90
C SER D 806 25.76 78.46 -91.55
N GLY D 807 24.76 78.37 -92.42
CA GLY D 807 24.44 77.11 -93.08
C GLY D 807 23.59 77.30 -94.30
N CYS D 808 22.67 76.37 -94.55
CA CYS D 808 21.81 76.42 -95.72
C CYS D 808 20.38 76.06 -95.31
N LEU D 809 19.42 76.61 -96.05
CA LEU D 809 18.01 76.36 -95.79
C LEU D 809 17.21 76.67 -97.05
N CYS D 810 16.17 75.88 -97.28
CA CYS D 810 15.27 76.13 -98.40
C CYS D 810 14.47 77.40 -98.13
N PRO D 811 13.90 78.00 -99.18
CA PRO D 811 13.26 79.31 -99.03
C PRO D 811 12.27 79.33 -97.87
N PRO D 812 11.93 80.51 -97.35
CA PRO D 812 11.02 80.56 -96.20
C PRO D 812 9.69 79.86 -96.44
N GLY D 813 9.14 80.00 -97.63
CA GLY D 813 7.92 79.28 -97.98
C GLY D 813 8.21 77.91 -98.53
N MET D 814 9.03 77.15 -97.81
CA MET D 814 9.46 75.83 -98.27
C MET D 814 9.91 75.03 -97.05
N VAL D 815 9.29 73.87 -96.83
CA VAL D 815 9.57 73.06 -95.66
C VAL D 815 10.38 71.85 -96.08
N ARG D 816 11.13 71.29 -95.14
CA ARG D 816 12.00 70.15 -95.41
C ARG D 816 11.24 68.85 -95.25
N HIS D 817 11.63 67.86 -96.04
CA HIS D 817 11.10 66.50 -95.96
C HIS D 817 12.26 65.54 -95.71
N GLU D 818 11.95 64.24 -95.70
CA GLU D 818 12.98 63.24 -95.40
C GLU D 818 14.14 63.34 -96.40
N ASN D 819 13.83 63.37 -97.70
CA ASN D 819 14.89 63.45 -98.70
C ASN D 819 15.36 64.88 -98.88
N ARG D 820 14.47 65.78 -99.30
CA ARG D 820 14.79 67.18 -99.49
C ARG D 820 13.55 67.99 -99.15
N CYS D 821 13.59 69.30 -99.40
CA CYS D 821 12.46 70.15 -99.07
C CYS D 821 11.41 70.08 -100.17
N VAL D 822 10.17 69.79 -99.76
CA VAL D 822 9.06 69.53 -100.68
C VAL D 822 7.93 70.49 -100.32
N ALA D 823 7.00 70.67 -101.25
CA ALA D 823 5.87 71.56 -101.05
C ALA D 823 5.26 71.36 -99.68
N LEU D 824 4.84 72.46 -99.05
CA LEU D 824 4.32 72.40 -97.70
C LEU D 824 3.04 71.58 -97.63
N GLU D 825 2.14 71.77 -98.59
CA GLU D 825 0.83 71.13 -98.56
C GLU D 825 0.86 69.64 -98.83
N ARG D 826 2.00 69.11 -99.29
CA ARG D 826 2.11 67.70 -99.67
C ARG D 826 2.82 66.85 -98.63
N CYS D 827 3.13 67.40 -97.45
CA CYS D 827 3.82 66.61 -96.45
C CYS D 827 2.80 65.74 -95.72
N PRO D 828 2.91 64.42 -95.76
CA PRO D 828 1.88 63.56 -95.15
C PRO D 828 1.74 63.82 -93.66
N CYS D 829 0.50 63.73 -93.18
CA CYS D 829 0.24 63.73 -91.75
C CYS D 829 0.46 62.34 -91.17
N PHE D 830 0.77 62.30 -89.88
CA PHE D 830 1.24 61.07 -89.23
C PHE D 830 0.18 60.55 -88.28
N HIS D 831 -0.27 59.32 -88.52
CA HIS D 831 -0.97 58.54 -87.52
C HIS D 831 0.07 57.66 -86.79
N GLN D 832 -0.37 56.68 -86.01
CA GLN D 832 0.56 55.83 -85.30
C GLN D 832 1.54 55.14 -86.26
N GLY D 833 2.80 55.54 -86.18
CA GLY D 833 3.88 54.90 -86.92
C GLY D 833 3.57 54.49 -88.34
N LYS D 834 3.06 55.41 -89.15
CA LYS D 834 2.86 55.12 -90.57
C LYS D 834 2.59 56.42 -91.31
N GLU D 835 2.95 56.42 -92.60
CA GLU D 835 2.73 57.57 -93.46
C GLU D 835 1.28 57.62 -93.93
N TYR D 836 0.79 58.84 -94.17
CA TYR D 836 -0.56 59.03 -94.67
C TYR D 836 -0.56 60.31 -95.52
N ALA D 837 -0.47 60.15 -96.83
CA ALA D 837 -0.49 61.29 -97.72
C ALA D 837 -1.90 61.90 -97.75
N PRO D 838 -2.02 63.19 -98.07
CA PRO D 838 -3.35 63.79 -98.18
C PRO D 838 -4.18 63.11 -99.26
N GLY D 839 -5.48 62.97 -98.98
CA GLY D 839 -6.40 62.44 -99.97
C GLY D 839 -7.18 61.23 -99.50
N GLU D 840 -6.54 60.33 -98.76
CA GLU D 840 -7.21 59.12 -98.31
C GLU D 840 -7.80 59.31 -96.92
N THR D 841 -8.60 58.34 -96.49
CA THR D 841 -9.31 58.39 -95.22
C THR D 841 -9.02 57.12 -94.43
N VAL D 842 -9.18 57.23 -93.12
CA VAL D 842 -8.99 56.11 -92.21
C VAL D 842 -10.11 56.12 -91.18
N LYS D 843 -10.66 54.95 -90.89
CA LYS D 843 -11.74 54.83 -89.92
C LYS D 843 -11.20 54.27 -88.62
N ILE D 844 -11.62 54.86 -87.51
CA ILE D 844 -11.17 54.46 -86.18
C ILE D 844 -12.40 53.96 -85.41
N GLY D 845 -12.73 52.69 -85.61
CA GLY D 845 -13.75 52.05 -84.81
C GLY D 845 -15.17 52.50 -85.11
N CYS D 846 -15.43 53.80 -84.98
CA CYS D 846 -16.79 54.32 -85.02
C CYS D 846 -16.99 55.33 -86.14
N ASN D 847 -15.94 56.04 -86.52
CA ASN D 847 -16.06 57.14 -87.47
C ASN D 847 -14.88 57.15 -88.43
N THR D 848 -15.12 57.69 -89.62
CA THR D 848 -14.09 57.86 -90.63
C THR D 848 -13.55 59.29 -90.56
N CYS D 849 -12.25 59.43 -90.81
CA CYS D 849 -11.58 60.72 -90.71
C CYS D 849 -10.64 60.89 -91.89
N VAL D 850 -10.43 62.15 -92.29
CA VAL D 850 -9.63 62.49 -93.45
C VAL D 850 -8.59 63.54 -93.04
N CYS D 851 -7.54 63.63 -93.85
CA CYS D 851 -6.42 64.52 -93.60
C CYS D 851 -6.46 65.69 -94.58
N ARG D 852 -6.37 66.91 -94.04
CA ARG D 852 -6.33 68.12 -94.83
C ARG D 852 -5.36 69.09 -94.17
N ASP D 853 -4.47 69.69 -94.97
CA ASP D 853 -3.53 70.69 -94.50
C ASP D 853 -2.70 70.15 -93.34
N ARG D 854 -2.24 68.91 -93.48
CA ARG D 854 -1.39 68.27 -92.48
C ARG D 854 -2.11 68.05 -91.16
N LYS D 855 -3.41 68.35 -91.11
CA LYS D 855 -4.23 68.15 -89.94
C LYS D 855 -5.27 67.07 -90.24
N TRP D 856 -6.01 66.69 -89.20
CA TRP D 856 -7.08 65.70 -89.34
C TRP D 856 -8.41 66.41 -89.13
N ASN D 857 -9.21 66.48 -90.19
CA ASN D 857 -10.54 67.08 -90.13
C ASN D 857 -11.58 66.01 -90.40
N CYS D 858 -12.62 65.98 -89.57
CA CYS D 858 -13.69 64.99 -89.71
C CYS D 858 -14.75 65.26 -88.65
N THR D 859 -15.84 64.52 -88.74
CA THR D 859 -17.01 64.72 -87.91
C THR D 859 -16.89 63.93 -86.62
N ASP D 860 -17.90 64.06 -85.76
CA ASP D 860 -17.98 63.34 -84.49
C ASP D 860 -19.36 62.71 -84.38
N HIS D 861 -19.40 61.51 -83.80
CA HIS D 861 -20.66 60.78 -83.64
C HIS D 861 -20.53 59.92 -82.39
N VAL D 862 -21.05 60.41 -81.26
CA VAL D 862 -21.06 59.63 -80.04
C VAL D 862 -21.87 58.37 -80.29
N CYS D 863 -21.22 57.22 -80.18
CA CYS D 863 -21.86 55.94 -80.46
C CYS D 863 -21.82 55.05 -79.22
N ASP D 864 -22.35 53.84 -79.36
CA ASP D 864 -22.61 52.98 -78.23
C ASP D 864 -21.34 52.70 -77.44
N ALA D 865 -21.52 52.36 -76.16
CA ALA D 865 -20.44 52.03 -75.25
C ALA D 865 -20.85 50.81 -74.43
N THR D 866 -19.90 50.29 -73.65
CA THR D 866 -20.07 49.04 -72.93
C THR D 866 -19.54 49.15 -71.52
N CYS D 867 -20.18 48.43 -70.61
CA CYS D 867 -19.68 48.20 -69.26
C CYS D 867 -19.56 46.69 -69.06
N SER D 868 -18.40 46.23 -68.63
CA SER D 868 -18.13 44.80 -68.56
C SER D 868 -17.36 44.49 -67.29
N THR D 869 -17.42 43.22 -66.89
CA THR D 869 -16.70 42.72 -65.72
C THR D 869 -15.48 41.94 -66.22
N ILE D 870 -14.40 42.66 -66.50
CA ILE D 870 -13.16 42.02 -66.93
C ILE D 870 -12.62 41.18 -65.79
N GLY D 871 -12.13 39.99 -66.10
CA GLY D 871 -11.71 39.10 -65.05
C GLY D 871 -12.92 38.64 -64.23
N MET D 872 -12.67 38.38 -62.94
CA MET D 872 -13.74 37.94 -62.05
C MET D 872 -13.79 38.77 -60.77
N ALA D 873 -12.98 39.83 -60.66
CA ALA D 873 -13.07 40.71 -59.51
C ALA D 873 -12.91 42.19 -59.88
N HIS D 874 -12.79 42.52 -61.16
CA HIS D 874 -12.60 43.90 -61.60
C HIS D 874 -13.82 44.38 -62.37
N TYR D 875 -13.79 45.64 -62.76
CA TYR D 875 -14.88 46.25 -63.52
C TYR D 875 -14.32 47.29 -64.46
N LEU D 876 -15.08 47.59 -65.51
CA LEU D 876 -14.74 48.62 -66.48
C LEU D 876 -15.95 49.50 -66.71
N THR D 877 -15.74 50.81 -66.65
CA THR D 877 -16.84 51.76 -66.80
C THR D 877 -17.07 52.08 -68.28
N PHE D 878 -18.07 52.92 -68.54
CA PHE D 878 -18.39 53.27 -69.92
C PHE D 878 -17.32 54.17 -70.53
N ASP D 879 -16.67 55.00 -69.71
CA ASP D 879 -15.70 55.96 -70.20
C ASP D 879 -14.26 55.48 -70.04
N GLY D 880 -14.05 54.21 -69.70
CA GLY D 880 -12.71 53.67 -69.68
C GLY D 880 -11.97 53.87 -68.37
N LEU D 881 -12.53 53.37 -67.28
CA LEU D 881 -11.87 53.34 -65.99
C LEU D 881 -11.86 51.92 -65.44
N LYS D 882 -10.74 51.52 -64.85
CA LYS D 882 -10.59 50.20 -64.26
C LYS D 882 -10.25 50.35 -62.78
N TYR D 883 -10.85 49.49 -61.96
CA TYR D 883 -10.60 49.50 -60.53
C TYR D 883 -10.86 48.10 -59.97
N LEU D 884 -10.35 47.88 -58.76
CA LEU D 884 -10.49 46.61 -58.06
C LEU D 884 -11.50 46.76 -56.94
N PHE D 885 -12.48 45.86 -56.89
CA PHE D 885 -13.50 45.93 -55.85
C PHE D 885 -14.10 44.55 -55.61
N PRO D 886 -13.56 43.76 -54.69
CA PRO D 886 -14.17 42.46 -54.38
C PRO D 886 -15.43 42.60 -53.53
N GLY D 887 -16.55 42.14 -54.06
CA GLY D 887 -17.82 42.20 -53.34
C GLY D 887 -18.26 40.83 -52.87
N GLU D 888 -19.27 40.78 -51.99
CA GLU D 888 -19.74 39.52 -51.44
C GLU D 888 -21.26 39.46 -51.33
N CYS D 889 -21.97 40.45 -51.82
CA CYS D 889 -23.44 40.42 -51.79
C CYS D 889 -23.96 41.17 -53.01
N GLN D 890 -25.23 41.55 -52.97
CA GLN D 890 -25.91 42.09 -54.14
C GLN D 890 -25.57 43.56 -54.33
N TYR D 891 -25.28 43.93 -55.58
CA TYR D 891 -25.01 45.30 -55.98
C TYR D 891 -25.84 45.65 -57.21
N VAL D 892 -25.63 46.85 -57.74
CA VAL D 892 -26.34 47.34 -58.90
C VAL D 892 -25.35 47.97 -59.87
N LEU D 893 -25.36 47.50 -61.12
CA LEU D 893 -24.50 48.09 -62.16
C LEU D 893 -25.14 49.31 -62.79
N VAL D 894 -26.27 49.13 -63.47
CA VAL D 894 -26.83 50.15 -64.34
C VAL D 894 -28.32 50.29 -64.06
N GLN D 895 -28.77 51.53 -63.98
CA GLN D 895 -30.15 51.91 -63.80
C GLN D 895 -30.26 53.39 -64.17
N ASP D 896 -31.43 53.98 -63.98
CA ASP D 896 -31.60 55.42 -64.14
C ASP D 896 -32.49 55.99 -63.05
N TYR D 897 -32.63 55.31 -61.92
CA TYR D 897 -33.44 55.76 -60.80
C TYR D 897 -32.61 56.57 -59.79
N CYS D 898 -31.90 57.59 -60.26
CA CYS D 898 -31.18 58.49 -59.37
C CYS D 898 -31.23 59.95 -59.80
N GLY D 899 -31.62 60.26 -61.03
CA GLY D 899 -31.79 61.62 -61.48
C GLY D 899 -33.21 62.11 -61.25
N SER D 900 -33.50 63.27 -61.85
CA SER D 900 -34.83 63.87 -61.76
C SER D 900 -35.68 63.46 -62.96
N ASN D 901 -35.87 62.15 -63.10
CA ASN D 901 -36.63 61.62 -64.22
C ASN D 901 -37.02 60.16 -63.96
N PRO D 902 -38.23 59.75 -64.35
CA PRO D 902 -38.62 58.34 -64.15
C PRO D 902 -37.89 57.43 -65.13
N GLY D 903 -37.13 56.49 -64.57
CA GLY D 903 -36.41 55.51 -65.36
C GLY D 903 -37.27 54.32 -65.74
N THR D 904 -36.67 53.39 -66.46
CA THR D 904 -37.38 52.21 -66.94
C THR D 904 -36.80 50.90 -66.41
N PHE D 905 -35.50 50.67 -66.55
CA PHE D 905 -34.91 49.37 -66.27
C PHE D 905 -33.86 49.47 -65.16
N ARG D 906 -33.39 48.30 -64.74
CA ARG D 906 -32.43 48.19 -63.64
C ARG D 906 -31.75 46.82 -63.69
N ILE D 907 -30.46 46.75 -63.38
CA ILE D 907 -29.73 45.49 -63.43
C ILE D 907 -28.99 45.26 -62.11
N LEU D 908 -29.07 44.04 -61.59
CA LEU D 908 -28.40 43.65 -60.36
C LEU D 908 -27.49 42.46 -60.63
N VAL D 909 -26.40 42.36 -59.88
CA VAL D 909 -25.35 41.39 -60.15
C VAL D 909 -25.01 40.55 -58.92
N GLY D 910 -26.01 40.29 -58.08
CA GLY D 910 -25.76 39.52 -56.87
C GLY D 910 -24.89 38.30 -57.09
N ASN D 911 -23.82 38.20 -56.33
CA ASN D 911 -22.84 37.12 -56.43
C ASN D 911 -22.82 36.33 -55.13
N LYS D 912 -21.91 35.37 -55.06
CA LYS D 912 -21.73 34.55 -53.86
C LYS D 912 -20.31 34.01 -53.83
N GLY D 913 -19.73 34.01 -52.63
CA GLY D 913 -18.41 33.43 -52.44
C GLY D 913 -17.32 34.04 -53.30
N CYS D 914 -17.28 35.37 -53.37
CA CYS D 914 -16.25 36.08 -54.13
C CYS D 914 -15.49 37.08 -53.29
N SER D 915 -15.55 36.97 -51.97
CA SER D 915 -14.65 37.76 -51.13
C SER D 915 -13.19 37.45 -51.45
N HIS D 916 -12.93 36.28 -52.01
CA HIS D 916 -11.63 35.87 -52.53
C HIS D 916 -11.84 35.35 -53.94
N PRO D 917 -10.83 35.45 -54.82
CA PRO D 917 -11.02 34.99 -56.20
C PRO D 917 -11.08 33.47 -56.34
N SER D 918 -11.24 32.74 -55.23
CA SER D 918 -11.37 31.30 -55.27
C SER D 918 -12.38 30.86 -56.33
N VAL D 919 -12.21 29.65 -56.86
CA VAL D 919 -12.99 29.19 -58.00
C VAL D 919 -14.47 29.07 -57.69
N LYS D 920 -14.84 29.01 -56.41
CA LYS D 920 -16.22 28.73 -56.05
C LYS D 920 -17.20 29.84 -56.39
N CYS D 921 -16.75 30.91 -57.06
CA CYS D 921 -17.67 31.98 -57.42
C CYS D 921 -18.77 31.48 -58.35
N LYS D 922 -19.97 32.04 -58.18
CA LYS D 922 -21.10 31.78 -59.06
C LYS D 922 -21.96 33.03 -59.04
N LYS D 923 -22.12 33.66 -60.20
CA LYS D 923 -22.69 35.00 -60.30
C LYS D 923 -24.13 34.93 -60.79
N ARG D 924 -25.00 35.73 -60.16
N ARG D 924 -25.00 35.73 -60.15
CA ARG D 924 -26.40 35.83 -60.51
CA ARG D 924 -26.40 35.83 -60.51
C ARG D 924 -26.69 37.25 -60.98
C ARG D 924 -26.70 37.25 -60.98
N VAL D 925 -27.35 37.38 -62.13
CA VAL D 925 -27.71 38.68 -62.69
C VAL D 925 -29.22 38.72 -62.84
N THR D 926 -29.84 39.76 -62.30
CA THR D 926 -31.28 39.97 -62.38
C THR D 926 -31.53 41.23 -63.18
N ILE D 927 -32.52 41.17 -64.08
CA ILE D 927 -32.84 42.28 -64.97
C ILE D 927 -34.30 42.66 -64.74
N LEU D 928 -34.55 43.95 -64.53
CA LEU D 928 -35.89 44.48 -64.37
C LEU D 928 -36.15 45.44 -65.53
N VAL D 929 -36.98 45.01 -66.48
CA VAL D 929 -37.31 45.86 -67.62
C VAL D 929 -38.44 46.80 -67.20
N GLU D 930 -39.60 46.23 -66.86
CA GLU D 930 -40.69 47.02 -66.28
C GLU D 930 -41.15 46.47 -64.94
N GLY D 931 -41.44 45.17 -64.84
CA GLY D 931 -41.92 44.61 -63.59
C GLY D 931 -41.52 43.17 -63.34
N GLY D 932 -40.57 42.65 -64.12
CA GLY D 932 -40.25 41.24 -64.06
C GLY D 932 -38.76 40.98 -64.07
N GLU D 933 -38.41 39.73 -63.75
CA GLU D 933 -37.03 39.29 -63.61
C GLU D 933 -36.71 38.25 -64.66
N ILE D 934 -35.41 38.08 -64.93
CA ILE D 934 -34.95 37.11 -65.91
C ILE D 934 -34.12 36.03 -65.24
N GLU D 935 -33.44 36.38 -64.16
CA GLU D 935 -32.68 35.43 -63.35
C GLU D 935 -31.61 34.71 -64.19
N LEU D 936 -30.60 35.49 -64.59
CA LEU D 936 -29.44 34.93 -65.28
C LEU D 936 -28.56 34.24 -64.25
N PHE D 937 -28.89 32.98 -63.97
CA PHE D 937 -28.18 32.20 -62.96
C PHE D 937 -27.89 30.81 -63.51
N ASP D 938 -26.66 30.35 -63.31
CA ASP D 938 -26.23 29.02 -63.73
C ASP D 938 -26.37 28.84 -65.24
N GLY D 939 -27.32 28.02 -65.68
CA GLY D 939 -27.41 27.64 -67.07
C GLY D 939 -28.07 28.66 -67.99
N GLU D 940 -29.34 28.93 -67.76
CA GLU D 940 -30.14 29.69 -68.72
C GLU D 940 -31.01 30.69 -67.96
N VAL D 941 -32.01 31.22 -68.64
CA VAL D 941 -32.81 32.32 -68.12
C VAL D 941 -34.12 31.77 -67.57
N ASN D 942 -34.86 32.63 -66.87
CA ASN D 942 -36.19 32.31 -66.35
C ASN D 942 -37.16 33.38 -66.81
N VAL D 943 -38.44 32.99 -66.88
CA VAL D 943 -39.50 33.88 -67.35
C VAL D 943 -40.54 34.02 -66.25
N LYS D 944 -40.08 34.03 -64.99
CA LYS D 944 -41.00 34.02 -63.86
C LYS D 944 -42.08 35.07 -64.00
N ARG D 945 -41.70 36.29 -64.37
CA ARG D 945 -42.64 37.39 -64.55
C ARG D 945 -42.70 37.78 -66.02
N PRO D 946 -43.75 37.41 -66.75
CA PRO D 946 -43.78 37.70 -68.19
C PRO D 946 -43.72 39.20 -68.47
N MET D 947 -43.09 39.55 -69.58
CA MET D 947 -43.04 40.92 -70.07
C MET D 947 -44.32 41.25 -70.82
N LYS D 948 -44.90 42.41 -70.51
CA LYS D 948 -46.06 42.90 -71.25
C LYS D 948 -45.68 43.46 -72.61
N ASP D 949 -44.39 43.57 -72.93
CA ASP D 949 -43.93 44.08 -74.21
C ASP D 949 -43.00 43.07 -74.86
N GLU D 950 -43.40 41.80 -74.90
CA GLU D 950 -42.56 40.72 -75.42
C GLU D 950 -42.20 40.90 -76.89
N THR D 951 -42.71 41.94 -77.56
CA THR D 951 -42.34 42.18 -78.95
C THR D 951 -40.85 42.49 -79.09
N HIS D 952 -40.19 42.87 -78.00
CA HIS D 952 -38.76 43.19 -78.00
C HIS D 952 -38.01 42.33 -76.98
N PHE D 953 -38.34 41.05 -76.94
CA PHE D 953 -37.74 40.09 -76.01
C PHE D 953 -37.05 39.01 -76.84
N GLU D 954 -35.75 39.17 -77.09
CA GLU D 954 -35.01 38.28 -77.95
C GLU D 954 -33.85 37.65 -77.17
N VAL D 955 -33.75 36.33 -77.26
CA VAL D 955 -32.63 35.57 -76.71
C VAL D 955 -31.97 34.83 -77.86
N VAL D 956 -30.66 35.01 -78.00
CA VAL D 956 -29.91 34.44 -79.10
C VAL D 956 -28.80 33.54 -78.54
N GLU D 957 -28.76 32.30 -79.03
CA GLU D 957 -27.77 31.30 -78.63
C GLU D 957 -26.76 31.16 -79.77
N SER D 958 -25.74 32.00 -79.75
CA SER D 958 -24.70 32.02 -80.76
C SER D 958 -23.39 31.53 -80.17
N GLY D 959 -22.72 30.63 -80.89
CA GLY D 959 -21.45 30.11 -80.40
C GLY D 959 -21.62 29.59 -78.99
N ARG D 960 -20.76 30.07 -78.09
CA ARG D 960 -20.89 29.79 -76.67
C ARG D 960 -21.43 30.98 -75.88
N TYR D 961 -21.60 32.13 -76.54
CA TYR D 961 -22.17 33.30 -75.89
C TYR D 961 -23.69 33.23 -75.90
N ILE D 962 -24.30 34.13 -75.12
CA ILE D 962 -25.75 34.32 -75.09
C ILE D 962 -26.02 35.81 -75.20
N ILE D 963 -26.86 36.19 -76.15
CA ILE D 963 -27.20 37.59 -76.39
C ILE D 963 -28.63 37.80 -75.93
N LEU D 964 -28.86 38.88 -75.18
CA LEU D 964 -30.18 39.19 -74.66
C LEU D 964 -30.53 40.63 -75.04
N LEU D 965 -31.64 40.79 -75.75
CA LEU D 965 -32.06 42.09 -76.25
C LEU D 965 -33.29 42.57 -75.49
N LEU D 966 -33.26 43.85 -75.07
CA LEU D 966 -34.33 44.39 -74.25
C LEU D 966 -34.80 45.77 -74.72
N GLY D 967 -34.76 46.05 -76.01
CA GLY D 967 -35.32 47.28 -76.53
C GLY D 967 -34.46 47.84 -77.65
N LYS D 968 -34.65 49.14 -77.89
CA LYS D 968 -33.96 49.79 -79.00
C LYS D 968 -32.46 49.81 -78.80
N ALA D 969 -32.00 50.15 -77.61
CA ALA D 969 -30.58 50.37 -77.34
C ALA D 969 -29.97 49.37 -76.37
N LEU D 970 -30.62 49.11 -75.24
CA LEU D 970 -30.08 48.21 -74.24
C LEU D 970 -29.81 46.83 -74.85
N SER D 971 -28.63 46.29 -74.58
CA SER D 971 -28.37 44.90 -74.94
C SER D 971 -27.37 44.31 -73.95
N VAL D 972 -27.44 42.99 -73.78
CA VAL D 972 -26.64 42.29 -72.78
C VAL D 972 -25.96 41.09 -73.45
N VAL D 973 -24.72 40.84 -73.05
CA VAL D 973 -23.93 39.71 -73.55
C VAL D 973 -23.44 38.92 -72.35
N TRP D 974 -23.60 37.60 -72.41
CA TRP D 974 -23.20 36.71 -71.33
C TRP D 974 -22.34 35.59 -71.89
N ASP D 975 -21.28 35.22 -71.16
CA ASP D 975 -20.45 34.09 -71.52
C ASP D 975 -20.83 32.83 -70.77
N ARG D 976 -21.90 32.89 -69.97
CA ARG D 976 -22.48 31.72 -69.32
C ARG D 976 -21.63 31.22 -68.16
N HIS D 977 -20.42 31.76 -67.97
CA HIS D 977 -19.55 31.29 -66.90
C HIS D 977 -19.26 32.34 -65.84
N LEU D 978 -18.59 33.45 -66.19
CA LEU D 978 -18.35 34.51 -65.22
C LEU D 978 -18.37 35.92 -65.78
N SER D 979 -18.51 36.11 -67.09
CA SER D 979 -18.32 37.42 -67.70
C SER D 979 -19.64 37.94 -68.24
N ILE D 980 -19.97 39.18 -67.91
CA ILE D 980 -21.19 39.84 -68.35
C ILE D 980 -20.82 41.18 -68.95
N SER D 981 -21.63 41.63 -69.91
CA SER D 981 -21.40 42.93 -70.53
C SER D 981 -22.73 43.56 -70.89
N VAL D 982 -22.80 44.88 -70.74
CA VAL D 982 -24.00 45.65 -71.06
C VAL D 982 -23.60 46.74 -72.03
N VAL D 983 -24.28 46.80 -73.17
CA VAL D 983 -23.99 47.77 -74.22
C VAL D 983 -25.19 48.68 -74.39
N LEU D 984 -24.92 49.99 -74.45
CA LEU D 984 -25.95 51.02 -74.57
C LEU D 984 -25.61 51.94 -75.73
N LYS D 985 -26.64 52.55 -76.30
CA LYS D 985 -26.48 53.49 -77.40
C LYS D 985 -26.45 54.92 -76.88
N GLN D 986 -26.48 55.89 -77.78
CA GLN D 986 -26.36 57.30 -77.42
C GLN D 986 -27.64 57.87 -76.83
N THR D 987 -28.76 57.16 -76.86
CA THR D 987 -29.99 57.71 -76.32
C THR D 987 -29.87 57.96 -74.82
N TYR D 988 -29.15 57.10 -74.10
CA TYR D 988 -28.93 57.29 -72.66
C TYR D 988 -27.68 58.10 -72.36
N GLN D 989 -27.55 59.30 -72.93
CA GLN D 989 -26.42 60.16 -72.62
C GLN D 989 -26.67 60.86 -71.29
N GLU D 990 -25.83 60.58 -70.30
CA GLU D 990 -26.00 61.14 -68.96
C GLU D 990 -27.34 60.71 -68.36
N LYS D 991 -27.79 59.52 -68.74
CA LYS D 991 -29.06 58.98 -68.28
C LYS D 991 -28.92 57.73 -67.43
N VAL D 992 -27.71 57.25 -67.18
CA VAL D 992 -27.48 56.02 -66.43
C VAL D 992 -26.85 56.36 -65.09
N CYS D 993 -26.71 55.35 -64.23
CA CYS D 993 -26.35 55.61 -62.85
C CYS D 993 -25.95 54.29 -62.20
N GLY D 994 -24.85 54.29 -61.45
CA GLY D 994 -24.42 53.10 -60.73
C GLY D 994 -22.95 52.81 -60.85
N LEU D 995 -22.58 51.52 -60.68
CA LEU D 995 -21.18 51.11 -60.70
C LEU D 995 -20.53 51.34 -62.05
N CYS D 996 -21.29 51.47 -63.12
CA CYS D 996 -20.74 51.65 -64.46
C CYS D 996 -20.59 53.11 -64.85
N GLY D 997 -20.59 54.02 -63.88
CA GLY D 997 -20.47 55.43 -64.19
C GLY D 997 -21.77 56.01 -64.73
N ASN D 998 -21.66 57.19 -65.32
CA ASN D 998 -22.82 57.92 -65.81
C ASN D 998 -22.86 58.06 -67.32
N PHE D 999 -21.83 57.59 -68.04
CA PHE D 999 -21.82 57.61 -69.50
C PHE D 999 -21.95 59.04 -70.02
N ASP D 1000 -20.95 59.86 -69.68
CA ASP D 1000 -20.92 61.25 -70.15
C ASP D 1000 -19.64 61.59 -70.89
N GLY D 1001 -18.70 60.66 -71.01
CA GLY D 1001 -17.44 60.91 -71.69
C GLY D 1001 -16.35 61.49 -70.84
N ILE D 1002 -16.61 61.75 -69.55
CA ILE D 1002 -15.62 62.28 -68.62
C ILE D 1002 -15.23 61.16 -67.67
N GLN D 1003 -13.92 60.92 -67.55
CA GLN D 1003 -13.42 59.83 -66.71
C GLN D 1003 -13.22 60.24 -65.27
N ASN D 1004 -13.12 61.53 -64.98
CA ASN D 1004 -12.87 61.96 -63.61
C ASN D 1004 -14.10 61.84 -62.74
N ASN D 1005 -15.29 62.08 -63.28
CA ASN D 1005 -16.52 62.09 -62.51
C ASN D 1005 -17.19 60.73 -62.43
N ASP D 1006 -16.69 59.73 -63.14
CA ASP D 1006 -17.33 58.41 -63.13
C ASP D 1006 -16.88 57.58 -61.95
N LEU D 1007 -16.90 58.17 -60.75
CA LEU D 1007 -16.64 57.39 -59.54
C LEU D 1007 -17.53 57.82 -58.38
N THR D 1008 -18.49 58.70 -58.59
CA THR D 1008 -19.29 59.22 -57.48
C THR D 1008 -20.11 58.12 -56.82
N SER D 1009 -20.28 58.26 -55.51
CA SER D 1009 -21.00 57.27 -54.71
C SER D 1009 -22.50 57.41 -54.96
N SER D 1010 -23.30 56.63 -54.23
CA SER D 1010 -24.74 56.70 -54.35
C SER D 1010 -25.33 57.91 -53.65
N ASN D 1011 -24.58 58.56 -52.77
CA ASN D 1011 -25.06 59.72 -52.03
C ASN D 1011 -24.61 61.03 -52.69
N LEU D 1012 -24.35 60.99 -53.99
CA LEU D 1012 -24.04 62.19 -54.76
C LEU D 1012 -22.76 62.85 -54.27
N GLN D 1013 -21.73 62.05 -54.04
CA GLN D 1013 -20.43 62.54 -53.61
C GLN D 1013 -19.34 61.89 -54.45
N VAL D 1014 -18.24 62.61 -54.65
CA VAL D 1014 -17.11 62.12 -55.44
C VAL D 1014 -16.18 61.38 -54.48
N GLU D 1015 -16.26 60.06 -54.48
CA GLU D 1015 -15.41 59.25 -53.62
C GLU D 1015 -13.97 59.29 -54.12
N GLU D 1016 -13.06 58.74 -53.32
CA GLU D 1016 -11.63 58.78 -53.62
C GLU D 1016 -11.08 57.41 -54.02
N ASP D 1017 -11.28 56.39 -53.18
CA ASP D 1017 -10.80 55.05 -53.50
C ASP D 1017 -11.96 54.13 -53.87
N PRO D 1018 -11.74 53.14 -54.72
CA PRO D 1018 -12.87 52.36 -55.26
C PRO D 1018 -13.70 51.65 -54.21
N VAL D 1019 -13.07 51.18 -53.13
CA VAL D 1019 -13.80 50.35 -52.17
C VAL D 1019 -14.90 51.14 -51.48
N ASP D 1020 -14.59 52.37 -51.04
CA ASP D 1020 -15.60 53.18 -50.37
C ASP D 1020 -16.73 53.55 -51.30
N PHE D 1021 -16.44 53.78 -52.58
CA PHE D 1021 -17.49 54.03 -53.56
C PHE D 1021 -18.35 52.80 -53.78
N GLY D 1022 -17.73 51.62 -53.87
CA GLY D 1022 -18.49 50.41 -54.09
C GLY D 1022 -19.41 50.08 -52.92
N ASN D 1023 -18.93 50.32 -51.70
CA ASN D 1023 -19.77 50.07 -50.53
C ASN D 1023 -21.00 50.97 -50.50
N SER D 1024 -21.02 52.05 -51.29
CA SER D 1024 -22.16 52.95 -51.31
C SER D 1024 -23.34 52.40 -52.08
N TRP D 1025 -23.11 51.69 -53.18
CA TRP D 1025 -24.18 51.20 -54.03
C TRP D 1025 -24.66 49.81 -53.62
N LYS D 1026 -24.41 49.43 -52.38
CA LYS D 1026 -24.91 48.16 -51.86
C LYS D 1026 -26.44 48.17 -51.80
N VAL D 1027 -27.05 47.06 -52.19
CA VAL D 1027 -28.50 46.96 -52.19
C VAL D 1027 -29.02 46.79 -50.76
N SER D 1028 -28.59 45.73 -50.10
CA SER D 1028 -28.96 45.50 -48.71
C SER D 1028 -28.13 46.40 -47.80
N SER D 1029 -28.25 46.17 -46.49
CA SER D 1029 -27.51 46.93 -45.49
C SER D 1029 -26.90 46.02 -44.42
N GLN D 1030 -26.67 44.75 -44.76
CA GLN D 1030 -26.19 43.77 -43.80
C GLN D 1030 -25.13 42.87 -44.46
N CYS D 1031 -24.21 43.49 -45.21
CA CYS D 1031 -23.26 42.74 -46.03
C CYS D 1031 -21.85 42.68 -45.47
N ALA D 1032 -21.56 43.32 -44.34
CA ALA D 1032 -20.21 43.32 -43.78
C ALA D 1032 -19.22 43.94 -44.77
N ASP D 1033 -19.39 45.25 -44.97
CA ASP D 1033 -18.64 46.00 -45.96
C ASP D 1033 -17.16 45.64 -45.94
N THR D 1034 -16.52 45.78 -47.11
CA THR D 1034 -15.17 45.27 -47.32
C THR D 1034 -14.18 45.89 -46.34
N ARG D 1035 -13.17 45.10 -45.95
CA ARG D 1035 -12.24 45.51 -44.90
C ARG D 1035 -11.02 46.23 -45.48
N LYS D 1036 -10.96 46.37 -46.80
CA LYS D 1036 -9.89 47.13 -47.44
C LYS D 1036 -8.50 46.57 -47.16
N VAL D 1037 -8.19 45.40 -47.69
CA VAL D 1037 -6.84 44.84 -47.65
C VAL D 1037 -5.86 45.93 -48.10
N PRO D 1038 -4.84 46.25 -47.30
CA PRO D 1038 -3.94 47.37 -47.67
C PRO D 1038 -2.77 46.97 -48.55
N LEU D 1039 -2.51 45.68 -48.75
CA LEU D 1039 -1.30 45.26 -49.44
C LEU D 1039 -1.32 45.68 -50.91
N ASP D 1040 -0.18 45.49 -51.56
CA ASP D 1040 -0.01 45.79 -52.97
C ASP D 1040 -0.33 44.55 -53.80
N SER D 1041 0.03 44.58 -55.08
CA SER D 1041 -0.17 43.44 -55.96
C SER D 1041 0.53 42.22 -55.38
N SER D 1042 0.30 41.07 -56.02
CA SER D 1042 0.83 39.81 -55.51
C SER D 1042 0.27 39.56 -54.12
N PRO D 1043 -1.04 39.31 -54.01
CA PRO D 1043 -1.67 39.13 -52.68
C PRO D 1043 -0.94 38.14 -51.80
N ALA D 1044 -1.31 38.12 -50.51
CA ALA D 1044 -0.57 37.33 -49.53
C ALA D 1044 -0.47 35.87 -49.95
N THR D 1045 -1.44 35.36 -50.70
CA THR D 1045 -1.35 33.99 -51.19
C THR D 1045 -0.19 33.81 -52.17
N CYS D 1046 0.39 34.91 -52.64
CA CYS D 1046 1.41 34.92 -53.68
C CYS D 1046 2.53 35.87 -53.28
N HIS D 1047 3.70 35.66 -53.87
CA HIS D 1047 4.96 36.31 -53.52
C HIS D 1047 5.58 35.73 -52.26
N ASN D 1048 4.88 34.83 -51.57
CA ASN D 1048 5.39 34.24 -50.34
C ASN D 1048 6.18 32.96 -50.58
N ASN D 1049 6.36 32.57 -51.85
CA ASN D 1049 7.15 31.40 -52.19
C ASN D 1049 8.44 31.74 -52.93
N ILE D 1050 8.50 32.90 -53.58
CA ILE D 1050 9.64 33.28 -54.42
C ILE D 1050 9.88 32.18 -55.45
N MET D 1051 8.85 31.39 -55.73
CA MET D 1051 8.87 30.41 -56.82
C MET D 1051 7.66 30.54 -57.72
N LYS D 1052 6.51 30.92 -57.18
CA LYS D 1052 5.40 31.45 -57.95
C LYS D 1052 5.62 32.96 -58.06
N GLN D 1053 4.72 33.66 -58.76
CA GLN D 1053 4.86 35.09 -58.99
C GLN D 1053 5.93 35.34 -60.06
N THR D 1054 6.60 34.26 -60.48
CA THR D 1054 7.45 34.27 -61.66
C THR D 1054 6.98 33.31 -62.73
N MET D 1055 6.43 32.16 -62.33
CA MET D 1055 5.72 31.31 -63.29
C MET D 1055 4.53 32.05 -63.88
N VAL D 1056 3.75 32.71 -63.03
CA VAL D 1056 2.58 33.44 -63.50
C VAL D 1056 2.98 34.59 -64.42
N ASP D 1057 4.05 35.31 -64.09
CA ASP D 1057 4.51 36.40 -64.94
C ASP D 1057 4.76 35.90 -66.36
N SER D 1058 5.71 34.97 -66.51
CA SER D 1058 6.05 34.47 -67.83
C SER D 1058 4.91 33.70 -68.49
N SER D 1059 3.96 33.18 -67.70
CA SER D 1059 2.92 32.33 -68.27
C SER D 1059 2.02 33.11 -69.22
N CYS D 1060 1.62 34.33 -68.84
CA CYS D 1060 0.71 35.08 -69.69
C CYS D 1060 1.37 36.34 -70.21
N ARG D 1061 2.61 36.23 -70.65
CA ARG D 1061 3.21 37.22 -71.53
C ARG D 1061 2.81 36.99 -72.98
N ILE D 1062 2.02 35.94 -73.25
CA ILE D 1062 1.49 35.69 -74.58
C ILE D 1062 0.67 36.86 -75.09
N LEU D 1063 0.23 37.75 -74.21
CA LEU D 1063 -0.55 38.90 -74.63
C LEU D 1063 0.24 39.87 -75.49
N THR D 1064 1.56 39.70 -75.58
CA THR D 1064 2.39 40.54 -76.44
C THR D 1064 3.46 39.75 -77.17
N SER D 1065 3.32 38.43 -77.28
CA SER D 1065 4.43 37.61 -77.76
C SER D 1065 4.50 37.59 -79.29
N ASP D 1066 3.53 36.96 -79.96
CA ASP D 1066 3.60 36.81 -81.40
C ASP D 1066 2.28 37.05 -82.15
N VAL D 1067 1.13 36.88 -81.51
CA VAL D 1067 -0.15 37.00 -82.18
C VAL D 1067 -0.86 38.29 -81.81
N PHE D 1068 -0.82 38.66 -80.54
CA PHE D 1068 -1.41 39.91 -80.08
C PHE D 1068 -0.49 41.10 -80.34
N GLN D 1069 0.70 40.86 -80.90
CA GLN D 1069 1.58 41.96 -81.25
C GLN D 1069 0.87 42.96 -82.15
N ASP D 1070 0.03 42.48 -83.08
CA ASP D 1070 -0.79 43.38 -83.87
C ASP D 1070 -1.77 44.13 -82.98
N CYS D 1071 -2.38 43.44 -82.01
CA CYS D 1071 -3.28 44.10 -81.08
C CYS D 1071 -2.60 45.19 -80.28
N ASN D 1072 -1.31 45.05 -80.00
CA ASN D 1072 -0.61 46.07 -79.22
C ASN D 1072 -0.71 47.45 -79.86
N LYS D 1073 -0.88 47.50 -81.17
CA LYS D 1073 -0.97 48.79 -81.86
C LYS D 1073 -2.33 49.45 -81.63
N LEU D 1074 -3.40 48.66 -81.55
CA LEU D 1074 -4.75 49.18 -81.43
C LEU D 1074 -5.28 49.15 -80.00
N VAL D 1075 -5.18 48.02 -79.32
CA VAL D 1075 -5.67 47.87 -77.95
C VAL D 1075 -4.46 47.58 -77.08
N ASP D 1076 -3.97 48.59 -76.36
CA ASP D 1076 -2.81 48.40 -75.52
C ASP D 1076 -3.11 47.41 -74.40
N PRO D 1077 -2.26 46.40 -74.18
CA PRO D 1077 -2.53 45.42 -73.12
C PRO D 1077 -1.99 45.84 -71.77
N GLU D 1078 -2.28 47.06 -71.36
CA GLU D 1078 -1.79 47.56 -70.07
C GLU D 1078 -2.62 47.02 -68.93
N PRO D 1079 -3.96 47.09 -69.00
CA PRO D 1079 -4.78 46.63 -67.86
C PRO D 1079 -4.90 45.12 -67.79
N TYR D 1080 -4.93 44.48 -68.95
CA TYR D 1080 -5.19 43.04 -69.00
C TYR D 1080 -4.05 42.24 -68.40
N LEU D 1081 -2.80 42.70 -68.56
CA LEU D 1081 -1.70 42.03 -67.90
C LEU D 1081 -1.86 42.10 -66.38
N ASP D 1082 -2.21 43.27 -65.86
CA ASP D 1082 -2.43 43.41 -64.43
C ASP D 1082 -3.54 42.48 -63.96
N VAL D 1083 -4.63 42.40 -64.73
CA VAL D 1083 -5.71 41.48 -64.37
C VAL D 1083 -5.19 40.05 -64.36
N CYS D 1084 -4.40 39.67 -65.35
CA CYS D 1084 -3.83 38.32 -65.37
C CYS D 1084 -3.04 38.03 -64.11
N ILE D 1085 -2.14 38.94 -63.74
CA ILE D 1085 -1.35 38.72 -62.53
C ILE D 1085 -2.26 38.51 -61.33
N TYR D 1086 -3.28 39.35 -61.20
CA TYR D 1086 -4.29 39.14 -60.18
C TYR D 1086 -5.16 37.95 -60.57
N ASP D 1087 -5.86 37.41 -59.57
CA ASP D 1087 -6.84 36.32 -59.74
C ASP D 1087 -6.20 35.05 -60.30
N THR D 1088 -4.87 35.02 -60.39
CA THR D 1088 -4.12 33.80 -60.67
C THR D 1088 -3.21 33.44 -59.51
N CYS D 1089 -2.52 34.43 -58.94
CA CYS D 1089 -1.94 34.27 -57.62
C CYS D 1089 -2.96 33.85 -56.56
N SER D 1090 -4.20 34.30 -56.67
CA SER D 1090 -5.22 34.05 -55.66
C SER D 1090 -6.34 33.19 -56.22
N CYS D 1091 -5.97 32.14 -56.96
CA CYS D 1091 -6.95 31.22 -57.54
C CYS D 1091 -6.27 29.87 -57.69
N GLU D 1092 -6.62 28.93 -56.81
CA GLU D 1092 -6.03 27.59 -56.83
C GLU D 1092 -6.66 26.79 -57.96
N SER D 1093 -5.92 26.61 -59.04
CA SER D 1093 -6.41 25.91 -60.22
C SER D 1093 -5.95 24.46 -60.16
N ILE D 1094 -6.89 23.55 -59.95
CA ILE D 1094 -6.63 22.11 -59.95
C ILE D 1094 -7.75 21.48 -60.76
N GLY D 1095 -7.51 21.20 -62.03
CA GLY D 1095 -8.52 20.67 -62.93
C GLY D 1095 -9.46 21.73 -63.45
N ASP D 1096 -9.91 22.61 -62.56
CA ASP D 1096 -10.73 23.76 -62.92
C ASP D 1096 -9.81 24.76 -63.62
N CYS D 1097 -9.59 24.55 -64.90
CA CYS D 1097 -8.53 25.20 -65.64
C CYS D 1097 -8.98 26.49 -66.30
N ALA D 1098 -10.25 26.88 -66.14
CA ALA D 1098 -10.78 28.07 -66.78
C ALA D 1098 -10.47 29.36 -66.02
N CYS D 1099 -9.90 29.26 -64.81
CA CYS D 1099 -9.56 30.46 -64.07
C CYS D 1099 -8.52 31.32 -64.77
N PHE D 1100 -7.82 30.76 -65.75
CA PHE D 1100 -6.79 31.47 -66.51
C PHE D 1100 -7.22 31.81 -67.92
N CYS D 1101 -7.96 30.92 -68.59
CA CYS D 1101 -8.28 31.12 -70.00
C CYS D 1101 -9.26 32.28 -70.21
N ASP D 1102 -10.11 32.54 -69.22
CA ASP D 1102 -11.13 33.57 -69.39
C ASP D 1102 -10.51 34.95 -69.53
N THR D 1103 -9.46 35.24 -68.76
CA THR D 1103 -8.81 36.53 -68.86
C THR D 1103 -8.26 36.75 -70.26
N ILE D 1104 -7.60 35.74 -70.83
CA ILE D 1104 -7.08 35.87 -72.19
C ILE D 1104 -8.21 36.01 -73.18
N ALA D 1105 -9.30 35.24 -72.98
CA ALA D 1105 -10.42 35.32 -73.90
C ALA D 1105 -11.05 36.70 -73.91
N ALA D 1106 -11.06 37.38 -72.76
CA ALA D 1106 -11.62 38.73 -72.71
C ALA D 1106 -10.84 39.67 -73.63
N TYR D 1107 -9.52 39.64 -73.53
CA TYR D 1107 -8.70 40.49 -74.39
C TYR D 1107 -8.84 40.07 -75.85
N ALA D 1108 -8.97 38.77 -76.10
CA ALA D 1108 -9.17 38.31 -77.47
C ALA D 1108 -10.46 38.86 -78.06
N HIS D 1109 -11.54 38.84 -77.27
CA HIS D 1109 -12.80 39.40 -77.72
C HIS D 1109 -12.68 40.90 -77.97
N VAL D 1110 -12.01 41.61 -77.06
CA VAL D 1110 -11.83 43.05 -77.25
C VAL D 1110 -11.07 43.32 -78.55
N CYS D 1111 -10.03 42.54 -78.82
CA CYS D 1111 -9.31 42.67 -80.08
C CYS D 1111 -10.25 42.42 -81.26
N ALA D 1112 -10.97 41.30 -81.24
CA ALA D 1112 -11.85 40.96 -82.35
C ALA D 1112 -12.87 42.05 -82.61
N GLN D 1113 -13.29 42.78 -81.57
CA GLN D 1113 -14.22 43.89 -81.79
C GLN D 1113 -13.66 44.87 -82.81
N HIS D 1114 -12.37 45.18 -82.74
CA HIS D 1114 -11.74 46.08 -83.70
C HIS D 1114 -11.13 45.34 -84.87
N GLY D 1115 -11.86 44.41 -85.49
CA GLY D 1115 -11.40 43.72 -86.67
C GLY D 1115 -10.05 43.04 -86.53
N LYS D 1116 -9.71 42.58 -85.32
CA LYS D 1116 -8.42 41.95 -85.07
C LYS D 1116 -8.59 40.51 -84.62
N VAL D 1117 -9.41 39.74 -85.35
CA VAL D 1117 -9.61 38.34 -85.00
C VAL D 1117 -8.27 37.63 -84.96
N VAL D 1118 -8.06 36.82 -83.91
CA VAL D 1118 -6.86 36.03 -83.74
C VAL D 1118 -7.24 34.64 -83.27
N THR D 1119 -6.28 33.72 -83.36
CA THR D 1119 -6.44 32.33 -82.92
C THR D 1119 -5.30 32.01 -81.96
N TRP D 1120 -5.59 32.03 -80.67
CA TRP D 1120 -4.57 31.81 -79.65
C TRP D 1120 -4.62 30.42 -79.03
N ARG D 1121 -5.78 29.75 -79.06
CA ARG D 1121 -5.91 28.44 -78.45
C ARG D 1121 -5.05 27.42 -79.18
N THR D 1122 -4.41 26.55 -78.41
CA THR D 1122 -3.59 25.47 -78.94
C THR D 1122 -3.95 24.16 -78.22
N ALA D 1123 -3.40 23.06 -78.72
CA ALA D 1123 -3.65 21.76 -78.11
C ALA D 1123 -3.04 21.65 -76.72
N THR D 1124 -2.11 22.55 -76.37
CA THR D 1124 -1.46 22.53 -75.06
C THR D 1124 -1.68 23.83 -74.30
N LEU D 1125 -2.71 24.61 -74.66
CA LEU D 1125 -3.01 25.85 -73.95
C LEU D 1125 -4.50 26.09 -74.07
N CYS D 1126 -5.24 25.82 -73.01
CA CYS D 1126 -6.69 25.97 -72.98
C CYS D 1126 -7.35 25.28 -74.18
N PRO D 1127 -7.14 23.98 -74.37
CA PRO D 1127 -7.81 23.29 -75.48
C PRO D 1127 -9.32 23.37 -75.34
N GLN D 1128 -9.99 23.47 -76.48
CA GLN D 1128 -11.45 23.54 -76.52
C GLN D 1128 -11.96 22.61 -77.61
N SER D 1129 -13.06 21.92 -77.33
CA SER D 1129 -13.67 21.01 -78.29
C SER D 1129 -15.18 21.12 -78.20
N CYS D 1130 -15.84 20.80 -79.32
CA CYS D 1130 -17.30 20.85 -79.38
C CYS D 1130 -17.87 19.66 -80.15
N GLU D 1131 -17.07 18.62 -80.40
CA GLU D 1131 -17.49 17.47 -81.18
C GLU D 1131 -18.35 16.49 -80.41
N GLU D 1132 -18.43 16.64 -79.08
CA GLU D 1132 -19.22 15.70 -78.29
C GLU D 1132 -20.70 15.74 -78.64
N ARG D 1133 -21.16 16.80 -79.31
CA ARG D 1133 -22.55 16.94 -79.74
C ARG D 1133 -22.53 16.97 -81.26
N ASN D 1134 -22.50 15.80 -81.88
CA ASN D 1134 -22.50 15.68 -83.33
C ASN D 1134 -23.42 14.56 -83.77
N LEU D 1135 -24.60 14.46 -83.13
CA LEU D 1135 -25.59 13.45 -83.47
C LEU D 1135 -25.01 12.04 -83.33
N ARG D 1136 -24.72 11.70 -82.08
CA ARG D 1136 -24.09 10.43 -81.74
C ARG D 1136 -24.71 9.23 -82.46
N GLU D 1137 -26.00 9.31 -82.82
CA GLU D 1137 -26.63 8.19 -83.50
C GLU D 1137 -25.84 7.79 -84.75
N ASN D 1138 -25.31 8.77 -85.47
CA ASN D 1138 -24.41 8.53 -86.60
C ASN D 1138 -23.01 9.05 -86.33
N GLY D 1139 -22.88 10.33 -85.97
CA GLY D 1139 -21.59 10.90 -85.64
C GLY D 1139 -20.77 11.29 -86.86
N TYR D 1140 -20.72 10.41 -87.85
CA TYR D 1140 -19.90 10.67 -89.04
C TYR D 1140 -20.34 11.95 -89.75
N GLU D 1141 -21.59 12.36 -89.61
CA GLU D 1141 -22.09 13.58 -90.23
C GLU D 1141 -21.61 14.77 -89.40
N CYS D 1142 -20.32 15.08 -89.56
CA CYS D 1142 -19.72 16.19 -88.83
C CYS D 1142 -20.21 17.52 -89.38
N GLU D 1143 -20.72 18.37 -88.51
CA GLU D 1143 -21.23 19.68 -88.90
C GLU D 1143 -20.78 20.82 -88.01
N TRP D 1144 -20.22 20.55 -86.84
CA TRP D 1144 -19.79 21.60 -85.91
C TRP D 1144 -18.28 21.75 -85.98
N ARG D 1145 -17.83 23.01 -86.02
CA ARG D 1145 -16.40 23.30 -86.09
C ARG D 1145 -16.13 24.61 -85.36
N TYR D 1146 -14.88 24.76 -84.93
CA TYR D 1146 -14.42 25.93 -84.18
C TYR D 1146 -13.80 26.91 -85.15
N ASN D 1147 -14.36 28.12 -85.19
CA ASN D 1147 -13.96 29.14 -86.17
C ASN D 1147 -13.42 30.38 -85.45
N SER D 1148 -12.81 31.26 -86.24
CA SER D 1148 -12.15 32.45 -85.72
C SER D 1148 -13.10 33.30 -84.87
N CYS D 1149 -14.16 33.86 -85.49
CA CYS D 1149 -15.18 34.52 -84.69
C CYS D 1149 -16.62 34.22 -85.10
N ALA D 1150 -16.86 33.54 -86.22
CA ALA D 1150 -18.14 32.89 -86.46
C ALA D 1150 -19.31 33.84 -86.24
N PRO D 1151 -19.58 34.78 -87.18
CA PRO D 1151 -20.63 35.79 -86.95
C PRO D 1151 -21.85 35.24 -86.22
N ALA D 1152 -22.23 35.92 -85.13
CA ALA D 1152 -23.17 35.38 -84.17
C ALA D 1152 -24.55 35.14 -84.77
N CYS D 1153 -25.23 36.20 -85.19
CA CYS D 1153 -26.63 36.12 -85.58
C CYS D 1153 -26.75 35.58 -86.99
N GLN D 1154 -27.24 34.35 -87.11
CA GLN D 1154 -27.51 33.70 -88.39
C GLN D 1154 -29.01 33.63 -88.62
N VAL D 1155 -29.39 33.36 -89.86
CA VAL D 1155 -30.80 33.39 -90.24
C VAL D 1155 -31.40 32.01 -90.05
N THR D 1156 -32.56 31.95 -89.40
CA THR D 1156 -33.34 30.73 -89.25
C THR D 1156 -34.78 31.13 -89.00
N CYS D 1157 -35.68 30.16 -89.11
CA CYS D 1157 -37.10 30.47 -88.93
C CYS D 1157 -37.45 30.49 -87.45
N GLN D 1158 -36.68 31.24 -86.67
CA GLN D 1158 -37.01 31.60 -85.30
C GLN D 1158 -37.16 33.10 -85.16
N HIS D 1159 -36.18 33.86 -85.64
CA HIS D 1159 -36.30 35.30 -85.87
C HIS D 1159 -35.79 35.58 -87.29
N PRO D 1160 -36.52 35.10 -88.30
CA PRO D 1160 -35.99 35.14 -89.67
C PRO D 1160 -35.96 36.56 -90.25
N GLU D 1161 -35.22 37.44 -89.59
CA GLU D 1161 -35.00 38.79 -90.10
C GLU D 1161 -33.73 39.34 -89.45
N PRO D 1162 -32.97 40.16 -90.16
CA PRO D 1162 -31.77 40.74 -89.55
C PRO D 1162 -32.12 41.54 -88.30
N LEU D 1163 -31.26 41.44 -87.30
CA LEU D 1163 -31.44 42.11 -86.02
C LEU D 1163 -30.20 42.95 -85.71
N ALA D 1164 -30.27 43.70 -84.61
CA ALA D 1164 -29.17 44.53 -84.15
C ALA D 1164 -28.32 43.68 -83.22
N CYS D 1165 -27.29 43.05 -83.79
CA CYS D 1165 -26.37 42.19 -83.04
C CYS D 1165 -25.00 42.84 -83.04
N PRO D 1166 -24.63 43.59 -82.00
CA PRO D 1166 -23.39 44.36 -82.06
C PRO D 1166 -22.16 43.56 -81.64
N VAL D 1167 -22.03 42.32 -82.11
CA VAL D 1167 -20.83 41.54 -81.80
C VAL D 1167 -20.20 41.00 -83.08
N GLN D 1168 -20.95 40.20 -83.84
CA GLN D 1168 -20.50 39.62 -85.12
C GLN D 1168 -19.22 38.78 -84.97
N CYS D 1169 -18.71 38.66 -83.75
CA CYS D 1169 -17.58 37.79 -83.40
C CYS D 1169 -17.77 37.12 -82.04
N VAL D 1170 -18.95 36.57 -81.82
CA VAL D 1170 -19.14 35.57 -80.79
C VAL D 1170 -18.23 34.39 -81.12
N GLU D 1171 -17.22 34.16 -80.27
CA GLU D 1171 -16.31 33.03 -80.48
C GLU D 1171 -16.95 31.77 -79.92
N GLY D 1172 -16.88 30.69 -80.69
CA GLY D 1172 -17.41 29.42 -80.24
C GLY D 1172 -17.62 28.47 -81.39
N CYS D 1173 -17.93 27.22 -81.04
CA CYS D 1173 -18.21 26.21 -82.04
C CYS D 1173 -19.52 26.50 -82.74
N HIS D 1174 -19.51 26.36 -84.06
CA HIS D 1174 -20.64 26.74 -84.90
C HIS D 1174 -20.87 25.67 -85.95
N ALA D 1175 -22.12 25.56 -86.39
CA ALA D 1175 -22.50 24.65 -87.45
C ALA D 1175 -22.49 25.40 -88.78
N HIS D 1176 -21.77 24.86 -89.76
CA HIS D 1176 -21.57 25.56 -91.03
C HIS D 1176 -22.09 24.75 -92.21
N CYS D 1177 -23.29 24.21 -92.08
CA CYS D 1177 -23.89 23.47 -93.18
C CYS D 1177 -24.26 24.42 -94.31
N PRO D 1178 -24.45 23.90 -95.52
CA PRO D 1178 -24.65 24.78 -96.69
C PRO D 1178 -25.79 25.76 -96.47
N PRO D 1179 -25.85 26.85 -97.24
CA PRO D 1179 -26.92 27.83 -97.04
C PRO D 1179 -28.30 27.22 -97.07
N GLY D 1180 -28.55 26.28 -97.98
CA GLY D 1180 -29.81 25.56 -97.96
C GLY D 1180 -29.89 24.59 -96.81
N LYS D 1181 -31.12 24.21 -96.46
CA LYS D 1181 -31.36 23.31 -95.33
C LYS D 1181 -30.79 23.91 -94.05
N ILE D 1182 -31.38 25.04 -93.66
CA ILE D 1182 -30.86 25.86 -92.56
C ILE D 1182 -31.01 25.13 -91.24
N LEU D 1183 -30.34 25.64 -90.20
CA LEU D 1183 -30.35 25.00 -88.89
C LEU D 1183 -31.74 25.05 -88.27
N ASP D 1184 -31.99 24.10 -87.38
CA ASP D 1184 -33.23 24.02 -86.63
C ASP D 1184 -33.06 24.77 -85.31
N GLU D 1185 -34.06 24.67 -84.44
CA GLU D 1185 -34.07 25.35 -83.15
C GLU D 1185 -33.75 24.42 -81.99
N LEU D 1186 -34.47 23.30 -81.88
CA LEU D 1186 -34.36 22.43 -80.72
C LEU D 1186 -33.28 21.37 -80.87
N LEU D 1187 -33.36 20.53 -81.90
CA LEU D 1187 -32.46 19.40 -82.06
C LEU D 1187 -31.09 19.80 -82.60
N GLN D 1188 -30.91 21.07 -82.96
CA GLN D 1188 -29.61 21.57 -83.42
C GLN D 1188 -29.12 20.76 -84.63
N THR D 1189 -29.96 20.72 -85.67
CA THR D 1189 -29.64 20.00 -86.89
C THR D 1189 -30.13 20.79 -88.09
N CYS D 1190 -29.36 20.74 -89.18
CA CYS D 1190 -29.74 21.44 -90.38
C CYS D 1190 -30.85 20.68 -91.11
N VAL D 1191 -32.05 21.27 -91.15
CA VAL D 1191 -33.20 20.64 -91.76
C VAL D 1191 -33.87 21.65 -92.70
N ASP D 1192 -34.63 21.11 -93.65
CA ASP D 1192 -35.25 21.94 -94.66
C ASP D 1192 -36.41 22.73 -94.03
N PRO D 1193 -36.73 23.93 -94.58
CA PRO D 1193 -37.59 24.86 -93.83
C PRO D 1193 -39.02 24.40 -93.53
N GLU D 1194 -39.39 23.17 -93.88
CA GLU D 1194 -40.76 22.73 -93.57
C GLU D 1194 -41.04 22.80 -92.07
N ASP D 1195 -40.08 22.36 -91.25
CA ASP D 1195 -40.26 22.37 -89.79
C ASP D 1195 -40.04 23.80 -89.30
N CYS D 1196 -41.05 24.63 -89.52
CA CYS D 1196 -41.03 26.03 -89.13
C CYS D 1196 -42.42 26.44 -88.70
N PRO D 1197 -42.55 27.51 -87.91
CA PRO D 1197 -43.86 27.88 -87.38
C PRO D 1197 -44.89 28.11 -88.49
N VAL D 1198 -46.11 27.63 -88.25
CA VAL D 1198 -47.19 27.83 -89.20
C VAL D 1198 -47.62 29.29 -89.21
N CYS D 1199 -47.78 29.88 -88.02
CA CYS D 1199 -48.19 31.26 -87.90
C CYS D 1199 -47.59 31.84 -86.63
N GLU D 1200 -47.53 33.17 -86.58
CA GLU D 1200 -46.91 33.89 -85.47
C GLU D 1200 -47.93 34.47 -84.50
N VAL D 1201 -49.18 34.01 -84.58
CA VAL D 1201 -50.22 34.53 -83.69
C VAL D 1201 -49.88 34.19 -82.25
N ALA D 1202 -50.01 35.18 -81.37
CA ALA D 1202 -49.76 35.05 -79.94
C ALA D 1202 -48.30 34.81 -79.62
N GLY D 1203 -47.40 34.92 -80.60
CA GLY D 1203 -45.98 34.74 -80.36
C GLY D 1203 -45.63 33.38 -79.81
N ARG D 1204 -46.21 32.33 -80.39
CA ARG D 1204 -45.98 30.96 -79.97
C ARG D 1204 -45.25 30.20 -81.07
N ARG D 1205 -44.41 29.24 -80.66
CA ARG D 1205 -43.61 28.49 -81.62
C ARG D 1205 -44.48 27.72 -82.59
N PHE D 1206 -45.51 27.05 -82.09
CA PHE D 1206 -46.43 26.27 -82.94
C PHE D 1206 -45.64 25.29 -83.80
N ALA D 1207 -44.61 24.69 -83.22
CA ALA D 1207 -43.77 23.73 -83.93
C ALA D 1207 -43.20 24.35 -85.20
#